data_4YF9
#
_entry.id   4YF9
#
_cell.length_a   85.617
_cell.length_b   90.113
_cell.length_c   123.167
_cell.angle_alpha   103.49
_cell.angle_beta   104.96
_cell.angle_gamma   105.95
#
_symmetry.space_group_name_H-M   'P 1'
#
loop_
_entity.id
_entity.type
_entity.pdbx_description
1 polymer 'Protein related to penicillin acylase'
2 polymer 'Protein related to penicillin acylase'
3 polymer 'Protein related to penicillin acylase'
4 water water
#
loop_
_entity_poly.entity_id
_entity_poly.type
_entity_poly.pdbx_seq_one_letter_code
_entity_poly.pdbx_strand_id
1 'polypeptide(L)'
;SGGGDGSTYSAEIRRTTMGVPHIKAGNWGSAGYGFGYVQAQDNLCTMADSFLTYRGERSRHLGGSAQLVYNSTLGRPRNI
DSDFFHRHVISDEAVDRTMAAQPAKLLQMVEGFAAGYNRYVREAKAGGSAHAACRSEAWVQPITARDVWRRIYAANLAGG
YSNFAEAIANAQPPQAKA
;
A,D,G,J
2 'polypeptide(L)' GAQEPAAFEPGRTRAPSLQVGGELGVG B,E,H,K
3 'polypeptide(L)'
;SNMYGFGTAATGEGSGVLFGNPHWYWKGPDRFYQAQLTIDGEANVSGVSFLGLPVIQIGFNDSVAWSHTVSTARRFGFFQ
LSLVQGEPTSYLRDGVPVKMKPATITVPSRNADGSVSDVTRTLYHSEFGPLVNLAGLNPALAWSQGTAFAIRDINGENFR
TLRTWMRWNQAKSLDEFIAIQKEEASIPWVNTVAVGRGSAKAWYADIGAVPNVSPAQTAACTTPFGMAVGQALPNVPFFD
GSRSECDWLTDADSVQKGAVGVSRMPSLQRDDYVGNMNDSYWLANVHAPLTGYPAIFGPAGTSAQTLRTRMGHTMALERL
AGTDGYAGNKATSAVVREMVLGSRVFSAERFKDEVLDLICTPAQWTVNGAAVDAAQACAVLAAWDNRGRKDSRGSHLWDE
FWSRVPTASLFTVPFSAADPLNTPRGINAAAADALRQAMATAIARVGQSGYALDAPRGEVLYATRGGTRLPLYGGCGAMG
YFTITCSENDITQGGYSMDGQPNASNSYMQVVSFPASGVQAHTFLTFSLSDDPASPHHGDYTKAYSAGQWLRVPFTEAEI
TGNADYRTATVKELEHHHHHH
;
C,F,I,L
#
# COMPACT_ATOMS: atom_id res chain seq x y z
N THR A 8 45.84 -37.36 -35.59
CA THR A 8 44.99 -38.56 -35.36
C THR A 8 44.07 -38.41 -34.13
N TYR A 9 42.88 -37.86 -34.34
CA TYR A 9 41.83 -37.89 -33.32
C TYR A 9 41.05 -39.20 -33.42
N SER A 10 40.73 -39.81 -32.28
CA SER A 10 39.98 -41.07 -32.30
C SER A 10 39.18 -41.30 -31.03
N ALA A 11 37.86 -41.41 -31.19
CA ALA A 11 36.92 -41.60 -30.07
C ALA A 11 35.88 -42.65 -30.41
N GLU A 12 35.54 -43.45 -29.43
CA GLU A 12 34.46 -44.41 -29.57
C GLU A 12 33.21 -43.79 -28.98
N ILE A 13 32.14 -43.79 -29.76
CA ILE A 13 30.85 -43.29 -29.32
C ILE A 13 29.93 -44.45 -29.03
N ARG A 14 29.56 -44.58 -27.76
CA ARG A 14 28.59 -45.58 -27.31
C ARG A 14 27.27 -44.88 -26.99
N ARG A 15 26.20 -45.34 -27.63
CA ARG A 15 24.85 -44.79 -27.38
C ARG A 15 24.03 -45.79 -26.59
N THR A 16 23.38 -45.31 -25.53
CA THR A 16 22.46 -46.15 -24.79
C THR A 16 21.04 -45.57 -24.90
N THR A 17 20.11 -46.09 -24.08
CA THR A 17 18.71 -45.68 -24.11
C THR A 17 18.56 -44.17 -24.11
N MET A 18 17.60 -43.68 -24.89
CA MET A 18 17.36 -42.25 -25.09
C MET A 18 18.47 -41.58 -25.89
N GLY A 19 19.37 -42.37 -26.47
CA GLY A 19 20.46 -41.85 -27.28
C GLY A 19 21.67 -41.28 -26.56
N VAL A 20 21.64 -41.27 -25.21
CA VAL A 20 22.74 -40.72 -24.41
C VAL A 20 24.08 -41.24 -24.96
N PRO A 21 24.96 -40.32 -25.41
CA PRO A 21 26.25 -40.75 -25.90
C PRO A 21 27.25 -40.95 -24.76
N HIS A 22 28.14 -41.92 -24.90
CA HIS A 22 29.22 -42.11 -23.94
C HIS A 22 30.50 -42.14 -24.70
N ILE A 23 31.16 -40.98 -24.76
CA ILE A 23 32.41 -40.84 -25.49
C ILE A 23 33.51 -41.55 -24.71
N LYS A 24 34.39 -42.25 -25.44
CA LYS A 24 35.59 -42.87 -24.86
C LYS A 24 36.84 -42.56 -25.70
N ALA A 25 37.85 -41.98 -25.07
CA ALA A 25 39.10 -41.63 -25.76
C ALA A 25 40.32 -41.75 -24.85
N GLY A 26 41.50 -41.85 -25.46
CA GLY A 26 42.75 -41.97 -24.72
C GLY A 26 43.38 -40.65 -24.33
N ASN A 27 42.82 -39.56 -24.86
CA ASN A 27 43.35 -38.21 -24.62
C ASN A 27 42.26 -37.15 -24.72
N TRP A 28 42.57 -35.96 -24.23
CA TRP A 28 41.60 -34.87 -24.15
C TRP A 28 41.14 -34.37 -25.49
N GLY A 29 42.06 -34.24 -26.43
CA GLY A 29 41.73 -33.78 -27.78
C GLY A 29 40.70 -34.67 -28.46
N SER A 30 40.91 -35.99 -28.34
CA SER A 30 40.02 -36.97 -28.97
C SER A 30 38.66 -37.02 -28.31
N ALA A 31 38.62 -36.79 -27.00
CA ALA A 31 37.35 -36.67 -26.26
C ALA A 31 36.54 -35.50 -26.82
N GLY A 32 37.22 -34.37 -26.98
CA GLY A 32 36.67 -33.19 -27.63
C GLY A 32 36.10 -33.55 -28.99
N TYR A 33 36.90 -34.29 -29.77
CA TYR A 33 36.50 -34.74 -31.10
C TYR A 33 35.19 -35.52 -31.10
N GLY A 34 35.04 -36.48 -30.18
CA GLY A 34 33.80 -37.23 -30.03
C GLY A 34 32.63 -36.38 -29.56
N PHE A 35 32.86 -35.56 -28.53
CA PHE A 35 31.81 -34.75 -27.91
C PHE A 35 31.25 -33.71 -28.90
N GLY A 36 32.13 -33.02 -29.62
CA GLY A 36 31.72 -32.06 -30.63
C GLY A 36 30.93 -32.71 -31.75
N TYR A 37 31.34 -33.92 -32.11
CA TYR A 37 30.65 -34.69 -33.15
C TYR A 37 29.23 -35.04 -32.74
N VAL A 38 29.06 -35.62 -31.55
CA VAL A 38 27.74 -36.08 -31.15
C VAL A 38 26.77 -34.92 -30.93
N GLN A 39 27.27 -33.82 -30.37
CA GLN A 39 26.44 -32.63 -30.14
C GLN A 39 25.94 -32.12 -31.48
N ALA A 40 26.83 -32.06 -32.45
CA ALA A 40 26.50 -31.63 -33.81
C ALA A 40 25.55 -32.63 -34.47
N GLN A 41 25.82 -33.91 -34.27
CA GLN A 41 25.01 -34.96 -34.84
C GLN A 41 23.54 -34.82 -34.38
N ASP A 42 23.34 -34.44 -33.13
CA ASP A 42 22.00 -34.38 -32.56
C ASP A 42 21.36 -33.02 -32.63
N ASN A 43 22.17 -31.97 -32.76
CA ASN A 43 21.67 -30.60 -32.60
C ASN A 43 22.25 -29.59 -33.57
N LEU A 44 22.48 -30.04 -34.81
CA LEU A 44 23.23 -29.24 -35.78
C LEU A 44 22.65 -27.86 -36.08
N CYS A 45 21.33 -27.79 -36.24
CA CYS A 45 20.67 -26.55 -36.64
C CYS A 45 20.75 -25.47 -35.56
N THR A 46 20.64 -25.89 -34.31
CA THR A 46 20.72 -24.96 -33.18
C THR A 46 22.18 -24.52 -33.03
N MET A 47 23.09 -25.47 -33.11
CA MET A 47 24.51 -25.18 -32.97
C MET A 47 25.03 -24.25 -34.07
N ALA A 48 24.68 -24.54 -35.32
CA ALA A 48 25.11 -23.73 -36.45
C ALA A 48 24.59 -22.30 -36.35
N ASP A 49 23.31 -22.17 -36.02
CA ASP A 49 22.70 -20.88 -35.71
C ASP A 49 23.47 -20.18 -34.57
N SER A 50 23.91 -20.95 -33.58
CA SER A 50 24.57 -20.38 -32.41
C SER A 50 25.92 -19.76 -32.69
N PHE A 51 26.71 -20.40 -33.55
CA PHE A 51 28.03 -19.86 -33.92
C PHE A 51 27.94 -18.61 -34.76
N LEU A 52 26.89 -18.51 -35.58
CA LEU A 52 26.53 -17.24 -36.21
C LEU A 52 26.34 -16.15 -35.17
N THR A 53 25.77 -16.52 -34.02
CA THR A 53 25.51 -15.57 -32.94
C THR A 53 26.80 -15.05 -32.30
N TYR A 54 27.63 -15.98 -31.84
CA TYR A 54 28.84 -15.66 -31.10
C TYR A 54 29.89 -14.96 -31.95
N ARG A 55 29.94 -15.31 -33.24
CA ARG A 55 30.87 -14.67 -34.18
C ARG A 55 30.40 -13.28 -34.59
N GLY A 56 29.11 -12.99 -34.41
CA GLY A 56 28.53 -11.74 -34.90
C GLY A 56 28.32 -11.77 -36.42
N GLU A 57 27.82 -12.90 -36.91
CA GLU A 57 27.63 -13.11 -38.34
C GLU A 57 26.17 -13.43 -38.67
N ARG A 58 25.26 -12.99 -37.80
CA ARG A 58 23.83 -13.31 -37.95
C ARG A 58 23.18 -12.48 -39.04
N SER A 59 23.48 -11.18 -39.05
CA SER A 59 22.83 -10.26 -39.96
C SER A 59 23.21 -10.56 -41.40
N ARG A 60 24.42 -11.09 -41.60
CA ARG A 60 24.87 -11.48 -42.93
C ARG A 60 23.92 -12.51 -43.56
N HIS A 61 23.53 -13.51 -42.77
CA HIS A 61 22.71 -14.60 -43.27
C HIS A 61 21.22 -14.37 -43.09
N LEU A 62 20.81 -13.96 -41.89
CA LEU A 62 19.39 -13.88 -41.54
C LEU A 62 18.78 -12.48 -41.56
N GLY A 63 19.59 -11.47 -41.89
CA GLY A 63 19.12 -10.08 -41.92
C GLY A 63 19.37 -9.38 -40.60
N GLY A 64 19.60 -8.07 -40.67
CA GLY A 64 19.88 -7.27 -39.48
C GLY A 64 18.72 -7.04 -38.53
N SER A 65 17.51 -6.91 -39.06
CA SER A 65 16.35 -6.55 -38.24
C SER A 65 15.64 -7.74 -37.57
N ALA A 66 15.80 -8.94 -38.13
CA ALA A 66 15.26 -10.16 -37.53
C ALA A 66 15.85 -10.37 -36.14
N GLN A 67 15.00 -10.78 -35.20
CA GLN A 67 15.44 -11.18 -33.86
C GLN A 67 16.15 -12.52 -33.89
N LEU A 68 16.98 -12.76 -32.87
CA LEU A 68 17.53 -14.08 -32.56
C LEU A 68 16.45 -15.15 -32.67
N VAL A 69 16.78 -16.28 -33.26
CA VAL A 69 15.83 -17.39 -33.42
C VAL A 69 15.49 -18.01 -32.06
N TYR A 70 16.51 -18.30 -31.27
CA TYR A 70 16.30 -18.97 -30.00
C TYR A 70 16.52 -18.05 -28.81
N ASN A 71 15.78 -18.35 -27.75
CA ASN A 71 16.01 -17.70 -26.47
C ASN A 71 17.26 -18.31 -25.83
N SER A 72 17.83 -17.59 -24.87
CA SER A 72 19.12 -17.95 -24.29
C SER A 72 19.41 -16.93 -23.22
N THR A 73 20.55 -17.04 -22.57
CA THR A 73 20.96 -16.03 -21.57
C THR A 73 21.22 -14.69 -22.25
N LEU A 74 21.06 -14.66 -23.56
CA LEU A 74 21.27 -13.45 -24.36
C LEU A 74 19.97 -12.70 -24.62
N GLY A 75 18.85 -13.33 -24.30
CA GLY A 75 17.55 -12.82 -24.69
C GLY A 75 17.40 -12.85 -26.20
N ARG A 76 16.41 -12.12 -26.70
CA ARG A 76 16.19 -12.09 -28.13
C ARG A 76 16.28 -10.68 -28.71
N PRO A 77 17.48 -10.08 -28.66
CA PRO A 77 17.72 -8.79 -29.30
C PRO A 77 17.74 -8.92 -30.83
N ARG A 78 17.81 -7.78 -31.52
CA ARG A 78 17.88 -7.78 -32.97
C ARG A 78 19.22 -8.32 -33.40
N ASN A 79 19.26 -8.99 -34.55
CA ASN A 79 20.50 -9.57 -35.09
C ASN A 79 21.66 -8.56 -35.20
N ILE A 80 21.37 -7.37 -35.73
CA ILE A 80 22.39 -6.35 -35.92
C ILE A 80 23.08 -5.98 -34.60
N ASP A 81 22.28 -5.78 -33.56
CA ASP A 81 22.77 -5.43 -32.21
C ASP A 81 23.52 -6.59 -31.55
N SER A 82 23.00 -7.81 -31.68
CA SER A 82 23.69 -8.99 -31.18
C SER A 82 25.06 -9.11 -31.84
N ASP A 83 25.09 -8.91 -33.16
CA ASP A 83 26.33 -8.98 -33.92
C ASP A 83 27.34 -7.96 -33.39
N PHE A 84 26.90 -6.71 -33.27
CA PHE A 84 27.76 -5.65 -32.74
C PHE A 84 28.27 -6.00 -31.34
N PHE A 85 27.37 -6.48 -30.47
CA PHE A 85 27.72 -6.84 -29.09
C PHE A 85 28.82 -7.87 -29.02
N HIS A 86 28.65 -8.97 -29.74
CA HIS A 86 29.62 -10.06 -29.76
C HIS A 86 30.98 -9.68 -30.33
N ARG A 87 31.00 -8.88 -31.41
CA ARG A 87 32.27 -8.44 -31.99
C ARG A 87 33.04 -7.52 -31.05
N HIS A 88 32.34 -6.53 -30.48
CA HIS A 88 32.91 -5.57 -29.54
C HIS A 88 33.38 -6.18 -28.25
N VAL A 89 32.59 -7.10 -27.68
CA VAL A 89 32.89 -7.65 -26.35
C VAL A 89 33.67 -8.98 -26.42
N ILE A 90 33.22 -9.92 -27.26
CA ILE A 90 34.02 -11.11 -27.52
C ILE A 90 34.87 -10.84 -28.78
N SER A 91 35.89 -10.01 -28.61
CA SER A 91 36.80 -9.63 -29.68
C SER A 91 37.99 -10.58 -29.72
N ASP A 92 38.73 -10.55 -30.82
CA ASP A 92 39.96 -11.34 -30.95
C ASP A 92 40.87 -11.21 -29.71
N GLU A 93 41.02 -10.00 -29.19
CA GLU A 93 41.81 -9.78 -27.99
C GLU A 93 41.30 -10.58 -26.79
N ALA A 94 39.99 -10.51 -26.55
CA ALA A 94 39.36 -11.24 -25.44
C ALA A 94 39.53 -12.76 -25.61
N VAL A 95 39.33 -13.24 -26.83
CA VAL A 95 39.51 -14.65 -27.15
C VAL A 95 40.96 -15.07 -26.90
N ASP A 96 41.91 -14.23 -27.33
CA ASP A 96 43.34 -14.45 -27.10
C ASP A 96 43.66 -14.54 -25.62
N ARG A 97 43.18 -13.55 -24.86
CA ARG A 97 43.40 -13.48 -23.41
C ARG A 97 42.81 -14.68 -22.70
N THR A 98 41.65 -15.13 -23.17
CA THR A 98 41.00 -16.35 -22.70
C THR A 98 41.92 -17.54 -22.92
N MET A 99 42.26 -17.77 -24.18
CA MET A 99 43.08 -18.89 -24.59
C MET A 99 44.42 -18.91 -23.87
N ALA A 100 45.10 -17.75 -23.82
CA ALA A 100 46.40 -17.62 -23.16
C ALA A 100 46.42 -18.16 -21.71
N ALA A 101 45.26 -18.21 -21.07
CA ALA A 101 45.17 -18.64 -19.67
C ALA A 101 44.63 -20.07 -19.47
N GLN A 102 44.71 -20.90 -20.51
CA GLN A 102 44.12 -22.24 -20.47
C GLN A 102 45.17 -23.33 -20.31
N PRO A 103 44.83 -24.43 -19.62
CA PRO A 103 45.78 -25.53 -19.58
C PRO A 103 45.87 -26.23 -20.95
N ALA A 104 46.88 -27.07 -21.12
CA ALA A 104 47.17 -27.67 -22.42
C ALA A 104 46.06 -28.61 -22.89
N LYS A 105 45.63 -29.49 -21.99
CA LYS A 105 44.63 -30.49 -22.32
C LYS A 105 43.32 -29.85 -22.78
N LEU A 106 42.97 -28.71 -22.17
CA LEU A 106 41.72 -28.02 -22.53
C LEU A 106 41.79 -27.40 -23.90
N LEU A 107 42.93 -26.79 -24.22
CA LEU A 107 43.18 -26.25 -25.55
C LEU A 107 43.03 -27.31 -26.64
N GLN A 108 43.51 -28.52 -26.34
CA GLN A 108 43.39 -29.68 -27.25
C GLN A 108 41.95 -30.13 -27.38
N MET A 109 41.29 -30.29 -26.23
CA MET A 109 39.88 -30.65 -26.19
C MET A 109 39.09 -29.74 -27.13
N VAL A 110 39.32 -28.43 -27.01
CA VAL A 110 38.59 -27.48 -27.82
C VAL A 110 38.95 -27.64 -29.29
N GLU A 111 40.23 -27.87 -29.60
CA GLU A 111 40.64 -28.19 -30.97
C GLU A 111 39.87 -29.39 -31.49
N GLY A 112 39.88 -30.47 -30.72
CA GLY A 112 39.17 -31.69 -31.08
C GLY A 112 37.68 -31.44 -31.27
N PHE A 113 37.09 -30.68 -30.34
CA PHE A 113 35.66 -30.34 -30.39
C PHE A 113 35.27 -29.67 -31.72
N ALA A 114 36.06 -28.69 -32.14
CA ALA A 114 35.78 -27.97 -33.39
C ALA A 114 35.94 -28.90 -34.60
N ALA A 115 36.99 -29.72 -34.60
CA ALA A 115 37.22 -30.67 -35.67
C ALA A 115 36.15 -31.76 -35.72
N GLY A 116 35.63 -32.13 -34.54
CA GLY A 116 34.57 -33.12 -34.42
C GLY A 116 33.25 -32.58 -34.93
N TYR A 117 32.96 -31.34 -34.55
CA TYR A 117 31.81 -30.62 -35.04
C TYR A 117 31.92 -30.48 -36.54
N ASN A 118 33.13 -30.17 -37.01
CA ASN A 118 33.36 -29.98 -38.43
C ASN A 118 33.22 -31.26 -39.24
N ARG A 119 33.57 -32.38 -38.61
CA ARG A 119 33.34 -33.66 -39.22
C ARG A 119 31.88 -33.84 -39.54
N TYR A 120 31.01 -33.52 -38.57
CA TYR A 120 29.59 -33.75 -38.79
C TYR A 120 29.00 -32.84 -39.87
N VAL A 121 29.43 -31.58 -39.89
CA VAL A 121 29.01 -30.64 -40.93
C VAL A 121 29.28 -31.21 -42.33
N ARG A 122 30.50 -31.72 -42.53
CA ARG A 122 30.85 -32.35 -43.80
C ARG A 122 29.90 -33.51 -44.11
N GLU A 123 29.59 -34.32 -43.09
CA GLU A 123 28.67 -35.44 -43.27
C GLU A 123 27.25 -34.98 -43.64
N ALA A 124 26.76 -33.95 -42.96
CA ALA A 124 25.42 -33.40 -43.23
C ALA A 124 25.30 -32.74 -44.60
N LYS A 125 26.40 -32.12 -45.05
CA LYS A 125 26.48 -31.56 -46.38
C LYS A 125 26.43 -32.64 -47.47
N ALA A 126 27.09 -33.78 -47.20
CA ALA A 126 27.15 -34.90 -48.14
C ALA A 126 25.78 -35.53 -48.43
N GLY A 127 24.94 -35.64 -47.42
CA GLY A 127 23.59 -36.18 -47.59
C GLY A 127 22.95 -36.56 -46.27
N GLY A 128 22.11 -37.59 -46.30
CA GLY A 128 21.38 -38.06 -45.12
C GLY A 128 20.12 -37.25 -44.87
N SER A 129 19.18 -37.85 -44.14
CA SER A 129 17.89 -37.19 -43.92
C SER A 129 17.80 -36.45 -42.58
N ALA A 130 18.92 -36.42 -41.85
CA ALA A 130 19.00 -35.67 -40.60
C ALA A 130 19.13 -34.17 -40.85
N HIS A 131 18.48 -33.38 -39.99
CA HIS A 131 18.58 -31.91 -40.01
C HIS A 131 18.13 -31.28 -41.30
N ALA A 132 17.07 -31.82 -41.90
CA ALA A 132 16.52 -31.28 -43.16
C ALA A 132 16.23 -29.78 -43.07
N ALA A 133 16.01 -29.29 -41.85
CA ALA A 133 15.73 -27.88 -41.60
C ALA A 133 16.87 -26.90 -41.97
N CYS A 134 18.11 -27.36 -41.96
CA CYS A 134 19.24 -26.45 -42.18
C CYS A 134 20.43 -27.05 -42.92
N ARG A 135 20.42 -28.37 -43.11
CA ARG A 135 21.60 -29.08 -43.63
C ARG A 135 22.28 -28.51 -44.89
N SER A 136 21.53 -27.73 -45.68
CA SER A 136 22.02 -27.18 -46.96
C SER A 136 22.18 -25.66 -46.97
N GLU A 137 21.84 -25.03 -45.85
CA GLU A 137 21.99 -23.58 -45.65
C GLU A 137 23.46 -23.19 -45.54
N ALA A 138 23.79 -22.01 -46.07
CA ALA A 138 25.18 -21.51 -46.06
C ALA A 138 25.78 -21.41 -44.66
N TRP A 139 24.93 -21.16 -43.67
CA TRP A 139 25.39 -20.97 -42.28
C TRP A 139 25.70 -22.24 -41.52
N VAL A 140 25.37 -23.39 -42.11
CA VAL A 140 25.95 -24.67 -41.69
C VAL A 140 27.29 -24.74 -42.40
N GLN A 141 28.34 -24.48 -41.63
CA GLN A 141 29.69 -24.31 -42.17
C GLN A 141 30.68 -24.65 -41.09
N PRO A 142 31.91 -25.05 -41.46
CA PRO A 142 32.93 -25.36 -40.45
C PRO A 142 33.20 -24.20 -39.48
N ILE A 143 33.72 -24.52 -38.29
CA ILE A 143 34.06 -23.52 -37.29
C ILE A 143 35.52 -23.72 -36.83
N THR A 144 36.04 -22.79 -36.05
CA THR A 144 37.43 -22.87 -35.57
C THR A 144 37.49 -23.03 -34.05
N ALA A 145 38.63 -23.49 -33.54
CA ALA A 145 38.84 -23.61 -32.10
C ALA A 145 38.46 -22.31 -31.39
N ARG A 146 38.83 -21.19 -32.02
CA ARG A 146 38.54 -19.85 -31.50
C ARG A 146 37.05 -19.55 -31.38
N ASP A 147 36.26 -20.06 -32.34
CA ASP A 147 34.81 -19.88 -32.32
C ASP A 147 34.17 -20.63 -31.14
N VAL A 148 34.70 -21.80 -30.82
CA VAL A 148 34.26 -22.52 -29.63
C VAL A 148 34.59 -21.68 -28.39
N TRP A 149 35.79 -21.09 -28.38
CA TRP A 149 36.21 -20.21 -27.30
C TRP A 149 35.34 -18.99 -27.17
N ARG A 150 34.87 -18.47 -28.30
CA ARG A 150 33.87 -17.41 -28.28
C ARG A 150 32.65 -17.88 -27.48
N ARG A 151 32.09 -19.03 -27.89
CA ARG A 151 30.95 -19.63 -27.19
C ARG A 151 31.22 -19.77 -25.70
N ILE A 152 32.40 -20.30 -25.35
CA ILE A 152 32.78 -20.53 -23.96
C ILE A 152 32.76 -19.23 -23.16
N TYR A 153 33.44 -18.22 -23.68
CA TYR A 153 33.50 -16.89 -23.07
C TYR A 153 32.11 -16.30 -22.88
N ALA A 154 31.26 -16.46 -23.90
CA ALA A 154 29.87 -15.97 -23.90
C ALA A 154 28.98 -16.53 -22.79
N ALA A 155 29.20 -17.79 -22.42
CA ALA A 155 28.44 -18.44 -21.33
C ALA A 155 28.80 -17.89 -19.94
N ASN A 156 29.94 -17.22 -19.83
CA ASN A 156 30.33 -16.59 -18.59
C ASN A 156 29.65 -15.24 -18.34
N LEU A 157 29.13 -14.65 -19.41
CA LEU A 157 28.64 -13.28 -19.35
C LEU A 157 27.16 -13.20 -19.01
N ALA A 158 26.56 -14.35 -18.72
CA ALA A 158 25.13 -14.46 -18.42
C ALA A 158 24.63 -13.45 -17.38
N GLY A 159 25.42 -13.27 -16.32
CA GLY A 159 25.08 -12.40 -15.18
C GLY A 159 25.41 -10.94 -15.35
N GLY A 160 26.16 -10.59 -16.40
CA GLY A 160 26.52 -9.20 -16.64
C GLY A 160 26.21 -8.70 -18.03
N TYR A 161 27.22 -8.75 -18.91
CA TYR A 161 27.15 -8.16 -20.25
C TYR A 161 25.99 -8.67 -21.12
N SER A 162 25.67 -9.96 -21.02
CA SER A 162 24.58 -10.56 -21.82
C SER A 162 23.23 -9.84 -21.65
N ASN A 163 22.96 -9.43 -20.42
CA ASN A 163 21.73 -8.71 -20.10
C ASN A 163 21.65 -7.34 -20.76
N PHE A 164 22.77 -6.83 -21.24
CA PHE A 164 22.82 -5.47 -21.77
C PHE A 164 23.38 -5.43 -23.18
N ALA A 165 23.13 -6.48 -23.96
CA ALA A 165 23.60 -6.58 -25.34
C ALA A 165 23.15 -5.41 -26.21
N GLU A 166 21.84 -5.18 -26.32
CA GLU A 166 21.31 -4.04 -27.09
C GLU A 166 21.97 -2.76 -26.60
N ALA A 167 22.01 -2.59 -25.27
CA ALA A 167 22.53 -1.39 -24.62
C ALA A 167 24.01 -1.09 -24.92
N ILE A 168 24.84 -2.14 -24.97
CA ILE A 168 26.27 -2.03 -25.32
C ILE A 168 26.46 -1.72 -26.81
N ALA A 169 25.69 -2.38 -27.67
CA ALA A 169 25.74 -2.21 -29.12
C ALA A 169 25.22 -0.85 -29.59
N ASN A 170 24.68 -0.06 -28.65
CA ASN A 170 24.12 1.25 -28.98
C ASN A 170 24.69 2.40 -28.14
N ALA A 171 25.82 2.14 -27.48
CA ALA A 171 26.50 3.17 -26.70
C ALA A 171 27.25 4.10 -27.65
N GLN A 172 26.71 5.31 -27.79
CA GLN A 172 27.15 6.28 -28.79
C GLN A 172 27.23 7.72 -28.21
N PRO A 173 28.31 8.47 -28.52
CA PRO A 173 28.41 9.86 -28.04
C PRO A 173 27.38 10.76 -28.73
N PRO A 174 27.02 11.91 -28.10
CA PRO A 174 26.08 12.88 -28.71
C PRO A 174 26.50 13.40 -30.08
N PHE B 8 15.90 14.22 -12.92
CA PHE B 8 15.62 12.75 -12.85
C PHE B 8 14.20 12.46 -12.39
N GLU B 9 13.46 11.68 -13.17
CA GLU B 9 12.11 11.26 -12.79
C GLU B 9 12.04 9.74 -12.60
N PRO B 10 11.92 9.29 -11.34
CA PRO B 10 11.84 7.85 -11.04
C PRO B 10 10.74 7.14 -11.81
N GLY B 11 9.66 7.87 -12.13
CA GLY B 11 8.53 7.33 -12.88
C GLY B 11 8.94 6.79 -14.23
N ARG B 12 9.97 7.41 -14.81
CA ARG B 12 10.48 7.02 -16.11
C ARG B 12 11.45 5.82 -16.08
N THR B 13 11.85 5.38 -14.88
CA THR B 13 12.74 4.22 -14.74
C THR B 13 12.12 2.92 -15.25
N ARG B 14 12.79 2.27 -16.20
CA ARG B 14 12.40 0.96 -16.68
C ARG B 14 13.45 -0.04 -16.24
N ALA B 15 13.12 -0.83 -15.21
CA ALA B 15 14.04 -1.83 -14.67
C ALA B 15 14.21 -2.99 -15.65
N PRO B 16 15.47 -3.41 -15.90
CA PRO B 16 15.72 -4.58 -16.74
C PRO B 16 15.58 -5.87 -15.95
N SER B 17 15.40 -6.99 -16.64
CA SER B 17 15.38 -8.30 -15.98
C SER B 17 16.82 -8.70 -15.62
N LEU B 18 17.02 -9.11 -14.37
CA LEU B 18 18.36 -9.40 -13.83
C LEU B 18 18.50 -10.85 -13.35
N GLN B 19 17.45 -11.63 -13.55
CA GLN B 19 17.51 -13.04 -13.23
C GLN B 19 17.97 -13.83 -14.46
N VAL B 20 19.21 -14.32 -14.42
CA VAL B 20 19.70 -15.23 -15.46
C VAL B 20 18.75 -16.42 -15.59
N GLY B 21 18.12 -16.55 -16.76
CA GLY B 21 17.17 -17.64 -17.03
C GLY B 21 15.70 -17.28 -16.88
N GLY B 22 15.41 -16.12 -16.31
CA GLY B 22 14.04 -15.65 -16.10
C GLY B 22 13.61 -14.65 -17.16
N SER C 1 15.49 -22.72 -10.81
CA SER C 1 16.40 -23.89 -10.57
C SER C 1 16.29 -24.33 -9.10
N ASN C 2 16.25 -25.64 -8.86
CA ASN C 2 16.31 -26.18 -7.50
C ASN C 2 17.47 -27.15 -7.35
N MET C 3 17.97 -27.31 -6.13
CA MET C 3 18.89 -28.41 -5.86
C MET C 3 18.88 -28.80 -4.40
N TYR C 4 19.01 -30.09 -4.15
CA TYR C 4 19.15 -30.62 -2.80
C TYR C 4 20.47 -31.37 -2.68
N GLY C 5 21.12 -31.24 -1.54
CA GLY C 5 22.20 -32.13 -1.14
C GLY C 5 21.78 -32.72 0.18
N PHE C 6 21.68 -34.05 0.24
CA PHE C 6 21.38 -34.68 1.51
C PHE C 6 22.62 -35.40 2.02
N GLY C 7 22.89 -35.24 3.31
CA GLY C 7 23.99 -35.93 3.95
C GLY C 7 23.57 -37.29 4.50
N THR C 8 24.55 -38.09 4.92
CA THR C 8 24.31 -39.46 5.41
C THR C 8 23.34 -39.52 6.59
N ALA C 9 23.25 -38.43 7.35
CA ALA C 9 22.26 -38.33 8.42
C ALA C 9 20.84 -38.35 7.86
N ALA C 10 20.64 -37.64 6.75
CA ALA C 10 19.33 -37.60 6.10
C ALA C 10 19.01 -38.89 5.35
N THR C 11 19.98 -39.47 4.66
CA THR C 11 19.74 -40.66 3.83
C THR C 11 19.77 -41.97 4.62
N GLY C 12 20.55 -42.00 5.70
CA GLY C 12 20.69 -43.19 6.53
C GLY C 12 21.41 -44.32 5.83
N GLU C 13 22.27 -43.97 4.87
CA GLU C 13 23.14 -44.94 4.20
C GLU C 13 24.59 -44.45 4.25
N GLY C 14 25.47 -45.12 3.49
CA GLY C 14 26.91 -44.83 3.50
C GLY C 14 27.30 -43.48 2.90
N SER C 15 26.48 -43.00 1.96
CA SER C 15 26.69 -41.71 1.31
C SER C 15 25.38 -40.93 1.23
N GLY C 16 25.47 -39.68 0.80
CA GLY C 16 24.29 -38.85 0.63
C GLY C 16 23.67 -38.91 -0.75
N VAL C 17 22.56 -38.18 -0.91
CA VAL C 17 21.85 -38.09 -2.18
C VAL C 17 21.95 -36.65 -2.71
N LEU C 18 22.26 -36.52 -4.00
CA LEU C 18 22.32 -35.21 -4.65
C LEU C 18 21.13 -35.09 -5.59
N PHE C 19 20.36 -34.00 -5.47
CA PHE C 19 19.32 -33.70 -6.44
C PHE C 19 19.64 -32.42 -7.21
N GLY C 20 19.77 -32.58 -8.52
CA GLY C 20 20.10 -31.48 -9.43
C GLY C 20 18.95 -31.20 -10.36
N ASN C 21 18.44 -29.97 -10.30
CA ASN C 21 17.20 -29.61 -10.98
C ASN C 21 17.29 -28.20 -11.55
N PRO C 22 18.20 -27.99 -12.52
CA PRO C 22 18.23 -26.67 -13.16
C PRO C 22 16.96 -26.37 -13.96
N HIS C 23 16.36 -25.21 -13.75
CA HIS C 23 15.24 -24.83 -14.61
C HIS C 23 15.77 -23.93 -15.67
N TRP C 24 15.61 -24.35 -16.92
CA TRP C 24 16.40 -23.79 -18.01
C TRP C 24 15.68 -23.83 -19.35
N TYR C 25 16.38 -23.41 -20.39
CA TYR C 25 15.82 -23.33 -21.72
C TYR C 25 15.57 -24.69 -22.33
N TRP C 26 14.44 -24.79 -23.03
CA TRP C 26 14.10 -26.01 -23.74
C TRP C 26 14.58 -26.02 -25.16
N LYS C 27 14.93 -24.85 -25.68
CA LYS C 27 15.49 -24.77 -27.02
C LYS C 27 16.65 -23.77 -27.01
N GLY C 28 17.41 -23.75 -28.09
CA GLY C 28 18.53 -22.82 -28.21
C GLY C 28 19.84 -23.39 -27.71
N PRO C 29 20.95 -22.65 -27.90
CA PRO C 29 22.30 -23.16 -27.70
C PRO C 29 22.66 -23.31 -26.23
N ASP C 30 21.89 -22.67 -25.34
CA ASP C 30 22.13 -22.78 -23.92
C ASP C 30 21.44 -24.01 -23.35
N ARG C 31 20.60 -24.67 -24.15
CA ARG C 31 19.92 -25.89 -23.71
C ARG C 31 20.95 -26.95 -23.32
N PHE C 32 20.55 -27.85 -22.43
CA PHE C 32 21.44 -28.91 -21.95
C PHE C 32 21.55 -30.09 -22.90
N TYR C 33 22.69 -30.77 -22.83
CA TYR C 33 22.94 -31.97 -23.62
C TYR C 33 23.62 -33.00 -22.73
N GLN C 34 22.97 -34.16 -22.56
CA GLN C 34 23.46 -35.21 -21.67
C GLN C 34 24.45 -36.12 -22.37
N ALA C 35 25.57 -36.39 -21.70
CA ALA C 35 26.64 -37.23 -22.25
C ALA C 35 27.61 -37.70 -21.19
N GLN C 36 28.41 -38.72 -21.53
CA GLN C 36 29.46 -39.22 -20.65
C GLN C 36 30.84 -39.13 -21.31
N LEU C 37 31.81 -38.61 -20.55
CA LEU C 37 33.18 -38.47 -21.05
C LEU C 37 34.15 -39.40 -20.32
N THR C 38 34.61 -40.45 -21.01
CA THR C 38 35.54 -41.42 -20.44
C THR C 38 36.92 -41.28 -21.07
N ILE C 39 37.81 -40.66 -20.32
CA ILE C 39 39.17 -40.39 -20.78
C ILE C 39 40.15 -41.23 -19.97
N ASP C 40 40.97 -42.00 -20.67
CA ASP C 40 41.90 -42.98 -20.09
C ASP C 40 42.87 -42.37 -19.07
N GLY C 41 42.71 -42.77 -17.81
CA GLY C 41 43.55 -42.30 -16.70
C GLY C 41 43.36 -40.84 -16.32
N GLU C 42 42.35 -40.21 -16.92
CA GLU C 42 42.19 -38.77 -16.80
C GLU C 42 40.86 -38.36 -16.18
N ALA C 43 39.76 -38.87 -16.72
CA ALA C 43 38.42 -38.47 -16.28
C ALA C 43 37.38 -39.50 -16.68
N ASN C 44 36.39 -39.69 -15.81
CA ASN C 44 35.17 -40.42 -16.15
C ASN C 44 33.96 -39.74 -15.56
N VAL C 45 33.43 -38.77 -16.31
CA VAL C 45 32.36 -37.89 -15.86
C VAL C 45 31.07 -38.02 -16.69
N SER C 46 29.93 -37.84 -16.05
CA SER C 46 28.65 -37.90 -16.72
C SER C 46 27.75 -36.79 -16.20
N GLY C 47 26.96 -36.23 -17.10
CA GLY C 47 26.11 -35.13 -16.75
C GLY C 47 25.75 -34.35 -17.99
N VAL C 48 25.83 -33.03 -17.90
CA VAL C 48 25.22 -32.20 -18.90
C VAL C 48 26.07 -30.99 -19.28
N SER C 49 25.98 -30.57 -20.53
CA SER C 49 26.67 -29.38 -21.01
C SER C 49 25.73 -28.51 -21.83
N PHE C 50 25.95 -27.21 -21.83
CA PHE C 50 25.32 -26.36 -22.83
C PHE C 50 25.79 -26.85 -24.18
N LEU C 51 24.95 -26.72 -25.20
CA LEU C 51 25.41 -27.01 -26.55
C LEU C 51 26.60 -26.10 -26.87
N GLY C 52 27.65 -26.67 -27.45
CA GLY C 52 28.86 -25.89 -27.75
C GLY C 52 29.92 -25.93 -26.66
N LEU C 53 29.57 -26.46 -25.49
CA LEU C 53 30.53 -26.57 -24.40
C LEU C 53 31.11 -27.99 -24.32
N PRO C 54 32.43 -28.11 -24.02
CA PRO C 54 33.12 -29.41 -24.07
C PRO C 54 33.33 -30.14 -22.74
N VAL C 55 33.06 -29.48 -21.62
CA VAL C 55 33.16 -30.13 -20.28
C VAL C 55 31.81 -30.15 -19.57
N ILE C 56 31.64 -31.11 -18.67
CA ILE C 56 30.37 -31.31 -17.97
C ILE C 56 30.15 -30.22 -16.91
N GLN C 57 29.04 -29.52 -17.02
CA GLN C 57 28.75 -28.40 -16.11
C GLN C 57 28.01 -28.85 -14.86
N ILE C 58 27.05 -29.75 -15.02
CA ILE C 58 26.30 -30.31 -13.91
C ILE C 58 26.34 -31.81 -14.10
N GLY C 59 26.67 -32.56 -13.07
CA GLY C 59 26.68 -34.01 -13.17
C GLY C 59 27.33 -34.72 -12.01
N PHE C 60 28.17 -35.71 -12.36
CA PHE C 60 28.80 -36.60 -11.37
C PHE C 60 29.94 -37.38 -12.02
N ASN C 61 30.85 -37.87 -11.19
CA ASN C 61 31.83 -38.90 -11.55
C ASN C 61 31.74 -40.04 -10.52
N ASP C 62 32.81 -40.82 -10.39
CA ASP C 62 32.80 -41.98 -9.50
C ASP C 62 32.73 -41.58 -8.02
N SER C 63 33.03 -40.30 -7.76
CA SER C 63 33.33 -39.83 -6.42
C SER C 63 32.50 -38.65 -5.94
N VAL C 64 32.11 -37.77 -6.84
CA VAL C 64 31.32 -36.57 -6.49
C VAL C 64 30.21 -36.23 -7.47
N ALA C 65 29.09 -35.72 -6.94
CA ALA C 65 27.98 -35.23 -7.75
C ALA C 65 27.65 -33.81 -7.30
N TRP C 66 27.27 -32.96 -8.24
CA TRP C 66 26.95 -31.57 -7.93
C TRP C 66 25.95 -30.99 -8.90
N SER C 67 25.38 -29.86 -8.50
CA SER C 67 24.52 -29.07 -9.39
C SER C 67 24.69 -27.58 -9.12
N HIS C 68 23.94 -26.78 -9.86
CA HIS C 68 23.98 -25.32 -9.74
C HIS C 68 22.61 -24.73 -9.85
N THR C 69 22.34 -23.74 -9.01
CA THR C 69 21.21 -22.85 -9.22
C THR C 69 21.76 -21.43 -9.43
N VAL C 70 21.09 -20.63 -10.25
CA VAL C 70 21.42 -19.21 -10.40
C VAL C 70 21.41 -18.50 -9.03
N SER C 71 22.47 -17.74 -8.74
CA SER C 71 22.65 -17.14 -7.43
C SER C 71 22.17 -15.69 -7.43
N THR C 72 21.75 -15.20 -6.27
CA THR C 72 21.24 -13.83 -6.18
C THR C 72 22.37 -12.78 -6.28
N ALA C 73 23.61 -13.24 -6.06
CA ALA C 73 24.80 -12.39 -6.13
C ALA C 73 24.96 -11.64 -7.45
N ARG C 74 24.95 -10.32 -7.38
CA ARG C 74 25.18 -9.46 -8.53
C ARG C 74 26.59 -9.67 -9.06
N ARG C 75 26.72 -9.74 -10.38
CA ARG C 75 27.99 -10.09 -10.99
C ARG C 75 28.56 -8.92 -11.80
N PHE C 76 27.86 -7.79 -11.73
CA PHE C 76 28.25 -6.62 -12.48
C PHE C 76 28.08 -5.34 -11.66
N GLY C 77 28.52 -4.24 -12.25
CA GLY C 77 28.34 -2.91 -11.70
C GLY C 77 28.36 -1.87 -12.80
N PHE C 78 27.91 -0.68 -12.48
CA PHE C 78 28.04 0.44 -13.38
C PHE C 78 29.14 1.37 -12.90
N PHE C 79 29.62 2.21 -13.83
CA PHE C 79 30.57 3.27 -13.52
C PHE C 79 30.16 4.55 -14.24
N GLN C 80 29.87 5.57 -13.43
CA GLN C 80 29.53 6.88 -13.97
C GLN C 80 30.81 7.60 -14.38
N LEU C 81 30.91 7.87 -15.67
CA LEU C 81 32.07 8.56 -16.20
C LEU C 81 31.75 10.02 -16.42
N SER C 82 32.54 10.89 -15.78
CA SER C 82 32.46 12.31 -16.02
C SER C 82 33.29 12.66 -17.24
N LEU C 83 32.62 13.08 -18.30
CA LEU C 83 33.27 13.36 -19.56
C LEU C 83 34.10 14.65 -19.52
N VAL C 84 35.07 14.74 -20.44
CA VAL C 84 35.85 15.95 -20.61
C VAL C 84 35.07 16.88 -21.54
N GLN C 85 35.01 18.16 -21.14
CA GLN C 85 34.42 19.22 -21.97
C GLN C 85 35.02 19.21 -23.38
N GLY C 86 34.14 19.29 -24.39
CA GLY C 86 34.58 19.28 -25.79
C GLY C 86 35.01 17.92 -26.31
N GLU C 87 35.34 17.00 -25.40
CA GLU C 87 35.84 15.66 -25.75
C GLU C 87 34.97 14.54 -25.16
N PRO C 88 33.72 14.38 -25.67
CA PRO C 88 32.75 13.45 -25.06
C PRO C 88 33.17 11.97 -25.09
N THR C 89 34.24 11.65 -25.81
CA THR C 89 34.76 10.28 -25.84
C THR C 89 35.91 10.08 -24.86
N SER C 90 36.18 11.09 -24.03
CA SER C 90 37.19 10.98 -22.97
C SER C 90 36.55 11.27 -21.62
N TYR C 91 36.93 10.48 -20.61
CA TYR C 91 36.39 10.65 -19.26
C TYR C 91 37.50 11.03 -18.28
N LEU C 92 37.15 11.85 -17.28
CA LEU C 92 38.12 12.25 -16.26
C LEU C 92 38.35 11.14 -15.24
N ARG C 93 39.61 10.98 -14.84
CA ARG C 93 40.01 10.01 -13.83
C ARG C 93 41.04 10.66 -12.90
N ASP C 94 40.56 11.21 -11.79
CA ASP C 94 41.39 11.91 -10.80
C ASP C 94 42.00 13.20 -11.35
N GLY C 95 41.23 13.91 -12.16
CA GLY C 95 41.65 15.20 -12.71
C GLY C 95 42.19 15.13 -14.13
N VAL C 96 42.81 14.01 -14.47
CA VAL C 96 43.40 13.79 -15.80
C VAL C 96 42.41 13.11 -16.77
N PRO C 97 42.27 13.68 -18.00
CA PRO C 97 41.46 13.03 -19.03
C PRO C 97 42.08 11.70 -19.47
N VAL C 98 41.23 10.69 -19.64
CA VAL C 98 41.63 9.38 -20.12
C VAL C 98 40.74 9.04 -21.31
N LYS C 99 41.37 8.77 -22.46
CA LYS C 99 40.66 8.46 -23.70
C LYS C 99 40.07 7.06 -23.72
N MET C 100 38.81 6.97 -24.14
CA MET C 100 38.14 5.69 -24.36
C MET C 100 38.66 5.06 -25.64
N LYS C 101 39.20 3.85 -25.53
CA LYS C 101 39.63 3.06 -26.70
C LYS C 101 38.44 2.78 -27.65
N PRO C 102 38.57 3.21 -28.91
CA PRO C 102 37.54 2.91 -29.91
C PRO C 102 37.76 1.55 -30.57
N ALA C 103 36.68 1.02 -31.13
CA ALA C 103 36.76 -0.13 -32.01
C ALA C 103 35.75 0.14 -33.13
N THR C 104 36.24 0.25 -34.35
CA THR C 104 35.37 0.46 -35.49
C THR C 104 35.02 -0.89 -36.07
N ILE C 105 33.73 -1.20 -36.06
CA ILE C 105 33.24 -2.51 -36.44
C ILE C 105 32.30 -2.39 -37.63
N THR C 106 32.44 -3.34 -38.54
CA THR C 106 31.56 -3.44 -39.70
C THR C 106 30.90 -4.81 -39.73
N VAL C 107 29.56 -4.82 -39.77
CA VAL C 107 28.80 -6.06 -39.84
C VAL C 107 28.06 -6.14 -41.16
N PRO C 108 28.25 -7.23 -41.92
CA PRO C 108 27.42 -7.41 -43.10
C PRO C 108 25.98 -7.68 -42.70
N SER C 109 25.05 -7.03 -43.40
CA SER C 109 23.64 -7.16 -43.11
C SER C 109 22.89 -7.50 -44.39
N ARG C 110 22.12 -8.58 -44.35
CA ARG C 110 21.25 -8.96 -45.44
C ARG C 110 20.06 -8.01 -45.47
N ASN C 111 19.80 -7.43 -46.63
CA ASN C 111 18.66 -6.53 -46.79
C ASN C 111 17.42 -7.29 -47.20
N ALA C 112 16.26 -6.78 -46.76
CA ALA C 112 14.96 -7.40 -47.04
C ALA C 112 14.68 -7.68 -48.53
N ASP C 113 15.53 -7.14 -49.41
CA ASP C 113 15.42 -7.35 -50.86
C ASP C 113 16.40 -8.41 -51.39
N GLY C 114 17.18 -8.99 -50.48
CA GLY C 114 18.14 -10.03 -50.85
C GLY C 114 19.60 -9.62 -50.80
N SER C 115 19.93 -8.43 -51.32
CA SER C 115 21.31 -7.93 -51.33
C SER C 115 21.93 -7.82 -49.92
N VAL C 116 23.26 -7.89 -49.86
CA VAL C 116 24.01 -7.82 -48.59
C VAL C 116 24.89 -6.58 -48.56
N SER C 117 24.61 -5.67 -47.63
CA SER C 117 25.43 -4.46 -47.46
C SER C 117 25.95 -4.31 -46.02
N ASP C 118 26.96 -3.46 -45.84
CA ASP C 118 27.56 -3.24 -44.53
C ASP C 118 26.80 -2.18 -43.74
N VAL C 119 26.72 -2.42 -42.44
CA VAL C 119 26.33 -1.41 -41.48
C VAL C 119 27.52 -1.30 -40.52
N THR C 120 27.91 -0.07 -40.25
CA THR C 120 29.11 0.18 -39.48
C THR C 120 28.86 1.18 -38.35
N ARG C 121 29.54 0.97 -37.23
CA ARG C 121 29.64 1.99 -36.18
C ARG C 121 30.84 1.77 -35.27
N THR C 122 31.11 2.76 -34.42
CA THR C 122 32.30 2.76 -33.59
C THR C 122 31.89 2.73 -32.13
N LEU C 123 32.19 1.61 -31.47
CA LEU C 123 31.85 1.42 -30.07
C LEU C 123 33.09 1.61 -29.19
N TYR C 124 32.88 1.67 -27.88
CA TYR C 124 33.93 2.13 -26.96
C TYR C 124 34.09 1.31 -25.70
N HIS C 125 35.30 1.34 -25.16
CA HIS C 125 35.61 0.79 -23.84
C HIS C 125 36.14 1.84 -22.91
N SER C 126 35.75 1.75 -21.64
CA SER C 126 36.47 2.39 -20.56
C SER C 126 37.39 1.31 -20.00
N GLU C 127 38.20 1.65 -19.00
CA GLU C 127 39.02 0.64 -18.34
C GLU C 127 38.16 -0.31 -17.50
N PHE C 128 36.95 0.11 -17.18
CA PHE C 128 36.03 -0.70 -16.40
C PHE C 128 35.35 -1.75 -17.27
N GLY C 129 35.10 -1.41 -18.52
CA GLY C 129 34.47 -2.33 -19.47
C GLY C 129 33.80 -1.51 -20.54
N PRO C 130 32.97 -2.16 -21.39
CA PRO C 130 32.34 -1.45 -22.50
C PRO C 130 31.40 -0.33 -22.05
N LEU C 131 31.27 0.71 -22.88
CA LEU C 131 30.31 1.76 -22.63
C LEU C 131 28.91 1.19 -22.80
N VAL C 132 27.92 1.79 -22.13
CA VAL C 132 26.57 1.22 -22.13
C VAL C 132 25.47 2.28 -22.15
N ASN C 133 24.62 2.22 -23.17
CA ASN C 133 23.47 3.13 -23.29
C ASN C 133 22.42 2.81 -22.22
N LEU C 134 22.16 3.76 -21.34
CA LEU C 134 21.22 3.55 -20.23
C LEU C 134 20.00 4.45 -20.31
N ALA C 135 19.74 4.99 -21.50
CA ALA C 135 18.53 5.80 -21.74
C ALA C 135 17.27 4.96 -21.52
N GLY C 136 17.34 3.69 -21.91
CA GLY C 136 16.28 2.73 -21.69
C GLY C 136 15.97 2.53 -20.22
N LEU C 137 17.01 2.43 -19.39
CA LEU C 137 16.84 2.37 -17.94
C LEU C 137 16.12 3.64 -17.45
N ASN C 138 16.69 4.79 -17.79
CA ASN C 138 16.06 6.10 -17.55
C ASN C 138 16.60 7.13 -18.53
N PRO C 139 15.69 7.88 -19.21
CA PRO C 139 16.00 8.95 -20.16
C PRO C 139 17.15 9.86 -19.72
N ALA C 140 17.20 10.18 -18.43
CA ALA C 140 18.22 11.09 -17.90
C ALA C 140 19.64 10.49 -17.90
N LEU C 141 19.71 9.18 -18.12
CA LEU C 141 20.99 8.46 -18.08
C LEU C 141 21.64 8.34 -19.47
N ALA C 142 21.20 9.17 -20.41
CA ALA C 142 21.73 9.15 -21.78
C ALA C 142 23.17 9.62 -21.80
N TRP C 143 23.95 9.09 -22.74
CA TRP C 143 25.33 9.52 -22.96
C TRP C 143 25.30 10.95 -23.41
N SER C 144 25.45 11.86 -22.45
CA SER C 144 25.31 13.29 -22.71
C SER C 144 26.64 13.93 -23.07
N GLN C 145 26.63 15.24 -23.21
CA GLN C 145 27.84 16.02 -23.45
C GLN C 145 28.66 16.18 -22.16
N GLY C 146 28.02 15.85 -21.03
CA GLY C 146 28.65 15.96 -19.71
C GLY C 146 28.95 14.63 -19.05
N THR C 147 28.09 13.64 -19.29
CA THR C 147 28.21 12.36 -18.59
C THR C 147 27.93 11.13 -19.46
N ALA C 148 28.59 10.02 -19.12
CA ALA C 148 28.41 8.71 -19.79
C ALA C 148 28.59 7.55 -18.80
N PHE C 149 28.16 6.35 -19.20
CA PHE C 149 28.14 5.20 -18.31
C PHE C 149 28.79 3.95 -18.91
N ALA C 150 29.56 3.26 -18.08
CA ALA C 150 30.19 2.01 -18.48
C ALA C 150 29.77 0.89 -17.55
N ILE C 151 29.67 -0.32 -18.08
CA ILE C 151 29.35 -1.53 -17.29
C ILE C 151 30.58 -2.43 -17.12
N ARG C 152 30.72 -3.02 -15.94
CA ARG C 152 31.76 -4.01 -15.68
C ARG C 152 31.15 -5.31 -15.18
N ASP C 153 31.64 -6.43 -15.73
CA ASP C 153 31.23 -7.78 -15.34
C ASP C 153 32.51 -8.51 -14.96
N ILE C 154 32.67 -8.86 -13.68
CA ILE C 154 33.92 -9.50 -13.21
C ILE C 154 34.30 -10.74 -14.00
N ASN C 155 33.30 -11.38 -14.60
CA ASN C 155 33.51 -12.55 -15.43
C ASN C 155 34.22 -12.25 -16.76
N GLY C 156 34.18 -10.98 -17.15
CA GLY C 156 34.88 -10.50 -18.33
C GLY C 156 36.38 -10.75 -18.24
N GLU C 157 36.92 -10.69 -17.02
CA GLU C 157 38.33 -11.01 -16.75
C GLU C 157 38.48 -12.42 -16.16
N ASN C 158 37.38 -13.17 -16.07
CA ASN C 158 37.38 -14.52 -15.51
C ASN C 158 37.64 -15.60 -16.58
N PHE C 159 38.83 -16.20 -16.50
CA PHE C 159 39.29 -17.18 -17.49
C PHE C 159 39.45 -18.58 -16.89
N ARG C 160 39.11 -18.72 -15.62
CA ARG C 160 39.30 -19.97 -14.89
C ARG C 160 38.07 -20.89 -14.89
N THR C 161 37.04 -20.57 -15.66
CA THR C 161 35.77 -21.31 -15.55
C THR C 161 35.80 -22.73 -16.14
N LEU C 162 36.23 -22.84 -17.39
CA LEU C 162 36.37 -24.14 -18.03
C LEU C 162 37.32 -25.07 -17.24
N ARG C 163 38.46 -24.57 -16.79
CA ARG C 163 39.38 -25.35 -15.94
C ARG C 163 38.70 -25.93 -14.71
N THR C 164 37.82 -25.13 -14.10
CA THR C 164 37.15 -25.49 -12.85
C THR C 164 36.20 -26.67 -13.04
N TRP C 165 35.31 -26.56 -14.03
CA TRP C 165 34.46 -27.70 -14.41
C TRP C 165 35.27 -28.88 -14.87
N MET C 166 36.38 -28.61 -15.57
CA MET C 166 37.28 -29.66 -15.98
C MET C 166 37.85 -30.40 -14.76
N ARG C 167 38.28 -29.66 -13.75
CA ARG C 167 38.85 -30.26 -12.54
C ARG C 167 37.79 -30.95 -11.69
N TRP C 168 36.59 -30.38 -11.64
CA TRP C 168 35.47 -31.04 -10.97
C TRP C 168 35.14 -32.36 -11.63
N ASN C 169 35.10 -32.35 -12.96
CA ASN C 169 34.95 -33.58 -13.74
C ASN C 169 35.96 -34.67 -13.32
N GLN C 170 37.16 -34.26 -12.91
CA GLN C 170 38.19 -35.21 -12.49
C GLN C 170 38.23 -35.44 -10.99
N ALA C 171 37.60 -34.55 -10.21
CA ALA C 171 37.68 -34.57 -8.75
C ALA C 171 37.46 -35.94 -8.14
N LYS C 172 38.28 -36.29 -7.14
CA LYS C 172 38.26 -37.62 -6.55
C LYS C 172 37.59 -37.75 -5.18
N SER C 173 37.06 -36.65 -4.66
CA SER C 173 36.28 -36.65 -3.43
C SER C 173 35.65 -35.29 -3.19
N LEU C 174 34.73 -35.22 -2.22
CA LEU C 174 34.11 -33.95 -1.85
C LEU C 174 35.14 -32.90 -1.38
N ASP C 175 36.07 -33.30 -0.51
CA ASP C 175 37.14 -32.40 -0.07
C ASP C 175 37.95 -31.81 -1.22
N GLU C 176 38.15 -32.61 -2.27
CA GLU C 176 38.87 -32.13 -3.45
C GLU C 176 38.00 -31.16 -4.26
N PHE C 177 36.73 -31.50 -4.41
CA PHE C 177 35.72 -30.61 -5.01
C PHE C 177 35.74 -29.24 -4.32
N ILE C 178 35.60 -29.24 -2.99
CA ILE C 178 35.63 -28.02 -2.19
C ILE C 178 36.89 -27.19 -2.47
N ALA C 179 38.05 -27.83 -2.40
CA ALA C 179 39.34 -27.16 -2.56
C ALA C 179 39.52 -26.55 -3.95
N ILE C 180 39.03 -27.24 -4.98
CA ILE C 180 39.07 -26.71 -6.34
C ILE C 180 38.26 -25.43 -6.42
N GLN C 181 37.03 -25.49 -5.88
CA GLN C 181 36.14 -24.33 -5.86
C GLN C 181 36.79 -23.17 -5.12
N LYS C 182 37.41 -23.45 -3.98
CA LYS C 182 38.10 -22.43 -3.19
C LYS C 182 39.34 -21.89 -3.91
N GLU C 183 40.08 -22.77 -4.56
CA GLU C 183 41.29 -22.40 -5.31
C GLU C 183 40.98 -21.49 -6.48
N GLU C 184 39.92 -21.81 -7.20
CA GLU C 184 39.64 -21.16 -8.47
C GLU C 184 38.78 -19.91 -8.34
N ALA C 185 37.91 -19.89 -7.31
CA ALA C 185 36.94 -18.80 -7.08
C ALA C 185 36.40 -18.23 -8.40
N SER C 186 35.90 -19.12 -9.25
CA SER C 186 35.68 -18.79 -10.66
C SER C 186 34.22 -18.89 -11.06
N ILE C 187 33.45 -19.67 -10.31
CA ILE C 187 32.04 -19.92 -10.62
C ILE C 187 31.31 -18.61 -10.95
N PRO C 188 30.84 -18.47 -12.20
CA PRO C 188 30.48 -17.13 -12.68
C PRO C 188 29.15 -16.53 -12.19
N TRP C 189 28.08 -17.32 -12.11
CA TRP C 189 26.76 -16.77 -11.74
C TRP C 189 25.81 -17.76 -11.08
N VAL C 190 26.38 -18.80 -10.47
CA VAL C 190 25.57 -19.86 -9.85
C VAL C 190 26.00 -20.25 -8.44
N ASN C 191 25.02 -20.70 -7.65
CA ASN C 191 25.29 -21.45 -6.42
C ASN C 191 25.78 -22.85 -6.80
N THR C 192 26.33 -23.56 -5.82
CA THR C 192 26.83 -24.90 -6.03
C THR C 192 26.50 -25.77 -4.83
N VAL C 193 25.98 -26.96 -5.09
CA VAL C 193 25.76 -27.97 -4.05
C VAL C 193 26.36 -29.32 -4.48
N ALA C 194 27.09 -29.95 -3.57
CA ALA C 194 27.76 -31.20 -3.90
C ALA C 194 27.64 -32.25 -2.80
N VAL C 195 27.71 -33.52 -3.21
CA VAL C 195 27.77 -34.66 -2.30
C VAL C 195 28.89 -35.57 -2.79
N GLY C 196 29.63 -36.16 -1.86
CA GLY C 196 30.73 -37.04 -2.20
C GLY C 196 30.56 -38.43 -1.62
N ARG C 197 31.26 -39.39 -2.20
CA ARG C 197 31.31 -40.76 -1.69
C ARG C 197 31.98 -40.79 -0.30
N GLY C 198 31.34 -41.50 0.63
CA GLY C 198 31.89 -41.69 1.98
C GLY C 198 32.13 -40.41 2.77
N SER C 199 31.42 -39.34 2.39
CA SER C 199 31.50 -38.07 3.07
C SER C 199 30.12 -37.79 3.68
N ALA C 200 30.12 -37.59 5.00
CA ALA C 200 28.88 -37.46 5.76
C ALA C 200 28.13 -36.18 5.42
N LYS C 201 28.89 -35.12 5.15
CA LYS C 201 28.37 -33.78 4.98
C LYS C 201 27.97 -33.50 3.54
N ALA C 202 26.97 -32.65 3.36
CA ALA C 202 26.60 -32.14 2.07
C ALA C 202 27.10 -30.71 1.97
N TRP C 203 27.49 -30.29 0.76
CA TRP C 203 28.13 -29.01 0.55
C TRP C 203 27.21 -28.01 -0.12
N TYR C 204 27.13 -26.82 0.46
CA TYR C 204 26.57 -25.65 -0.24
C TYR C 204 27.60 -24.53 -0.28
N ALA C 205 27.59 -23.78 -1.37
CA ALA C 205 28.44 -22.58 -1.49
C ALA C 205 27.97 -21.64 -2.58
N ASP C 206 28.10 -20.34 -2.31
CA ASP C 206 28.09 -19.34 -3.35
C ASP C 206 29.51 -18.77 -3.45
N ILE C 207 30.48 -19.66 -3.66
CA ILE C 207 31.87 -19.27 -3.89
C ILE C 207 32.17 -19.20 -5.40
N GLY C 208 32.59 -18.04 -5.86
CA GLY C 208 32.90 -17.82 -7.26
C GLY C 208 33.42 -16.41 -7.51
N ALA C 209 33.14 -15.88 -8.70
CA ALA C 209 33.53 -14.53 -9.05
C ALA C 209 32.41 -13.53 -8.77
N VAL C 210 32.68 -12.62 -7.83
CA VAL C 210 31.70 -11.68 -7.30
C VAL C 210 32.38 -10.32 -7.05
N PRO C 211 31.80 -9.22 -7.60
CA PRO C 211 32.34 -7.87 -7.42
C PRO C 211 32.67 -7.57 -5.96
N ASN C 212 33.76 -6.82 -5.72
CA ASN C 212 34.19 -6.53 -4.37
C ASN C 212 34.15 -5.04 -4.01
N VAL C 213 33.14 -4.66 -3.24
CA VAL C 213 32.99 -3.30 -2.74
C VAL C 213 32.74 -3.32 -1.24
N SER C 214 33.23 -2.31 -0.53
CA SER C 214 33.02 -2.24 0.92
C SER C 214 31.77 -1.44 1.22
N PRO C 215 31.12 -1.69 2.38
CA PRO C 215 30.00 -0.85 2.80
C PRO C 215 30.42 0.61 2.92
N ALA C 216 31.64 0.84 3.40
CA ALA C 216 32.21 2.19 3.45
C ALA C 216 32.27 2.79 2.04
N GLN C 217 32.65 1.97 1.07
CA GLN C 217 32.87 2.42 -0.30
C GLN C 217 31.56 2.80 -0.97
N THR C 218 30.53 1.98 -0.76
CA THR C 218 29.23 2.21 -1.41
C THR C 218 28.53 3.46 -0.87
N ALA C 219 28.87 3.84 0.36
CA ALA C 219 28.34 5.06 0.95
C ALA C 219 29.01 6.29 0.35
N ALA C 220 30.27 6.14 -0.09
CA ALA C 220 31.04 7.27 -0.60
C ALA C 220 31.09 7.35 -2.13
N CYS C 221 30.68 6.28 -2.80
CA CYS C 221 30.87 6.17 -4.25
C CYS C 221 29.60 6.17 -5.09
N THR C 222 28.48 5.84 -4.47
CA THR C 222 27.20 5.85 -5.16
C THR C 222 26.86 7.28 -5.57
N THR C 223 26.72 7.51 -6.87
CA THR C 223 26.41 8.82 -7.42
C THR C 223 24.95 9.21 -7.17
N PRO C 224 24.60 10.49 -7.37
CA PRO C 224 23.19 10.86 -7.28
C PRO C 224 22.31 10.05 -8.23
N PHE C 225 22.79 9.76 -9.43
CA PHE C 225 22.07 8.87 -10.33
C PHE C 225 21.98 7.47 -9.73
N GLY C 226 23.10 6.99 -9.20
CA GLY C 226 23.15 5.67 -8.56
C GLY C 226 22.16 5.52 -7.42
N MET C 227 21.98 6.60 -6.66
CA MET C 227 20.98 6.66 -5.59
C MET C 227 19.58 6.63 -6.17
N ALA C 228 19.38 7.41 -7.23
CA ALA C 228 18.07 7.59 -7.86
C ALA C 228 17.54 6.32 -8.54
N VAL C 229 18.45 5.52 -9.08
CA VAL C 229 18.05 4.32 -9.83
C VAL C 229 18.37 3.06 -9.01
N GLY C 230 18.84 3.28 -7.79
CA GLY C 230 19.33 2.21 -6.93
C GLY C 230 18.37 1.06 -6.66
N GLN C 231 17.08 1.37 -6.55
CA GLN C 231 16.08 0.36 -6.23
C GLN C 231 15.75 -0.53 -7.44
N ALA C 232 15.95 0.00 -8.65
CA ALA C 232 15.72 -0.78 -9.87
C ALA C 232 16.86 -1.77 -10.10
N LEU C 233 18.01 -1.46 -9.51
CA LEU C 233 19.20 -2.32 -9.60
C LEU C 233 19.70 -2.71 -8.21
N PRO C 234 18.96 -3.61 -7.52
CA PRO C 234 19.23 -3.85 -6.10
C PRO C 234 20.59 -4.51 -5.88
N ASN C 235 21.40 -3.87 -5.04
CA ASN C 235 22.77 -4.32 -4.70
C ASN C 235 23.75 -4.25 -5.85
N VAL C 236 23.45 -3.46 -6.86
CA VAL C 236 24.36 -3.25 -7.97
C VAL C 236 25.21 -2.00 -7.69
N PRO C 237 26.55 -2.17 -7.59
CA PRO C 237 27.40 -1.00 -7.32
C PRO C 237 27.36 -0.02 -8.48
N PHE C 238 26.66 1.09 -8.27
CA PHE C 238 26.58 2.16 -9.24
C PHE C 238 27.57 3.23 -8.79
N PHE C 239 28.84 3.06 -9.13
CA PHE C 239 29.91 3.88 -8.55
C PHE C 239 30.41 5.02 -9.42
N ASP C 240 31.15 5.93 -8.79
CA ASP C 240 31.81 7.05 -9.45
C ASP C 240 33.11 6.58 -10.11
N GLY C 241 33.17 6.69 -11.44
CA GLY C 241 34.36 6.30 -12.20
C GLY C 241 35.47 7.34 -12.18
N SER C 242 35.16 8.55 -11.72
CA SER C 242 36.13 9.63 -11.63
C SER C 242 37.12 9.46 -10.48
N ARG C 243 36.69 8.80 -9.41
CA ARG C 243 37.54 8.61 -8.25
C ARG C 243 38.06 7.16 -8.20
N SER C 244 39.38 7.02 -8.09
CA SER C 244 40.02 5.71 -8.13
C SER C 244 39.86 4.92 -6.82
N GLU C 245 39.47 5.62 -5.75
CA GLU C 245 39.13 4.95 -4.48
C GLU C 245 37.86 4.13 -4.60
N CYS C 246 37.09 4.39 -5.66
CA CYS C 246 35.85 3.66 -5.96
C CYS C 246 36.06 2.39 -6.79
N ASP C 247 37.29 2.16 -7.29
CA ASP C 247 37.63 0.91 -7.97
C ASP C 247 37.38 -0.27 -7.06
N TRP C 248 36.90 -1.37 -7.64
CA TRP C 248 36.61 -2.57 -6.85
C TRP C 248 37.84 -3.03 -6.09
N LEU C 249 37.65 -3.38 -4.81
CA LEU C 249 38.76 -3.73 -3.93
C LEU C 249 39.27 -5.17 -4.15
N THR C 250 40.41 -5.49 -3.54
CA THR C 250 41.01 -6.81 -3.66
C THR C 250 41.48 -7.27 -2.29
N ASP C 251 40.83 -8.31 -1.75
CA ASP C 251 41.19 -8.85 -0.43
C ASP C 251 42.48 -9.67 -0.48
N ALA C 252 43.07 -9.94 0.69
CA ALA C 252 44.31 -10.72 0.80
C ALA C 252 44.21 -12.16 0.27
N ASP C 253 42.99 -12.72 0.27
CA ASP C 253 42.74 -14.07 -0.24
C ASP C 253 41.88 -14.01 -1.51
N SER C 254 41.90 -12.84 -2.14
CA SER C 254 41.17 -12.61 -3.38
C SER C 254 41.94 -13.21 -4.56
N VAL C 255 41.28 -14.10 -5.28
CA VAL C 255 41.88 -14.80 -6.41
C VAL C 255 42.06 -13.88 -7.62
N GLN C 256 41.13 -12.95 -7.78
CA GLN C 256 41.10 -12.07 -8.95
C GLN C 256 40.98 -10.60 -8.53
N LYS C 257 41.71 -9.72 -9.22
CA LYS C 257 41.59 -8.27 -9.02
C LYS C 257 40.12 -7.83 -9.11
N GLY C 258 39.65 -7.11 -8.09
CA GLY C 258 38.27 -6.61 -8.07
C GLY C 258 37.20 -7.58 -7.60
N ALA C 259 37.60 -8.82 -7.29
CA ALA C 259 36.67 -9.83 -6.80
C ALA C 259 36.77 -10.03 -5.29
N VAL C 260 35.80 -10.74 -4.72
CA VAL C 260 35.75 -10.97 -3.27
C VAL C 260 36.70 -12.12 -2.88
N GLY C 261 37.37 -11.95 -1.74
CA GLY C 261 38.22 -12.99 -1.18
C GLY C 261 37.46 -14.23 -0.75
N VAL C 262 38.12 -15.38 -0.85
CA VAL C 262 37.47 -16.68 -0.71
C VAL C 262 36.82 -16.96 0.64
N SER C 263 37.38 -16.37 1.70
CA SER C 263 36.87 -16.57 3.06
C SER C 263 35.65 -15.72 3.38
N ARG C 264 35.38 -14.71 2.56
CA ARG C 264 34.23 -13.84 2.78
C ARG C 264 33.07 -14.19 1.84
N MET C 265 33.10 -15.40 1.30
CA MET C 265 32.02 -15.91 0.45
C MET C 265 31.30 -17.06 1.15
N PRO C 266 29.95 -17.08 1.10
CA PRO C 266 29.15 -18.00 1.89
C PRO C 266 29.27 -19.45 1.46
N SER C 267 29.41 -20.33 2.46
CA SER C 267 29.40 -21.77 2.24
C SER C 267 28.85 -22.43 3.49
N LEU C 268 28.42 -23.68 3.37
CA LEU C 268 27.89 -24.43 4.52
C LEU C 268 27.97 -25.93 4.33
N GLN C 269 28.34 -26.63 5.39
CA GLN C 269 28.32 -28.09 5.42
C GLN C 269 27.32 -28.61 6.45
N ARG C 270 26.46 -29.53 6.01
CA ARG C 270 25.44 -30.14 6.86
C ARG C 270 25.37 -31.64 6.60
N ASP C 271 25.18 -32.44 7.64
CA ASP C 271 24.99 -33.88 7.43
C ASP C 271 23.51 -34.24 7.20
N ASP C 272 22.63 -33.25 7.33
CA ASP C 272 21.21 -33.47 7.08
C ASP C 272 20.80 -33.03 5.67
N TYR C 273 20.81 -31.73 5.38
CA TYR C 273 20.59 -31.26 4.00
C TYR C 273 21.04 -29.83 3.81
N VAL C 274 21.43 -29.49 2.59
CA VAL C 274 21.46 -28.11 2.12
C VAL C 274 20.55 -28.06 0.88
N GLY C 275 19.95 -26.91 0.65
CA GLY C 275 19.10 -26.74 -0.52
C GLY C 275 19.13 -25.30 -0.96
N ASN C 276 18.74 -25.08 -2.20
CA ASN C 276 18.54 -23.72 -2.70
C ASN C 276 17.57 -23.76 -3.88
N MET C 277 16.70 -22.74 -3.93
CA MET C 277 15.69 -22.61 -4.98
C MET C 277 15.68 -21.18 -5.49
N ASN C 278 16.87 -20.61 -5.65
CA ASN C 278 17.10 -19.29 -6.27
C ASN C 278 17.14 -18.09 -5.34
N ASP C 279 16.64 -18.24 -4.11
CA ASP C 279 16.88 -17.23 -3.08
C ASP C 279 18.33 -17.23 -2.63
N SER C 280 18.70 -16.21 -1.86
CA SER C 280 20.09 -16.00 -1.46
C SER C 280 20.67 -17.17 -0.68
N TYR C 281 21.95 -17.06 -0.33
CA TYR C 281 22.66 -18.04 0.47
C TYR C 281 22.01 -18.27 1.84
N TRP C 282 21.25 -17.27 2.29
CA TRP C 282 20.74 -17.18 3.65
C TRP C 282 20.25 -18.49 4.18
N LEU C 283 19.35 -19.12 3.42
CA LEU C 283 18.63 -20.27 3.91
C LEU C 283 19.05 -21.59 3.26
N ALA C 284 20.35 -21.74 3.01
CA ALA C 284 20.91 -23.01 2.54
C ALA C 284 20.42 -24.18 3.42
N ASN C 285 20.37 -23.96 4.72
CA ASN C 285 19.67 -24.87 5.61
C ASN C 285 18.83 -24.06 6.56
N VAL C 286 17.56 -24.43 6.66
CA VAL C 286 16.58 -23.73 7.49
C VAL C 286 16.94 -23.69 8.99
N HIS C 287 17.50 -24.78 9.50
CA HIS C 287 17.88 -24.89 10.91
C HIS C 287 19.11 -24.13 11.28
N ALA C 288 19.98 -23.86 10.31
CA ALA C 288 21.21 -23.10 10.56
C ALA C 288 21.43 -22.03 9.49
N PRO C 289 20.75 -20.88 9.62
CA PRO C 289 20.90 -19.78 8.66
C PRO C 289 22.33 -19.23 8.54
N LEU C 290 22.70 -18.80 7.34
CA LEU C 290 23.98 -18.14 7.09
C LEU C 290 23.80 -16.62 7.09
N THR C 291 24.58 -15.93 7.90
CA THR C 291 24.54 -14.47 8.01
C THR C 291 25.95 -13.90 8.03
N GLY C 292 26.08 -12.62 7.69
CA GLY C 292 27.32 -11.87 7.87
C GLY C 292 28.26 -11.89 6.68
N TYR C 293 27.68 -11.89 5.47
CA TYR C 293 28.43 -11.84 4.21
C TYR C 293 28.13 -10.54 3.46
N PRO C 294 28.98 -10.16 2.50
CA PRO C 294 28.77 -8.91 1.77
C PRO C 294 27.35 -8.74 1.19
N ALA C 295 26.83 -7.52 1.31
CA ALA C 295 25.54 -7.13 0.76
C ALA C 295 25.25 -7.70 -0.65
N ILE C 296 26.30 -7.81 -1.47
CA ILE C 296 26.11 -8.09 -2.89
C ILE C 296 25.57 -9.50 -3.18
N PHE C 297 25.70 -10.40 -2.20
CA PHE C 297 25.20 -11.76 -2.33
C PHE C 297 23.68 -11.85 -2.15
N GLY C 298 23.08 -10.73 -1.75
CA GLY C 298 21.62 -10.66 -1.61
C GLY C 298 21.16 -10.71 -0.16
N PRO C 299 19.85 -10.55 0.07
CA PRO C 299 19.30 -10.39 1.43
C PRO C 299 19.46 -11.64 2.27
N ALA C 300 20.06 -11.48 3.44
CA ALA C 300 20.17 -12.57 4.39
C ALA C 300 19.10 -12.44 5.48
N GLY C 301 17.85 -12.65 5.10
CA GLY C 301 16.73 -12.64 6.05
C GLY C 301 16.00 -11.33 6.20
N THR C 302 16.29 -10.38 5.31
CA THR C 302 15.60 -9.08 5.29
C THR C 302 14.51 -9.03 4.22
N SER C 303 14.32 -10.14 3.54
CA SER C 303 13.29 -10.26 2.51
C SER C 303 12.51 -11.54 2.67
N ALA C 304 11.22 -11.44 2.40
CA ALA C 304 10.40 -12.64 2.20
C ALA C 304 11.08 -13.57 1.18
N GLN C 305 11.07 -14.86 1.47
CA GLN C 305 11.48 -15.85 0.49
C GLN C 305 10.38 -15.99 -0.55
N THR C 306 10.73 -16.52 -1.72
CA THR C 306 9.72 -16.77 -2.73
C THR C 306 8.88 -17.97 -2.29
N LEU C 307 7.71 -18.12 -2.91
CA LEU C 307 6.84 -19.28 -2.65
C LEU C 307 7.54 -20.60 -2.96
N ARG C 308 8.30 -20.64 -4.07
CA ARG C 308 9.03 -21.85 -4.45
C ARG C 308 10.04 -22.26 -3.37
N THR C 309 10.82 -21.28 -2.90
CA THR C 309 11.76 -21.49 -1.79
C THR C 309 11.06 -22.04 -0.55
N ARG C 310 9.89 -21.48 -0.23
CA ARG C 310 9.11 -21.98 0.90
C ARG C 310 8.67 -23.43 0.66
N MET C 311 8.24 -23.72 -0.57
CA MET C 311 7.89 -25.08 -0.98
C MET C 311 9.09 -26.02 -0.86
N GLY C 312 10.25 -25.57 -1.36
CA GLY C 312 11.45 -26.39 -1.38
C GLY C 312 11.88 -26.86 -0.02
N HIS C 313 12.11 -25.93 0.89
CA HIS C 313 12.51 -26.28 2.25
C HIS C 313 11.46 -27.08 2.97
N THR C 314 10.19 -26.69 2.80
CA THR C 314 9.08 -27.44 3.40
C THR C 314 9.17 -28.93 3.01
N MET C 315 9.31 -29.18 1.72
CA MET C 315 9.47 -30.54 1.21
C MET C 315 10.60 -31.28 1.95
N ALA C 316 11.75 -30.62 2.11
CA ALA C 316 12.90 -31.23 2.78
C ALA C 316 12.64 -31.52 4.26
N LEU C 317 12.03 -30.59 4.98
CA LEU C 317 11.74 -30.82 6.39
C LEU C 317 10.74 -31.95 6.58
N GLU C 318 9.63 -31.86 5.87
CA GLU C 318 8.55 -32.86 5.97
C GLU C 318 8.95 -34.25 5.53
N ARG C 319 9.92 -34.34 4.61
CA ARG C 319 10.52 -35.63 4.29
C ARG C 319 11.22 -36.21 5.53
N LEU C 320 12.07 -35.40 6.16
CA LEU C 320 12.87 -35.86 7.31
C LEU C 320 12.04 -36.02 8.58
N ALA C 321 10.92 -35.30 8.66
CA ALA C 321 9.93 -35.52 9.72
C ALA C 321 9.10 -36.78 9.43
N GLY C 322 9.15 -37.24 8.19
CA GLY C 322 8.33 -38.37 7.74
C GLY C 322 6.86 -38.01 7.73
N THR C 323 6.53 -36.79 7.30
CA THR C 323 5.15 -36.30 7.34
C THR C 323 4.60 -35.95 5.95
N ASP C 324 5.31 -36.37 4.90
CA ASP C 324 4.95 -35.95 3.55
C ASP C 324 4.09 -36.97 2.75
N GLY C 325 3.70 -38.06 3.39
CA GLY C 325 2.95 -39.11 2.70
C GLY C 325 3.82 -40.22 2.16
N TYR C 326 5.11 -39.95 1.93
CA TYR C 326 6.08 -40.97 1.52
C TYR C 326 6.48 -41.88 2.70
N ALA C 327 7.08 -43.02 2.37
CA ALA C 327 7.53 -44.00 3.34
C ALA C 327 8.73 -43.49 4.15
N GLY C 328 8.85 -43.99 5.38
CA GLY C 328 10.01 -43.68 6.24
C GLY C 328 10.25 -42.20 6.45
N ASN C 329 11.44 -41.85 6.95
CA ASN C 329 11.77 -40.46 7.18
C ASN C 329 13.13 -40.09 6.61
N LYS C 330 13.59 -40.89 5.65
CA LYS C 330 14.90 -40.71 5.04
C LYS C 330 14.84 -40.26 3.59
N ALA C 331 15.80 -39.42 3.20
CA ALA C 331 15.89 -38.94 1.83
C ALA C 331 16.73 -39.87 0.97
N THR C 332 16.16 -41.04 0.65
CA THR C 332 16.86 -42.03 -0.16
C THR C 332 16.65 -41.72 -1.62
N SER C 333 17.61 -42.14 -2.45
CA SER C 333 17.50 -41.99 -3.90
C SER C 333 16.06 -42.22 -4.39
N ALA C 334 15.49 -43.37 -4.04
CA ALA C 334 14.16 -43.75 -4.53
C ALA C 334 13.06 -42.78 -4.13
N VAL C 335 13.06 -42.36 -2.86
CA VAL C 335 12.06 -41.42 -2.38
C VAL C 335 12.23 -40.03 -3.00
N VAL C 336 13.46 -39.54 -3.06
CA VAL C 336 13.74 -38.25 -3.68
C VAL C 336 13.20 -38.20 -5.12
N ARG C 337 13.33 -39.29 -5.86
CA ARG C 337 12.87 -39.39 -7.24
C ARG C 337 11.38 -39.13 -7.39
N GLU C 338 10.58 -39.73 -6.50
CA GLU C 338 9.14 -39.50 -6.46
C GLU C 338 8.81 -38.10 -5.96
N MET C 339 9.44 -37.74 -4.85
CA MET C 339 9.17 -36.49 -4.12
C MET C 339 9.25 -35.22 -4.97
N VAL C 340 10.26 -35.14 -5.85
CA VAL C 340 10.55 -33.91 -6.59
C VAL C 340 9.64 -33.72 -7.81
N LEU C 341 8.80 -34.71 -8.07
CA LEU C 341 7.83 -34.64 -9.16
C LEU C 341 6.39 -34.52 -8.67
N GLY C 342 6.20 -34.58 -7.34
CA GLY C 342 4.88 -34.61 -6.72
C GLY C 342 3.96 -33.44 -7.04
N SER C 343 4.56 -32.33 -7.48
CA SER C 343 3.86 -31.16 -8.02
C SER C 343 2.91 -30.47 -7.04
N ARG C 344 3.30 -30.47 -5.77
CA ARG C 344 2.62 -29.69 -4.74
C ARG C 344 2.60 -28.22 -5.11
N VAL C 345 1.58 -27.51 -4.65
CA VAL C 345 1.37 -26.12 -5.01
C VAL C 345 1.26 -25.31 -3.72
N PHE C 346 2.34 -24.61 -3.38
CA PHE C 346 2.41 -23.93 -2.10
C PHE C 346 1.22 -22.99 -1.88
N SER C 347 0.91 -22.17 -2.89
CA SER C 347 -0.12 -21.16 -2.72
C SER C 347 -1.47 -21.79 -2.43
N ALA C 348 -1.74 -22.90 -3.12
CA ALA C 348 -2.98 -23.65 -2.88
C ALA C 348 -3.00 -24.28 -1.48
N GLU C 349 -1.96 -25.03 -1.13
CA GLU C 349 -1.90 -25.68 0.17
C GLU C 349 -2.04 -24.69 1.33
N ARG C 350 -1.55 -23.46 1.14
CA ARG C 350 -1.49 -22.52 2.24
C ARG C 350 -2.61 -21.49 2.26
N PHE C 351 -3.12 -21.14 1.07
CA PHE C 351 -4.09 -20.04 0.96
C PHE C 351 -5.43 -20.36 0.28
N LYS C 352 -5.57 -21.55 -0.33
CA LYS C 352 -6.81 -21.86 -1.06
C LYS C 352 -8.04 -21.79 -0.18
N ASP C 353 -8.03 -22.56 0.90
CA ASP C 353 -9.14 -22.59 1.84
C ASP C 353 -9.55 -21.21 2.37
N GLU C 354 -8.58 -20.36 2.73
CA GLU C 354 -8.86 -19.00 3.20
C GLU C 354 -9.54 -18.16 2.12
N VAL C 355 -9.04 -18.30 0.88
CA VAL C 355 -9.62 -17.59 -0.25
C VAL C 355 -11.04 -18.09 -0.50
N LEU C 356 -11.21 -19.40 -0.57
CA LEU C 356 -12.53 -19.99 -0.80
C LEU C 356 -13.51 -19.60 0.29
N ASP C 357 -13.06 -19.57 1.54
CA ASP C 357 -13.93 -19.21 2.67
C ASP C 357 -14.34 -17.74 2.59
N LEU C 358 -13.41 -16.91 2.13
CA LEU C 358 -13.60 -15.48 2.06
C LEU C 358 -14.53 -15.01 0.94
N ILE C 359 -14.49 -15.68 -0.21
CA ILE C 359 -15.20 -15.17 -1.39
C ILE C 359 -16.33 -16.09 -1.90
N CYS C 360 -16.39 -17.32 -1.42
CA CYS C 360 -17.38 -18.28 -1.93
C CYS C 360 -18.74 -18.30 -1.21
N THR C 361 -18.91 -17.49 -0.15
CA THR C 361 -20.23 -17.40 0.48
C THR C 361 -20.76 -15.97 0.53
N PRO C 362 -21.71 -15.63 -0.36
CA PRO C 362 -22.27 -16.54 -1.38
C PRO C 362 -21.42 -16.59 -2.64
N ALA C 363 -21.76 -17.50 -3.56
CA ALA C 363 -21.00 -17.73 -4.79
C ALA C 363 -21.52 -16.98 -6.04
N GLN C 364 -22.68 -16.35 -5.93
CA GLN C 364 -23.17 -15.44 -6.99
C GLN C 364 -22.74 -14.04 -6.59
N TRP C 365 -22.06 -13.33 -7.50
CA TRP C 365 -21.42 -12.06 -7.13
C TRP C 365 -21.81 -10.89 -7.99
N THR C 366 -21.51 -9.70 -7.49
CA THR C 366 -21.43 -8.51 -8.34
C THR C 366 -19.97 -8.05 -8.46
N VAL C 367 -19.45 -8.12 -9.68
CA VAL C 367 -18.07 -7.74 -9.99
C VAL C 367 -18.09 -6.66 -11.07
N ASN C 368 -17.63 -5.47 -10.71
CA ASN C 368 -17.64 -4.32 -11.61
C ASN C 368 -19.05 -4.09 -12.18
N GLY C 369 -20.03 -4.19 -11.29
CA GLY C 369 -21.43 -3.91 -11.58
C GLY C 369 -22.14 -5.01 -12.36
N ALA C 370 -21.54 -6.20 -12.38
CA ALA C 370 -21.97 -7.29 -13.24
C ALA C 370 -22.15 -8.58 -12.48
N ALA C 371 -23.21 -9.32 -12.83
CA ALA C 371 -23.55 -10.59 -12.20
C ALA C 371 -22.61 -11.68 -12.68
N VAL C 372 -21.98 -12.37 -11.71
CA VAL C 372 -21.01 -13.42 -11.99
C VAL C 372 -21.37 -14.64 -11.15
N ASP C 373 -21.56 -15.77 -11.82
CA ASP C 373 -21.85 -17.03 -11.12
C ASP C 373 -20.56 -17.82 -10.90
N ALA C 374 -20.13 -17.91 -9.66
CA ALA C 374 -18.84 -18.57 -9.36
C ALA C 374 -18.99 -19.87 -8.57
N ALA C 375 -20.20 -20.45 -8.58
CA ALA C 375 -20.49 -21.71 -7.87
C ALA C 375 -19.63 -22.87 -8.38
N GLN C 376 -19.60 -23.06 -9.69
CA GLN C 376 -18.78 -24.10 -10.29
C GLN C 376 -17.30 -23.91 -9.97
N ALA C 377 -16.80 -22.68 -10.17
CA ALA C 377 -15.41 -22.37 -9.84
C ALA C 377 -15.10 -22.71 -8.39
N CYS C 378 -15.92 -22.22 -7.47
CA CYS C 378 -15.74 -22.46 -6.03
C CYS C 378 -15.72 -23.93 -5.69
N ALA C 379 -16.66 -24.70 -6.24
CA ALA C 379 -16.77 -26.14 -5.97
C ALA C 379 -15.60 -26.95 -6.52
N VAL C 380 -15.18 -26.63 -7.75
CA VAL C 380 -14.07 -27.34 -8.41
C VAL C 380 -12.75 -27.12 -7.67
N LEU C 381 -12.56 -25.89 -7.19
CA LEU C 381 -11.36 -25.54 -6.44
C LEU C 381 -11.38 -26.15 -5.05
N ALA C 382 -12.57 -26.29 -4.45
CA ALA C 382 -12.70 -26.97 -3.17
C ALA C 382 -12.33 -28.44 -3.31
N ALA C 383 -12.75 -29.06 -4.40
CA ALA C 383 -12.55 -30.49 -4.65
C ALA C 383 -11.12 -30.82 -5.07
N TRP C 384 -10.41 -29.84 -5.61
CA TRP C 384 -9.07 -30.01 -6.16
C TRP C 384 -8.04 -30.36 -5.12
N ASP C 385 -7.05 -31.17 -5.53
CA ASP C 385 -6.05 -31.74 -4.62
C ASP C 385 -4.81 -30.85 -4.35
N ASN C 386 -4.88 -29.57 -4.74
CA ASN C 386 -3.78 -28.60 -4.57
C ASN C 386 -2.46 -29.05 -5.23
N ARG C 387 -2.58 -29.91 -6.24
CA ARG C 387 -1.43 -30.42 -6.95
C ARG C 387 -1.58 -30.16 -8.42
N GLY C 388 -0.46 -30.17 -9.13
CA GLY C 388 -0.45 -30.08 -10.57
C GLY C 388 -0.04 -31.39 -11.22
N ARG C 389 -0.59 -32.51 -10.74
CA ARG C 389 -0.37 -33.81 -11.35
C ARG C 389 -1.20 -33.91 -12.63
N LYS C 390 -0.86 -34.89 -13.49
CA LYS C 390 -1.53 -35.08 -14.78
C LYS C 390 -3.04 -35.18 -14.67
N ASP C 391 -3.53 -35.73 -13.56
CA ASP C 391 -4.97 -35.89 -13.38
C ASP C 391 -5.59 -35.01 -12.29
N SER C 392 -4.81 -34.07 -11.77
CA SER C 392 -5.35 -32.99 -10.94
C SER C 392 -6.38 -32.17 -11.74
N ARG C 393 -7.54 -31.94 -11.13
CA ARG C 393 -8.63 -31.26 -11.82
C ARG C 393 -8.88 -29.86 -11.25
N GLY C 394 -8.76 -28.85 -12.11
CA GLY C 394 -8.95 -27.47 -11.70
C GLY C 394 -7.66 -26.69 -11.44
N SER C 395 -6.52 -27.37 -11.55
CA SER C 395 -5.22 -26.76 -11.25
C SER C 395 -4.93 -25.53 -12.10
N HIS C 396 -5.40 -25.54 -13.35
CA HIS C 396 -5.19 -24.44 -14.29
C HIS C 396 -6.05 -23.26 -13.94
N LEU C 397 -7.23 -23.51 -13.37
CA LEU C 397 -8.07 -22.44 -12.83
C LEU C 397 -7.28 -21.65 -11.80
N TRP C 398 -6.68 -22.38 -10.86
CA TRP C 398 -5.85 -21.78 -9.82
C TRP C 398 -4.70 -20.98 -10.37
N ASP C 399 -4.06 -21.47 -11.43
CA ASP C 399 -2.95 -20.77 -12.07
C ASP C 399 -3.37 -19.39 -12.59
N GLU C 400 -4.51 -19.36 -13.28
CA GLU C 400 -5.05 -18.16 -13.90
C GLU C 400 -5.58 -17.17 -12.88
N PHE C 401 -5.91 -17.68 -11.68
CA PHE C 401 -6.44 -16.85 -10.61
C PHE C 401 -5.29 -16.23 -9.83
N TRP C 402 -4.43 -17.10 -9.29
CA TRP C 402 -3.39 -16.69 -8.35
C TRP C 402 -2.42 -15.70 -8.94
N SER C 403 -2.03 -15.93 -10.19
CA SER C 403 -1.11 -15.05 -10.89
C SER C 403 -1.71 -13.67 -11.19
N ARG C 404 -2.99 -13.49 -10.83
CA ARG C 404 -3.70 -12.23 -11.08
C ARG C 404 -4.10 -11.54 -9.80
N VAL C 405 -3.93 -12.23 -8.68
CA VAL C 405 -4.21 -11.64 -7.37
C VAL C 405 -3.26 -10.47 -7.14
N PRO C 406 -3.81 -9.27 -6.81
CA PRO C 406 -2.91 -8.16 -6.50
C PRO C 406 -2.23 -8.43 -5.16
N THR C 407 -0.91 -8.26 -5.14
CA THR C 407 -0.08 -8.64 -4.00
C THR C 407 0.04 -7.55 -2.92
N ALA C 408 -0.42 -6.35 -3.22
CA ALA C 408 -0.39 -5.24 -2.27
C ALA C 408 -1.41 -5.50 -1.18
N SER C 409 -0.95 -5.53 0.06
CA SER C 409 -1.79 -5.79 1.22
C SER C 409 -2.56 -7.12 1.11
N LEU C 410 -1.97 -8.10 0.43
CA LEU C 410 -2.57 -9.43 0.32
C LEU C 410 -2.54 -10.22 1.64
N PHE C 411 -1.38 -10.26 2.29
CA PHE C 411 -1.23 -11.00 3.54
C PHE C 411 -1.32 -10.06 4.73
N THR C 412 -2.01 -10.48 5.79
CA THR C 412 -2.07 -9.68 7.03
C THR C 412 -0.96 -10.03 8.04
N VAL C 413 -0.36 -11.20 7.91
CA VAL C 413 0.78 -11.60 8.76
C VAL C 413 2.08 -11.40 7.98
N PRO C 414 2.83 -10.30 8.24
CA PRO C 414 4.01 -9.96 7.45
C PRO C 414 5.14 -10.98 7.59
N PHE C 415 6.14 -10.88 6.72
CA PHE C 415 7.31 -11.76 6.78
C PHE C 415 8.08 -11.62 8.09
N SER C 416 8.40 -12.76 8.71
CA SER C 416 9.21 -12.78 9.92
C SER C 416 10.41 -13.69 9.73
N ALA C 417 11.61 -13.14 9.89
CA ALA C 417 12.86 -13.88 9.72
C ALA C 417 12.89 -15.14 10.59
N ALA C 418 12.20 -15.08 11.72
CA ALA C 418 12.08 -16.20 12.66
C ALA C 418 11.27 -17.33 12.07
N ASP C 419 10.36 -17.01 11.15
CA ASP C 419 9.46 -18.00 10.58
C ASP C 419 9.37 -17.86 9.05
N PRO C 420 10.47 -18.14 8.33
CA PRO C 420 10.52 -17.77 6.91
C PRO C 420 9.69 -18.67 5.98
N LEU C 421 9.30 -19.85 6.47
CA LEU C 421 8.50 -20.77 5.67
C LEU C 421 7.00 -20.49 5.76
N ASN C 422 6.55 -19.92 6.88
CA ASN C 422 5.13 -19.63 7.07
C ASN C 422 4.75 -18.16 6.99
N THR C 423 5.71 -17.29 6.69
CA THR C 423 5.44 -15.86 6.55
C THR C 423 5.95 -15.35 5.20
N PRO C 424 5.19 -14.46 4.53
CA PRO C 424 3.91 -13.89 4.96
C PRO C 424 2.76 -14.88 4.78
N ARG C 425 1.68 -14.66 5.52
CA ARG C 425 0.44 -15.43 5.35
C ARG C 425 -0.74 -14.62 5.88
N GLY C 426 -1.93 -15.22 5.87
CA GLY C 426 -3.14 -14.57 6.37
C GLY C 426 -3.71 -13.71 5.26
N ILE C 427 -4.61 -14.30 4.47
CA ILE C 427 -5.25 -13.59 3.36
C ILE C 427 -6.12 -12.48 3.92
N ASN C 428 -5.86 -11.27 3.47
CA ASN C 428 -6.55 -10.09 3.94
C ASN C 428 -8.03 -10.10 3.56
N ALA C 429 -8.90 -10.06 4.57
CA ALA C 429 -10.34 -9.95 4.33
C ALA C 429 -10.73 -8.72 3.48
N ALA C 430 -9.97 -7.63 3.59
CA ALA C 430 -10.18 -6.42 2.77
C ALA C 430 -9.88 -6.62 1.27
N ALA C 431 -9.25 -7.75 0.92
CA ALA C 431 -8.93 -8.03 -0.48
C ALA C 431 -10.05 -8.81 -1.21
N ALA C 432 -11.14 -9.09 -0.50
CA ALA C 432 -12.25 -9.90 -1.02
C ALA C 432 -12.72 -9.57 -2.42
N ASP C 433 -12.88 -8.28 -2.71
CA ASP C 433 -13.37 -7.79 -4.01
C ASP C 433 -12.36 -7.93 -5.13
N ALA C 434 -11.10 -7.65 -4.80
CA ALA C 434 -10.01 -7.82 -5.75
C ALA C 434 -9.84 -9.31 -6.08
N LEU C 435 -10.02 -10.16 -5.07
CA LEU C 435 -9.92 -11.61 -5.25
C LEU C 435 -11.06 -12.12 -6.11
N ARG C 436 -12.25 -11.56 -5.88
CA ARG C 436 -13.40 -11.86 -6.73
C ARG C 436 -13.13 -11.39 -8.16
N GLN C 437 -12.53 -10.20 -8.31
CA GLN C 437 -12.16 -9.69 -9.63
C GLN C 437 -11.22 -10.66 -10.35
N ALA C 438 -10.14 -11.02 -9.66
CA ALA C 438 -9.17 -11.97 -10.18
C ALA C 438 -9.81 -13.30 -10.55
N MET C 439 -10.69 -13.82 -9.70
CA MET C 439 -11.36 -15.09 -9.98
C MET C 439 -12.30 -15.01 -11.19
N ALA C 440 -13.09 -13.94 -11.24
CA ALA C 440 -13.94 -13.67 -12.40
C ALA C 440 -13.10 -13.74 -13.67
N THR C 441 -11.99 -13.00 -13.72
CA THR C 441 -11.08 -13.03 -14.88
C THR C 441 -10.60 -14.45 -15.22
N ALA C 442 -10.09 -15.15 -14.22
CA ALA C 442 -9.69 -16.55 -14.36
C ALA C 442 -10.76 -17.43 -15.00
N ILE C 443 -12.01 -17.35 -14.51
CA ILE C 443 -13.11 -18.11 -15.09
C ILE C 443 -13.29 -17.79 -16.58
N ALA C 444 -13.12 -16.51 -16.93
CA ALA C 444 -13.25 -16.08 -18.31
C ALA C 444 -12.10 -16.63 -19.19
N ARG C 445 -10.86 -16.49 -18.72
CA ARG C 445 -9.71 -16.95 -19.50
C ARG C 445 -9.80 -18.45 -19.81
N VAL C 446 -10.11 -19.26 -18.79
CA VAL C 446 -10.31 -20.71 -18.97
C VAL C 446 -11.47 -20.97 -19.94
N GLY C 447 -12.51 -20.15 -19.82
CA GLY C 447 -13.65 -20.18 -20.72
C GLY C 447 -13.26 -19.99 -22.17
N GLN C 448 -12.39 -19.01 -22.43
CA GLN C 448 -11.91 -18.74 -23.79
C GLN C 448 -11.08 -19.90 -24.31
N SER C 449 -10.30 -20.50 -23.40
CA SER C 449 -9.35 -21.54 -23.74
C SER C 449 -10.04 -22.81 -24.23
N GLY C 450 -11.32 -22.97 -23.90
CA GLY C 450 -12.05 -24.17 -24.30
C GLY C 450 -11.86 -25.38 -23.40
N TYR C 451 -10.98 -25.27 -22.40
CA TYR C 451 -10.89 -26.26 -21.33
C TYR C 451 -11.99 -26.04 -20.29
N ALA C 452 -12.57 -27.13 -19.80
CA ALA C 452 -13.50 -27.07 -18.68
C ALA C 452 -12.73 -26.63 -17.41
N LEU C 453 -13.46 -26.08 -16.44
CA LEU C 453 -12.83 -25.63 -15.21
C LEU C 453 -12.20 -26.81 -14.48
N ASP C 454 -12.80 -27.98 -14.64
CA ASP C 454 -12.32 -29.17 -13.95
C ASP C 454 -11.49 -30.11 -14.85
N ALA C 455 -10.92 -29.55 -15.92
CA ALA C 455 -10.12 -30.35 -16.84
C ALA C 455 -8.91 -30.90 -16.11
N PRO C 456 -8.52 -32.15 -16.44
CA PRO C 456 -7.30 -32.68 -15.82
C PRO C 456 -6.09 -31.91 -16.34
N ARG C 457 -5.14 -31.59 -15.47
CA ARG C 457 -3.96 -30.82 -15.87
C ARG C 457 -3.27 -31.41 -17.12
N GLY C 458 -3.16 -32.74 -17.16
CA GLY C 458 -2.55 -33.43 -18.29
C GLY C 458 -3.05 -33.05 -19.70
N GLU C 459 -4.28 -32.58 -19.80
CA GLU C 459 -4.79 -32.17 -21.11
C GLU C 459 -4.50 -30.70 -21.42
N VAL C 460 -4.13 -29.95 -20.38
CA VAL C 460 -3.81 -28.53 -20.48
C VAL C 460 -2.30 -28.35 -20.61
N LEU C 461 -1.54 -29.10 -19.83
CA LEU C 461 -0.09 -29.01 -19.80
C LEU C 461 0.45 -30.19 -20.58
N TYR C 462 1.14 -29.93 -21.69
CA TYR C 462 1.55 -31.03 -22.58
C TYR C 462 2.78 -30.69 -23.41
N ALA C 463 3.51 -31.74 -23.81
CA ALA C 463 4.50 -31.64 -24.88
C ALA C 463 4.04 -32.50 -26.07
N THR C 464 4.14 -31.95 -27.27
CA THR C 464 3.77 -32.71 -28.45
C THR C 464 5.00 -33.36 -29.05
N ARG C 465 4.93 -34.67 -29.28
CA ARG C 465 5.99 -35.43 -29.94
C ARG C 465 5.36 -36.47 -30.87
N GLY C 466 5.90 -36.60 -32.07
CA GLY C 466 5.37 -37.52 -33.07
C GLY C 466 3.87 -37.41 -33.27
N GLY C 467 3.36 -36.18 -33.34
CA GLY C 467 1.95 -35.94 -33.56
C GLY C 467 1.06 -36.18 -32.35
N THR C 468 1.63 -36.66 -31.24
CA THR C 468 0.82 -36.91 -30.04
C THR C 468 1.17 -36.07 -28.81
N ARG C 469 0.14 -35.73 -28.04
CA ARG C 469 0.30 -34.85 -26.87
C ARG C 469 0.57 -35.64 -25.61
N LEU C 470 1.78 -35.50 -25.11
CA LEU C 470 2.15 -36.17 -23.88
C LEU C 470 1.70 -35.31 -22.70
N PRO C 471 0.83 -35.87 -21.82
CA PRO C 471 0.38 -35.14 -20.63
C PRO C 471 1.54 -34.84 -19.71
N LEU C 472 1.61 -33.60 -19.22
CA LEU C 472 2.69 -33.21 -18.33
C LEU C 472 2.16 -32.81 -16.97
N TYR C 473 3.06 -32.56 -16.02
CA TYR C 473 2.72 -32.21 -14.64
C TYR C 473 3.67 -31.12 -14.18
N GLY C 474 3.29 -30.37 -13.14
CA GLY C 474 4.13 -29.27 -12.63
C GLY C 474 3.55 -27.92 -13.00
N GLY C 475 4.30 -26.86 -12.76
CA GLY C 475 3.84 -25.52 -13.13
C GLY C 475 4.90 -24.47 -12.93
N CYS C 476 4.47 -23.24 -12.69
CA CYS C 476 5.39 -22.09 -12.55
C CYS C 476 5.62 -21.76 -11.10
N GLY C 477 6.79 -21.18 -10.80
CA GLY C 477 7.20 -20.85 -9.45
C GLY C 477 6.30 -19.85 -8.76
N ALA C 478 5.63 -19.03 -9.56
CA ALA C 478 4.73 -18.00 -9.05
C ALA C 478 3.60 -18.58 -8.20
N MET C 479 3.11 -19.76 -8.59
CA MET C 479 2.09 -20.45 -7.80
C MET C 479 2.71 -21.25 -6.68
N GLY C 480 4.03 -21.32 -6.64
CA GLY C 480 4.71 -22.00 -5.54
C GLY C 480 4.87 -23.48 -5.79
N TYR C 481 4.88 -23.85 -7.08
CA TYR C 481 5.35 -25.16 -7.51
C TYR C 481 6.84 -25.29 -7.21
N PHE C 482 7.25 -26.52 -6.93
CA PHE C 482 8.66 -26.89 -6.90
C PHE C 482 9.00 -27.59 -8.22
N THR C 483 8.13 -28.53 -8.64
CA THR C 483 8.21 -29.16 -9.96
C THR C 483 7.83 -28.14 -11.04
N ILE C 484 8.79 -27.80 -11.90
CA ILE C 484 8.60 -26.70 -12.83
C ILE C 484 8.40 -27.14 -14.28
N THR C 485 7.20 -26.89 -14.76
CA THR C 485 6.84 -27.05 -16.15
C THR C 485 6.07 -25.80 -16.50
N CYS C 486 6.75 -24.79 -17.07
CA CYS C 486 6.22 -23.43 -17.08
C CYS C 486 6.16 -22.83 -18.46
N SER C 487 5.00 -22.99 -19.09
CA SER C 487 4.73 -22.49 -20.42
C SER C 487 4.73 -20.96 -20.52
N GLU C 488 5.16 -20.46 -21.67
CA GLU C 488 5.12 -19.02 -21.99
C GLU C 488 3.83 -18.70 -22.75
N ASN C 489 3.13 -19.78 -23.13
CA ASN C 489 1.90 -19.73 -23.91
C ASN C 489 0.72 -19.34 -23.05
N ASP C 490 -0.11 -18.42 -23.54
CA ASP C 490 -1.33 -18.07 -22.83
C ASP C 490 -2.33 -19.21 -22.96
N ILE C 491 -3.03 -19.47 -21.86
CA ILE C 491 -4.00 -20.57 -21.78
C ILE C 491 -5.00 -20.56 -22.94
N THR C 492 -5.34 -19.36 -23.43
CA THR C 492 -6.32 -19.20 -24.52
C THR C 492 -5.77 -19.64 -25.87
N GLN C 493 -4.45 -19.66 -26.00
CA GLN C 493 -3.83 -19.97 -27.27
C GLN C 493 -3.42 -21.47 -27.34
N GLY C 494 -4.34 -22.34 -26.94
CA GLY C 494 -4.17 -23.79 -27.08
C GLY C 494 -3.64 -24.50 -25.85
N GLY C 495 -3.92 -23.95 -24.67
CA GLY C 495 -3.43 -24.51 -23.40
C GLY C 495 -1.97 -24.20 -23.08
N TYR C 496 -1.43 -24.84 -22.04
CA TYR C 496 -0.04 -24.63 -21.63
C TYR C 496 0.89 -25.54 -22.42
N SER C 497 0.95 -25.30 -23.72
CA SER C 497 1.87 -26.01 -24.62
C SER C 497 3.33 -25.77 -24.21
N MET C 498 4.13 -26.82 -24.27
CA MET C 498 5.56 -26.71 -23.99
C MET C 498 6.36 -26.84 -25.29
N ASP C 499 5.67 -26.68 -26.41
CA ASP C 499 6.26 -26.89 -27.73
C ASP C 499 7.00 -25.67 -28.28
N GLY C 500 6.78 -24.52 -27.68
CA GLY C 500 7.44 -23.31 -28.12
C GLY C 500 8.78 -23.12 -27.43
N GLN C 501 8.96 -21.94 -26.85
CA GLN C 501 10.12 -21.62 -26.05
C GLN C 501 9.64 -21.32 -24.62
N PRO C 502 9.35 -22.38 -23.84
CA PRO C 502 8.74 -22.16 -22.54
C PRO C 502 9.69 -21.41 -21.60
N ASN C 503 9.18 -21.01 -20.43
CA ASN C 503 10.00 -20.37 -19.41
C ASN C 503 10.89 -21.41 -18.75
N ALA C 504 11.95 -20.96 -18.11
CA ALA C 504 12.83 -21.86 -17.37
C ALA C 504 12.02 -22.97 -16.71
N SER C 505 12.26 -24.22 -17.13
CA SER C 505 11.53 -25.39 -16.62
C SER C 505 12.47 -26.55 -16.32
N ASN C 506 11.93 -27.62 -15.72
CA ASN C 506 12.69 -28.87 -15.56
C ASN C 506 13.31 -29.24 -16.90
N SER C 507 14.62 -29.44 -16.91
CA SER C 507 15.39 -29.70 -18.12
C SER C 507 16.26 -30.96 -17.95
N TYR C 508 17.49 -30.79 -17.47
CA TYR C 508 18.26 -31.93 -17.00
C TYR C 508 17.96 -32.15 -15.54
N MET C 509 17.51 -33.34 -15.20
CA MET C 509 17.34 -33.68 -13.81
C MET C 509 18.24 -34.85 -13.46
N GLN C 510 18.66 -34.92 -12.21
CA GLN C 510 19.47 -36.05 -11.74
C GLN C 510 19.31 -36.26 -10.24
N VAL C 511 19.28 -37.53 -9.88
CA VAL C 511 19.32 -37.96 -8.50
C VAL C 511 20.52 -38.88 -8.45
N VAL C 512 21.57 -38.45 -7.76
CA VAL C 512 22.78 -39.24 -7.68
C VAL C 512 23.04 -39.67 -6.25
N SER C 513 23.38 -40.96 -6.09
CA SER C 513 23.83 -41.53 -4.81
C SER C 513 25.00 -42.49 -5.02
N PHE C 514 25.63 -42.91 -3.92
CA PHE C 514 26.83 -43.74 -3.97
C PHE C 514 26.71 -44.97 -3.09
N PRO C 515 25.99 -46.02 -3.57
CA PRO C 515 25.99 -47.28 -2.80
C PRO C 515 27.32 -48.04 -2.97
N ALA C 516 27.47 -49.15 -2.25
CA ALA C 516 28.72 -49.92 -2.25
C ALA C 516 29.18 -50.40 -3.65
N SER C 517 28.23 -50.62 -4.56
CA SER C 517 28.53 -51.13 -5.91
C SER C 517 29.18 -50.08 -6.80
N GLY C 518 28.98 -48.81 -6.46
CA GLY C 518 29.42 -47.69 -7.29
C GLY C 518 28.28 -46.74 -7.62
N VAL C 519 28.61 -45.56 -8.15
CA VAL C 519 27.68 -44.47 -8.38
C VAL C 519 26.46 -44.89 -9.16
N GLN C 520 25.29 -44.60 -8.61
CA GLN C 520 24.03 -44.79 -9.31
C GLN C 520 23.44 -43.44 -9.63
N ALA C 521 22.90 -43.31 -10.85
CA ALA C 521 22.28 -42.05 -11.27
C ALA C 521 21.04 -42.25 -12.10
N HIS C 522 19.98 -41.54 -11.72
CA HIS C 522 18.70 -41.52 -12.42
C HIS C 522 18.52 -40.15 -13.01
N THR C 523 18.11 -40.09 -14.28
CA THR C 523 18.15 -38.82 -15.03
C THR C 523 16.94 -38.57 -15.93
N PHE C 524 16.69 -37.28 -16.20
CA PHE C 524 15.79 -36.84 -17.25
C PHE C 524 16.49 -35.78 -18.08
N LEU C 525 16.24 -35.77 -19.38
CA LEU C 525 16.43 -34.58 -20.21
C LEU C 525 15.08 -34.32 -20.87
N THR C 526 14.28 -33.45 -20.27
CA THR C 526 12.85 -33.39 -20.54
C THR C 526 12.48 -33.14 -22.01
N PHE C 527 13.22 -32.27 -22.68
CA PHE C 527 12.93 -31.95 -24.09
C PHE C 527 13.56 -32.97 -25.05
N SER C 528 14.36 -33.89 -24.51
CA SER C 528 15.06 -34.95 -25.30
C SER C 528 16.38 -34.49 -25.89
N LEU C 529 17.21 -35.44 -26.30
CA LEU C 529 18.54 -35.13 -26.81
C LEU C 529 18.61 -34.26 -28.06
N SER C 530 17.67 -34.45 -28.98
CA SER C 530 17.81 -33.89 -30.33
C SER C 530 16.78 -32.83 -30.70
N ASP C 531 17.25 -31.79 -31.36
CA ASP C 531 16.37 -30.72 -31.83
C ASP C 531 15.80 -31.02 -33.21
N ASP C 532 16.22 -32.14 -33.80
CA ASP C 532 15.73 -32.58 -35.09
C ASP C 532 14.46 -33.43 -34.94
N PRO C 533 13.34 -32.98 -35.54
CA PRO C 533 12.07 -33.76 -35.51
C PRO C 533 12.17 -35.13 -36.19
N ALA C 534 13.14 -35.33 -37.09
CA ALA C 534 13.36 -36.63 -37.72
C ALA C 534 14.10 -37.63 -36.81
N SER C 535 14.73 -37.14 -35.75
CA SER C 535 15.56 -38.00 -34.91
C SER C 535 14.74 -38.87 -33.97
N PRO C 536 15.15 -40.14 -33.77
CA PRO C 536 14.44 -40.96 -32.77
C PRO C 536 14.70 -40.48 -31.34
N HIS C 537 15.63 -39.55 -31.17
CA HIS C 537 15.94 -38.98 -29.87
C HIS C 537 15.43 -37.58 -29.71
N HIS C 538 14.38 -37.27 -30.46
CA HIS C 538 13.68 -36.01 -30.35
C HIS C 538 12.59 -36.04 -29.31
N GLY C 539 11.99 -37.21 -29.09
CA GLY C 539 10.84 -37.30 -28.21
C GLY C 539 10.81 -38.50 -27.29
N ASP C 540 11.80 -39.39 -27.40
CA ASP C 540 11.85 -40.56 -26.53
C ASP C 540 11.94 -40.16 -25.04
N TYR C 541 12.92 -39.32 -24.71
CA TYR C 541 13.14 -38.89 -23.33
C TYR C 541 11.90 -38.16 -22.75
N THR C 542 11.24 -37.37 -23.59
CA THR C 542 10.02 -36.66 -23.22
C THR C 542 8.90 -37.62 -22.90
N LYS C 543 8.79 -38.71 -23.66
CA LYS C 543 7.82 -39.76 -23.36
C LYS C 543 8.04 -40.26 -21.93
N ALA C 544 9.30 -40.51 -21.57
CA ALA C 544 9.67 -41.02 -20.25
C ALA C 544 9.33 -40.02 -19.15
N TYR C 545 9.63 -38.75 -19.41
CA TYR C 545 9.32 -37.68 -18.47
C TYR C 545 7.81 -37.57 -18.21
N SER C 546 7.01 -37.67 -19.26
CA SER C 546 5.55 -37.65 -19.14
C SER C 546 5.06 -38.79 -18.25
N ALA C 547 5.62 -39.98 -18.45
CA ALA C 547 5.29 -41.16 -17.67
C ALA C 547 5.92 -41.13 -16.27
N GLY C 548 6.80 -40.17 -16.01
CA GLY C 548 7.47 -40.07 -14.72
C GLY C 548 8.48 -41.19 -14.48
N GLN C 549 9.02 -41.75 -15.56
CA GLN C 549 9.94 -42.88 -15.45
C GLN C 549 11.38 -42.42 -15.56
N TRP C 550 12.03 -42.28 -14.42
CA TRP C 550 13.43 -41.88 -14.36
C TRP C 550 14.26 -42.86 -15.10
N LEU C 551 15.27 -42.38 -15.82
CA LEU C 551 16.18 -43.24 -16.56
C LEU C 551 17.42 -43.52 -15.73
N ARG C 552 17.66 -44.79 -15.43
CA ARG C 552 18.91 -45.20 -14.79
C ARG C 552 19.99 -45.16 -15.87
N VAL C 553 20.85 -44.14 -15.79
CA VAL C 553 21.85 -43.95 -16.83
C VAL C 553 23.05 -44.88 -16.59
N PRO C 554 23.37 -45.73 -17.58
CA PRO C 554 24.54 -46.59 -17.40
C PRO C 554 25.81 -45.76 -17.22
N PHE C 555 26.67 -46.15 -16.28
CA PHE C 555 27.90 -45.40 -16.02
C PHE C 555 29.19 -46.22 -16.16
N THR C 556 29.22 -47.43 -15.60
CA THR C 556 30.41 -48.28 -15.72
C THR C 556 30.50 -48.83 -17.13
N GLU C 557 31.63 -49.45 -17.45
CA GLU C 557 31.80 -50.06 -18.76
C GLU C 557 30.82 -51.22 -19.00
N ALA C 558 30.65 -52.08 -18.00
CA ALA C 558 29.71 -53.20 -18.12
C ALA C 558 28.28 -52.71 -18.24
N GLU C 559 27.96 -51.60 -17.57
CA GLU C 559 26.63 -51.00 -17.66
C GLU C 559 26.34 -50.45 -19.06
N ILE C 560 27.32 -49.77 -19.67
CA ILE C 560 27.20 -49.19 -21.01
C ILE C 560 27.02 -50.26 -22.09
N THR C 561 27.84 -51.31 -22.01
CA THR C 561 27.77 -52.43 -22.96
C THR C 561 26.58 -53.34 -22.68
N GLY C 562 26.17 -53.43 -21.42
CA GLY C 562 25.03 -54.26 -21.02
C GLY C 562 23.67 -53.66 -21.29
N ASN C 563 23.64 -52.38 -21.66
CA ASN C 563 22.39 -51.67 -21.97
C ASN C 563 21.65 -52.25 -23.16
N ALA C 564 20.34 -52.38 -23.02
CA ALA C 564 19.47 -52.97 -24.05
C ALA C 564 19.47 -52.25 -25.40
N ASP C 565 19.93 -51.00 -25.43
CA ASP C 565 19.94 -50.20 -26.68
C ASP C 565 21.35 -49.84 -27.15
N TYR C 566 22.34 -50.58 -26.65
CA TYR C 566 23.75 -50.35 -26.92
C TYR C 566 24.12 -50.43 -28.40
N ARG C 567 24.55 -49.30 -28.94
CA ARG C 567 25.19 -49.25 -30.23
C ARG C 567 26.50 -48.46 -30.08
N THR C 568 27.57 -48.99 -30.67
CA THR C 568 28.86 -48.30 -30.65
C THR C 568 29.33 -48.04 -32.08
N ALA C 569 30.11 -46.99 -32.25
CA ALA C 569 30.74 -46.69 -33.52
C ALA C 569 32.02 -45.93 -33.24
N THR C 570 32.87 -45.79 -34.24
CA THR C 570 34.15 -45.13 -34.09
C THR C 570 34.36 -44.03 -35.14
N VAL C 571 34.82 -42.86 -34.70
CA VAL C 571 35.15 -41.76 -35.61
C VAL C 571 36.60 -41.32 -35.45
N LYS C 572 37.33 -41.28 -36.57
CA LYS C 572 38.73 -40.87 -36.56
C LYS C 572 39.09 -40.01 -37.76
N GLU C 573 40.20 -39.27 -37.65
CA GLU C 573 40.60 -38.25 -38.62
C GLU C 573 41.96 -37.67 -38.24
N LEU C 574 42.73 -37.19 -39.23
CA LEU C 574 44.08 -36.63 -39.01
C LEU C 574 44.14 -35.35 -38.12
N GLU C 575 45.36 -34.94 -37.76
CA GLU C 575 45.65 -33.84 -36.81
C GLU C 575 45.13 -34.09 -35.39
N SER D 7 -40.44 11.16 -25.69
CA SER D 7 -39.45 11.12 -26.81
C SER D 7 -38.45 9.98 -26.58
N THR D 8 -38.55 8.93 -27.40
CA THR D 8 -37.84 7.68 -27.13
C THR D 8 -37.11 7.16 -28.39
N TYR D 9 -35.94 6.54 -28.18
CA TYR D 9 -35.29 5.79 -29.27
C TYR D 9 -36.07 4.50 -29.52
N SER D 10 -36.26 4.16 -30.79
CA SER D 10 -36.99 2.94 -31.14
C SER D 10 -36.48 2.38 -32.46
N ALA D 11 -35.86 1.20 -32.40
CA ALA D 11 -35.36 0.55 -33.62
C ALA D 11 -35.85 -0.89 -33.73
N GLU D 12 -36.24 -1.27 -34.94
CA GLU D 12 -36.54 -2.65 -35.24
C GLU D 12 -35.27 -3.28 -35.83
N ILE D 13 -34.90 -4.43 -35.27
CA ILE D 13 -33.69 -5.13 -35.63
C ILE D 13 -34.11 -6.43 -36.32
N ARG D 14 -33.83 -6.54 -37.61
CA ARG D 14 -34.15 -7.75 -38.34
C ARG D 14 -32.85 -8.44 -38.70
N ARG D 15 -32.71 -9.68 -38.25
CA ARG D 15 -31.52 -10.47 -38.56
C ARG D 15 -31.85 -11.55 -39.58
N THR D 16 -30.90 -11.80 -40.47
CA THR D 16 -31.04 -12.83 -41.49
C THR D 16 -29.83 -13.76 -41.43
N THR D 17 -29.73 -14.65 -42.42
CA THR D 17 -28.57 -15.52 -42.58
C THR D 17 -27.24 -14.82 -42.28
N MET D 18 -26.37 -15.53 -41.57
CA MET D 18 -25.09 -15.02 -41.06
C MET D 18 -25.25 -13.97 -39.95
N GLY D 19 -26.47 -13.76 -39.50
CA GLY D 19 -26.76 -12.81 -38.42
C GLY D 19 -26.79 -11.35 -38.85
N VAL D 20 -26.63 -11.11 -40.15
CA VAL D 20 -26.64 -9.77 -40.72
C VAL D 20 -27.87 -8.98 -40.24
N PRO D 21 -27.64 -7.93 -39.44
CA PRO D 21 -28.72 -7.11 -38.90
C PRO D 21 -29.14 -6.02 -39.87
N HIS D 22 -30.46 -5.82 -40.01
CA HIS D 22 -31.04 -4.75 -40.82
C HIS D 22 -31.85 -3.87 -39.91
N ILE D 23 -31.29 -2.72 -39.53
CA ILE D 23 -31.95 -1.80 -38.59
C ILE D 23 -32.99 -0.98 -39.34
N LYS D 24 -34.20 -0.88 -38.81
CA LYS D 24 -35.24 -0.05 -39.42
C LYS D 24 -35.74 0.96 -38.39
N ALA D 25 -35.68 2.25 -38.74
CA ALA D 25 -36.02 3.29 -37.77
C ALA D 25 -36.68 4.54 -38.37
N GLY D 26 -37.45 5.24 -37.55
CA GLY D 26 -38.14 6.46 -37.99
C GLY D 26 -37.24 7.68 -38.09
N ASN D 27 -36.18 7.72 -37.29
CA ASN D 27 -35.24 8.83 -37.33
C ASN D 27 -33.77 8.39 -37.26
N TRP D 28 -32.87 9.36 -37.37
CA TRP D 28 -31.44 9.10 -37.37
C TRP D 28 -30.91 8.66 -36.04
N GLY D 29 -31.41 9.31 -34.97
CA GLY D 29 -31.08 8.91 -33.62
C GLY D 29 -31.41 7.46 -33.34
N SER D 30 -32.63 7.05 -33.71
CA SER D 30 -33.07 5.68 -33.48
C SER D 30 -32.32 4.66 -34.31
N ALA D 31 -31.96 5.06 -35.54
CA ALA D 31 -31.09 4.23 -36.38
C ALA D 31 -29.77 3.98 -35.66
N GLY D 32 -29.17 5.05 -35.14
CA GLY D 32 -27.92 4.97 -34.41
C GLY D 32 -28.05 4.02 -33.25
N TYR D 33 -29.16 4.16 -32.53
CA TYR D 33 -29.44 3.33 -31.37
C TYR D 33 -29.41 1.82 -31.67
N GLY D 34 -30.06 1.40 -32.76
CA GLY D 34 -30.09 0.00 -33.15
C GLY D 34 -28.73 -0.49 -33.63
N PHE D 35 -28.06 0.36 -34.41
CA PHE D 35 -26.73 0.07 -34.95
C PHE D 35 -25.71 -0.07 -33.83
N GLY D 36 -25.75 0.86 -32.87
CA GLY D 36 -24.92 0.78 -31.68
C GLY D 36 -25.16 -0.51 -30.91
N TYR D 37 -26.43 -0.88 -30.75
CA TYR D 37 -26.83 -2.10 -30.06
C TYR D 37 -26.33 -3.40 -30.72
N VAL D 38 -26.61 -3.60 -31.99
CA VAL D 38 -26.19 -4.84 -32.65
C VAL D 38 -24.66 -4.99 -32.70
N GLN D 39 -23.96 -3.87 -32.80
CA GLN D 39 -22.49 -3.91 -32.85
C GLN D 39 -21.92 -4.41 -31.52
N ALA D 40 -22.43 -3.85 -30.42
CA ALA D 40 -22.06 -4.30 -29.10
C ALA D 40 -22.46 -5.75 -28.88
N GLN D 41 -23.68 -6.09 -29.30
CA GLN D 41 -24.24 -7.43 -29.08
C GLN D 41 -23.37 -8.52 -29.69
N ASP D 42 -22.73 -8.22 -30.82
CA ASP D 42 -21.87 -9.18 -31.51
C ASP D 42 -20.37 -9.03 -31.19
N ASN D 43 -19.94 -7.83 -30.77
CA ASN D 43 -18.51 -7.57 -30.61
C ASN D 43 -18.08 -6.82 -29.35
N LEU D 44 -18.81 -7.05 -28.26
CA LEU D 44 -18.63 -6.24 -27.05
C LEU D 44 -17.17 -6.13 -26.61
N CYS D 45 -16.47 -7.25 -26.52
CA CYS D 45 -15.14 -7.28 -25.98
C CYS D 45 -14.16 -6.40 -26.77
N THR D 46 -14.17 -6.53 -28.10
CA THR D 46 -13.32 -5.71 -28.97
C THR D 46 -13.65 -4.23 -28.81
N MET D 47 -14.94 -3.90 -28.94
CA MET D 47 -15.42 -2.53 -28.81
C MET D 47 -15.05 -1.89 -27.46
N ALA D 48 -15.30 -2.59 -26.36
CA ALA D 48 -15.02 -2.07 -25.02
C ALA D 48 -13.55 -1.77 -24.84
N ASP D 49 -12.72 -2.74 -25.21
CA ASP D 49 -11.29 -2.56 -25.21
C ASP D 49 -10.94 -1.30 -26.02
N SER D 50 -11.58 -1.17 -27.19
CA SER D 50 -11.30 -0.08 -28.12
C SER D 50 -11.62 1.32 -27.56
N PHE D 51 -12.69 1.45 -26.77
CA PHE D 51 -12.99 2.74 -26.15
C PHE D 51 -12.00 3.16 -25.06
N LEU D 52 -11.35 2.19 -24.45
CA LEU D 52 -10.20 2.48 -23.60
C LEU D 52 -9.10 3.15 -24.44
N THR D 53 -8.91 2.66 -25.66
CA THR D 53 -7.91 3.19 -26.56
C THR D 53 -8.17 4.66 -26.88
N TYR D 54 -9.40 4.97 -27.32
CA TYR D 54 -9.70 6.32 -27.82
C TYR D 54 -9.84 7.34 -26.71
N ARG D 55 -10.21 6.86 -25.52
CA ARG D 55 -10.29 7.73 -24.34
C ARG D 55 -8.93 7.88 -23.64
N GLY D 56 -7.98 7.01 -24.02
CA GLY D 56 -6.68 7.01 -23.38
C GLY D 56 -6.70 6.45 -21.97
N GLU D 57 -7.55 5.43 -21.76
CA GLU D 57 -7.71 4.78 -20.45
C GLU D 57 -7.19 3.34 -20.41
N ARG D 58 -6.32 2.97 -21.36
CA ARG D 58 -5.78 1.61 -21.42
C ARG D 58 -4.96 1.24 -20.17
N SER D 59 -4.07 2.16 -19.78
CA SER D 59 -3.09 1.91 -18.74
C SER D 59 -3.69 1.63 -17.37
N ARG D 60 -4.77 2.36 -17.03
CA ARG D 60 -5.49 2.15 -15.76
C ARG D 60 -6.01 0.73 -15.59
N HIS D 61 -6.50 0.13 -16.68
CA HIS D 61 -7.11 -1.20 -16.63
C HIS D 61 -6.13 -2.30 -16.98
N LEU D 62 -5.35 -2.09 -18.04
CA LEU D 62 -4.52 -3.17 -18.58
C LEU D 62 -3.03 -3.06 -18.28
N GLY D 63 -2.62 -1.97 -17.63
CA GLY D 63 -1.20 -1.75 -17.34
C GLY D 63 -0.53 -0.98 -18.46
N GLY D 64 0.32 -0.03 -18.09
CA GLY D 64 0.96 0.88 -19.04
C GLY D 64 1.96 0.24 -19.98
N SER D 65 2.65 -0.78 -19.48
CA SER D 65 3.75 -1.41 -20.24
C SER D 65 3.31 -2.54 -21.19
N ALA D 66 2.03 -2.89 -21.18
CA ALA D 66 1.52 -3.90 -22.11
C ALA D 66 1.25 -3.28 -23.47
N GLN D 67 1.32 -4.08 -24.53
CA GLN D 67 0.94 -3.62 -25.85
C GLN D 67 -0.56 -3.68 -26.05
N LEU D 68 -1.09 -2.78 -26.89
CA LEU D 68 -2.46 -2.89 -27.39
C LEU D 68 -2.79 -4.34 -27.71
N VAL D 69 -3.95 -4.80 -27.27
CA VAL D 69 -4.38 -6.17 -27.51
C VAL D 69 -4.49 -6.44 -29.02
N TYR D 70 -5.26 -5.60 -29.70
CA TYR D 70 -5.55 -5.80 -31.11
C TYR D 70 -4.75 -4.91 -32.01
N ASN D 71 -4.38 -5.45 -33.18
CA ASN D 71 -3.80 -4.67 -34.25
C ASN D 71 -4.86 -3.84 -34.97
N SER D 72 -4.44 -2.68 -35.48
CA SER D 72 -5.31 -1.75 -36.19
C SER D 72 -4.48 -0.70 -36.93
N THR D 73 -5.15 0.32 -37.47
CA THR D 73 -4.50 1.47 -38.10
C THR D 73 -3.52 2.16 -37.15
N LEU D 74 -3.68 1.89 -35.87
CA LEU D 74 -2.87 2.51 -34.83
C LEU D 74 -1.58 1.75 -34.57
N GLY D 75 -1.44 0.57 -35.17
CA GLY D 75 -0.34 -0.33 -34.83
C GLY D 75 -0.51 -0.80 -33.40
N ARG D 76 0.55 -1.35 -32.82
CA ARG D 76 0.48 -1.85 -31.45
C ARG D 76 1.54 -1.24 -30.53
N PRO D 77 1.42 0.07 -30.23
CA PRO D 77 2.34 0.66 -29.27
C PRO D 77 2.02 0.24 -27.83
N ARG D 78 2.82 0.72 -26.89
CA ARG D 78 2.59 0.48 -25.48
C ARG D 78 1.40 1.30 -25.03
N ASN D 79 0.56 0.70 -24.20
CA ASN D 79 -0.61 1.37 -23.61
C ASN D 79 -0.29 2.77 -23.11
N ILE D 80 0.76 2.91 -22.31
CA ILE D 80 1.13 4.23 -21.81
C ILE D 80 1.28 5.28 -22.93
N ASP D 81 1.96 4.91 -24.01
CA ASP D 81 2.18 5.82 -25.14
C ASP D 81 0.88 6.09 -25.89
N SER D 82 0.11 5.03 -26.13
CA SER D 82 -1.19 5.15 -26.75
C SER D 82 -2.10 6.14 -26.00
N ASP D 83 -2.15 6.02 -24.67
CA ASP D 83 -2.99 6.87 -23.86
C ASP D 83 -2.63 8.35 -24.05
N PHE D 84 -1.34 8.65 -23.94
CA PHE D 84 -0.85 10.01 -24.16
C PHE D 84 -1.15 10.54 -25.55
N PHE D 85 -0.93 9.71 -26.58
CA PHE D 85 -1.26 10.09 -27.96
C PHE D 85 -2.69 10.59 -28.09
N HIS D 86 -3.64 9.73 -27.70
CA HIS D 86 -5.07 10.04 -27.79
C HIS D 86 -5.51 11.20 -26.92
N ARG D 87 -4.92 11.34 -25.73
CA ARG D 87 -5.28 12.47 -24.85
C ARG D 87 -4.81 13.76 -25.46
N HIS D 88 -3.61 13.72 -26.03
CA HIS D 88 -2.97 14.89 -26.62
C HIS D 88 -3.62 15.30 -27.92
N VAL D 89 -3.78 14.35 -28.85
CA VAL D 89 -4.26 14.61 -30.20
C VAL D 89 -5.79 14.67 -30.28
N ILE D 90 -6.45 13.67 -29.71
CA ILE D 90 -7.90 13.65 -29.65
C ILE D 90 -8.34 14.25 -28.31
N SER D 91 -8.03 15.52 -28.12
CA SER D 91 -8.32 16.23 -26.90
C SER D 91 -9.80 16.63 -26.91
N ASP D 92 -10.25 17.21 -25.80
CA ASP D 92 -11.60 17.76 -25.72
C ASP D 92 -11.86 18.81 -26.80
N GLU D 93 -10.90 19.72 -27.00
CA GLU D 93 -11.02 20.75 -28.02
C GLU D 93 -11.22 20.14 -29.41
N ALA D 94 -10.41 19.12 -29.71
CA ALA D 94 -10.53 18.42 -30.98
C ALA D 94 -11.93 17.81 -31.16
N VAL D 95 -12.44 17.17 -30.12
CA VAL D 95 -13.82 16.64 -30.11
C VAL D 95 -14.83 17.79 -30.24
N ASP D 96 -14.62 18.87 -29.50
CA ASP D 96 -15.46 20.06 -29.61
C ASP D 96 -15.47 20.63 -31.02
N ARG D 97 -14.30 20.65 -31.66
CA ARG D 97 -14.19 21.18 -33.02
C ARG D 97 -14.82 20.26 -34.05
N THR D 98 -14.68 18.96 -33.84
CA THR D 98 -15.29 17.93 -34.69
C THR D 98 -16.82 18.01 -34.65
N MET D 99 -17.38 18.16 -33.45
CA MET D 99 -18.84 18.12 -33.28
C MET D 99 -19.51 19.37 -33.84
N ALA D 100 -18.86 20.52 -33.64
CA ALA D 100 -19.33 21.80 -34.18
C ALA D 100 -19.61 21.75 -35.68
N ALA D 101 -18.90 20.90 -36.40
CA ALA D 101 -19.02 20.79 -37.85
C ALA D 101 -20.15 19.88 -38.34
N GLN D 102 -20.70 19.05 -37.45
CA GLN D 102 -21.66 18.01 -37.88
C GLN D 102 -23.09 18.52 -38.06
N PRO D 103 -23.81 17.91 -39.02
CA PRO D 103 -25.23 18.19 -39.13
C PRO D 103 -25.99 17.59 -37.94
N ALA D 104 -27.09 18.24 -37.58
CA ALA D 104 -27.93 17.81 -36.46
C ALA D 104 -28.24 16.30 -36.44
N LYS D 105 -28.58 15.73 -37.60
CA LYS D 105 -28.98 14.33 -37.70
C LYS D 105 -27.88 13.36 -37.28
N LEU D 106 -26.63 13.72 -37.58
CA LEU D 106 -25.49 12.90 -37.20
C LEU D 106 -25.20 12.98 -35.71
N LEU D 107 -25.22 14.20 -35.18
CA LEU D 107 -25.08 14.38 -33.75
C LEU D 107 -26.08 13.49 -33.01
N GLN D 108 -27.30 13.45 -33.52
CA GLN D 108 -28.37 12.61 -32.98
C GLN D 108 -28.10 11.13 -33.15
N MET D 109 -27.57 10.75 -34.31
CA MET D 109 -27.32 9.35 -34.61
C MET D 109 -26.27 8.78 -33.67
N VAL D 110 -25.21 9.58 -33.47
CA VAL D 110 -24.12 9.22 -32.59
C VAL D 110 -24.60 9.17 -31.13
N GLU D 111 -25.47 10.11 -30.75
CA GLU D 111 -26.13 10.08 -29.43
C GLU D 111 -26.84 8.75 -29.22
N GLY D 112 -27.63 8.35 -30.21
CA GLY D 112 -28.34 7.08 -30.22
C GLY D 112 -27.39 5.91 -30.15
N PHE D 113 -26.37 5.94 -31.00
CA PHE D 113 -25.36 4.90 -31.08
C PHE D 113 -24.78 4.61 -29.69
N ALA D 114 -24.36 5.67 -29.00
CA ALA D 114 -23.85 5.54 -27.63
C ALA D 114 -24.91 4.91 -26.71
N ALA D 115 -26.13 5.42 -26.76
CA ALA D 115 -27.21 4.93 -25.90
C ALA D 115 -27.50 3.45 -26.15
N GLY D 116 -27.49 3.05 -27.43
CA GLY D 116 -27.72 1.66 -27.84
C GLY D 116 -26.61 0.72 -27.42
N TYR D 117 -25.37 1.18 -27.52
CA TYR D 117 -24.20 0.44 -27.05
C TYR D 117 -24.32 0.24 -25.54
N ASN D 118 -24.59 1.33 -24.84
CA ASN D 118 -24.79 1.32 -23.38
C ASN D 118 -25.90 0.39 -22.92
N ARG D 119 -26.97 0.32 -23.70
CA ARG D 119 -28.06 -0.62 -23.43
C ARG D 119 -27.52 -2.04 -23.36
N TYR D 120 -26.72 -2.42 -24.35
CA TYR D 120 -26.20 -3.77 -24.38
C TYR D 120 -25.25 -4.06 -23.20
N VAL D 121 -24.44 -3.07 -22.83
CA VAL D 121 -23.57 -3.16 -21.67
C VAL D 121 -24.41 -3.44 -20.41
N ARG D 122 -25.57 -2.80 -20.30
CA ARG D 122 -26.43 -3.08 -19.17
C ARG D 122 -26.89 -4.53 -19.24
N GLU D 123 -27.24 -5.00 -20.44
CA GLU D 123 -27.70 -6.38 -20.60
C GLU D 123 -26.63 -7.40 -20.22
N ALA D 124 -25.41 -7.15 -20.70
CA ALA D 124 -24.27 -8.05 -20.52
C ALA D 124 -23.83 -8.12 -19.08
N LYS D 125 -23.87 -6.98 -18.41
CA LYS D 125 -23.57 -6.92 -16.99
C LYS D 125 -24.61 -7.71 -16.20
N ALA D 126 -25.84 -7.76 -16.70
CA ALA D 126 -26.95 -8.34 -15.94
C ALA D 126 -26.91 -9.86 -15.93
N GLY D 127 -26.30 -10.45 -16.95
CA GLY D 127 -26.26 -11.91 -17.03
C GLY D 127 -25.95 -12.39 -18.42
N GLY D 128 -26.46 -13.57 -18.75
CA GLY D 128 -26.24 -14.17 -20.07
C GLY D 128 -24.87 -14.80 -20.21
N SER D 129 -24.69 -15.60 -21.25
CA SER D 129 -23.44 -16.29 -21.48
C SER D 129 -22.57 -15.66 -22.56
N ALA D 130 -23.16 -14.75 -23.34
CA ALA D 130 -22.45 -14.05 -24.41
C ALA D 130 -21.32 -13.21 -23.85
N HIS D 131 -20.21 -13.11 -24.59
CA HIS D 131 -19.05 -12.30 -24.19
C HIS D 131 -18.46 -12.72 -22.86
N ALA D 132 -18.50 -14.03 -22.61
CA ALA D 132 -17.97 -14.60 -21.37
C ALA D 132 -16.55 -14.11 -21.09
N ALA D 133 -15.80 -13.82 -22.16
CA ALA D 133 -14.40 -13.42 -22.05
C ALA D 133 -14.15 -12.11 -21.28
N CYS D 134 -15.09 -11.18 -21.33
CA CYS D 134 -14.84 -9.85 -20.78
C CYS D 134 -15.99 -9.20 -19.99
N ARG D 135 -17.21 -9.71 -20.11
CA ARG D 135 -18.39 -9.09 -19.44
C ARG D 135 -18.24 -8.67 -17.96
N SER D 136 -17.43 -9.37 -17.18
CA SER D 136 -17.26 -9.06 -15.76
C SER D 136 -16.22 -7.95 -15.50
N GLU D 137 -15.46 -7.60 -16.54
CA GLU D 137 -14.33 -6.67 -16.42
C GLU D 137 -14.77 -5.22 -16.29
N ALA D 138 -13.95 -4.39 -15.65
CA ALA D 138 -14.33 -2.99 -15.35
C ALA D 138 -14.30 -2.07 -16.55
N TRP D 139 -13.52 -2.44 -17.56
CA TRP D 139 -13.46 -1.68 -18.81
C TRP D 139 -14.61 -1.97 -19.77
N VAL D 140 -15.51 -2.85 -19.35
CA VAL D 140 -16.80 -2.98 -19.99
C VAL D 140 -17.68 -2.01 -19.22
N GLN D 141 -17.95 -0.85 -19.82
CA GLN D 141 -18.67 0.24 -19.16
C GLN D 141 -19.39 1.11 -20.19
N PRO D 142 -20.44 1.85 -19.74
CA PRO D 142 -21.11 2.80 -20.64
C PRO D 142 -20.16 3.87 -21.21
N ILE D 143 -20.51 4.40 -22.38
CA ILE D 143 -19.71 5.45 -23.03
C ILE D 143 -20.60 6.65 -23.35
N THR D 144 -19.98 7.75 -23.78
CA THR D 144 -20.73 8.94 -24.16
C THR D 144 -20.71 9.13 -25.68
N ALA D 145 -21.56 10.05 -26.17
CA ALA D 145 -21.53 10.46 -27.57
C ALA D 145 -20.14 11.00 -27.93
N ARG D 146 -19.56 11.78 -27.03
CA ARG D 146 -18.22 12.30 -27.22
C ARG D 146 -17.17 11.19 -27.46
N ASP D 147 -17.40 10.03 -26.85
CA ASP D 147 -16.50 8.89 -27.01
C ASP D 147 -16.59 8.33 -28.43
N VAL D 148 -17.80 8.27 -28.97
CA VAL D 148 -18.00 7.73 -30.31
C VAL D 148 -17.35 8.68 -31.31
N TRP D 149 -17.46 9.98 -31.02
CA TRP D 149 -16.78 11.01 -31.80
C TRP D 149 -15.27 10.90 -31.72
N ARG D 150 -14.73 10.59 -30.54
CA ARG D 150 -13.30 10.26 -30.45
C ARG D 150 -12.94 9.17 -31.46
N ARG D 151 -13.75 8.12 -31.50
CA ARG D 151 -13.50 6.95 -32.33
C ARG D 151 -13.56 7.32 -33.81
N ILE D 152 -14.55 8.16 -34.15
CA ILE D 152 -14.74 8.63 -35.52
C ILE D 152 -13.53 9.48 -35.92
N TYR D 153 -13.13 10.38 -35.03
CA TYR D 153 -11.97 11.22 -35.27
C TYR D 153 -10.72 10.39 -35.44
N ALA D 154 -10.57 9.35 -34.64
CA ALA D 154 -9.42 8.44 -34.73
C ALA D 154 -9.30 7.76 -36.10
N ALA D 155 -10.44 7.41 -36.70
CA ALA D 155 -10.46 6.75 -38.00
C ALA D 155 -9.83 7.59 -39.13
N ASN D 156 -9.94 8.90 -39.00
CA ASN D 156 -9.38 9.81 -40.00
C ASN D 156 -7.87 9.94 -39.97
N LEU D 157 -7.29 9.74 -38.79
CA LEU D 157 -5.88 9.97 -38.54
C LEU D 157 -4.98 8.88 -39.09
N ALA D 158 -5.59 7.80 -39.61
CA ALA D 158 -4.84 6.65 -40.13
C ALA D 158 -3.67 6.99 -41.04
N GLY D 159 -3.81 8.06 -41.83
CA GLY D 159 -2.82 8.41 -42.85
C GLY D 159 -1.66 9.25 -42.38
N GLY D 160 -1.74 9.73 -41.14
CA GLY D 160 -0.73 10.62 -40.61
C GLY D 160 -0.43 10.34 -39.16
N TYR D 161 -1.19 10.97 -38.27
CA TYR D 161 -0.92 10.91 -36.84
C TYR D 161 -0.87 9.48 -36.31
N SER D 162 -1.85 8.66 -36.67
CA SER D 162 -1.92 7.29 -36.18
C SER D 162 -0.62 6.51 -36.37
N ASN D 163 0.07 6.81 -37.46
CA ASN D 163 1.32 6.15 -37.79
C ASN D 163 2.52 6.60 -36.96
N PHE D 164 2.35 7.68 -36.20
CA PHE D 164 3.44 8.19 -35.37
C PHE D 164 2.96 8.40 -33.93
N ALA D 165 2.10 7.51 -33.46
CA ALA D 165 1.49 7.67 -32.15
C ALA D 165 2.50 7.68 -31.02
N GLU D 166 3.39 6.69 -30.99
CA GLU D 166 4.40 6.60 -29.95
C GLU D 166 5.36 7.77 -30.02
N ALA D 167 5.65 8.23 -31.24
CA ALA D 167 6.58 9.32 -31.45
C ALA D 167 6.00 10.67 -31.04
N ILE D 168 4.67 10.80 -31.11
CA ILE D 168 3.97 12.00 -30.68
C ILE D 168 3.83 12.02 -29.15
N ALA D 169 3.75 10.83 -28.57
CA ALA D 169 3.58 10.68 -27.13
C ALA D 169 4.88 10.91 -26.37
N ASN D 170 5.98 11.07 -27.09
CA ASN D 170 7.30 11.21 -26.49
C ASN D 170 8.07 12.43 -26.97
N ALA D 171 7.36 13.37 -27.59
CA ALA D 171 7.96 14.61 -28.04
C ALA D 171 8.05 15.65 -26.92
N GLN D 172 9.22 15.75 -26.29
CA GLN D 172 9.49 16.77 -25.27
C GLN D 172 10.92 17.30 -25.35
N PRO D 173 11.12 18.58 -24.99
CA PRO D 173 12.42 19.27 -25.09
C PRO D 173 13.53 18.65 -24.21
N PRO D 174 14.80 19.05 -24.43
CA PRO D 174 15.90 18.56 -23.58
C PRO D 174 15.92 19.20 -22.18
N PHE E 8 24.74 13.74 -39.22
CA PHE E 8 23.69 12.81 -39.68
C PHE E 8 24.28 11.60 -40.41
N GLU E 9 24.04 10.41 -39.87
CA GLU E 9 24.50 9.17 -40.51
C GLU E 9 23.29 8.43 -41.08
N PRO E 10 23.24 8.26 -42.42
CA PRO E 10 22.07 7.67 -43.09
C PRO E 10 21.85 6.21 -42.71
N GLY E 11 22.91 5.54 -42.27
CA GLY E 11 22.89 4.14 -41.89
C GLY E 11 22.15 3.84 -40.60
N ARG E 12 21.91 4.86 -39.79
CA ARG E 12 21.14 4.71 -38.56
C ARG E 12 19.66 5.09 -38.73
N THR E 13 19.24 5.30 -39.97
CA THR E 13 17.85 5.66 -40.27
C THR E 13 16.95 4.41 -40.26
N ARG E 14 15.88 4.48 -39.48
CA ARG E 14 14.95 3.37 -39.34
C ARG E 14 13.60 3.77 -39.89
N ALA E 15 13.35 3.41 -41.15
CA ALA E 15 12.09 3.71 -41.84
C ALA E 15 10.89 3.15 -41.07
N PRO E 16 9.84 3.96 -40.89
CA PRO E 16 8.66 3.51 -40.17
C PRO E 16 7.59 2.90 -41.08
N SER E 17 6.47 2.47 -40.49
CA SER E 17 5.32 1.95 -41.25
C SER E 17 4.50 3.08 -41.90
N LEU E 18 4.50 3.13 -43.24
CA LEU E 18 3.87 4.23 -43.99
C LEU E 18 2.60 3.86 -44.77
N GLN E 19 2.53 2.61 -45.22
CA GLN E 19 1.34 2.10 -45.89
C GLN E 19 0.23 1.85 -44.87
N VAL E 20 -0.80 2.70 -44.87
CA VAL E 20 -2.00 2.47 -44.08
C VAL E 20 -2.57 1.07 -44.41
N GLY E 21 -2.74 0.24 -43.37
CA GLY E 21 -3.28 -1.11 -43.53
C GLY E 21 -2.21 -2.19 -43.36
N SER F 1 -5.85 -3.92 -50.78
CA SER F 1 -7.29 -3.85 -51.16
C SER F 1 -7.36 -3.82 -52.67
N ASN F 2 -8.40 -4.43 -53.23
CA ASN F 2 -8.68 -4.35 -54.67
C ASN F 2 -10.10 -3.86 -54.89
N MET F 3 -10.33 -3.20 -56.02
CA MET F 3 -11.70 -2.91 -56.44
C MET F 3 -11.83 -2.77 -57.95
N TYR F 4 -12.99 -3.19 -58.46
CA TYR F 4 -13.38 -2.98 -59.84
C TYR F 4 -14.69 -2.20 -59.90
N GLY F 5 -14.82 -1.37 -60.93
CA GLY F 5 -16.10 -0.85 -61.36
C GLY F 5 -16.23 -1.19 -62.83
N PHE F 6 -17.27 -1.94 -63.19
CA PHE F 6 -17.46 -2.32 -64.59
C PHE F 6 -18.64 -1.60 -65.20
N GLY F 7 -18.41 -0.95 -66.34
CA GLY F 7 -19.48 -0.24 -67.04
C GLY F 7 -20.41 -1.13 -67.83
N THR F 8 -21.48 -0.53 -68.34
CA THR F 8 -22.50 -1.25 -69.12
C THR F 8 -21.94 -1.92 -70.37
N ALA F 9 -20.95 -1.30 -71.00
CA ALA F 9 -20.23 -1.93 -72.10
C ALA F 9 -19.53 -3.21 -71.66
N ALA F 10 -18.97 -3.21 -70.44
CA ALA F 10 -18.26 -4.38 -69.92
C ALA F 10 -19.18 -5.47 -69.34
N THR F 11 -20.43 -5.14 -69.06
CA THR F 11 -21.37 -6.09 -68.46
C THR F 11 -22.32 -6.64 -69.50
N GLY F 12 -22.72 -5.78 -70.43
CA GLY F 12 -23.73 -6.10 -71.43
C GLY F 12 -25.09 -5.54 -71.04
N GLU F 13 -25.34 -5.49 -69.73
CA GLU F 13 -26.65 -5.05 -69.19
C GLU F 13 -26.86 -3.54 -69.21
N GLY F 14 -27.97 -3.10 -68.62
CA GLY F 14 -28.33 -1.70 -68.49
C GLY F 14 -27.60 -1.01 -67.35
N SER F 15 -27.02 -1.81 -66.44
CA SER F 15 -26.17 -1.25 -65.38
C SER F 15 -24.85 -1.99 -65.25
N GLY F 16 -23.91 -1.35 -64.54
CA GLY F 16 -22.59 -1.90 -64.31
C GLY F 16 -22.52 -2.84 -63.12
N VAL F 17 -21.30 -3.27 -62.81
CA VAL F 17 -21.04 -4.16 -61.69
C VAL F 17 -19.93 -3.54 -60.85
N LEU F 18 -20.11 -3.56 -59.53
CA LEU F 18 -19.12 -3.06 -58.60
C LEU F 18 -18.55 -4.21 -57.80
N PHE F 19 -17.23 -4.29 -57.72
CA PHE F 19 -16.55 -5.27 -56.87
C PHE F 19 -15.77 -4.53 -55.80
N GLY F 20 -16.21 -4.67 -54.56
CA GLY F 20 -15.49 -4.12 -53.42
C GLY F 20 -14.77 -5.24 -52.70
N ASN F 21 -13.48 -5.03 -52.43
CA ASN F 21 -12.61 -6.04 -51.84
C ASN F 21 -11.50 -5.41 -50.98
N PRO F 22 -11.87 -4.71 -49.89
CA PRO F 22 -10.82 -4.19 -49.01
C PRO F 22 -10.05 -5.30 -48.24
N HIS F 23 -8.73 -5.17 -48.19
CA HIS F 23 -7.89 -6.09 -47.40
C HIS F 23 -7.58 -5.48 -46.06
N TRP F 24 -8.17 -6.04 -45.02
CA TRP F 24 -8.29 -5.33 -43.75
C TRP F 24 -8.14 -6.28 -42.61
N TYR F 25 -8.13 -5.74 -41.40
CA TYR F 25 -7.94 -6.55 -40.20
C TYR F 25 -9.05 -7.57 -40.04
N TRP F 26 -8.72 -8.69 -39.41
CA TRP F 26 -9.68 -9.73 -39.11
C TRP F 26 -10.13 -9.68 -37.69
N LYS F 27 -9.34 -8.99 -36.86
CA LYS F 27 -9.69 -8.78 -35.46
C LYS F 27 -9.44 -7.31 -35.10
N GLY F 28 -10.01 -6.86 -33.99
CA GLY F 28 -9.78 -5.50 -33.51
C GLY F 28 -10.81 -4.49 -33.96
N PRO F 29 -10.74 -3.24 -33.45
CA PRO F 29 -11.85 -2.28 -33.59
C PRO F 29 -12.02 -1.71 -35.00
N ASP F 30 -11.00 -1.85 -35.84
CA ASP F 30 -11.11 -1.41 -37.23
C ASP F 30 -11.71 -2.48 -38.15
N ARG F 31 -12.00 -3.68 -37.63
CA ARG F 31 -12.64 -4.73 -38.44
C ARG F 31 -14.02 -4.30 -38.90
N PHE F 32 -14.39 -4.75 -40.10
CA PHE F 32 -15.69 -4.42 -40.65
C PHE F 32 -16.83 -5.15 -39.96
N TYR F 33 -17.99 -4.49 -39.96
CA TYR F 33 -19.22 -5.05 -39.43
C TYR F 33 -20.32 -4.82 -40.47
N GLN F 34 -20.98 -5.88 -40.88
CA GLN F 34 -21.96 -5.81 -41.96
C GLN F 34 -23.36 -5.53 -41.44
N ALA F 35 -24.05 -4.59 -42.10
CA ALA F 35 -25.38 -4.15 -41.68
C ALA F 35 -26.13 -3.34 -42.74
N GLN F 36 -27.44 -3.21 -42.53
CA GLN F 36 -28.29 -2.40 -43.36
C GLN F 36 -29.01 -1.38 -42.46
N LEU F 37 -29.00 -0.11 -42.87
CA LEU F 37 -29.71 0.95 -42.16
C LEU F 37 -30.88 1.46 -43.00
N THR F 38 -32.06 1.46 -42.40
CA THR F 38 -33.26 1.89 -43.09
C THR F 38 -33.97 2.94 -42.27
N ILE F 39 -33.82 4.19 -42.68
CA ILE F 39 -34.45 5.32 -41.99
C ILE F 39 -35.57 5.83 -42.88
N ASP F 40 -36.80 5.68 -42.41
CA ASP F 40 -38.03 6.07 -43.12
C ASP F 40 -37.89 7.29 -44.02
N GLY F 41 -37.96 7.05 -45.33
CA GLY F 41 -37.89 8.09 -46.34
C GLY F 41 -36.63 8.94 -46.39
N GLU F 42 -35.57 8.50 -45.72
CA GLU F 42 -34.31 9.27 -45.65
C GLU F 42 -33.09 8.50 -46.17
N ALA F 43 -33.08 7.19 -45.95
CA ALA F 43 -31.93 6.36 -46.30
C ALA F 43 -32.25 4.88 -46.20
N ASN F 44 -31.78 4.12 -47.17
CA ASN F 44 -31.81 2.66 -47.10
C ASN F 44 -30.51 2.17 -47.72
N VAL F 45 -29.56 1.85 -46.86
CA VAL F 45 -28.20 1.54 -47.28
C VAL F 45 -27.70 0.28 -46.57
N SER F 46 -26.94 -0.52 -47.31
CA SER F 46 -26.33 -1.74 -46.80
C SER F 46 -24.86 -1.75 -47.14
N GLY F 47 -24.10 -2.43 -46.28
CA GLY F 47 -22.67 -2.53 -46.41
C GLY F 47 -22.03 -2.73 -45.05
N VAL F 48 -20.99 -1.94 -44.77
CA VAL F 48 -20.05 -2.32 -43.74
C VAL F 48 -19.42 -1.09 -43.05
N SER F 49 -19.29 -1.14 -41.74
CA SER F 49 -18.66 -0.07 -40.96
C SER F 49 -17.51 -0.66 -40.15
N PHE F 50 -16.52 0.18 -39.82
CA PHE F 50 -15.59 -0.17 -38.75
C PHE F 50 -16.46 -0.34 -37.52
N LEU F 51 -16.08 -1.26 -36.63
CA LEU F 51 -16.73 -1.35 -35.33
C LEU F 51 -16.59 0.02 -34.67
N GLY F 52 -17.70 0.60 -34.23
CA GLY F 52 -17.67 1.92 -33.61
C GLY F 52 -18.15 3.05 -34.50
N LEU F 53 -18.20 2.82 -35.81
CA LEU F 53 -18.72 3.81 -36.77
C LEU F 53 -20.21 3.63 -37.07
N PRO F 54 -20.97 4.74 -37.11
CA PRO F 54 -22.43 4.66 -37.25
C PRO F 54 -23.00 4.72 -38.68
N VAL F 55 -22.19 5.09 -39.67
CA VAL F 55 -22.68 5.07 -41.05
C VAL F 55 -21.87 4.12 -41.92
N ILE F 56 -22.41 3.73 -43.06
CA ILE F 56 -21.78 2.73 -43.94
C ILE F 56 -20.64 3.35 -44.76
N GLN F 57 -19.48 2.69 -44.71
CA GLN F 57 -18.27 3.22 -45.35
C GLN F 57 -18.03 2.60 -46.72
N ILE F 58 -18.46 1.35 -46.87
CA ILE F 58 -18.34 0.62 -48.12
C ILE F 58 -19.62 -0.21 -48.23
N GLY F 59 -20.32 -0.04 -49.35
CA GLY F 59 -21.59 -0.69 -49.53
C GLY F 59 -22.33 -0.15 -50.74
N PHE F 60 -23.65 0.01 -50.58
CA PHE F 60 -24.53 0.28 -51.69
C PHE F 60 -25.93 0.63 -51.19
N ASN F 61 -26.65 1.42 -51.99
CA ASN F 61 -28.09 1.60 -51.80
C ASN F 61 -28.79 1.18 -53.09
N ASP F 62 -30.05 1.55 -53.27
CA ASP F 62 -30.76 1.15 -54.48
C ASP F 62 -30.26 1.87 -55.73
N SER F 63 -29.31 2.80 -55.56
CA SER F 63 -28.89 3.68 -56.66
C SER F 63 -27.40 3.59 -57.00
N VAL F 64 -26.56 3.42 -55.98
CA VAL F 64 -25.11 3.38 -56.14
C VAL F 64 -24.46 2.31 -55.28
N ALA F 65 -23.30 1.84 -55.71
CA ALA F 65 -22.44 0.99 -54.92
C ALA F 65 -21.01 1.50 -55.08
N TRP F 66 -20.21 1.38 -54.03
CA TRP F 66 -18.85 1.89 -54.05
C TRP F 66 -17.96 1.09 -53.13
N SER F 67 -16.66 1.21 -53.36
CA SER F 67 -15.66 0.69 -52.45
C SER F 67 -14.46 1.64 -52.35
N HIS F 68 -13.49 1.26 -51.53
CA HIS F 68 -12.28 2.03 -51.29
C HIS F 68 -11.07 1.14 -51.26
N THR F 69 -9.95 1.71 -51.69
CA THR F 69 -8.64 1.12 -51.50
C THR F 69 -7.72 2.22 -50.97
N VAL F 70 -6.81 1.85 -50.09
CA VAL F 70 -5.81 2.78 -49.60
C VAL F 70 -5.05 3.44 -50.77
N SER F 71 -5.01 4.77 -50.73
CA SER F 71 -4.36 5.57 -51.75
C SER F 71 -2.86 5.72 -51.47
N THR F 72 -2.08 5.97 -52.51
CA THR F 72 -0.65 6.19 -52.37
C THR F 72 -0.31 7.65 -52.04
N ALA F 73 -1.32 8.52 -52.07
CA ALA F 73 -1.13 9.93 -51.77
C ALA F 73 -0.86 10.09 -50.29
N ARG F 74 0.27 10.71 -49.97
CA ARG F 74 0.63 11.01 -48.60
C ARG F 74 -0.32 12.07 -48.03
N ARG F 75 -0.62 11.95 -46.74
CA ARG F 75 -1.66 12.77 -46.11
C ARG F 75 -1.08 13.61 -44.96
N PHE F 76 0.22 13.55 -44.79
CA PHE F 76 0.89 14.28 -43.73
C PHE F 76 2.23 14.82 -44.20
N GLY F 77 2.74 15.79 -43.46
CA GLY F 77 4.07 16.33 -43.71
C GLY F 77 4.76 16.56 -42.39
N PHE F 78 6.07 16.78 -42.44
CA PHE F 78 6.78 17.25 -41.28
C PHE F 78 7.16 18.71 -41.43
N PHE F 79 7.35 19.38 -40.29
CA PHE F 79 7.80 20.77 -40.23
C PHE F 79 8.95 20.86 -39.25
N GLN F 80 10.09 21.32 -39.75
CA GLN F 80 11.27 21.54 -38.94
C GLN F 80 11.20 22.93 -38.33
N LEU F 81 11.47 22.99 -37.02
CA LEU F 81 11.33 24.22 -36.26
C LEU F 81 12.70 24.70 -35.82
N SER F 82 12.94 25.98 -36.06
CA SER F 82 14.14 26.64 -35.55
C SER F 82 13.82 27.24 -34.20
N LEU F 83 14.39 26.62 -33.16
CA LEU F 83 14.09 26.98 -31.78
C LEU F 83 14.78 28.25 -31.33
N VAL F 84 14.09 29.03 -30.51
CA VAL F 84 14.65 30.23 -29.86
C VAL F 84 15.73 29.80 -28.89
N GLN F 85 16.89 30.46 -28.97
CA GLN F 85 18.01 30.15 -28.09
C GLN F 85 17.60 30.40 -26.63
N GLY F 86 17.86 29.43 -25.76
CA GLY F 86 17.45 29.49 -24.35
C GLY F 86 16.04 28.96 -24.09
N GLU F 87 15.22 28.91 -25.13
CA GLU F 87 13.80 28.57 -25.01
C GLU F 87 13.41 27.41 -25.92
N PRO F 88 13.70 26.15 -25.50
CA PRO F 88 13.46 24.99 -26.37
C PRO F 88 11.98 24.63 -26.63
N THR F 89 11.06 25.48 -26.18
CA THR F 89 9.63 25.30 -26.45
C THR F 89 9.05 26.47 -27.25
N SER F 90 9.93 27.25 -27.87
CA SER F 90 9.51 28.32 -28.77
C SER F 90 10.23 28.22 -30.12
N TYR F 91 9.53 28.55 -31.20
CA TYR F 91 10.09 28.47 -32.54
C TYR F 91 9.87 29.76 -33.33
N LEU F 92 10.74 29.98 -34.32
CA LEU F 92 10.70 31.22 -35.10
C LEU F 92 9.77 31.15 -36.32
N ARG F 93 9.02 32.22 -36.53
CA ARG F 93 8.16 32.37 -37.70
C ARG F 93 8.46 33.70 -38.38
N ASP F 94 9.37 33.65 -39.36
CA ASP F 94 9.87 34.82 -40.07
C ASP F 94 10.51 35.81 -39.10
N GLY F 95 11.47 35.30 -38.32
CA GLY F 95 12.22 36.10 -37.35
C GLY F 95 11.42 36.52 -36.13
N VAL F 96 10.35 35.77 -35.83
CA VAL F 96 9.46 36.11 -34.71
C VAL F 96 9.24 34.88 -33.82
N PRO F 97 9.60 34.99 -32.53
CA PRO F 97 9.42 33.87 -31.59
C PRO F 97 7.94 33.58 -31.36
N VAL F 98 7.57 32.30 -31.48
CA VAL F 98 6.20 31.88 -31.24
C VAL F 98 6.20 30.80 -30.15
N LYS F 99 5.32 30.98 -29.17
CA LYS F 99 5.14 29.98 -28.13
C LYS F 99 4.40 28.76 -28.67
N MET F 100 4.97 27.58 -28.42
CA MET F 100 4.24 26.33 -28.61
C MET F 100 3.23 26.21 -27.49
N LYS F 101 2.11 25.55 -27.78
CA LYS F 101 1.05 25.36 -26.78
C LYS F 101 1.29 24.10 -25.95
N PRO F 102 1.44 24.25 -24.62
CA PRO F 102 1.69 23.09 -23.77
C PRO F 102 0.40 22.40 -23.36
N ALA F 103 0.51 21.13 -23.00
CA ALA F 103 -0.60 20.38 -22.42
C ALA F 103 -0.02 19.41 -21.40
N THR F 104 -0.44 19.56 -20.15
CA THR F 104 0.03 18.72 -19.08
C THR F 104 -0.99 17.64 -18.87
N ILE F 105 -0.57 16.40 -19.11
CA ILE F 105 -1.49 15.27 -19.12
C ILE F 105 -1.06 14.21 -18.11
N THR F 106 -2.02 13.78 -17.30
CA THR F 106 -1.82 12.71 -16.33
C THR F 106 -2.60 11.48 -16.80
N VAL F 107 -1.97 10.31 -16.70
CA VAL F 107 -2.60 9.04 -17.09
C VAL F 107 -2.44 8.03 -15.96
N PRO F 108 -3.56 7.49 -15.45
CA PRO F 108 -3.38 6.49 -14.40
C PRO F 108 -2.89 5.19 -15.02
N SER F 109 -1.92 4.55 -14.37
CA SER F 109 -1.37 3.30 -14.89
C SER F 109 -1.29 2.20 -13.82
N ARG F 110 -2.01 1.10 -14.06
CA ARG F 110 -1.97 -0.06 -13.18
C ARG F 110 -0.56 -0.62 -13.12
N ASN F 111 0.02 -0.61 -11.92
CA ASN F 111 1.32 -1.22 -11.68
C ASN F 111 1.13 -2.72 -11.54
N ALA F 112 2.13 -3.49 -11.99
CA ALA F 112 2.04 -4.96 -12.02
C ALA F 112 1.87 -5.62 -10.64
N ASP F 113 1.80 -4.81 -9.57
CA ASP F 113 1.52 -5.31 -8.22
C ASP F 113 0.03 -5.19 -7.85
N GLY F 114 -0.72 -4.47 -8.67
CA GLY F 114 -2.15 -4.29 -8.47
C GLY F 114 -2.59 -2.84 -8.45
N SER F 115 -1.86 -2.01 -7.70
CA SER F 115 -2.22 -0.60 -7.50
C SER F 115 -2.12 0.26 -8.76
N VAL F 116 -2.86 1.37 -8.76
CA VAL F 116 -2.98 2.26 -9.93
C VAL F 116 -2.46 3.67 -9.60
N SER F 117 -1.37 4.07 -10.25
CA SER F 117 -0.73 5.35 -9.95
C SER F 117 -0.58 6.24 -11.19
N ASP F 118 -0.54 7.54 -10.95
CA ASP F 118 -0.51 8.56 -12.00
C ASP F 118 0.86 8.68 -12.63
N VAL F 119 0.86 8.79 -13.96
CA VAL F 119 2.06 9.13 -14.71
C VAL F 119 1.76 10.34 -15.59
N THR F 120 2.50 11.41 -15.39
CA THR F 120 2.22 12.64 -16.08
C THR F 120 3.41 13.09 -16.94
N ARG F 121 3.11 13.68 -18.08
CA ARG F 121 4.11 14.35 -18.92
C ARG F 121 3.49 15.46 -19.79
N THR F 122 4.26 16.51 -20.03
CA THR F 122 3.80 17.67 -20.78
C THR F 122 4.19 17.54 -22.24
N LEU F 123 3.19 17.60 -23.10
CA LEU F 123 3.40 17.52 -24.55
C LEU F 123 3.01 18.85 -25.19
N TYR F 124 3.28 18.98 -26.48
CA TYR F 124 3.22 20.30 -27.14
C TYR F 124 2.59 20.26 -28.53
N HIS F 125 1.99 21.38 -28.91
CA HIS F 125 1.48 21.59 -30.27
C HIS F 125 2.15 22.79 -30.87
N SER F 126 2.43 22.72 -32.18
CA SER F 126 2.79 23.89 -32.97
C SER F 126 1.55 24.30 -33.76
N GLU F 127 1.64 25.37 -34.54
CA GLU F 127 0.54 25.76 -35.42
C GLU F 127 0.34 24.75 -36.57
N PHE F 128 1.28 23.84 -36.73
CA PHE F 128 1.20 22.85 -37.78
C PHE F 128 0.52 21.56 -37.31
N GLY F 129 0.60 21.30 -36.01
CA GLY F 129 0.18 20.03 -35.42
C GLY F 129 1.03 19.68 -34.22
N PRO F 130 0.83 18.47 -33.65
CA PRO F 130 1.57 18.04 -32.45
C PRO F 130 3.06 17.89 -32.71
N LEU F 131 3.86 18.18 -31.69
CA LEU F 131 5.31 17.93 -31.77
C LEU F 131 5.52 16.42 -31.89
N VAL F 132 6.56 16.03 -32.63
CA VAL F 132 6.84 14.61 -32.86
C VAL F 132 8.32 14.29 -32.59
N ASN F 133 8.54 13.18 -31.88
CA ASN F 133 9.89 12.70 -31.54
C ASN F 133 10.45 11.82 -32.68
N LEU F 134 11.43 12.36 -33.41
CA LEU F 134 11.96 11.71 -34.63
C LEU F 134 13.33 11.04 -34.47
N ALA F 135 13.77 10.88 -33.23
CA ALA F 135 15.01 10.20 -32.90
C ALA F 135 14.97 8.74 -33.32
N GLY F 136 13.79 8.15 -33.27
CA GLY F 136 13.59 6.77 -33.68
C GLY F 136 13.82 6.59 -35.17
N LEU F 137 13.35 7.57 -35.95
CA LEU F 137 13.59 7.63 -37.39
C LEU F 137 15.08 7.75 -37.70
N ASN F 138 15.74 8.69 -37.03
CA ASN F 138 17.18 8.78 -37.04
C ASN F 138 17.65 9.52 -35.78
N PRO F 139 18.64 8.96 -35.06
CA PRO F 139 19.12 9.54 -33.78
C PRO F 139 19.54 11.01 -33.88
N ALA F 140 20.05 11.43 -35.03
CA ALA F 140 20.42 12.82 -35.27
C ALA F 140 19.22 13.79 -35.32
N LEU F 141 18.02 13.23 -35.43
CA LEU F 141 16.80 14.03 -35.52
C LEU F 141 16.07 14.20 -34.17
N ALA F 142 16.86 14.29 -33.10
CA ALA F 142 16.34 14.49 -31.75
C ALA F 142 15.86 15.91 -31.57
N TRP F 143 15.07 16.15 -30.51
CA TRP F 143 14.69 17.50 -30.15
C TRP F 143 15.83 18.10 -29.34
N SER F 144 16.54 19.02 -29.97
CA SER F 144 17.78 19.58 -29.40
C SER F 144 17.59 21.01 -28.96
N GLN F 145 18.70 21.70 -28.72
CA GLN F 145 18.69 23.08 -28.29
C GLN F 145 18.17 24.02 -29.37
N GLY F 146 18.43 23.69 -30.62
CA GLY F 146 18.08 24.53 -31.75
C GLY F 146 17.09 23.94 -32.74
N THR F 147 16.78 22.66 -32.62
CA THR F 147 15.90 21.99 -33.59
C THR F 147 14.79 21.14 -32.94
N ALA F 148 13.61 21.17 -33.55
CA ALA F 148 12.46 20.36 -33.13
C ALA F 148 11.57 20.03 -34.33
N PHE F 149 10.60 19.12 -34.14
CA PHE F 149 9.78 18.66 -35.27
C PHE F 149 8.30 18.44 -34.92
N ALA F 150 7.44 18.98 -35.77
CA ALA F 150 6.01 18.76 -35.68
C ALA F 150 5.55 17.96 -36.89
N ILE F 151 4.41 17.31 -36.75
CA ILE F 151 3.79 16.60 -37.86
C ILE F 151 2.44 17.25 -38.19
N ARG F 152 2.19 17.47 -39.48
CA ARG F 152 0.87 17.92 -39.93
C ARG F 152 0.16 16.88 -40.80
N ASP F 153 -1.03 16.47 -40.35
CA ASP F 153 -1.93 15.60 -41.07
C ASP F 153 -3.12 16.47 -41.47
N ILE F 154 -3.45 16.54 -42.76
CA ILE F 154 -4.59 17.37 -43.23
C ILE F 154 -5.93 16.95 -42.64
N ASN F 155 -6.03 15.69 -42.21
CA ASN F 155 -7.27 15.17 -41.65
C ASN F 155 -7.49 15.58 -40.21
N GLY F 156 -6.44 16.14 -39.60
CA GLY F 156 -6.55 16.75 -38.29
C GLY F 156 -7.63 17.80 -38.29
N GLU F 157 -7.71 18.59 -39.38
CA GLU F 157 -8.75 19.62 -39.53
C GLU F 157 -9.85 19.18 -40.50
N ASN F 158 -9.93 17.89 -40.81
CA ASN F 158 -10.97 17.37 -41.71
C ASN F 158 -12.14 16.77 -40.94
N PHE F 159 -13.17 17.57 -40.71
CA PHE F 159 -14.29 17.15 -39.91
C PHE F 159 -15.48 16.76 -40.78
N ARG F 160 -15.22 16.49 -42.06
CA ARG F 160 -16.28 16.37 -43.06
C ARG F 160 -16.55 14.93 -43.51
N THR F 161 -15.66 14.02 -43.11
CA THR F 161 -15.68 12.62 -43.55
C THR F 161 -16.99 11.90 -43.28
N LEU F 162 -17.41 11.90 -42.02
CA LEU F 162 -18.63 11.23 -41.59
C LEU F 162 -19.85 11.83 -42.26
N ARG F 163 -19.86 13.15 -42.40
CA ARG F 163 -20.93 13.82 -43.15
C ARG F 163 -20.99 13.31 -44.61
N THR F 164 -19.83 13.02 -45.18
CA THR F 164 -19.72 12.58 -46.57
C THR F 164 -20.32 11.21 -46.80
N TRP F 165 -19.88 10.24 -46.00
CA TRP F 165 -20.40 8.88 -46.07
C TRP F 165 -21.88 8.83 -45.86
N MET F 166 -22.38 9.64 -44.93
CA MET F 166 -23.82 9.71 -44.68
C MET F 166 -24.52 10.17 -45.95
N ARG F 167 -24.01 11.21 -46.58
CA ARG F 167 -24.60 11.74 -47.80
C ARG F 167 -24.55 10.69 -48.90
N TRP F 168 -23.43 9.97 -48.99
CA TRP F 168 -23.31 8.86 -49.94
C TRP F 168 -24.32 7.79 -49.70
N ASN F 169 -24.53 7.47 -48.42
CA ASN F 169 -25.54 6.49 -48.00
C ASN F 169 -26.95 6.84 -48.51
N GLN F 170 -27.20 8.14 -48.67
CA GLN F 170 -28.51 8.62 -49.10
C GLN F 170 -28.60 8.94 -50.59
N ALA F 171 -27.47 8.89 -51.29
CA ALA F 171 -27.37 9.36 -52.68
C ALA F 171 -28.26 8.57 -53.64
N LYS F 172 -28.88 9.29 -54.58
CA LYS F 172 -29.88 8.72 -55.48
C LYS F 172 -29.39 8.47 -56.92
N SER F 173 -28.13 8.79 -57.20
CA SER F 173 -27.49 8.47 -58.48
C SER F 173 -25.98 8.63 -58.40
N LEU F 174 -25.27 8.06 -59.38
CA LEU F 174 -23.83 8.24 -59.48
C LEU F 174 -23.45 9.70 -59.58
N ASP F 175 -24.12 10.44 -60.47
CA ASP F 175 -23.90 11.88 -60.62
C ASP F 175 -23.86 12.60 -59.27
N GLU F 176 -24.88 12.35 -58.46
CA GLU F 176 -24.96 12.93 -57.12
C GLU F 176 -23.84 12.42 -56.22
N PHE F 177 -23.50 11.14 -56.36
CA PHE F 177 -22.37 10.54 -55.64
C PHE F 177 -21.08 11.32 -55.93
N ILE F 178 -20.80 11.53 -57.22
CA ILE F 178 -19.62 12.26 -57.67
C ILE F 178 -19.66 13.71 -57.16
N ALA F 179 -20.84 14.33 -57.28
CA ALA F 179 -21.03 15.72 -56.84
C ALA F 179 -20.77 15.84 -55.35
N ILE F 180 -21.30 14.89 -54.58
CA ILE F 180 -21.04 14.86 -53.14
C ILE F 180 -19.53 14.81 -52.89
N GLN F 181 -18.83 13.94 -53.60
CA GLN F 181 -17.38 13.78 -53.39
C GLN F 181 -16.59 15.04 -53.68
N LYS F 182 -17.04 15.80 -54.68
CA LYS F 182 -16.39 17.05 -55.06
C LYS F 182 -16.64 18.18 -54.05
N GLU F 183 -17.89 18.32 -53.58
CA GLU F 183 -18.25 19.33 -52.59
C GLU F 183 -17.52 19.12 -51.28
N GLU F 184 -17.34 17.86 -50.88
CA GLU F 184 -16.81 17.55 -49.57
C GLU F 184 -15.29 17.48 -49.57
N ALA F 185 -14.72 16.87 -50.63
CA ALA F 185 -13.28 16.66 -50.74
C ALA F 185 -12.71 16.25 -49.41
N SER F 186 -13.28 15.17 -48.87
CA SER F 186 -13.10 14.81 -47.49
C SER F 186 -12.48 13.43 -47.31
N ILE F 187 -12.48 12.65 -48.39
CA ILE F 187 -12.04 11.26 -48.28
C ILE F 187 -10.57 11.19 -47.81
N PRO F 188 -10.35 10.67 -46.59
CA PRO F 188 -9.10 10.92 -45.86
C PRO F 188 -7.84 10.22 -46.36
N TRP F 189 -7.94 8.97 -46.83
CA TRP F 189 -6.74 8.19 -47.22
C TRP F 189 -7.01 7.05 -48.18
N VAL F 190 -8.06 7.18 -48.97
CA VAL F 190 -8.48 6.09 -49.86
C VAL F 190 -8.93 6.57 -51.24
N ASN F 191 -8.79 5.69 -52.23
CA ASN F 191 -9.43 5.90 -53.53
C ASN F 191 -10.92 5.57 -53.38
N THR F 192 -11.71 5.91 -54.41
CA THR F 192 -13.10 5.53 -54.45
C THR F 192 -13.45 5.07 -55.86
N VAL F 193 -14.12 3.92 -55.93
CA VAL F 193 -14.73 3.49 -57.17
C VAL F 193 -16.21 3.24 -56.92
N ALA F 194 -17.05 3.87 -57.74
CA ALA F 194 -18.49 3.70 -57.65
C ALA F 194 -19.10 3.45 -59.02
N VAL F 195 -20.20 2.70 -59.00
CA VAL F 195 -21.03 2.43 -60.15
C VAL F 195 -22.43 2.84 -59.75
N GLY F 196 -23.18 3.39 -60.70
CA GLY F 196 -24.55 3.84 -60.46
C GLY F 196 -25.54 3.11 -61.36
N ARG F 197 -26.78 2.99 -60.88
CA ARG F 197 -27.87 2.41 -61.65
C ARG F 197 -28.22 3.37 -62.79
N GLY F 198 -28.45 2.80 -63.97
CA GLY F 198 -28.75 3.59 -65.18
C GLY F 198 -27.61 4.49 -65.67
N SER F 199 -26.40 4.27 -65.13
CA SER F 199 -25.18 4.97 -65.57
C SER F 199 -24.27 4.02 -66.34
N ALA F 200 -23.76 4.48 -67.47
CA ALA F 200 -22.95 3.65 -68.35
C ALA F 200 -21.51 3.52 -67.87
N LYS F 201 -21.00 4.59 -67.25
CA LYS F 201 -19.59 4.67 -66.88
C LYS F 201 -19.39 4.39 -65.40
N ALA F 202 -18.41 3.54 -65.10
CA ALA F 202 -17.95 3.38 -63.73
C ALA F 202 -17.04 4.55 -63.37
N TRP F 203 -16.96 4.85 -62.08
CA TRP F 203 -16.27 6.03 -61.57
C TRP F 203 -15.05 5.65 -60.77
N TYR F 204 -13.95 6.36 -61.02
CA TYR F 204 -12.76 6.26 -60.18
C TYR F 204 -12.28 7.65 -59.79
N ALA F 205 -11.80 7.80 -58.55
CA ALA F 205 -11.22 9.06 -58.08
C ALA F 205 -10.39 8.95 -56.82
N ASP F 206 -9.28 9.67 -56.80
CA ASP F 206 -8.57 9.95 -55.58
C ASP F 206 -8.91 11.38 -55.21
N ILE F 207 -10.19 11.63 -55.03
CA ILE F 207 -10.68 12.96 -54.65
C ILE F 207 -11.01 12.96 -53.15
N GLY F 208 -10.14 13.60 -52.38
CA GLY F 208 -10.25 13.69 -50.93
C GLY F 208 -9.38 14.78 -50.37
N ALA F 209 -8.88 14.58 -49.15
CA ALA F 209 -8.10 15.61 -48.48
C ALA F 209 -6.62 15.28 -48.61
N VAL F 210 -5.88 16.14 -49.31
CA VAL F 210 -4.47 15.91 -49.59
C VAL F 210 -3.64 17.20 -49.38
N PRO F 211 -2.50 17.10 -48.69
CA PRO F 211 -1.62 18.26 -48.46
C PRO F 211 -1.18 18.89 -49.77
N ASN F 212 -1.29 20.21 -49.85
CA ASN F 212 -1.02 20.99 -51.05
C ASN F 212 0.35 21.69 -51.00
N VAL F 213 1.28 21.21 -51.81
CA VAL F 213 2.61 21.82 -51.94
C VAL F 213 2.99 21.95 -53.41
N SER F 214 3.68 23.03 -53.77
CA SER F 214 4.09 23.21 -55.16
C SER F 214 5.49 22.62 -55.38
N PRO F 215 5.84 22.29 -56.65
CA PRO F 215 7.21 21.93 -57.01
C PRO F 215 8.24 22.99 -56.61
N ALA F 216 7.90 24.27 -56.77
CA ALA F 216 8.75 25.36 -56.29
C ALA F 216 9.00 25.22 -54.79
N GLN F 217 7.94 24.94 -54.03
CA GLN F 217 8.05 24.75 -52.59
C GLN F 217 8.91 23.55 -52.21
N THR F 218 8.70 22.42 -52.89
CA THR F 218 9.42 21.19 -52.55
C THR F 218 10.93 21.38 -52.52
N ALA F 219 11.48 21.95 -53.60
CA ALA F 219 12.94 22.13 -53.73
C ALA F 219 13.54 23.29 -52.91
N ALA F 220 12.70 24.25 -52.50
CA ALA F 220 13.17 25.44 -51.79
C ALA F 220 12.92 25.35 -50.28
N CYS F 221 11.96 24.52 -49.88
CA CYS F 221 11.55 24.42 -48.48
C CYS F 221 12.06 23.20 -47.74
N THR F 222 12.50 22.18 -48.48
CA THR F 222 13.05 20.99 -47.84
C THR F 222 14.36 21.35 -47.14
N THR F 223 14.42 21.09 -45.84
CA THR F 223 15.59 21.39 -45.02
C THR F 223 16.70 20.38 -45.30
N PRO F 224 17.94 20.72 -44.89
CA PRO F 224 19.01 19.72 -45.01
C PRO F 224 18.59 18.35 -44.45
N PHE F 225 17.97 18.37 -43.26
CA PHE F 225 17.46 17.15 -42.62
C PHE F 225 16.39 16.45 -43.47
N GLY F 226 15.51 17.24 -44.08
CA GLY F 226 14.48 16.70 -44.98
C GLY F 226 15.03 15.97 -46.18
N MET F 227 16.06 16.57 -46.78
CA MET F 227 16.88 15.96 -47.85
C MET F 227 17.45 14.62 -47.39
N ALA F 228 18.12 14.62 -46.23
CA ALA F 228 18.84 13.46 -45.72
C ALA F 228 17.94 12.26 -45.42
N VAL F 229 16.65 12.51 -45.24
CA VAL F 229 15.74 11.47 -44.78
C VAL F 229 14.61 11.23 -45.79
N GLY F 230 14.54 12.08 -46.80
CA GLY F 230 13.50 12.00 -47.83
C GLY F 230 13.22 10.58 -48.30
N GLN F 231 14.27 9.81 -48.54
CA GLN F 231 14.15 8.44 -49.07
C GLN F 231 13.39 7.47 -48.17
N ALA F 232 13.30 7.79 -46.88
CA ALA F 232 12.56 6.94 -45.94
C ALA F 232 11.09 7.38 -45.88
N LEU F 233 10.83 8.58 -46.41
CA LEU F 233 9.49 9.18 -46.38
C LEU F 233 9.14 9.68 -47.78
N PRO F 234 9.04 8.76 -48.76
CA PRO F 234 8.88 9.20 -50.15
C PRO F 234 7.65 10.07 -50.37
N ASN F 235 7.87 11.21 -51.01
CA ASN F 235 6.84 12.19 -51.37
C ASN F 235 6.26 12.94 -50.19
N VAL F 236 6.75 12.66 -48.99
CA VAL F 236 6.30 13.36 -47.79
C VAL F 236 7.02 14.69 -47.69
N PRO F 237 6.27 15.81 -47.69
CA PRO F 237 6.91 17.11 -47.57
C PRO F 237 7.58 17.34 -46.20
N PHE F 238 8.89 17.59 -46.22
CA PHE F 238 9.66 17.90 -45.01
C PHE F 238 10.14 19.35 -45.12
N PHE F 239 9.32 20.28 -44.62
CA PHE F 239 9.51 21.72 -44.85
C PHE F 239 10.03 22.54 -43.66
N ASP F 240 10.51 23.74 -43.98
CA ASP F 240 11.09 24.66 -43.01
C ASP F 240 9.96 25.49 -42.37
N GLY F 241 9.63 25.18 -41.12
CA GLY F 241 8.60 25.91 -40.37
C GLY F 241 8.86 27.40 -40.25
N SER F 242 10.15 27.76 -40.19
CA SER F 242 10.62 29.16 -40.11
C SER F 242 9.94 30.12 -41.07
N ARG F 243 9.69 29.65 -42.29
CA ARG F 243 9.24 30.53 -43.36
C ARG F 243 7.76 30.31 -43.65
N SER F 244 7.00 31.40 -43.64
CA SER F 244 5.56 31.33 -43.95
C SER F 244 5.33 30.86 -45.40
N GLU F 245 6.30 31.16 -46.25
CA GLU F 245 6.29 30.73 -47.65
C GLU F 245 6.27 29.20 -47.78
N CYS F 246 6.67 28.50 -46.72
CA CYS F 246 6.68 27.04 -46.70
C CYS F 246 5.43 26.43 -46.06
N ASP F 247 4.37 27.21 -45.91
CA ASP F 247 3.10 26.67 -45.43
C ASP F 247 2.36 26.03 -46.60
N TRP F 248 1.49 25.08 -46.31
CA TRP F 248 0.73 24.43 -47.37
C TRP F 248 -0.15 25.44 -48.05
N LEU F 249 -0.29 25.30 -49.36
CA LEU F 249 -1.02 26.25 -50.19
C LEU F 249 -2.54 25.98 -50.26
N THR F 250 -3.30 26.98 -50.67
CA THR F 250 -4.75 26.84 -50.86
C THR F 250 -5.13 27.25 -52.29
N ASP F 251 -5.76 26.33 -53.01
CA ASP F 251 -6.23 26.62 -54.37
C ASP F 251 -7.55 27.37 -54.32
N ALA F 252 -7.95 27.93 -55.47
CA ALA F 252 -9.20 28.68 -55.59
C ALA F 252 -10.43 27.79 -55.42
N ASP F 253 -10.29 26.52 -55.77
CA ASP F 253 -11.37 25.54 -55.59
C ASP F 253 -11.04 24.50 -54.49
N SER F 254 -10.20 24.92 -53.54
CA SER F 254 -9.88 24.08 -52.37
C SER F 254 -11.03 24.14 -51.38
N VAL F 255 -11.42 22.97 -50.86
CA VAL F 255 -12.48 22.89 -49.89
C VAL F 255 -11.92 23.22 -48.50
N GLN F 256 -10.67 22.83 -48.28
CA GLN F 256 -10.00 23.03 -47.00
C GLN F 256 -8.71 23.86 -47.19
N LYS F 257 -8.30 24.60 -46.15
CA LYS F 257 -7.02 25.33 -46.20
C LYS F 257 -5.86 24.34 -46.17
N GLY F 258 -4.88 24.55 -47.04
CA GLY F 258 -3.70 23.68 -47.10
C GLY F 258 -3.91 22.38 -47.86
N ALA F 259 -5.10 22.20 -48.40
CA ALA F 259 -5.48 20.98 -49.13
C ALA F 259 -5.50 21.20 -50.64
N VAL F 260 -5.16 20.15 -51.39
CA VAL F 260 -5.16 20.22 -52.85
C VAL F 260 -6.57 20.53 -53.33
N GLY F 261 -6.69 21.45 -54.29
CA GLY F 261 -7.97 21.82 -54.89
C GLY F 261 -8.58 20.71 -55.72
N VAL F 262 -9.90 20.73 -55.82
CA VAL F 262 -10.68 19.66 -56.48
C VAL F 262 -10.28 19.36 -57.94
N SER F 263 -10.04 20.40 -58.73
CA SER F 263 -9.75 20.22 -60.15
C SER F 263 -8.42 19.52 -60.41
N ARG F 264 -7.49 19.63 -59.45
CA ARG F 264 -6.16 19.02 -59.56
C ARG F 264 -6.07 17.68 -58.82
N MET F 265 -7.21 16.99 -58.72
CA MET F 265 -7.23 15.67 -58.11
C MET F 265 -7.71 14.63 -59.10
N PRO F 266 -7.02 13.48 -59.17
CA PRO F 266 -7.26 12.44 -60.19
C PRO F 266 -8.62 11.75 -60.15
N SER F 267 -9.30 11.76 -61.30
CA SER F 267 -10.52 10.98 -61.50
C SER F 267 -10.65 10.54 -62.97
N LEU F 268 -11.54 9.58 -63.22
CA LEU F 268 -11.73 9.01 -64.55
C LEU F 268 -13.07 8.28 -64.59
N GLN F 269 -13.77 8.41 -65.72
CA GLN F 269 -15.01 7.67 -65.93
C GLN F 269 -14.85 6.84 -67.19
N ARG F 270 -15.24 5.57 -67.11
CA ARG F 270 -15.06 4.64 -68.21
C ARG F 270 -16.28 3.76 -68.37
N ASP F 271 -16.68 3.50 -69.62
CA ASP F 271 -17.76 2.53 -69.83
C ASP F 271 -17.31 1.06 -69.89
N ASP F 272 -15.99 0.84 -69.98
CA ASP F 272 -15.44 -0.53 -69.88
C ASP F 272 -15.13 -0.90 -68.43
N TYR F 273 -14.04 -0.41 -67.87
CA TYR F 273 -13.71 -0.67 -66.46
C TYR F 273 -12.79 0.39 -65.82
N VAL F 274 -12.89 0.49 -64.48
CA VAL F 274 -11.86 1.14 -63.66
C VAL F 274 -11.49 0.16 -62.54
N GLY F 275 -10.23 0.21 -62.11
CA GLY F 275 -9.81 -0.63 -61.00
C GLY F 275 -8.60 -0.05 -60.27
N ASN F 276 -8.42 -0.48 -59.02
CA ASN F 276 -7.24 -0.14 -58.26
C ASN F 276 -6.86 -1.27 -57.32
N MET F 277 -5.55 -1.47 -57.16
CA MET F 277 -5.01 -2.52 -56.28
C MET F 277 -3.92 -1.96 -55.36
N ASN F 278 -4.03 -0.66 -55.09
CA ASN F 278 -3.15 0.07 -54.17
C ASN F 278 -1.98 0.82 -54.80
N ASP F 279 -1.83 0.73 -56.12
CA ASP F 279 -0.87 1.59 -56.80
C ASP F 279 -1.51 2.97 -57.02
N SER F 280 -0.76 3.89 -57.62
CA SER F 280 -1.26 5.23 -57.83
C SER F 280 -2.44 5.26 -58.79
N TYR F 281 -3.13 6.39 -58.79
CA TYR F 281 -4.19 6.71 -59.75
C TYR F 281 -3.84 6.39 -61.21
N TRP F 282 -2.54 6.41 -61.52
CA TRP F 282 -2.02 6.32 -62.89
C TRP F 282 -2.75 5.35 -63.79
N LEU F 283 -2.82 4.09 -63.36
CA LEU F 283 -3.41 3.03 -64.17
C LEU F 283 -4.84 2.65 -63.75
N ALA F 284 -5.62 3.67 -63.37
CA ALA F 284 -7.03 3.49 -63.05
C ALA F 284 -7.70 2.65 -64.14
N ASN F 285 -7.36 2.96 -65.39
CA ASN F 285 -7.69 2.12 -66.53
C ASN F 285 -6.48 2.00 -67.46
N VAL F 286 -6.00 0.77 -67.65
CA VAL F 286 -4.80 0.48 -68.42
C VAL F 286 -4.74 1.18 -69.78
N HIS F 287 -5.88 1.25 -70.47
CA HIS F 287 -5.93 1.84 -71.80
C HIS F 287 -5.75 3.32 -71.75
N ALA F 288 -6.32 3.97 -70.74
CA ALA F 288 -6.28 5.43 -70.64
C ALA F 288 -5.60 5.88 -69.35
N PRO F 289 -4.26 5.87 -69.33
CA PRO F 289 -3.52 6.25 -68.12
C PRO F 289 -3.77 7.71 -67.75
N LEU F 290 -3.61 8.02 -66.47
CA LEU F 290 -3.75 9.39 -65.96
C LEU F 290 -2.38 9.95 -65.57
N THR F 291 -2.14 11.21 -65.93
CA THR F 291 -0.85 11.86 -65.68
C THR F 291 -1.05 13.34 -65.35
N GLY F 292 0.01 13.99 -64.86
CA GLY F 292 0.01 15.44 -64.63
C GLY F 292 -0.56 15.93 -63.31
N TYR F 293 -0.99 15.00 -62.45
CA TYR F 293 -1.51 15.35 -61.12
C TYR F 293 -0.35 15.56 -60.12
N PRO F 294 -0.56 16.37 -59.05
CA PRO F 294 0.52 16.73 -58.12
C PRO F 294 1.29 15.53 -57.58
N ALA F 295 2.62 15.69 -57.44
CA ALA F 295 3.54 14.62 -57.10
C ALA F 295 3.16 13.81 -55.86
N ILE F 296 2.56 14.46 -54.88
CA ILE F 296 2.18 13.82 -53.61
C ILE F 296 1.28 12.57 -53.82
N PHE F 297 0.54 12.56 -54.93
CA PHE F 297 -0.33 11.44 -55.27
C PHE F 297 0.43 10.17 -55.65
N GLY F 298 1.74 10.31 -55.86
CA GLY F 298 2.58 9.19 -56.23
C GLY F 298 3.09 9.27 -57.67
N PRO F 299 3.86 8.24 -58.10
CA PRO F 299 4.38 8.18 -59.47
C PRO F 299 3.29 7.83 -60.49
N ALA F 300 3.38 8.44 -61.68
CA ALA F 300 2.41 8.17 -62.74
C ALA F 300 3.15 7.81 -64.04
N GLY F 301 3.80 6.65 -64.01
CA GLY F 301 4.46 6.13 -65.20
C GLY F 301 5.95 5.95 -65.07
N THR F 302 6.49 6.31 -63.91
CA THR F 302 7.93 6.18 -63.67
C THR F 302 8.27 5.01 -62.75
N SER F 303 7.24 4.42 -62.14
CA SER F 303 7.39 3.25 -61.27
C SER F 303 6.68 2.01 -61.81
N ALA F 304 7.33 0.86 -61.65
CA ALA F 304 6.72 -0.44 -61.89
C ALA F 304 5.54 -0.66 -60.97
N GLN F 305 4.53 -1.35 -61.48
CA GLN F 305 3.34 -1.67 -60.70
C GLN F 305 3.64 -2.92 -59.90
N THR F 306 2.97 -3.08 -58.76
CA THR F 306 3.18 -4.28 -57.94
C THR F 306 2.64 -5.50 -58.68
N LEU F 307 3.11 -6.69 -58.30
CA LEU F 307 2.60 -7.92 -58.89
C LEU F 307 1.08 -8.04 -58.74
N ARG F 308 0.55 -7.60 -57.60
CA ARG F 308 -0.91 -7.63 -57.39
C ARG F 308 -1.66 -6.70 -58.36
N THR F 309 -1.12 -5.52 -58.60
CA THR F 309 -1.70 -4.58 -59.58
C THR F 309 -1.68 -5.19 -60.99
N ARG F 310 -0.56 -5.82 -61.34
CA ARG F 310 -0.41 -6.45 -62.64
C ARG F 310 -1.42 -7.59 -62.80
N MET F 311 -1.60 -8.38 -61.72
CA MET F 311 -2.57 -9.47 -61.72
C MET F 311 -4.00 -8.96 -61.90
N GLY F 312 -4.33 -7.89 -61.18
CA GLY F 312 -5.67 -7.30 -61.21
C GLY F 312 -6.11 -6.82 -62.57
N HIS F 313 -5.26 -6.01 -63.21
CA HIS F 313 -5.57 -5.52 -64.55
C HIS F 313 -5.54 -6.60 -65.59
N THR F 314 -4.67 -7.59 -65.40
CA THR F 314 -4.62 -8.72 -66.32
C THR F 314 -5.97 -9.42 -66.26
N MET F 315 -6.45 -9.66 -65.05
CA MET F 315 -7.76 -10.27 -64.87
C MET F 315 -8.85 -9.48 -65.58
N ALA F 316 -8.84 -8.16 -65.46
CA ALA F 316 -9.85 -7.32 -66.11
C ALA F 316 -9.80 -7.42 -67.63
N LEU F 317 -8.60 -7.28 -68.21
CA LEU F 317 -8.43 -7.35 -69.66
C LEU F 317 -8.81 -8.70 -70.23
N GLU F 318 -8.35 -9.77 -69.59
CA GLU F 318 -8.61 -11.11 -70.08
C GLU F 318 -10.09 -11.52 -69.97
N ARG F 319 -10.77 -10.97 -68.98
CA ARG F 319 -12.22 -11.15 -68.88
C ARG F 319 -12.88 -10.56 -70.13
N LEU F 320 -12.64 -9.28 -70.38
CA LEU F 320 -13.27 -8.58 -71.50
C LEU F 320 -12.81 -9.05 -72.87
N ALA F 321 -11.62 -9.66 -72.96
CA ALA F 321 -11.13 -10.23 -74.22
C ALA F 321 -11.70 -11.61 -74.41
N GLY F 322 -12.26 -12.17 -73.33
CA GLY F 322 -12.81 -13.51 -73.33
C GLY F 322 -11.76 -14.59 -73.34
N THR F 323 -10.62 -14.32 -72.70
CA THR F 323 -9.47 -15.23 -72.76
C THR F 323 -9.04 -15.73 -71.38
N ASP F 324 -9.94 -15.70 -70.41
CA ASP F 324 -9.60 -16.03 -69.03
C ASP F 324 -10.19 -17.35 -68.54
N GLY F 325 -10.83 -18.09 -69.44
CA GLY F 325 -11.37 -19.41 -69.13
C GLY F 325 -12.79 -19.43 -68.57
N TYR F 326 -13.39 -18.25 -68.43
CA TYR F 326 -14.79 -18.18 -68.08
C TYR F 326 -15.62 -18.00 -69.35
N ALA F 327 -16.94 -17.93 -69.21
CA ALA F 327 -17.83 -17.87 -70.37
C ALA F 327 -18.01 -16.44 -70.89
N GLY F 328 -18.03 -16.29 -72.20
CA GLY F 328 -18.29 -15.00 -72.82
C GLY F 328 -17.15 -14.03 -72.62
N ASN F 329 -17.44 -12.75 -72.83
CA ASN F 329 -16.48 -11.67 -72.67
C ASN F 329 -17.04 -10.51 -71.87
N LYS F 330 -18.00 -10.80 -70.99
CA LYS F 330 -18.68 -9.78 -70.21
C LYS F 330 -18.47 -9.95 -68.70
N ALA F 331 -18.32 -8.83 -68.00
CA ALA F 331 -18.11 -8.82 -66.56
C ALA F 331 -19.45 -8.79 -65.84
N THR F 332 -20.20 -9.88 -66.00
CA THR F 332 -21.49 -10.08 -65.35
C THR F 332 -21.26 -10.37 -63.85
N SER F 333 -22.29 -10.14 -63.03
CA SER F 333 -22.21 -10.39 -61.59
C SER F 333 -21.76 -11.83 -61.27
N ALA F 334 -22.38 -12.80 -61.92
CA ALA F 334 -22.11 -14.21 -61.68
C ALA F 334 -20.66 -14.57 -61.95
N VAL F 335 -20.15 -14.10 -63.10
CA VAL F 335 -18.77 -14.41 -63.50
C VAL F 335 -17.74 -13.70 -62.63
N VAL F 336 -17.99 -12.44 -62.29
CA VAL F 336 -17.08 -11.69 -61.43
C VAL F 336 -16.91 -12.38 -60.07
N ARG F 337 -18.00 -12.96 -59.58
CA ARG F 337 -18.01 -13.71 -58.31
C ARG F 337 -16.99 -14.85 -58.30
N GLU F 338 -16.83 -15.53 -59.44
CA GLU F 338 -15.86 -16.60 -59.58
C GLU F 338 -14.44 -16.06 -59.67
N MET F 339 -14.21 -15.22 -60.68
CA MET F 339 -12.86 -14.74 -61.02
C MET F 339 -12.11 -14.09 -59.86
N VAL F 340 -12.83 -13.39 -58.98
CA VAL F 340 -12.18 -12.67 -57.86
C VAL F 340 -11.76 -13.61 -56.73
N LEU F 341 -12.26 -14.85 -56.77
CA LEU F 341 -11.88 -15.90 -55.83
C LEU F 341 -10.86 -16.85 -56.48
N GLY F 342 -10.73 -16.75 -57.81
CA GLY F 342 -9.93 -17.64 -58.65
C GLY F 342 -8.56 -18.01 -58.15
N SER F 343 -7.89 -17.08 -57.48
CA SER F 343 -6.61 -17.32 -56.81
C SER F 343 -5.45 -17.64 -57.75
N ARG F 344 -5.45 -16.98 -58.91
CA ARG F 344 -4.32 -17.00 -59.83
C ARG F 344 -3.07 -16.38 -59.19
N VAL F 345 -1.90 -16.97 -59.43
CA VAL F 345 -0.66 -16.46 -58.86
C VAL F 345 0.26 -15.88 -59.93
N PHE F 346 0.35 -14.55 -59.95
CA PHE F 346 1.02 -13.85 -61.04
C PHE F 346 2.48 -14.27 -61.23
N SER F 347 3.21 -14.35 -60.11
CA SER F 347 4.62 -14.68 -60.18
C SER F 347 4.82 -16.04 -60.83
N ALA F 348 4.01 -17.02 -60.40
CA ALA F 348 4.01 -18.36 -60.97
C ALA F 348 3.66 -18.34 -62.45
N GLU F 349 2.50 -17.75 -62.77
CA GLU F 349 1.99 -17.71 -64.14
C GLU F 349 3.04 -17.15 -65.08
N ARG F 350 3.76 -16.12 -64.63
CA ARG F 350 4.72 -15.44 -65.48
C ARG F 350 6.13 -16.02 -65.46
N PHE F 351 6.57 -16.51 -64.30
CA PHE F 351 7.98 -16.84 -64.13
C PHE F 351 8.31 -18.27 -63.73
N LYS F 352 7.33 -19.07 -63.35
CA LYS F 352 7.62 -20.41 -62.87
C LYS F 352 8.41 -21.24 -63.89
N ASP F 353 7.87 -21.34 -65.10
CA ASP F 353 8.52 -22.10 -66.15
C ASP F 353 9.94 -21.61 -66.40
N GLU F 354 10.11 -20.30 -66.54
CA GLU F 354 11.45 -19.73 -66.70
C GLU F 354 12.38 -20.25 -65.60
N VAL F 355 11.92 -20.17 -64.36
CA VAL F 355 12.70 -20.59 -63.20
C VAL F 355 13.06 -22.08 -63.27
N LEU F 356 12.05 -22.94 -63.46
CA LEU F 356 12.27 -24.39 -63.48
C LEU F 356 13.15 -24.85 -64.65
N ASP F 357 12.92 -24.30 -65.84
CA ASP F 357 13.76 -24.56 -67.01
C ASP F 357 15.21 -24.31 -66.68
N LEU F 358 15.44 -23.27 -65.89
CA LEU F 358 16.78 -22.83 -65.58
C LEU F 358 17.47 -23.63 -64.48
N ILE F 359 16.73 -24.11 -63.50
CA ILE F 359 17.36 -24.71 -62.32
C ILE F 359 17.12 -26.22 -62.12
N CYS F 360 16.19 -26.80 -62.88
CA CYS F 360 15.85 -28.23 -62.69
C CYS F 360 16.57 -29.19 -63.65
N THR F 361 17.63 -28.71 -64.31
CA THR F 361 18.36 -29.53 -65.26
C THR F 361 19.86 -29.55 -64.95
N PRO F 362 20.30 -30.54 -64.14
CA PRO F 362 19.50 -31.62 -63.53
C PRO F 362 18.77 -31.22 -62.23
N ALA F 363 18.04 -32.16 -61.64
CA ALA F 363 17.23 -31.90 -60.43
C ALA F 363 17.96 -32.27 -59.13
N GLN F 364 19.18 -32.79 -59.26
CA GLN F 364 20.08 -33.05 -58.13
C GLN F 364 21.16 -31.97 -58.12
N TRP F 365 21.24 -31.22 -57.02
CA TRP F 365 22.16 -30.07 -56.95
C TRP F 365 23.22 -30.17 -55.91
N THR F 366 24.13 -29.19 -55.97
CA THR F 366 25.04 -28.85 -54.89
C THR F 366 24.78 -27.39 -54.53
N VAL F 367 24.33 -27.15 -53.31
CA VAL F 367 24.02 -25.79 -52.84
C VAL F 367 24.80 -25.55 -51.56
N ASN F 368 25.62 -24.49 -51.56
CA ASN F 368 26.50 -24.16 -50.44
C ASN F 368 27.38 -25.35 -50.06
N GLY F 369 27.89 -26.05 -51.08
CA GLY F 369 28.71 -27.25 -50.88
C GLY F 369 27.96 -28.43 -50.27
N ALA F 370 26.64 -28.44 -50.41
CA ALA F 370 25.80 -29.50 -49.85
C ALA F 370 24.89 -30.08 -50.92
N ALA F 371 24.74 -31.41 -50.93
CA ALA F 371 23.85 -32.09 -51.86
C ALA F 371 22.39 -31.80 -51.51
N VAL F 372 21.61 -31.42 -52.51
CA VAL F 372 20.19 -31.11 -52.34
C VAL F 372 19.40 -31.88 -53.40
N ASP F 373 18.35 -32.58 -52.97
CA ASP F 373 17.53 -33.36 -53.89
C ASP F 373 16.27 -32.56 -54.21
N ALA F 374 16.20 -32.02 -55.42
CA ALA F 374 15.09 -31.17 -55.81
C ALA F 374 14.19 -31.81 -56.89
N ALA F 375 14.34 -33.12 -57.08
CA ALA F 375 13.47 -33.88 -57.98
C ALA F 375 12.00 -33.68 -57.60
N GLN F 376 11.66 -33.97 -56.34
CA GLN F 376 10.31 -33.77 -55.85
C GLN F 376 9.87 -32.30 -56.00
N ALA F 377 10.69 -31.39 -55.49
CA ALA F 377 10.39 -29.95 -55.55
C ALA F 377 10.11 -29.49 -56.97
N CYS F 378 11.01 -29.84 -57.90
CA CYS F 378 10.90 -29.47 -59.31
C CYS F 378 9.66 -30.06 -59.98
N ALA F 379 9.41 -31.35 -59.74
CA ALA F 379 8.27 -32.04 -60.35
C ALA F 379 6.91 -31.59 -59.80
N VAL F 380 6.82 -31.36 -58.49
CA VAL F 380 5.60 -30.84 -57.88
C VAL F 380 5.24 -29.47 -58.46
N LEU F 381 6.21 -28.57 -58.53
CA LEU F 381 5.98 -27.23 -59.06
C LEU F 381 5.62 -27.24 -60.56
N ALA F 382 6.30 -28.08 -61.34
CA ALA F 382 5.98 -28.23 -62.76
C ALA F 382 4.54 -28.71 -62.95
N ALA F 383 4.07 -29.55 -62.03
CA ALA F 383 2.71 -30.10 -62.07
C ALA F 383 1.66 -29.14 -61.53
N TRP F 384 2.11 -28.12 -60.82
CA TRP F 384 1.20 -27.21 -60.14
C TRP F 384 0.53 -26.23 -61.08
N ASP F 385 -0.77 -25.99 -60.85
CA ASP F 385 -1.58 -25.13 -61.71
C ASP F 385 -1.42 -23.62 -61.51
N ASN F 386 -0.43 -23.21 -60.70
CA ASN F 386 -0.13 -21.79 -60.51
C ASN F 386 -1.29 -21.05 -59.82
N ARG F 387 -2.08 -21.78 -59.04
CA ARG F 387 -3.20 -21.17 -58.34
C ARG F 387 -3.07 -21.47 -56.86
N GLY F 388 -3.77 -20.68 -56.05
CA GLY F 388 -3.83 -20.90 -54.62
C GLY F 388 -5.20 -21.39 -54.21
N ARG F 389 -5.73 -22.38 -54.93
CA ARG F 389 -7.04 -22.99 -54.62
C ARG F 389 -6.95 -24.00 -53.47
N LYS F 390 -8.11 -24.44 -52.98
CA LYS F 390 -8.13 -25.36 -51.84
C LYS F 390 -7.39 -26.66 -52.15
N ASP F 391 -7.60 -27.16 -53.37
CA ASP F 391 -6.99 -28.42 -53.83
C ASP F 391 -5.72 -28.21 -54.66
N SER F 392 -5.19 -26.99 -54.65
CA SER F 392 -3.90 -26.71 -55.32
C SER F 392 -2.73 -27.37 -54.60
N ARG F 393 -1.93 -28.12 -55.37
CA ARG F 393 -0.87 -28.94 -54.79
C ARG F 393 0.50 -28.37 -55.11
N GLY F 394 1.21 -27.92 -54.08
CA GLY F 394 2.53 -27.30 -54.20
C GLY F 394 2.57 -25.80 -53.99
N SER F 395 1.41 -25.14 -54.00
CA SER F 395 1.29 -23.68 -53.93
C SER F 395 2.06 -23.01 -52.81
N HIS F 396 2.23 -23.72 -51.69
CA HIS F 396 2.90 -23.18 -50.50
C HIS F 396 4.40 -23.24 -50.62
N LEU F 397 4.90 -24.24 -51.32
CA LEU F 397 6.32 -24.31 -51.69
C LEU F 397 6.71 -23.06 -52.47
N TRP F 398 5.89 -22.69 -53.46
CA TRP F 398 6.14 -21.48 -54.24
C TRP F 398 6.16 -20.24 -53.40
N ASP F 399 5.23 -20.12 -52.45
CA ASP F 399 5.21 -19.00 -51.51
C ASP F 399 6.53 -18.88 -50.78
N GLU F 400 6.98 -19.99 -50.19
CA GLU F 400 8.20 -20.02 -49.38
C GLU F 400 9.45 -19.73 -50.23
N PHE F 401 9.38 -20.14 -51.50
CA PHE F 401 10.46 -19.93 -52.44
C PHE F 401 10.48 -18.50 -52.95
N TRP F 402 9.38 -18.09 -53.59
CA TRP F 402 9.34 -16.82 -54.29
C TRP F 402 9.65 -15.64 -53.42
N SER F 403 9.19 -15.68 -52.17
CA SER F 403 9.35 -14.56 -51.25
C SER F 403 10.78 -14.46 -50.73
N ARG F 404 11.60 -15.45 -51.08
CA ARG F 404 13.02 -15.47 -50.69
C ARG F 404 14.00 -15.21 -51.84
N VAL F 405 13.48 -15.05 -53.06
CA VAL F 405 14.33 -14.76 -54.24
C VAL F 405 14.84 -13.32 -54.21
N PRO F 406 16.19 -13.15 -54.19
CA PRO F 406 16.80 -11.80 -54.25
C PRO F 406 16.46 -11.07 -55.54
N THR F 407 15.95 -9.84 -55.42
CA THR F 407 15.41 -9.07 -56.55
C THR F 407 16.44 -8.22 -57.30
N ALA F 408 17.60 -7.98 -56.68
CA ALA F 408 18.71 -7.27 -57.33
C ALA F 408 19.08 -7.90 -58.68
N SER F 409 18.77 -7.19 -59.76
CA SER F 409 18.99 -7.65 -61.14
C SER F 409 18.43 -9.05 -61.45
N LEU F 410 17.23 -9.33 -60.94
CA LEU F 410 16.55 -10.59 -61.20
C LEU F 410 15.95 -10.63 -62.61
N PHE F 411 15.53 -9.47 -63.11
CA PHE F 411 14.86 -9.39 -64.41
C PHE F 411 15.73 -8.70 -65.46
N THR F 412 15.80 -9.31 -66.64
CA THR F 412 16.61 -8.78 -67.74
C THR F 412 15.85 -7.72 -68.54
N VAL F 413 14.53 -7.87 -68.63
CA VAL F 413 13.70 -6.87 -69.31
C VAL F 413 13.07 -5.92 -68.28
N PRO F 414 13.58 -4.67 -68.21
CA PRO F 414 13.18 -3.70 -67.17
C PRO F 414 11.76 -3.16 -67.33
N PHE F 415 11.29 -2.38 -66.36
CA PHE F 415 9.97 -1.79 -66.47
C PHE F 415 9.89 -0.81 -67.63
N SER F 416 8.80 -0.92 -68.39
CA SER F 416 8.46 0.00 -69.46
C SER F 416 7.04 0.51 -69.20
N ALA F 417 6.83 1.82 -69.35
CA ALA F 417 5.51 2.40 -69.08
C ALA F 417 4.48 2.00 -70.14
N ALA F 418 4.96 1.77 -71.37
CA ALA F 418 4.12 1.30 -72.47
C ALA F 418 3.76 -0.20 -72.39
N ASP F 419 4.32 -0.90 -71.41
CA ASP F 419 4.00 -2.31 -71.16
C ASP F 419 3.87 -2.59 -69.66
N PRO F 420 3.06 -1.79 -68.96
CA PRO F 420 3.11 -1.76 -67.50
C PRO F 420 2.66 -3.05 -66.82
N LEU F 421 1.95 -3.91 -67.55
CA LEU F 421 1.46 -5.14 -66.96
C LEU F 421 2.42 -6.31 -67.10
N ASN F 422 3.25 -6.29 -68.15
CA ASN F 422 4.14 -7.42 -68.47
C ASN F 422 5.62 -7.15 -68.22
N THR F 423 5.94 -5.95 -67.77
CA THR F 423 7.29 -5.64 -67.33
C THR F 423 7.28 -5.29 -65.84
N PRO F 424 8.39 -5.56 -65.12
CA PRO F 424 9.59 -6.26 -65.59
C PRO F 424 9.35 -7.75 -65.76
N ARG F 425 10.13 -8.37 -66.64
CA ARG F 425 10.02 -9.80 -66.93
C ARG F 425 11.36 -10.35 -67.40
N GLY F 426 11.42 -11.67 -67.59
CA GLY F 426 12.62 -12.34 -68.10
C GLY F 426 13.61 -12.66 -67.01
N ILE F 427 13.53 -13.87 -66.47
CA ILE F 427 14.44 -14.31 -65.42
C ILE F 427 15.88 -14.35 -65.90
N ASN F 428 16.75 -13.68 -65.15
CA ASN F 428 18.18 -13.61 -65.43
C ASN F 428 18.82 -14.98 -65.25
N ALA F 429 19.35 -15.50 -66.35
CA ALA F 429 20.08 -16.77 -66.37
C ALA F 429 21.13 -16.81 -65.26
N ALA F 430 21.72 -15.65 -64.98
CA ALA F 430 22.78 -15.54 -63.97
C ALA F 430 22.27 -15.82 -62.55
N ALA F 431 21.00 -15.50 -62.31
CA ALA F 431 20.40 -15.71 -60.98
C ALA F 431 20.33 -17.19 -60.53
N ALA F 432 20.75 -18.10 -61.40
CA ALA F 432 20.61 -19.55 -61.19
C ALA F 432 20.99 -20.04 -59.79
N ASP F 433 22.16 -19.64 -59.30
CA ASP F 433 22.63 -20.04 -57.98
C ASP F 433 21.82 -19.43 -56.84
N ALA F 434 21.39 -18.18 -57.04
CA ALA F 434 20.51 -17.51 -56.08
C ALA F 434 19.14 -18.20 -56.05
N LEU F 435 18.69 -18.65 -57.22
CA LEU F 435 17.40 -19.31 -57.35
C LEU F 435 17.42 -20.67 -56.66
N ARG F 436 18.48 -21.45 -56.90
CA ARG F 436 18.68 -22.74 -56.25
C ARG F 436 18.83 -22.60 -54.74
N GLN F 437 19.46 -21.51 -54.30
CA GLN F 437 19.62 -21.22 -52.86
C GLN F 437 18.27 -20.98 -52.18
N ALA F 438 17.42 -20.19 -52.84
CA ALA F 438 16.09 -19.88 -52.36
C ALA F 438 15.20 -21.12 -52.34
N MET F 439 15.34 -21.99 -53.34
CA MET F 439 14.54 -23.19 -53.42
C MET F 439 14.92 -24.18 -52.34
N ALA F 440 16.23 -24.33 -52.12
CA ALA F 440 16.74 -25.19 -51.07
C ALA F 440 16.07 -24.80 -49.75
N THR F 441 16.09 -23.51 -49.42
CA THR F 441 15.52 -23.02 -48.18
C THR F 441 14.03 -23.32 -48.08
N ALA F 442 13.31 -23.03 -49.17
CA ALA F 442 11.89 -23.32 -49.24
C ALA F 442 11.60 -24.80 -48.93
N ILE F 443 12.32 -25.71 -49.58
CA ILE F 443 12.21 -27.14 -49.32
C ILE F 443 12.37 -27.45 -47.83
N ALA F 444 13.35 -26.83 -47.20
CA ALA F 444 13.62 -27.01 -45.78
C ALA F 444 12.50 -26.46 -44.86
N ARG F 445 11.99 -25.26 -45.14
CA ARG F 445 10.93 -24.65 -44.32
C ARG F 445 9.65 -25.49 -44.37
N VAL F 446 9.28 -25.96 -45.58
CA VAL F 446 8.10 -26.82 -45.74
C VAL F 446 8.35 -28.19 -45.10
N GLY F 447 9.59 -28.65 -45.19
CA GLY F 447 10.02 -29.87 -44.54
C GLY F 447 9.75 -29.85 -43.04
N GLN F 448 10.32 -28.87 -42.34
CA GLN F 448 10.20 -28.85 -40.87
C GLN F 448 8.84 -28.38 -40.37
N SER F 449 7.99 -27.91 -41.27
CA SER F 449 6.61 -27.54 -40.92
C SER F 449 5.73 -28.77 -40.84
N GLY F 450 6.25 -29.90 -41.34
CA GLY F 450 5.52 -31.16 -41.32
C GLY F 450 4.53 -31.35 -42.46
N TYR F 451 4.44 -30.37 -43.37
CA TYR F 451 3.65 -30.52 -44.57
C TYR F 451 4.46 -31.10 -45.72
N ALA F 452 3.81 -31.91 -46.54
CA ALA F 452 4.42 -32.45 -47.75
C ALA F 452 4.56 -31.35 -48.80
N LEU F 453 5.57 -31.47 -49.66
CA LEU F 453 5.79 -30.49 -50.70
C LEU F 453 4.57 -30.32 -51.60
N ASP F 454 3.85 -31.41 -51.87
CA ASP F 454 2.62 -31.34 -52.68
C ASP F 454 1.31 -31.32 -51.90
N ALA F 455 1.37 -30.87 -50.64
CA ALA F 455 0.16 -30.76 -49.83
C ALA F 455 -0.86 -29.80 -50.47
N PRO F 456 -2.15 -30.15 -50.39
CA PRO F 456 -3.18 -29.25 -50.92
C PRO F 456 -3.33 -28.00 -50.05
N ARG F 457 -3.30 -26.82 -50.67
CA ARG F 457 -3.30 -25.57 -49.92
C ARG F 457 -4.33 -25.51 -48.81
N GLY F 458 -5.50 -26.12 -49.05
CA GLY F 458 -6.58 -26.18 -48.07
C GLY F 458 -6.16 -26.63 -46.69
N GLU F 459 -5.21 -27.56 -46.60
CA GLU F 459 -4.64 -28.03 -45.32
C GLU F 459 -3.57 -27.10 -44.72
N VAL F 460 -2.94 -26.29 -45.57
CA VAL F 460 -1.91 -25.37 -45.13
C VAL F 460 -2.52 -24.04 -44.68
N LEU F 461 -3.53 -23.57 -45.42
CA LEU F 461 -4.16 -22.26 -45.23
C LEU F 461 -5.58 -22.49 -44.70
N TYR F 462 -5.86 -22.00 -43.50
CA TYR F 462 -7.13 -22.33 -42.86
C TYR F 462 -7.60 -21.32 -41.82
N ALA F 463 -8.89 -21.38 -41.50
CA ALA F 463 -9.46 -20.69 -40.35
C ALA F 463 -10.18 -21.73 -39.50
N THR F 464 -9.94 -21.69 -38.20
CA THR F 464 -10.53 -22.68 -37.30
C THR F 464 -11.80 -22.14 -36.70
N ARG F 465 -12.89 -22.87 -36.89
CA ARG F 465 -14.15 -22.57 -36.24
C ARG F 465 -14.75 -23.85 -35.70
N GLY F 466 -15.23 -23.78 -34.46
CA GLY F 466 -15.84 -24.93 -33.80
C GLY F 466 -14.89 -26.11 -33.73
N GLY F 467 -13.61 -25.84 -33.58
CA GLY F 467 -12.61 -26.89 -33.47
C GLY F 467 -12.16 -27.52 -34.76
N THR F 468 -12.84 -27.22 -35.88
CA THR F 468 -12.42 -27.77 -37.18
C THR F 468 -11.75 -26.72 -38.06
N ARG F 469 -10.70 -27.12 -38.77
CA ARG F 469 -9.96 -26.21 -39.65
C ARG F 469 -10.63 -26.08 -41.03
N LEU F 470 -11.27 -24.94 -41.27
CA LEU F 470 -11.92 -24.67 -42.55
C LEU F 470 -10.87 -24.38 -43.63
N PRO F 471 -10.91 -25.14 -44.75
CA PRO F 471 -9.86 -24.95 -45.77
C PRO F 471 -10.03 -23.62 -46.50
N LEU F 472 -8.92 -22.94 -46.78
CA LEU F 472 -8.98 -21.65 -47.43
C LEU F 472 -8.17 -21.61 -48.70
N TYR F 473 -8.36 -20.53 -49.47
CA TYR F 473 -7.71 -20.32 -50.75
C TYR F 473 -7.24 -18.87 -50.81
N GLY F 474 -6.33 -18.57 -51.74
CA GLY F 474 -5.73 -17.25 -51.83
C GLY F 474 -4.33 -17.22 -51.21
N GLY F 475 -3.74 -16.04 -51.14
CA GLY F 475 -2.36 -15.88 -50.66
C GLY F 475 -1.99 -14.43 -50.44
N CYS F 476 -0.70 -14.12 -50.56
CA CYS F 476 -0.20 -12.77 -50.28
C CYS F 476 0.16 -11.99 -51.55
N GLY F 477 -0.01 -10.68 -51.47
CA GLY F 477 0.27 -9.79 -52.58
C GLY F 477 1.68 -9.96 -53.11
N ALA F 478 2.63 -10.21 -52.21
CA ALA F 478 4.04 -10.34 -52.60
C ALA F 478 4.23 -11.40 -53.68
N MET F 479 3.41 -12.45 -53.64
CA MET F 479 3.48 -13.52 -54.64
C MET F 479 2.69 -13.23 -55.91
N GLY F 480 1.93 -12.14 -55.91
CA GLY F 480 1.11 -11.76 -57.07
C GLY F 480 -0.28 -12.37 -57.05
N TYR F 481 -0.81 -12.60 -55.85
CA TYR F 481 -2.20 -12.97 -55.68
C TYR F 481 -3.09 -11.73 -55.77
N PHE F 482 -4.31 -11.93 -56.25
CA PHE F 482 -5.35 -10.91 -56.21
C PHE F 482 -6.32 -11.26 -55.07
N THR F 483 -6.69 -12.54 -55.00
CA THR F 483 -7.49 -13.09 -53.92
C THR F 483 -6.58 -13.18 -52.72
N ILE F 484 -6.79 -12.33 -51.71
CA ILE F 484 -5.82 -12.18 -50.64
C ILE F 484 -6.24 -12.86 -49.33
N THR F 485 -5.42 -13.81 -48.92
CA THR F 485 -5.60 -14.52 -47.66
C THR F 485 -4.19 -14.72 -47.14
N CYS F 486 -3.73 -13.76 -46.34
CA CYS F 486 -2.32 -13.59 -46.03
C CYS F 486 -2.05 -13.71 -44.53
N SER F 487 -1.59 -14.89 -44.13
CA SER F 487 -1.29 -15.18 -42.73
C SER F 487 -0.05 -14.45 -42.19
N GLU F 488 -0.02 -14.18 -40.89
CA GLU F 488 1.19 -13.62 -40.24
C GLU F 488 2.04 -14.74 -39.65
N ASN F 489 1.49 -15.94 -39.70
CA ASN F 489 2.08 -17.10 -39.08
C ASN F 489 3.09 -17.76 -40.02
N ASP F 490 4.27 -18.06 -39.51
CA ASP F 490 5.27 -18.76 -40.29
C ASP F 490 4.79 -20.18 -40.56
N ILE F 491 5.15 -20.74 -41.71
CA ILE F 491 4.69 -22.07 -42.07
C ILE F 491 5.12 -23.13 -41.05
N THR F 492 6.24 -22.89 -40.37
CA THR F 492 6.71 -23.82 -39.35
C THR F 492 5.86 -23.74 -38.08
N GLN F 493 4.98 -22.75 -38.01
CA GLN F 493 4.14 -22.57 -36.83
C GLN F 493 2.74 -23.15 -37.04
N GLY F 494 2.68 -24.33 -37.66
CA GLY F 494 1.40 -25.00 -37.94
C GLY F 494 0.70 -24.49 -39.18
N GLY F 495 1.48 -24.16 -40.22
CA GLY F 495 0.91 -23.68 -41.47
C GLY F 495 0.46 -22.23 -41.44
N TYR F 496 -0.16 -21.82 -42.55
CA TYR F 496 -0.66 -20.45 -42.70
C TYR F 496 -2.03 -20.32 -42.03
N SER F 497 -2.05 -20.41 -40.70
CA SER F 497 -3.27 -20.26 -39.92
C SER F 497 -3.78 -18.82 -39.97
N MET F 498 -5.10 -18.66 -40.05
CA MET F 498 -5.73 -17.36 -40.15
C MET F 498 -6.40 -16.95 -38.84
N ASP F 499 -6.05 -17.63 -37.75
CA ASP F 499 -6.77 -17.51 -36.49
C ASP F 499 -6.27 -16.41 -35.58
N GLY F 500 -5.06 -15.92 -35.83
CA GLY F 500 -4.43 -14.91 -34.98
C GLY F 500 -4.80 -13.50 -35.41
N GLN F 501 -3.79 -12.77 -35.90
CA GLN F 501 -4.00 -11.44 -36.47
C GLN F 501 -3.26 -11.37 -37.82
N PRO F 502 -3.95 -11.83 -38.89
CA PRO F 502 -3.34 -11.94 -40.22
C PRO F 502 -3.04 -10.56 -40.79
N ASN F 503 -2.12 -10.49 -41.74
CA ASN F 503 -1.89 -9.26 -42.50
C ASN F 503 -3.15 -8.94 -43.30
N ALA F 504 -3.30 -7.71 -43.74
CA ALA F 504 -4.47 -7.30 -44.52
C ALA F 504 -4.95 -8.39 -45.50
N SER F 505 -6.18 -8.88 -45.30
CA SER F 505 -6.73 -9.93 -46.16
C SER F 505 -8.19 -9.67 -46.54
N ASN F 506 -8.71 -10.48 -47.46
CA ASN F 506 -10.11 -10.40 -47.83
C ASN F 506 -10.94 -10.38 -46.56
N SER F 507 -11.80 -9.36 -46.45
CA SER F 507 -12.60 -9.17 -45.24
C SER F 507 -14.07 -9.01 -45.60
N TYR F 508 -14.50 -7.78 -45.85
CA TYR F 508 -15.78 -7.55 -46.52
C TYR F 508 -15.57 -7.60 -48.03
N MET F 509 -16.41 -8.39 -48.68
CA MET F 509 -16.43 -8.49 -50.13
C MET F 509 -17.84 -8.24 -50.64
N GLN F 510 -17.96 -7.47 -51.71
CA GLN F 510 -19.27 -7.34 -52.36
C GLN F 510 -19.17 -7.39 -53.87
N VAL F 511 -20.19 -7.96 -54.48
CA VAL F 511 -20.37 -7.93 -55.91
C VAL F 511 -21.78 -7.38 -56.07
N VAL F 512 -21.87 -6.12 -56.53
CA VAL F 512 -23.14 -5.42 -56.58
C VAL F 512 -23.46 -5.02 -58.02
N SER F 513 -24.69 -5.29 -58.44
CA SER F 513 -25.21 -4.88 -59.76
C SER F 513 -26.63 -4.37 -59.61
N PHE F 514 -27.14 -3.71 -60.64
CA PHE F 514 -28.51 -3.18 -60.61
C PHE F 514 -29.39 -3.72 -61.74
N PRO F 515 -29.90 -4.96 -61.58
CA PRO F 515 -30.90 -5.44 -62.55
C PRO F 515 -32.20 -4.62 -62.47
N ALA F 516 -33.16 -4.93 -63.35
CA ALA F 516 -34.44 -4.24 -63.39
C ALA F 516 -35.21 -4.32 -62.06
N SER F 517 -35.16 -5.47 -61.39
CA SER F 517 -35.89 -5.65 -60.13
C SER F 517 -35.33 -4.89 -58.92
N GLY F 518 -34.11 -4.34 -59.03
CA GLY F 518 -33.50 -3.58 -57.93
C GLY F 518 -32.13 -4.12 -57.58
N VAL F 519 -31.34 -3.38 -56.81
CA VAL F 519 -29.98 -3.82 -56.43
C VAL F 519 -29.90 -5.31 -56.10
N GLN F 520 -28.79 -5.93 -56.50
CA GLN F 520 -28.41 -7.25 -56.02
C GLN F 520 -26.98 -7.21 -55.50
N ALA F 521 -26.80 -7.72 -54.29
CA ALA F 521 -25.49 -7.75 -53.66
C ALA F 521 -25.15 -9.14 -53.16
N HIS F 522 -23.97 -9.60 -53.55
CA HIS F 522 -23.42 -10.84 -53.02
C HIS F 522 -22.26 -10.50 -52.12
N THR F 523 -22.24 -11.05 -50.91
CA THR F 523 -21.25 -10.60 -49.93
C THR F 523 -20.54 -11.70 -49.16
N PHE F 524 -19.38 -11.33 -48.63
CA PHE F 524 -18.68 -12.11 -47.61
C PHE F 524 -18.27 -11.19 -46.47
N LEU F 525 -18.33 -11.70 -45.24
CA LEU F 525 -17.55 -11.16 -44.15
C LEU F 525 -16.68 -12.31 -43.67
N THR F 526 -15.50 -12.42 -44.30
CA THR F 526 -14.67 -13.62 -44.21
C THR F 526 -14.52 -14.15 -42.78
N PHE F 527 -14.29 -13.24 -41.83
CA PHE F 527 -14.06 -13.65 -40.43
C PHE F 527 -15.31 -13.86 -39.60
N SER F 528 -16.48 -13.55 -40.16
CA SER F 528 -17.80 -13.62 -39.50
C SER F 528 -18.12 -12.41 -38.60
N LEU F 529 -19.41 -12.24 -38.28
CA LEU F 529 -19.89 -11.01 -37.64
C LEU F 529 -19.37 -10.78 -36.24
N SER F 530 -19.28 -11.85 -35.46
CA SER F 530 -19.09 -11.77 -34.02
C SER F 530 -17.76 -12.36 -33.56
N ASP F 531 -17.07 -11.60 -32.72
CA ASP F 531 -15.76 -11.98 -32.17
C ASP F 531 -15.93 -12.92 -30.97
N ASP F 532 -17.17 -13.21 -30.61
CA ASP F 532 -17.46 -14.06 -29.46
C ASP F 532 -17.45 -15.53 -29.89
N PRO F 533 -16.52 -16.34 -29.35
CA PRO F 533 -16.44 -17.72 -29.81
C PRO F 533 -17.71 -18.53 -29.57
N ALA F 534 -18.51 -18.06 -28.61
CA ALA F 534 -19.78 -18.68 -28.25
C ALA F 534 -20.92 -18.33 -29.22
N SER F 535 -20.81 -17.20 -29.92
CA SER F 535 -21.89 -16.72 -30.79
C SER F 535 -22.15 -17.62 -32.00
N PRO F 536 -23.43 -17.82 -32.36
CA PRO F 536 -23.79 -18.51 -33.60
C PRO F 536 -23.18 -17.87 -34.83
N HIS F 537 -22.71 -16.63 -34.70
CA HIS F 537 -22.14 -15.90 -35.82
C HIS F 537 -20.65 -15.64 -35.66
N HIS F 538 -19.97 -16.56 -34.97
CA HIS F 538 -18.51 -16.54 -34.90
C HIS F 538 -17.86 -17.21 -36.07
N GLY F 539 -18.58 -18.14 -36.71
CA GLY F 539 -17.96 -18.98 -37.74
C GLY F 539 -18.79 -19.37 -38.95
N ASP F 540 -20.08 -19.03 -38.93
CA ASP F 540 -20.94 -19.37 -40.06
C ASP F 540 -20.48 -18.72 -41.37
N TYR F 541 -20.28 -17.40 -41.34
CA TYR F 541 -19.89 -16.67 -42.54
C TYR F 541 -18.55 -17.21 -43.07
N THR F 542 -17.64 -17.51 -42.14
CA THR F 542 -16.35 -18.10 -42.47
C THR F 542 -16.53 -19.46 -43.15
N LYS F 543 -17.51 -20.25 -42.70
CA LYS F 543 -17.80 -21.54 -43.33
C LYS F 543 -18.23 -21.36 -44.80
N ALA F 544 -19.08 -20.37 -45.04
CA ALA F 544 -19.48 -20.02 -46.41
C ALA F 544 -18.30 -19.52 -47.27
N TYR F 545 -17.40 -18.73 -46.67
CA TYR F 545 -16.23 -18.25 -47.38
C TYR F 545 -15.29 -19.40 -47.80
N SER F 546 -15.06 -20.32 -46.88
CA SER F 546 -14.29 -21.52 -47.19
C SER F 546 -14.89 -22.29 -48.37
N ALA F 547 -16.21 -22.44 -48.38
CA ALA F 547 -16.89 -23.12 -49.47
C ALA F 547 -17.05 -22.25 -50.72
N GLY F 548 -16.65 -20.98 -50.61
CA GLY F 548 -16.81 -20.04 -51.72
C GLY F 548 -18.26 -19.81 -52.13
N GLN F 549 -19.18 -19.92 -51.17
CA GLN F 549 -20.58 -19.63 -51.42
C GLN F 549 -20.92 -18.21 -51.00
N TRP F 550 -21.06 -17.34 -51.99
CA TRP F 550 -21.44 -15.95 -51.79
C TRP F 550 -22.80 -15.84 -51.18
N LEU F 551 -22.91 -15.00 -50.16
CA LEU F 551 -24.20 -14.69 -49.57
C LEU F 551 -24.95 -13.67 -50.42
N ARG F 552 -26.18 -14.03 -50.79
CA ARG F 552 -27.08 -13.06 -51.39
C ARG F 552 -27.76 -12.35 -50.24
N VAL F 553 -27.32 -11.13 -49.97
CA VAL F 553 -27.78 -10.40 -48.79
C VAL F 553 -29.15 -9.77 -49.08
N PRO F 554 -30.18 -10.14 -48.31
CA PRO F 554 -31.49 -9.53 -48.55
C PRO F 554 -31.46 -7.99 -48.39
N PHE F 555 -32.17 -7.27 -49.26
CA PHE F 555 -32.17 -5.80 -49.23
C PHE F 555 -33.55 -5.19 -49.11
N THR F 556 -34.51 -5.68 -49.91
CA THR F 556 -35.89 -5.19 -49.84
C THR F 556 -36.53 -5.76 -48.58
N GLU F 557 -37.61 -5.13 -48.11
CA GLU F 557 -38.36 -5.65 -46.97
C GLU F 557 -38.80 -7.09 -47.21
N ALA F 558 -39.30 -7.35 -48.41
CA ALA F 558 -39.77 -8.69 -48.78
C ALA F 558 -38.63 -9.71 -48.68
N GLU F 559 -37.44 -9.33 -49.16
CA GLU F 559 -36.29 -10.21 -49.14
C GLU F 559 -35.85 -10.49 -47.71
N ILE F 560 -35.92 -9.46 -46.87
CA ILE F 560 -35.52 -9.56 -45.47
C ILE F 560 -36.47 -10.50 -44.73
N THR F 561 -37.76 -10.19 -44.78
CA THR F 561 -38.76 -10.99 -44.08
C THR F 561 -38.91 -12.40 -44.69
N GLY F 562 -38.58 -12.52 -45.97
CA GLY F 562 -38.65 -13.78 -46.70
C GLY F 562 -37.48 -14.71 -46.44
N ASN F 563 -36.43 -14.18 -45.82
CA ASN F 563 -35.22 -14.95 -45.56
C ASN F 563 -35.44 -16.08 -44.56
N ALA F 564 -34.86 -17.24 -44.87
CA ALA F 564 -35.04 -18.46 -44.07
C ALA F 564 -34.64 -18.29 -42.60
N ASP F 565 -33.76 -17.34 -42.32
CA ASP F 565 -33.29 -17.12 -40.97
C ASP F 565 -33.84 -15.82 -40.38
N TYR F 566 -35.00 -15.39 -40.87
CA TYR F 566 -35.63 -14.15 -40.41
C TYR F 566 -35.97 -14.14 -38.92
N ARG F 567 -35.33 -13.24 -38.21
CA ARG F 567 -35.67 -12.95 -36.84
C ARG F 567 -35.83 -11.44 -36.71
N THR F 568 -36.85 -11.03 -35.96
CA THR F 568 -37.07 -9.62 -35.69
C THR F 568 -37.33 -9.40 -34.21
N ALA F 569 -36.93 -8.23 -33.74
CA ALA F 569 -37.17 -7.80 -32.38
C ALA F 569 -37.00 -6.31 -32.45
N THR F 570 -37.72 -5.58 -31.60
CA THR F 570 -37.56 -4.14 -31.53
C THR F 570 -37.08 -3.67 -30.14
N VAL F 571 -36.09 -2.78 -30.13
CA VAL F 571 -35.54 -2.22 -28.90
C VAL F 571 -35.98 -0.77 -28.73
N LYS F 572 -36.21 -0.34 -27.49
CA LYS F 572 -36.57 1.05 -27.22
C LYS F 572 -36.22 1.49 -25.80
N GLU F 573 -36.10 2.80 -25.63
CA GLU F 573 -35.91 3.44 -24.33
C GLU F 573 -36.10 4.94 -24.48
N LEU F 574 -36.28 5.65 -23.36
CA LEU F 574 -36.44 7.11 -23.39
C LEU F 574 -35.16 7.85 -23.82
N GLU F 575 -35.32 9.09 -24.31
CA GLU F 575 -34.17 9.94 -24.68
C GLU F 575 -33.86 10.97 -23.60
N THR G 8 18.36 -6.36 67.31
CA THR G 8 18.62 -4.99 67.87
C THR G 8 19.44 -4.06 66.92
N TYR G 9 18.71 -3.20 66.20
CA TYR G 9 19.24 -2.46 65.04
C TYR G 9 20.03 -1.22 65.41
N SER G 10 21.15 -1.01 64.71
CA SER G 10 21.94 0.21 64.85
C SER G 10 22.59 0.58 63.52
N ALA G 11 22.26 1.77 63.02
CA ALA G 11 22.79 2.23 61.74
C ALA G 11 23.24 3.67 61.82
N GLU G 12 24.42 3.94 61.25
CA GLU G 12 24.97 5.28 61.13
C GLU G 12 24.67 5.77 59.73
N ILE G 13 23.88 6.83 59.64
CA ILE G 13 23.50 7.41 58.37
C ILE G 13 24.32 8.65 58.14
N ARG G 14 25.11 8.63 57.08
CA ARG G 14 25.96 9.76 56.69
C ARG G 14 25.38 10.34 55.42
N ARG G 15 25.04 11.62 55.43
CA ARG G 15 24.51 12.28 54.23
C ARG G 15 25.51 13.28 53.65
N THR G 16 25.85 13.10 52.37
CA THR G 16 26.74 14.04 51.70
C THR G 16 25.97 14.96 50.76
N THR G 17 26.70 15.64 49.86
CA THR G 17 26.12 16.48 48.81
C THR G 17 24.98 15.80 48.06
N MET G 18 23.95 16.60 47.76
CA MET G 18 22.69 16.16 47.16
C MET G 18 21.87 15.28 48.11
N GLY G 19 22.37 15.10 49.32
CA GLY G 19 21.69 14.32 50.35
C GLY G 19 21.92 12.83 50.26
N VAL G 20 22.87 12.40 49.45
CA VAL G 20 23.14 10.97 49.30
C VAL G 20 23.47 10.29 50.65
N PRO G 21 22.61 9.33 51.07
CA PRO G 21 22.88 8.54 52.27
C PRO G 21 23.95 7.48 52.06
N HIS G 22 24.90 7.46 52.99
CA HIS G 22 25.88 6.38 53.08
C HIS G 22 25.61 5.73 54.41
N ILE G 23 24.98 4.56 54.33
CA ILE G 23 24.58 3.77 55.51
C ILE G 23 25.77 2.94 55.98
N LYS G 24 26.05 2.98 57.28
CA LYS G 24 27.13 2.17 57.87
C LYS G 24 26.63 1.35 59.04
N ALA G 25 26.74 0.03 58.88
CA ALA G 25 26.21 -0.92 59.85
C ALA G 25 27.13 -2.13 60.05
N GLY G 26 26.97 -2.82 61.18
CA GLY G 26 27.81 -3.98 61.52
C GLY G 26 27.28 -5.33 61.05
N ASN G 27 26.06 -5.34 60.50
CA ASN G 27 25.42 -6.53 59.96
C ASN G 27 24.31 -6.17 58.96
N TRP G 28 23.80 -7.17 58.24
CA TRP G 28 22.80 -6.94 57.21
C TRP G 28 21.50 -6.42 57.72
N GLY G 29 21.06 -6.90 58.89
CA GLY G 29 19.83 -6.43 59.51
C GLY G 29 19.83 -4.93 59.73
N SER G 30 20.91 -4.45 60.36
CA SER G 30 21.10 -3.03 60.63
C SER G 30 21.31 -2.17 59.37
N ALA G 31 21.82 -2.80 58.31
CA ALA G 31 21.98 -2.12 57.03
C ALA G 31 20.60 -1.90 56.39
N GLY G 32 19.80 -2.96 56.36
CA GLY G 32 18.41 -2.86 55.91
C GLY G 32 17.67 -1.76 56.64
N TYR G 33 17.87 -1.70 57.97
CA TYR G 33 17.26 -0.70 58.84
C TYR G 33 17.60 0.76 58.46
N GLY G 34 18.88 1.05 58.30
CA GLY G 34 19.30 2.38 57.88
C GLY G 34 18.77 2.74 56.50
N PHE G 35 18.76 1.75 55.61
CA PHE G 35 18.34 1.93 54.22
C PHE G 35 16.84 2.15 54.18
N GLY G 36 16.10 1.29 54.88
CA GLY G 36 14.66 1.42 55.02
C GLY G 36 14.27 2.78 55.52
N TYR G 37 15.00 3.28 56.51
CA TYR G 37 14.75 4.60 57.10
C TYR G 37 14.97 5.75 56.12
N VAL G 38 16.11 5.77 55.44
CA VAL G 38 16.42 6.90 54.56
C VAL G 38 15.49 6.97 53.35
N GLN G 39 15.07 5.81 52.85
CA GLN G 39 14.16 5.76 51.70
C GLN G 39 12.80 6.35 52.08
N ALA G 40 12.29 5.97 53.24
CA ALA G 40 11.03 6.53 53.72
C ALA G 40 11.19 8.04 53.99
N GLN G 41 12.31 8.40 54.60
CA GLN G 41 12.60 9.78 55.00
C GLN G 41 12.52 10.73 53.81
N ASP G 42 13.02 10.27 52.67
CA ASP G 42 13.00 11.04 51.46
C ASP G 42 11.78 10.82 50.58
N ASN G 43 11.18 9.62 50.62
CA ASN G 43 10.11 9.28 49.65
C ASN G 43 8.83 8.64 50.19
N LEU G 44 8.45 9.02 51.40
CA LEU G 44 7.40 8.31 52.12
C LEU G 44 6.11 8.21 51.33
N CYS G 45 5.69 9.32 50.73
CA CYS G 45 4.39 9.36 50.06
C CYS G 45 4.28 8.33 48.92
N THR G 46 5.26 8.32 48.01
CA THR G 46 5.34 7.33 46.93
C THR G 46 5.36 5.89 47.49
N MET G 47 6.28 5.64 48.41
CA MET G 47 6.44 4.33 49.04
C MET G 47 5.16 3.86 49.73
N ALA G 48 4.61 4.68 50.62
CA ALA G 48 3.39 4.32 51.34
C ALA G 48 2.32 3.91 50.36
N ASP G 49 2.22 4.69 49.28
CA ASP G 49 1.25 4.44 48.25
C ASP G 49 1.55 3.10 47.58
N SER G 50 2.82 2.83 47.34
CA SER G 50 3.25 1.60 46.69
C SER G 50 2.86 0.34 47.48
N PHE G 51 2.95 0.40 48.81
CA PHE G 51 2.61 -0.79 49.60
C PHE G 51 1.11 -1.12 49.59
N LEU G 52 0.27 -0.13 49.29
CA LEU G 52 -1.12 -0.41 48.99
C LEU G 52 -1.22 -1.30 47.75
N THR G 53 -0.45 -0.94 46.73
CA THR G 53 -0.39 -1.66 45.46
C THR G 53 -0.05 -3.16 45.63
N TYR G 54 1.09 -3.44 46.25
CA TYR G 54 1.61 -4.80 46.38
C TYR G 54 0.82 -5.65 47.37
N ARG G 55 0.28 -5.02 48.41
CA ARG G 55 -0.60 -5.70 49.35
C ARG G 55 -1.98 -5.95 48.74
N GLY G 56 -2.36 -5.14 47.75
CA GLY G 56 -3.69 -5.23 47.12
C GLY G 56 -4.71 -4.45 47.93
N GLU G 57 -4.30 -3.29 48.42
CA GLU G 57 -5.09 -2.50 49.34
C GLU G 57 -5.38 -1.09 48.82
N ARG G 58 -5.27 -0.90 47.50
CA ARG G 58 -5.53 0.41 46.91
C ARG G 58 -7.00 0.79 47.03
N SER G 59 -7.88 -0.10 46.58
CA SER G 59 -9.31 0.21 46.46
C SER G 59 -9.94 0.64 47.78
N ARG G 60 -9.55 -0.02 48.87
CA ARG G 60 -10.08 0.27 50.21
C ARG G 60 -9.88 1.75 50.59
N HIS G 61 -8.68 2.27 50.31
CA HIS G 61 -8.36 3.65 50.61
C HIS G 61 -8.75 4.57 49.47
N LEU G 62 -8.25 4.29 48.28
CA LEU G 62 -8.32 5.25 47.17
C LEU G 62 -9.53 5.13 46.24
N GLY G 63 -10.39 4.14 46.46
CA GLY G 63 -11.49 3.85 45.55
C GLY G 63 -11.13 2.79 44.53
N GLY G 64 -12.09 1.94 44.20
CA GLY G 64 -11.85 0.81 43.31
C GLY G 64 -11.63 1.18 41.85
N SER G 65 -12.16 2.33 41.44
CA SER G 65 -12.18 2.66 40.02
C SER G 65 -11.16 3.71 39.59
N ALA G 66 -10.51 4.36 40.56
CA ALA G 66 -9.42 5.26 40.25
C ALA G 66 -8.21 4.46 39.75
N GLN G 67 -7.43 5.05 38.86
CA GLN G 67 -6.21 4.44 38.37
C GLN G 67 -5.11 4.54 39.43
N LEU G 68 -4.06 3.74 39.27
CA LEU G 68 -2.85 3.90 40.06
C LEU G 68 -2.42 5.34 39.94
N VAL G 69 -2.04 5.95 41.05
CA VAL G 69 -1.50 7.31 41.04
C VAL G 69 -0.23 7.40 40.18
N TYR G 70 0.72 6.50 40.42
CA TYR G 70 2.00 6.52 39.69
C TYR G 70 2.11 5.46 38.62
N ASN G 71 2.71 5.85 37.51
CA ASN G 71 3.14 4.93 36.48
C ASN G 71 4.36 4.14 36.98
N SER G 72 4.55 2.93 36.45
CA SER G 72 5.58 1.98 36.88
C SER G 72 5.64 0.85 35.87
N THR G 73 6.43 -0.18 36.16
CA THR G 73 6.45 -1.41 35.37
C THR G 73 5.09 -2.11 35.32
N LEU G 74 4.19 -1.70 36.21
CA LEU G 74 2.83 -2.25 36.28
C LEU G 74 1.86 -1.52 35.34
N GLY G 75 2.27 -0.35 34.86
CA GLY G 75 1.36 0.54 34.14
C GLY G 75 0.35 1.17 35.10
N ARG G 76 -0.74 1.68 34.54
CA ARG G 76 -1.73 2.37 35.35
C ARG G 76 -3.16 1.83 35.17
N PRO G 77 -3.40 0.56 35.58
CA PRO G 77 -4.77 0.05 35.54
C PRO G 77 -5.60 0.59 36.70
N ARG G 78 -6.87 0.21 36.74
CA ARG G 78 -7.77 0.61 37.82
C ARG G 78 -7.39 -0.15 39.08
N ASN G 79 -7.50 0.56 40.21
CA ASN G 79 -7.17 0.01 41.53
C ASN G 79 -7.77 -1.36 41.78
N ILE G 80 -9.05 -1.51 41.49
CA ILE G 80 -9.73 -2.78 41.76
C ILE G 80 -9.05 -3.97 41.07
N ASP G 81 -8.66 -3.78 39.80
CA ASP G 81 -7.97 -4.83 39.05
C ASP G 81 -6.55 -5.09 39.55
N SER G 82 -5.82 -4.02 39.87
CA SER G 82 -4.49 -4.13 40.48
C SER G 82 -4.54 -4.91 41.81
N ASP G 83 -5.52 -4.59 42.65
CA ASP G 83 -5.73 -5.29 43.92
C ASP G 83 -5.89 -6.80 43.73
N PHE G 84 -6.78 -7.20 42.83
CA PHE G 84 -6.94 -8.62 42.55
C PHE G 84 -5.65 -9.25 42.03
N PHE G 85 -5.05 -8.64 41.02
CA PHE G 85 -3.78 -9.12 40.47
C PHE G 85 -2.75 -9.48 41.55
N HIS G 86 -2.41 -8.52 42.40
CA HIS G 86 -1.38 -8.72 43.45
C HIS G 86 -1.78 -9.77 44.49
N ARG G 87 -3.05 -9.76 44.89
CA ARG G 87 -3.54 -10.77 45.82
C ARG G 87 -3.57 -12.18 45.21
N HIS G 88 -3.85 -12.24 43.91
CA HIS G 88 -3.86 -13.51 43.18
C HIS G 88 -2.49 -14.04 42.83
N VAL G 89 -1.62 -13.15 42.35
CA VAL G 89 -0.29 -13.56 41.90
C VAL G 89 0.76 -13.47 43.02
N ILE G 90 0.75 -12.39 43.77
CA ILE G 90 1.67 -12.26 44.91
C ILE G 90 0.95 -12.68 46.19
N SER G 91 0.54 -13.95 46.22
CA SER G 91 -0.20 -14.52 47.35
C SER G 91 0.74 -14.87 48.50
N ASP G 92 0.17 -15.38 49.59
CA ASP G 92 0.95 -15.79 50.75
C ASP G 92 1.84 -16.99 50.44
N GLU G 93 1.36 -17.88 49.58
CA GLU G 93 2.15 -18.98 49.04
C GLU G 93 3.35 -18.44 48.23
N ALA G 94 3.09 -17.43 47.41
CA ALA G 94 4.12 -16.80 46.61
C ALA G 94 5.18 -16.19 47.52
N VAL G 95 4.74 -15.51 48.56
CA VAL G 95 5.65 -14.90 49.53
C VAL G 95 6.38 -15.96 50.34
N ASP G 96 5.65 -16.99 50.79
CA ASP G 96 6.25 -18.08 51.54
C ASP G 96 7.41 -18.71 50.78
N ARG G 97 7.19 -18.97 49.49
CA ARG G 97 8.18 -19.65 48.66
C ARG G 97 9.38 -18.76 48.39
N THR G 98 9.12 -17.51 48.00
CA THR G 98 10.16 -16.51 47.81
C THR G 98 11.07 -16.49 49.04
N MET G 99 10.46 -16.26 50.22
CA MET G 99 11.21 -16.17 51.48
C MET G 99 12.02 -17.42 51.82
N ALA G 100 11.44 -18.60 51.62
CA ALA G 100 12.11 -19.87 51.94
C ALA G 100 13.43 -20.05 51.17
N ALA G 101 13.46 -19.56 49.94
CA ALA G 101 14.66 -19.66 49.11
C ALA G 101 15.73 -18.59 49.44
N GLN G 102 15.49 -17.78 50.46
CA GLN G 102 16.41 -16.70 50.79
C GLN G 102 17.51 -17.08 51.76
N PRO G 103 18.74 -16.62 51.50
CA PRO G 103 19.83 -16.72 52.48
C PRO G 103 19.54 -15.92 53.74
N ALA G 104 19.93 -16.46 54.89
CA ALA G 104 19.67 -15.84 56.20
C ALA G 104 19.87 -14.32 56.19
N LYS G 105 21.05 -13.87 55.73
CA LYS G 105 21.43 -12.46 55.80
C LYS G 105 20.38 -11.53 55.17
N LEU G 106 19.83 -11.95 54.03
CA LEU G 106 18.80 -11.17 53.35
C LEU G 106 17.50 -11.10 54.14
N LEU G 107 17.01 -12.24 54.62
CA LEU G 107 15.81 -12.27 55.45
C LEU G 107 15.91 -11.20 56.54
N GLN G 108 17.07 -11.15 57.18
CA GLN G 108 17.34 -10.16 58.22
C GLN G 108 17.33 -8.76 57.65
N MET G 109 18.03 -8.55 56.53
CA MET G 109 18.11 -7.23 55.91
C MET G 109 16.73 -6.65 55.63
N VAL G 110 15.88 -7.46 55.01
CA VAL G 110 14.50 -7.10 54.73
C VAL G 110 13.71 -6.79 56.03
N GLU G 111 13.92 -7.60 57.08
CA GLU G 111 13.33 -7.30 58.38
C GLU G 111 13.77 -5.93 58.88
N GLY G 112 15.07 -5.66 58.71
CA GLY G 112 15.65 -4.38 59.08
C GLY G 112 15.00 -3.27 58.29
N PHE G 113 14.87 -3.49 56.98
CA PHE G 113 14.23 -2.53 56.08
C PHE G 113 12.84 -2.12 56.57
N ALA G 114 11.98 -3.12 56.82
CA ALA G 114 10.62 -2.87 57.28
C ALA G 114 10.60 -2.08 58.58
N ALA G 115 11.54 -2.39 59.48
CA ALA G 115 11.61 -1.73 60.77
C ALA G 115 12.05 -0.26 60.61
N GLY G 116 13.05 -0.03 59.76
CA GLY G 116 13.55 1.31 59.50
C GLY G 116 12.47 2.17 58.87
N TYR G 117 11.75 1.57 57.93
CA TYR G 117 10.63 2.22 57.27
C TYR G 117 9.53 2.59 58.27
N ASN G 118 9.18 1.64 59.15
CA ASN G 118 8.20 1.88 60.21
C ASN G 118 8.66 2.93 61.21
N ARG G 119 9.97 3.00 61.45
CA ARG G 119 10.52 4.00 62.36
C ARG G 119 10.28 5.40 61.79
N TYR G 120 10.44 5.55 60.48
CA TYR G 120 10.12 6.83 59.87
C TYR G 120 8.63 7.17 59.91
N VAL G 121 7.78 6.15 59.74
CA VAL G 121 6.32 6.34 59.83
C VAL G 121 5.90 6.89 61.21
N ARG G 122 6.47 6.33 62.28
CA ARG G 122 6.24 6.85 63.63
C ARG G 122 6.64 8.32 63.73
N GLU G 123 7.80 8.66 63.17
CA GLU G 123 8.29 10.04 63.18
C GLU G 123 7.37 10.99 62.41
N ALA G 124 6.97 10.60 61.21
CA ALA G 124 6.09 11.41 60.36
C ALA G 124 4.71 11.63 60.98
N LYS G 125 4.20 10.62 61.67
CA LYS G 125 2.92 10.73 62.36
C LYS G 125 2.98 11.73 63.52
N ALA G 126 4.12 11.76 64.21
CA ALA G 126 4.34 12.61 65.39
C ALA G 126 4.30 14.12 65.12
N GLY G 127 4.74 14.53 63.93
CA GLY G 127 4.82 15.94 63.57
C GLY G 127 5.75 16.17 62.40
N GLY G 128 6.30 17.38 62.30
CA GLY G 128 7.13 17.75 61.16
C GLY G 128 6.27 18.27 60.03
N SER G 129 6.90 18.98 59.12
CA SER G 129 6.23 19.50 57.92
C SER G 129 6.76 18.76 56.69
N ALA G 130 7.52 17.69 56.95
CA ALA G 130 8.03 16.80 55.91
C ALA G 130 6.90 15.89 55.46
N HIS G 131 6.76 15.72 54.14
CA HIS G 131 5.74 14.85 53.55
C HIS G 131 4.36 15.30 53.86
N ALA G 132 4.11 16.60 53.74
CA ALA G 132 2.82 17.15 54.08
C ALA G 132 1.69 16.61 53.20
N ALA G 133 2.05 16.02 52.07
CA ALA G 133 1.06 15.55 51.11
C ALA G 133 0.25 14.37 51.61
N CYS G 134 0.82 13.56 52.50
CA CYS G 134 0.23 12.27 52.87
C CYS G 134 0.38 11.87 54.34
N ARG G 135 1.18 12.61 55.11
CA ARG G 135 1.56 12.13 56.43
C ARG G 135 0.40 11.77 57.39
N SER G 136 -0.75 12.40 57.20
CA SER G 136 -1.89 12.18 58.08
C SER G 136 -2.92 11.21 57.50
N GLU G 137 -2.65 10.72 56.29
CA GLU G 137 -3.52 9.77 55.62
C GLU G 137 -3.44 8.39 56.28
N ALA G 138 -4.50 7.61 56.14
CA ALA G 138 -4.55 6.28 56.73
C ALA G 138 -3.52 5.35 56.11
N TRP G 139 -3.25 5.51 54.82
CA TRP G 139 -2.36 4.60 54.09
C TRP G 139 -0.89 4.80 54.37
N VAL G 140 -0.56 5.76 55.23
CA VAL G 140 0.77 5.86 55.80
C VAL G 140 0.72 5.06 57.11
N GLN G 141 1.25 3.84 57.06
CA GLN G 141 1.13 2.90 58.17
C GLN G 141 2.29 1.91 58.21
N PRO G 142 2.61 1.37 59.40
CA PRO G 142 3.67 0.34 59.47
C PRO G 142 3.49 -0.79 58.44
N ILE G 143 4.58 -1.39 57.99
CA ILE G 143 4.51 -2.56 57.10
C ILE G 143 5.27 -3.74 57.70
N THR G 144 5.14 -4.92 57.08
CA THR G 144 5.90 -6.10 57.54
C THR G 144 7.03 -6.41 56.58
N ALA G 145 7.87 -7.36 56.97
CA ALA G 145 8.89 -7.91 56.09
C ALA G 145 8.25 -8.54 54.86
N ARG G 146 7.12 -9.19 55.07
CA ARG G 146 6.41 -9.90 54.02
C ARG G 146 5.97 -8.91 52.93
N ASP G 147 5.63 -7.70 53.35
CA ASP G 147 5.27 -6.64 52.42
C ASP G 147 6.47 -6.23 51.56
N VAL G 148 7.64 -6.13 52.18
CA VAL G 148 8.85 -5.83 51.42
C VAL G 148 9.11 -6.91 50.36
N TRP G 149 8.95 -8.19 50.73
CA TRP G 149 9.05 -9.30 49.78
C TRP G 149 8.03 -9.23 48.66
N ARG G 150 6.80 -8.83 49.01
CA ARG G 150 5.78 -8.63 48.00
C ARG G 150 6.33 -7.69 46.95
N ARG G 151 6.89 -6.57 47.43
CA ARG G 151 7.48 -5.54 46.60
C ARG G 151 8.60 -6.09 45.74
N ILE G 152 9.42 -6.95 46.35
CA ILE G 152 10.59 -7.49 45.68
C ILE G 152 10.17 -8.44 44.57
N TYR G 153 9.29 -9.37 44.92
CA TYR G 153 8.72 -10.29 43.94
C TYR G 153 8.03 -9.53 42.81
N ALA G 154 7.22 -8.52 43.17
CA ALA G 154 6.56 -7.67 42.18
C ALA G 154 7.54 -7.20 41.10
N ALA G 155 8.74 -6.82 41.54
CA ALA G 155 9.74 -6.25 40.63
C ALA G 155 10.24 -7.21 39.57
N ASN G 156 10.07 -8.51 39.81
CA ASN G 156 10.54 -9.54 38.89
C ASN G 156 9.63 -9.76 37.69
N LEU G 157 8.37 -9.40 37.85
CA LEU G 157 7.35 -9.80 36.90
C LEU G 157 7.15 -8.78 35.79
N ALA G 158 7.99 -7.74 35.80
CA ALA G 158 7.91 -6.66 34.82
C ALA G 158 7.92 -7.13 33.38
N GLY G 159 8.59 -8.25 33.12
CA GLY G 159 8.70 -8.77 31.76
C GLY G 159 7.57 -9.71 31.38
N GLY G 160 6.63 -9.94 32.29
CA GLY G 160 5.55 -10.89 32.06
C GLY G 160 4.25 -10.50 32.71
N TYR G 161 4.00 -11.08 33.90
CA TYR G 161 2.74 -10.91 34.61
C TYR G 161 2.31 -9.45 34.74
N SER G 162 3.23 -8.57 35.14
CA SER G 162 2.95 -7.15 35.36
C SER G 162 2.21 -6.48 34.22
N ASN G 163 2.60 -6.85 32.99
CA ASN G 163 1.99 -6.31 31.78
C ASN G 163 0.58 -6.77 31.53
N PHE G 164 0.16 -7.82 32.25
CA PHE G 164 -1.14 -8.44 32.03
C PHE G 164 -1.96 -8.46 33.31
N ALA G 165 -1.65 -7.49 34.18
CA ALA G 165 -2.26 -7.40 35.49
C ALA G 165 -3.79 -7.31 35.41
N GLU G 166 -4.31 -6.50 34.49
CA GLU G 166 -5.74 -6.38 34.33
C GLU G 166 -6.33 -7.66 33.72
N ALA G 167 -5.61 -8.24 32.77
CA ALA G 167 -6.08 -9.45 32.11
C ALA G 167 -6.14 -10.64 33.07
N ILE G 168 -5.10 -10.80 33.91
CA ILE G 168 -5.07 -11.83 34.95
C ILE G 168 -6.24 -11.64 35.92
N ALA G 169 -6.39 -10.41 36.42
CA ALA G 169 -7.41 -10.09 37.42
C ALA G 169 -8.86 -10.31 36.97
N ASN G 170 -9.04 -10.52 35.66
CA ASN G 170 -10.39 -10.61 35.09
C ASN G 170 -10.69 -11.91 34.33
N ALA G 171 -9.82 -12.90 34.50
CA ALA G 171 -10.02 -14.20 33.88
C ALA G 171 -11.08 -15.02 34.65
N GLN G 172 -12.23 -15.21 34.01
CA GLN G 172 -13.34 -15.97 34.58
C GLN G 172 -13.97 -16.91 33.55
N PRO G 173 -14.32 -18.15 33.99
CA PRO G 173 -15.02 -19.10 33.11
C PRO G 173 -16.44 -18.61 32.79
N PRO G 174 -17.07 -19.15 31.72
CA PRO G 174 -18.41 -18.70 31.33
C PRO G 174 -19.56 -19.43 32.04
N PHE H 8 -11.73 -16.14 13.79
CA PHE H 8 -10.76 -15.13 14.32
C PHE H 8 -10.53 -13.99 13.31
N GLU H 9 -10.63 -12.74 13.77
CA GLU H 9 -10.41 -11.58 12.91
C GLU H 9 -9.18 -10.76 13.32
N PRO H 10 -8.08 -10.82 12.54
CA PRO H 10 -6.87 -10.09 12.91
C PRO H 10 -7.09 -8.58 13.06
N GLY H 11 -8.07 -8.05 12.35
CA GLY H 11 -8.40 -6.63 12.40
C GLY H 11 -8.90 -6.18 13.75
N ARG H 12 -9.48 -7.12 14.50
CA ARG H 12 -9.96 -6.85 15.86
C ARG H 12 -8.92 -7.09 16.96
N THR H 13 -7.65 -7.27 16.58
CA THR H 13 -6.58 -7.51 17.55
C THR H 13 -6.00 -6.20 18.06
N ARG H 14 -5.76 -6.13 19.37
CA ARG H 14 -5.04 -5.00 19.94
C ARG H 14 -3.83 -5.52 20.70
N ALA H 15 -2.64 -5.14 20.24
CA ALA H 15 -1.41 -5.51 20.93
C ALA H 15 -1.33 -4.77 22.26
N PRO H 16 -0.78 -5.42 23.30
CA PRO H 16 -0.61 -4.77 24.59
C PRO H 16 0.78 -4.13 24.73
N SER H 17 1.05 -3.53 25.89
CA SER H 17 2.40 -3.07 26.23
C SER H 17 3.33 -4.25 26.56
N LEU H 18 4.43 -4.36 25.82
CA LEU H 18 5.36 -5.48 25.96
C LEU H 18 6.72 -5.02 26.51
N GLN H 19 7.36 -4.11 25.77
CA GLN H 19 8.51 -3.36 26.27
C GLN H 19 8.34 -3.02 27.76
N VAL H 20 9.11 -3.70 28.61
CA VAL H 20 9.21 -3.33 30.02
C VAL H 20 9.64 -1.85 30.15
N GLY H 21 8.87 -1.07 30.91
CA GLY H 21 9.25 0.29 31.30
C GLY H 21 9.20 1.34 30.20
N GLY H 22 8.64 0.99 29.05
CA GLY H 22 8.61 1.90 27.91
C GLY H 22 7.20 2.12 27.38
N SER I 1 17.09 2.78 27.82
CA SER I 1 18.32 2.66 28.64
C SER I 1 19.51 2.44 27.71
N ASN I 2 20.60 3.17 27.96
CA ASN I 2 21.92 2.92 27.33
C ASN I 2 22.93 2.43 28.36
N MET I 3 23.96 1.73 27.88
CA MET I 3 25.16 1.48 28.69
C MET I 3 26.34 1.19 27.78
N TYR I 4 27.53 1.62 28.22
CA TYR I 4 28.77 1.26 27.57
C TYR I 4 29.66 0.66 28.64
N GLY I 5 30.44 -0.35 28.27
CA GLY I 5 31.59 -0.77 29.05
C GLY I 5 32.79 -0.63 28.13
N PHE I 6 33.77 0.17 28.53
CA PHE I 6 34.98 0.36 27.73
C PHE I 6 36.15 -0.38 28.37
N GLY I 7 36.87 -1.15 27.58
CA GLY I 7 38.08 -1.82 28.05
C GLY I 7 39.32 -0.93 28.05
N THR I 8 40.43 -1.50 28.51
CA THR I 8 41.71 -0.79 28.65
C THR I 8 42.30 -0.31 27.33
N ALA I 9 41.96 -0.99 26.23
CA ALA I 9 42.34 -0.53 24.89
C ALA I 9 41.57 0.73 24.51
N ALA I 10 40.38 0.91 25.09
CA ALA I 10 39.61 2.13 24.87
C ALA I 10 40.01 3.27 25.83
N THR I 11 40.39 2.94 27.05
CA THR I 11 40.66 3.97 28.07
C THR I 11 42.12 4.38 28.11
N GLY I 12 42.98 3.51 27.57
CA GLY I 12 44.43 3.70 27.58
C GLY I 12 45.03 3.72 28.97
N GLU I 13 44.37 3.06 29.92
CA GLU I 13 44.79 3.10 31.32
C GLU I 13 44.71 1.74 31.99
N GLY I 14 44.99 1.73 33.30
CA GLY I 14 44.95 0.51 34.11
C GLY I 14 43.63 -0.23 34.14
N SER I 15 42.51 0.49 33.99
CA SER I 15 41.18 -0.12 34.03
C SER I 15 40.30 0.37 32.89
N GLY I 16 39.12 -0.22 32.77
CA GLY I 16 38.11 0.27 31.85
C GLY I 16 37.26 1.39 32.45
N VAL I 17 36.19 1.75 31.73
CA VAL I 17 35.26 2.79 32.13
C VAL I 17 33.84 2.27 31.90
N LEU I 18 32.98 2.40 32.91
CA LEU I 18 31.61 1.91 32.83
C LEU I 18 30.61 3.07 32.80
N PHE I 19 29.74 3.08 31.79
CA PHE I 19 28.68 4.09 31.70
C PHE I 19 27.32 3.43 31.91
N GLY I 20 26.64 3.85 32.97
CA GLY I 20 25.30 3.36 33.27
C GLY I 20 24.29 4.48 33.04
N ASN I 21 23.34 4.21 32.15
CA ASN I 21 22.35 5.19 31.70
C ASN I 21 20.94 4.60 31.57
N PRO I 22 20.36 4.11 32.67
CA PRO I 22 18.99 3.60 32.59
C PRO I 22 17.96 4.70 32.30
N HIS I 23 17.13 4.51 31.28
CA HIS I 23 16.02 5.43 31.02
C HIS I 23 14.80 4.87 31.70
N TRP I 24 14.34 5.55 32.74
CA TRP I 24 13.40 4.96 33.66
C TRP I 24 12.47 6.02 34.18
N TYR I 25 11.62 5.66 35.14
CA TYR I 25 10.61 6.54 35.70
C TYR I 25 11.18 7.70 36.50
N TRP I 26 10.53 8.86 36.41
CA TRP I 26 10.88 9.98 37.26
C TRP I 26 10.06 10.03 38.53
N LYS I 27 9.02 9.21 38.59
CA LYS I 27 8.11 9.20 39.73
C LYS I 27 7.62 7.78 39.97
N GLY I 28 7.07 7.51 41.14
CA GLY I 28 6.60 6.16 41.42
C GLY I 28 7.60 5.21 42.08
N PRO I 29 7.10 4.09 42.63
CA PRO I 29 7.93 3.21 43.44
C PRO I 29 9.11 2.60 42.69
N ASP I 30 9.01 2.49 41.36
CA ASP I 30 10.07 1.91 40.54
C ASP I 30 11.20 2.91 40.27
N ARG I 31 11.06 4.15 40.73
CA ARG I 31 12.11 5.14 40.55
C ARG I 31 13.33 4.84 41.41
N PHE I 32 14.48 5.28 40.92
CA PHE I 32 15.76 4.96 41.52
C PHE I 32 16.07 5.80 42.74
N TYR I 33 16.84 5.22 43.66
CA TYR I 33 17.22 5.93 44.88
C TYR I 33 18.70 5.69 45.18
N GLN I 34 19.50 6.77 45.07
CA GLN I 34 20.97 6.68 45.20
C GLN I 34 21.41 6.54 46.64
N ALA I 35 22.17 5.50 46.92
CA ALA I 35 22.66 5.26 48.27
C ALA I 35 23.93 4.42 48.30
N GLN I 36 24.64 4.50 49.43
CA GLN I 36 25.78 3.62 49.70
C GLN I 36 25.52 2.77 50.95
N LEU I 37 25.97 1.52 50.90
CA LEU I 37 25.85 0.59 52.01
C LEU I 37 27.22 0.07 52.38
N THR I 38 27.54 0.16 53.65
CA THR I 38 28.83 -0.31 54.16
C THR I 38 28.56 -1.22 55.34
N ILE I 39 28.73 -2.51 55.09
CA ILE I 39 28.42 -3.53 56.08
C ILE I 39 29.73 -4.18 56.51
N ASP I 40 30.25 -3.71 57.63
CA ASP I 40 31.52 -4.17 58.19
C ASP I 40 31.91 -5.60 57.74
N GLY I 41 32.85 -5.69 56.79
CA GLY I 41 33.39 -6.97 56.33
C GLY I 41 32.61 -7.71 55.26
N GLU I 42 31.42 -7.24 54.94
CA GLU I 42 30.54 -7.92 53.97
C GLU I 42 30.50 -7.21 52.61
N ALA I 43 30.25 -5.91 52.64
CA ALA I 43 30.09 -5.15 51.40
C ALA I 43 30.32 -3.66 51.60
N ASN I 44 30.89 -3.04 50.58
CA ASN I 44 30.86 -1.59 50.47
C ASN I 44 30.39 -1.28 49.07
N VAL I 45 29.10 -1.01 48.93
CA VAL I 45 28.48 -0.90 47.61
C VAL I 45 27.70 0.41 47.49
N SER I 46 27.80 1.02 46.31
CA SER I 46 27.21 2.32 46.04
C SER I 46 26.45 2.26 44.72
N GLY I 47 25.35 2.98 44.67
CA GLY I 47 24.55 3.04 43.46
C GLY I 47 23.10 3.28 43.79
N VAL I 48 22.24 2.54 43.09
CA VAL I 48 20.83 2.88 43.06
C VAL I 48 19.90 1.65 43.22
N SER I 49 18.74 1.87 43.85
CA SER I 49 17.70 0.83 44.01
C SER I 49 16.30 1.38 43.69
N PHE I 50 15.40 0.52 43.22
CA PHE I 50 13.98 0.88 43.18
C PHE I 50 13.60 1.22 44.61
N LEU I 51 12.75 2.22 44.79
CA LEU I 51 12.21 2.50 46.11
C LEU I 51 11.58 1.20 46.61
N GLY I 52 11.95 0.81 47.83
CA GLY I 52 11.42 -0.39 48.45
C GLY I 52 12.30 -1.61 48.25
N LEU I 53 13.43 -1.44 47.58
CA LEU I 53 14.42 -2.51 47.41
C LEU I 53 15.65 -2.30 48.30
N PRO I 54 16.10 -3.37 48.98
CA PRO I 54 17.16 -3.26 49.99
C PRO I 54 18.61 -3.41 49.50
N VAL I 55 18.85 -3.94 48.30
CA VAL I 55 20.21 -4.01 47.72
C VAL I 55 20.40 -3.06 46.53
N ILE I 56 21.64 -2.94 46.02
CA ILE I 56 21.93 -2.09 44.87
C ILE I 56 21.76 -2.83 43.53
N GLN I 57 20.93 -2.28 42.64
CA GLN I 57 20.66 -2.92 41.34
C GLN I 57 21.59 -2.47 40.22
N ILE I 58 21.92 -1.18 40.23
CA ILE I 58 22.88 -0.61 39.29
C ILE I 58 23.85 0.22 40.13
N GLY I 59 25.14 -0.07 40.01
CA GLY I 59 26.15 0.63 40.80
C GLY I 59 27.56 0.08 40.65
N PHE I 60 28.29 0.10 41.77
CA PHE I 60 29.70 -0.27 41.80
C PHE I 60 30.17 -0.54 43.22
N ASN I 61 31.31 -1.20 43.34
CA ASN I 61 32.03 -1.30 44.61
C ASN I 61 33.50 -1.05 44.35
N ASP I 62 34.40 -1.56 45.19
CA ASP I 62 35.81 -1.25 44.99
C ASP I 62 36.44 -2.06 43.84
N SER I 63 35.70 -3.01 43.30
CA SER I 63 36.25 -3.94 42.31
C SER I 63 35.53 -3.92 40.96
N VAL I 64 34.22 -3.70 40.98
CA VAL I 64 33.38 -3.77 39.77
C VAL I 64 32.30 -2.69 39.69
N ALA I 65 31.97 -2.32 38.46
CA ALA I 65 30.87 -1.42 38.19
C ALA I 65 30.03 -2.04 37.09
N TRP I 66 28.70 -1.90 37.18
CA TRP I 66 27.80 -2.53 36.22
C TRP I 66 26.52 -1.76 36.01
N SER I 67 25.82 -2.07 34.92
CA SER I 67 24.51 -1.49 34.68
C SER I 67 23.61 -2.45 33.91
N HIS I 68 22.38 -2.00 33.63
CA HIS I 68 21.36 -2.81 32.97
C HIS I 68 20.60 -1.98 31.97
N THR I 69 20.14 -2.66 30.92
CA THR I 69 19.20 -2.10 29.97
C THR I 69 18.18 -3.20 29.75
N VAL I 70 16.92 -2.83 29.57
CA VAL I 70 15.88 -3.79 29.26
C VAL I 70 16.27 -4.56 28.00
N SER I 71 16.22 -5.88 28.10
CA SER I 71 16.58 -6.80 27.03
C SER I 71 15.38 -7.13 26.13
N THR I 72 15.65 -7.53 24.88
CA THR I 72 14.62 -7.95 23.93
C THR I 72 14.16 -9.42 24.12
N ALA I 73 14.82 -10.17 24.99
CA ALA I 73 14.42 -11.54 25.26
C ALA I 73 13.08 -11.58 26.01
N ARG I 74 12.14 -12.35 25.48
CA ARG I 74 10.82 -12.47 26.08
C ARG I 74 10.92 -13.41 27.27
N ARG I 75 10.16 -13.11 28.32
CA ARG I 75 10.30 -13.75 29.62
C ARG I 75 9.04 -14.50 29.96
N PHE I 76 8.09 -14.50 29.03
CA PHE I 76 6.80 -15.07 29.29
C PHE I 76 6.25 -15.74 28.03
N GLY I 77 5.24 -16.59 28.23
CA GLY I 77 4.56 -17.25 27.12
C GLY I 77 3.12 -17.54 27.47
N PHE I 78 2.33 -17.93 26.47
CA PHE I 78 0.98 -18.40 26.76
C PHE I 78 0.83 -19.91 26.56
N PHE I 79 -0.07 -20.48 27.36
CA PHE I 79 -0.49 -21.85 27.18
C PHE I 79 -2.00 -21.89 27.02
N GLN I 80 -2.42 -22.43 25.88
CA GLN I 80 -3.82 -22.62 25.54
C GLN I 80 -4.31 -23.94 26.11
N LEU I 81 -5.45 -23.88 26.79
CA LEU I 81 -5.95 -25.01 27.50
C LEU I 81 -7.19 -25.56 26.81
N SER I 82 -7.22 -26.88 26.66
CA SER I 82 -8.38 -27.56 26.13
C SER I 82 -9.23 -28.01 27.29
N LEU I 83 -10.41 -27.43 27.37
CA LEU I 83 -11.27 -27.60 28.51
C LEU I 83 -12.08 -28.88 28.41
N VAL I 84 -12.30 -29.51 29.56
CA VAL I 84 -13.17 -30.66 29.71
C VAL I 84 -14.61 -30.16 29.57
N GLN I 85 -15.31 -30.56 28.52
CA GLN I 85 -16.68 -30.07 28.31
C GLN I 85 -17.56 -30.40 29.52
N GLY I 86 -18.44 -29.47 29.85
CA GLY I 86 -19.19 -29.52 31.12
C GLY I 86 -18.43 -28.85 32.26
N GLU I 87 -17.10 -28.93 32.24
CA GLU I 87 -16.26 -28.41 33.31
C GLU I 87 -15.23 -27.36 32.83
N PRO I 88 -15.67 -26.10 32.69
CA PRO I 88 -14.78 -25.03 32.18
C PRO I 88 -13.68 -24.59 33.15
N THR I 89 -13.55 -25.26 34.29
CA THR I 89 -12.48 -24.97 35.24
C THR I 89 -11.49 -26.14 35.33
N SER I 90 -11.57 -27.04 34.36
CA SER I 90 -10.60 -28.12 34.25
C SER I 90 -10.07 -28.18 32.83
N TYR I 91 -8.78 -28.48 32.67
CA TYR I 91 -8.19 -28.61 31.33
C TYR I 91 -7.59 -30.00 31.14
N LEU I 92 -7.36 -30.38 29.88
CA LEU I 92 -6.79 -31.67 29.55
C LEU I 92 -5.26 -31.64 29.52
N ARG I 93 -4.66 -32.71 30.04
CA ARG I 93 -3.23 -32.93 29.89
C ARG I 93 -3.01 -34.35 29.35
N ASP I 94 -2.81 -34.44 28.04
CA ASP I 94 -2.58 -35.70 27.33
C ASP I 94 -3.69 -36.73 27.53
N GLY I 95 -4.87 -36.26 27.90
CA GLY I 95 -6.06 -37.09 28.01
C GLY I 95 -6.68 -37.13 29.39
N VAL I 96 -5.93 -36.66 30.39
CA VAL I 96 -6.43 -36.63 31.76
C VAL I 96 -6.95 -35.22 32.13
N PRO I 97 -8.15 -35.14 32.72
CA PRO I 97 -8.64 -33.87 33.25
C PRO I 97 -7.78 -33.42 34.43
N VAL I 98 -7.51 -32.11 34.49
CA VAL I 98 -6.74 -31.52 35.58
C VAL I 98 -7.49 -30.29 36.08
N LYS I 99 -7.85 -30.31 37.36
CA LYS I 99 -8.53 -29.16 37.98
C LYS I 99 -7.62 -27.93 38.03
N MET I 100 -8.16 -26.78 37.65
CA MET I 100 -7.50 -25.52 37.92
C MET I 100 -7.60 -25.28 39.41
N LYS I 101 -6.62 -24.57 39.97
CA LYS I 101 -6.62 -24.25 41.39
C LYS I 101 -7.40 -22.94 41.61
N PRO I 102 -8.55 -23.01 42.29
CA PRO I 102 -9.33 -21.79 42.49
C PRO I 102 -8.78 -20.94 43.63
N ALA I 103 -9.20 -19.68 43.67
CA ALA I 103 -8.87 -18.76 44.75
C ALA I 103 -9.99 -17.74 44.80
N THR I 104 -10.77 -17.77 45.87
CA THR I 104 -11.88 -16.84 46.06
C THR I 104 -11.40 -15.64 46.88
N ILE I 105 -11.21 -14.51 46.19
CA ILE I 105 -10.61 -13.31 46.76
C ILE I 105 -11.66 -12.22 46.97
N THR I 106 -11.59 -11.54 48.12
CA THR I 106 -12.49 -10.45 48.43
C THR I 106 -11.69 -9.18 48.70
N VAL I 107 -11.93 -8.15 47.91
CA VAL I 107 -11.25 -6.87 48.05
C VAL I 107 -12.23 -5.81 48.53
N PRO I 108 -11.96 -5.21 49.70
CA PRO I 108 -12.82 -4.10 50.09
C PRO I 108 -12.49 -2.89 49.20
N SER I 109 -13.53 -2.20 48.74
CA SER I 109 -13.37 -1.04 47.86
C SER I 109 -14.15 0.16 48.39
N ARG I 110 -13.54 1.33 48.31
CA ARG I 110 -14.21 2.57 48.68
C ARG I 110 -15.14 2.99 47.55
N ASN I 111 -16.39 3.24 47.90
CA ASN I 111 -17.40 3.75 46.98
C ASN I 111 -17.30 5.26 46.88
N ALA I 112 -17.60 5.81 45.71
CA ALA I 112 -17.48 7.26 45.46
C ALA I 112 -18.25 8.14 46.48
N ASP I 113 -19.20 7.56 47.21
CA ASP I 113 -19.93 8.27 48.27
C ASP I 113 -19.16 8.36 49.61
N GLY I 114 -18.20 7.46 49.84
CA GLY I 114 -17.44 7.46 51.08
C GLY I 114 -17.36 6.12 51.81
N SER I 115 -18.37 5.29 51.67
CA SER I 115 -18.40 3.99 52.34
C SER I 115 -17.53 2.94 51.63
N VAL I 116 -17.16 1.90 52.38
CA VAL I 116 -16.38 0.78 51.88
C VAL I 116 -17.30 -0.43 51.74
N SER I 117 -17.14 -1.18 50.65
CA SER I 117 -17.86 -2.45 50.51
C SER I 117 -16.98 -3.52 49.85
N ASP I 118 -17.36 -4.78 50.02
CA ASP I 118 -16.60 -5.90 49.49
C ASP I 118 -16.95 -6.25 48.05
N VAL I 119 -15.92 -6.28 47.20
CA VAL I 119 -16.07 -6.87 45.88
C VAL I 119 -15.25 -8.15 45.86
N THR I 120 -15.86 -9.22 45.38
CA THR I 120 -15.23 -10.53 45.46
C THR I 120 -15.26 -11.28 44.13
N ARG I 121 -14.09 -11.81 43.73
CA ARG I 121 -13.98 -12.58 42.49
C ARG I 121 -13.26 -13.91 42.78
N THR I 122 -13.66 -14.96 42.07
CA THR I 122 -12.96 -16.24 42.13
C THR I 122 -12.06 -16.35 40.90
N LEU I 123 -10.76 -16.34 41.13
CA LEU I 123 -9.77 -16.41 40.05
C LEU I 123 -9.04 -17.75 40.04
N TYR I 124 -8.27 -18.02 38.99
CA TYR I 124 -7.67 -19.34 38.81
C TYR I 124 -6.18 -19.37 38.47
N HIS I 125 -5.57 -20.51 38.78
CA HIS I 125 -4.19 -20.84 38.41
C HIS I 125 -4.19 -22.18 37.78
N SER I 126 -3.37 -22.34 36.74
CA SER I 126 -3.10 -23.65 36.17
C SER I 126 -1.70 -24.05 36.58
N GLU I 127 -1.25 -25.22 36.12
CA GLU I 127 0.12 -25.66 36.35
C GLU I 127 1.17 -24.79 35.64
N PHE I 128 0.71 -23.88 34.76
CA PHE I 128 1.63 -23.01 34.03
C PHE I 128 1.76 -21.66 34.72
N GLY I 129 0.62 -21.16 35.21
CA GLY I 129 0.53 -19.85 35.84
C GLY I 129 -0.92 -19.39 35.95
N PRO I 130 -1.12 -18.13 36.34
CA PRO I 130 -2.46 -17.55 36.45
C PRO I 130 -3.21 -17.65 35.14
N LEU I 131 -4.53 -17.86 35.21
CA LEU I 131 -5.37 -17.79 34.02
C LEU I 131 -5.32 -16.35 33.55
N VAL I 132 -5.44 -16.15 32.24
CA VAL I 132 -5.35 -14.80 31.69
C VAL I 132 -6.46 -14.56 30.66
N ASN I 133 -7.19 -13.47 30.84
CA ASN I 133 -8.24 -13.07 29.90
C ASN I 133 -7.62 -12.42 28.68
N LEU I 134 -7.83 -13.01 27.51
CA LEU I 134 -7.23 -12.52 26.27
C LEU I 134 -8.21 -11.89 25.28
N ALA I 135 -9.47 -11.70 25.72
CA ALA I 135 -10.49 -11.05 24.88
C ALA I 135 -10.11 -9.62 24.48
N GLY I 136 -9.38 -8.93 25.34
CA GLY I 136 -8.87 -7.59 25.07
C GLY I 136 -7.81 -7.61 23.98
N LEU I 137 -7.02 -8.68 23.96
CA LEU I 137 -6.05 -8.91 22.91
C LEU I 137 -6.78 -9.24 21.62
N ASN I 138 -7.77 -10.15 21.72
CA ASN I 138 -8.69 -10.41 20.64
C ASN I 138 -9.96 -11.09 21.16
N PRO I 139 -11.15 -10.58 20.75
CA PRO I 139 -12.44 -11.11 21.22
C PRO I 139 -12.57 -12.62 21.06
N ALA I 140 -11.96 -13.18 20.00
CA ALA I 140 -12.05 -14.62 19.72
C ALA I 140 -11.36 -15.49 20.78
N LEU I 141 -10.48 -14.87 21.57
CA LEU I 141 -9.69 -15.58 22.58
C LEU I 141 -10.34 -15.46 23.96
N ALA I 142 -11.67 -15.46 24.00
CA ALA I 142 -12.40 -15.43 25.26
C ALA I 142 -12.27 -16.79 25.95
N TRP I 143 -12.50 -16.80 27.25
CA TRP I 143 -12.61 -18.03 28.01
C TRP I 143 -13.97 -18.62 27.73
N SER I 144 -14.02 -19.52 26.75
CA SER I 144 -15.27 -20.13 26.29
C SER I 144 -15.47 -21.52 26.90
N GLN I 145 -16.43 -22.28 26.37
CA GLN I 145 -16.73 -23.62 26.84
C GLN I 145 -15.61 -24.62 26.49
N GLY I 146 -14.93 -24.36 25.38
CA GLY I 146 -13.92 -25.28 24.87
C GLY I 146 -12.49 -24.89 25.19
N THR I 147 -12.24 -23.59 25.31
CA THR I 147 -10.87 -23.08 25.39
C THR I 147 -10.67 -22.01 26.46
N ALA I 148 -9.48 -22.00 27.05
CA ALA I 148 -9.05 -20.99 28.02
C ALA I 148 -7.53 -20.77 27.90
N PHE I 149 -7.03 -19.67 28.48
CA PHE I 149 -5.61 -19.27 28.33
C PHE I 149 -4.90 -18.97 29.66
N ALA I 150 -3.69 -19.49 29.81
CA ALA I 150 -2.85 -19.19 30.98
C ALA I 150 -1.60 -18.49 30.54
N ILE I 151 -1.00 -17.78 31.48
CA ILE I 151 0.25 -17.08 31.22
C ILE I 151 1.30 -17.62 32.18
N ARG I 152 2.46 -17.94 31.61
CA ARG I 152 3.63 -18.29 32.40
C ARG I 152 4.73 -17.25 32.19
N ASP I 153 5.27 -16.77 33.31
CA ASP I 153 6.42 -15.88 33.36
C ASP I 153 7.49 -16.63 34.17
N ILE I 154 8.63 -16.97 33.55
CA ILE I 154 9.67 -17.75 34.27
C ILE I 154 10.08 -17.13 35.59
N ASN I 155 9.94 -15.82 35.69
CA ASN I 155 10.33 -15.12 36.90
C ASN I 155 9.34 -15.32 38.04
N GLY I 156 8.19 -15.89 37.72
CA GLY I 156 7.22 -16.33 38.72
C GLY I 156 7.82 -17.41 39.61
N GLU I 157 8.71 -18.22 39.04
CA GLU I 157 9.39 -19.29 39.77
C GLU I 157 10.85 -18.94 40.12
N ASN I 158 11.26 -17.71 39.85
CA ASN I 158 12.65 -17.28 40.04
C ASN I 158 12.81 -16.53 41.36
N PHE I 159 13.36 -17.18 42.37
CA PHE I 159 13.51 -16.55 43.68
C PHE I 159 14.96 -16.15 43.97
N ARG I 160 15.77 -16.13 42.92
CA ARG I 160 17.21 -15.98 43.09
C ARG I 160 17.73 -14.58 42.83
N THR I 161 16.83 -13.64 42.54
CA THR I 161 17.24 -12.34 42.00
C THR I 161 17.89 -11.40 43.02
N LEU I 162 17.23 -11.18 44.16
CA LEU I 162 17.81 -10.37 45.24
C LEU I 162 19.17 -10.91 45.66
N ARG I 163 19.24 -12.22 45.87
CA ARG I 163 20.49 -12.93 46.18
C ARG I 163 21.59 -12.59 45.18
N THR I 164 21.22 -12.53 43.90
CA THR I 164 22.18 -12.29 42.83
C THR I 164 22.79 -10.88 42.89
N TRP I 165 21.94 -9.88 43.03
CA TRP I 165 22.42 -8.49 43.15
C TRP I 165 23.25 -8.32 44.39
N MET I 166 22.82 -8.97 45.47
CA MET I 166 23.55 -8.95 46.74
C MET I 166 24.99 -9.43 46.57
N ARG I 167 25.16 -10.55 45.87
CA ARG I 167 26.48 -11.13 45.65
C ARG I 167 27.33 -10.21 44.79
N TRP I 168 26.73 -9.64 43.75
CA TRP I 168 27.37 -8.59 42.96
C TRP I 168 27.83 -7.43 43.79
N ASN I 169 26.97 -6.97 44.69
CA ASN I 169 27.29 -5.91 45.65
C ASN I 169 28.61 -6.20 46.37
N GLN I 170 28.83 -7.48 46.66
CA GLN I 170 29.99 -7.93 47.42
C GLN I 170 31.15 -8.38 46.54
N ALA I 171 30.89 -8.63 45.26
CA ALA I 171 31.89 -9.20 44.33
C ALA I 171 33.25 -8.50 44.39
N LYS I 172 34.31 -9.30 44.25
CA LYS I 172 35.70 -8.82 44.39
C LYS I 172 36.50 -8.75 43.07
N SER I 173 35.89 -9.19 41.98
CA SER I 173 36.50 -9.06 40.65
C SER I 173 35.42 -9.19 39.58
N LEU I 174 35.78 -8.84 38.35
CA LEU I 174 34.89 -9.05 37.21
C LEU I 174 34.66 -10.53 36.96
N ASP I 175 35.72 -11.34 37.11
CA ASP I 175 35.59 -12.79 36.96
C ASP I 175 34.61 -13.41 37.97
N GLU I 176 34.65 -12.92 39.20
CA GLU I 176 33.66 -13.30 40.22
C GLU I 176 32.26 -12.85 39.80
N PHE I 177 32.16 -11.60 39.34
CA PHE I 177 30.90 -11.02 38.88
C PHE I 177 30.26 -11.90 37.81
N ILE I 178 31.08 -12.33 36.85
CA ILE I 178 30.65 -13.20 35.76
C ILE I 178 30.24 -14.57 36.31
N ALA I 179 31.09 -15.13 37.15
CA ALA I 179 30.79 -16.43 37.77
C ALA I 179 29.46 -16.39 38.55
N ILE I 180 29.22 -15.29 39.26
CA ILE I 180 27.96 -15.12 40.00
C ILE I 180 26.77 -15.09 39.04
N GLN I 181 26.90 -14.32 37.97
CA GLN I 181 25.84 -14.24 36.98
C GLN I 181 25.52 -15.64 36.44
N LYS I 182 26.55 -16.36 36.00
CA LYS I 182 26.37 -17.68 35.39
C LYS I 182 25.73 -18.70 36.35
N GLU I 183 26.15 -18.66 37.61
CA GLU I 183 25.68 -19.59 38.63
C GLU I 183 24.20 -19.39 38.93
N GLU I 184 23.82 -18.12 39.08
CA GLU I 184 22.44 -17.76 39.41
C GLU I 184 21.49 -17.78 38.20
N ALA I 185 21.99 -17.36 37.04
CA ALA I 185 21.20 -17.28 35.80
C ALA I 185 19.80 -16.75 36.11
N SER I 186 19.74 -15.55 36.67
CA SER I 186 18.55 -15.13 37.39
C SER I 186 18.06 -13.75 37.00
N ILE I 187 18.87 -13.04 36.21
CA ILE I 187 18.55 -11.69 35.81
C ILE I 187 17.28 -11.69 34.96
N PRO I 188 16.21 -11.08 35.49
CA PRO I 188 14.82 -11.31 35.06
C PRO I 188 14.44 -10.74 33.70
N TRP I 189 14.79 -9.49 33.41
CA TRP I 189 14.37 -8.85 32.16
C TRP I 189 15.30 -7.78 31.68
N VAL I 190 16.57 -7.87 32.08
CA VAL I 190 17.58 -6.90 31.62
C VAL I 190 18.88 -7.51 31.10
N ASN I 191 19.58 -6.74 30.27
CA ASN I 191 20.95 -7.03 29.88
C ASN I 191 21.91 -6.58 30.98
N THR I 192 23.17 -6.97 30.85
CA THR I 192 24.15 -6.62 31.85
C THR I 192 25.47 -6.26 31.17
N VAL I 193 26.01 -5.10 31.54
CA VAL I 193 27.38 -4.74 31.15
C VAL I 193 28.14 -4.41 32.43
N ALA I 194 29.37 -4.90 32.53
CA ALA I 194 30.21 -4.67 33.71
C ALA I 194 31.66 -4.38 33.34
N VAL I 195 32.31 -3.55 34.14
CA VAL I 195 33.74 -3.26 34.02
C VAL I 195 34.48 -3.63 35.30
N GLY I 196 35.62 -4.28 35.15
CA GLY I 196 36.41 -4.74 36.31
C GLY I 196 37.71 -4.01 36.53
N ARG I 197 38.04 -3.83 37.81
CA ARG I 197 39.37 -3.35 38.24
C ARG I 197 40.41 -4.35 37.79
N GLY I 198 41.47 -3.84 37.17
CA GLY I 198 42.54 -4.68 36.65
C GLY I 198 42.12 -5.62 35.52
N SER I 199 40.93 -5.37 34.95
CA SER I 199 40.43 -6.21 33.86
C SER I 199 40.49 -5.48 32.52
N ALA I 200 41.18 -6.08 31.57
CA ALA I 200 41.39 -5.52 30.23
C ALA I 200 40.10 -5.44 29.42
N LYS I 201 39.21 -6.41 29.64
CA LYS I 201 37.97 -6.52 28.86
C LYS I 201 36.74 -6.11 29.65
N ALA I 202 35.78 -5.53 28.93
CA ALA I 202 34.48 -5.18 29.46
C ALA I 202 33.53 -6.32 29.13
N TRP I 203 32.52 -6.48 29.99
CA TRP I 203 31.62 -7.63 29.92
C TRP I 203 30.23 -7.24 29.47
N TYR I 204 29.74 -7.91 28.42
CA TYR I 204 28.32 -7.84 28.08
C TYR I 204 27.67 -9.22 28.17
N ALA I 205 26.45 -9.27 28.71
CA ALA I 205 25.66 -10.50 28.76
C ALA I 205 24.15 -10.29 28.80
N ASP I 206 23.43 -11.12 28.07
CA ASP I 206 22.00 -11.32 28.31
C ASP I 206 21.83 -12.68 28.96
N ILE I 207 22.53 -12.89 30.07
CA ILE I 207 22.42 -14.12 30.86
C ILE I 207 21.45 -13.92 32.02
N GLY I 208 20.37 -14.69 32.02
CA GLY I 208 19.35 -14.62 33.07
C GLY I 208 18.29 -15.70 32.95
N ALA I 209 17.10 -15.44 33.50
CA ALA I 209 15.99 -16.40 33.42
C ALA I 209 15.20 -16.13 32.15
N VAL I 210 15.09 -17.15 31.30
CA VAL I 210 14.51 -16.99 29.97
C VAL I 210 13.78 -18.29 29.60
N PRO I 211 12.56 -18.19 29.03
CA PRO I 211 11.85 -19.40 28.61
C PRO I 211 12.62 -20.17 27.55
N ASN I 212 12.63 -21.48 27.71
CA ASN I 212 13.42 -22.38 26.89
C ASN I 212 12.51 -23.22 26.02
N VAL I 213 12.40 -22.85 24.75
CA VAL I 213 11.64 -23.62 23.78
C VAL I 213 12.49 -23.93 22.55
N SER I 214 12.19 -25.03 21.86
CA SER I 214 12.98 -25.43 20.69
C SER I 214 12.29 -24.98 19.41
N PRO I 215 13.08 -24.82 18.32
CA PRO I 215 12.53 -24.56 16.98
C PRO I 215 11.50 -25.62 16.58
N ALA I 216 11.77 -26.88 16.93
CA ALA I 216 10.84 -27.98 16.74
C ALA I 216 9.51 -27.75 17.47
N GLN I 217 9.60 -27.27 18.71
CA GLN I 217 8.40 -26.96 19.51
C GLN I 217 7.59 -25.81 18.94
N THR I 218 8.25 -24.69 18.62
CA THR I 218 7.57 -23.56 17.99
C THR I 218 6.76 -24.03 16.78
N ALA I 219 7.38 -24.89 15.97
CA ALA I 219 6.73 -25.44 14.77
C ALA I 219 5.56 -26.39 15.09
N ALA I 220 5.66 -27.16 16.18
CA ALA I 220 4.67 -28.20 16.47
C ALA I 220 3.67 -27.87 17.60
N CYS I 221 3.98 -26.85 18.40
CA CYS I 221 3.19 -26.54 19.59
C CYS I 221 2.33 -25.29 19.50
N THR I 222 2.61 -24.43 18.52
CA THR I 222 1.86 -23.19 18.36
C THR I 222 0.47 -23.47 17.77
N THR I 223 -0.56 -23.18 18.56
CA THR I 223 -1.96 -23.44 18.19
C THR I 223 -2.41 -22.51 17.05
N PRO I 224 -3.51 -22.87 16.35
CA PRO I 224 -4.03 -21.96 15.33
C PRO I 224 -4.23 -20.53 15.85
N PHE I 225 -4.70 -20.41 17.08
CA PHE I 225 -4.87 -19.12 17.74
C PHE I 225 -3.53 -18.39 17.92
N GLY I 226 -2.51 -19.12 18.33
CA GLY I 226 -1.16 -18.57 18.45
C GLY I 226 -0.60 -18.01 17.16
N MET I 227 -0.88 -18.67 16.05
CA MET I 227 -0.43 -18.23 14.73
C MET I 227 -1.15 -16.97 14.32
N ALA I 228 -2.43 -16.90 14.66
CA ALA I 228 -3.30 -15.80 14.31
C ALA I 228 -2.91 -14.50 15.04
N VAL I 229 -2.40 -14.63 16.26
CA VAL I 229 -2.13 -13.49 17.12
C VAL I 229 -0.63 -13.31 17.37
N GLY I 230 0.15 -14.31 16.97
CA GLY I 230 1.60 -14.30 17.16
C GLY I 230 2.29 -13.01 16.79
N GLN I 231 1.89 -12.41 15.68
CA GLN I 231 2.46 -11.13 15.23
C GLN I 231 2.29 -9.97 16.22
N ALA I 232 1.30 -10.06 17.10
CA ALA I 232 1.13 -9.06 18.16
C ALA I 232 2.05 -9.37 19.35
N LEU I 233 2.56 -10.60 19.40
CA LEU I 233 3.43 -11.05 20.49
C LEU I 233 4.72 -11.63 19.90
N PRO I 234 5.57 -10.76 19.31
CA PRO I 234 6.74 -11.24 18.56
C PRO I 234 7.65 -12.11 19.41
N ASN I 235 7.92 -13.31 18.88
CA ASN I 235 8.78 -14.32 19.54
C ASN I 235 8.26 -14.88 20.87
N VAL I 236 7.06 -14.52 21.28
CA VAL I 236 6.45 -15.11 22.47
C VAL I 236 5.79 -16.45 22.11
N PRO I 237 6.18 -17.54 22.81
CA PRO I 237 5.58 -18.86 22.60
C PRO I 237 4.14 -18.96 23.06
N PHE I 238 3.24 -19.20 22.10
CA PHE I 238 1.83 -19.43 22.36
C PHE I 238 1.63 -20.92 22.12
N PHE I 239 1.62 -21.70 23.19
CA PHE I 239 1.72 -23.16 23.07
C PHE I 239 0.48 -23.94 23.51
N ASP I 240 0.37 -25.15 22.99
CA ASP I 240 -0.68 -26.10 23.34
C ASP I 240 -0.41 -26.73 24.72
N GLY I 241 -1.22 -26.36 25.71
CA GLY I 241 -1.12 -26.94 27.05
C GLY I 241 -1.88 -28.25 27.21
N SER I 242 -2.20 -28.88 26.08
CA SER I 242 -2.77 -30.23 26.07
C SER I 242 -1.67 -31.25 26.14
N ARG I 243 -0.54 -30.90 25.54
CA ARG I 243 0.56 -31.82 25.31
C ARG I 243 1.75 -31.48 26.20
N SER I 244 2.17 -32.45 27.01
CA SER I 244 3.34 -32.31 27.88
C SER I 244 4.62 -32.01 27.11
N GLU I 245 4.73 -32.55 25.89
CA GLU I 245 5.87 -32.28 25.02
C GLU I 245 5.95 -30.80 24.59
N CYS I 246 4.90 -30.04 24.89
CA CYS I 246 4.86 -28.61 24.59
C CYS I 246 5.20 -27.76 25.80
N ASP I 247 5.59 -28.41 26.89
CA ASP I 247 6.08 -27.70 28.07
C ASP I 247 7.46 -27.17 27.77
N TRP I 248 7.87 -26.11 28.45
CA TRP I 248 9.20 -25.55 28.22
C TRP I 248 10.26 -26.54 28.60
N LEU I 249 11.36 -26.53 27.85
CA LEU I 249 12.45 -27.49 28.03
C LEU I 249 13.43 -27.14 29.15
N THR I 250 14.18 -28.13 29.61
CA THR I 250 15.31 -27.92 30.52
C THR I 250 16.57 -28.50 29.89
N ASP I 251 17.62 -27.67 29.81
CA ASP I 251 18.92 -28.11 29.29
C ASP I 251 19.76 -28.63 30.45
N ALA I 252 20.83 -29.37 30.13
CA ALA I 252 21.74 -29.91 31.15
C ALA I 252 22.29 -28.82 32.10
N ASP I 253 22.48 -27.62 31.58
CA ASP I 253 22.96 -26.48 32.40
C ASP I 253 21.90 -25.38 32.66
N SER I 254 20.64 -25.77 32.69
CA SER I 254 19.57 -24.86 33.13
C SER I 254 19.55 -24.81 34.66
N VAL I 255 19.74 -23.62 35.21
CA VAL I 255 19.62 -23.41 36.64
C VAL I 255 18.16 -23.58 37.09
N GLN I 256 17.24 -23.25 36.19
CA GLN I 256 15.81 -23.30 36.49
C GLN I 256 15.11 -24.14 35.45
N LYS I 257 14.12 -24.92 35.89
CA LYS I 257 13.28 -25.71 34.98
C LYS I 257 12.50 -24.80 34.03
N GLY I 258 12.47 -25.16 32.75
CA GLY I 258 11.82 -24.35 31.72
C GLY I 258 12.68 -23.20 31.16
N ALA I 259 13.80 -22.91 31.82
CA ALA I 259 14.68 -21.81 31.41
C ALA I 259 15.84 -22.28 30.53
N VAL I 260 16.37 -21.35 29.74
CA VAL I 260 17.52 -21.61 28.87
C VAL I 260 18.78 -21.93 29.68
N GLY I 261 19.58 -22.86 29.16
CA GLY I 261 20.89 -23.17 29.73
C GLY I 261 21.91 -22.05 29.57
N VAL I 262 22.81 -21.96 30.53
CA VAL I 262 23.78 -20.86 30.62
C VAL I 262 24.65 -20.69 29.38
N SER I 263 25.01 -21.80 28.75
CA SER I 263 25.90 -21.77 27.59
C SER I 263 25.16 -21.46 26.29
N ARG I 264 23.84 -21.31 26.37
CA ARG I 264 23.04 -20.89 25.21
C ARG I 264 22.48 -19.46 25.34
N MET I 265 23.03 -18.70 26.29
CA MET I 265 22.63 -17.30 26.48
C MET I 265 23.80 -16.37 26.17
N PRO I 266 23.58 -15.37 25.30
CA PRO I 266 24.65 -14.55 24.70
C PRO I 266 25.48 -13.74 25.68
N SER I 267 26.79 -13.70 25.43
CA SER I 267 27.72 -12.86 26.18
C SER I 267 28.94 -12.54 25.31
N LEU I 268 29.58 -11.41 25.57
CA LEU I 268 30.78 -11.03 24.86
C LEU I 268 31.72 -10.27 25.77
N GLN I 269 33.02 -10.46 25.53
CA GLN I 269 34.07 -9.73 26.23
C GLN I 269 34.94 -9.01 25.21
N ARG I 270 35.12 -7.70 25.39
CA ARG I 270 35.96 -6.92 24.47
C ARG I 270 36.92 -6.01 25.23
N ASP I 271 38.16 -5.90 24.76
CA ASP I 271 39.11 -4.92 25.31
C ASP I 271 38.91 -3.48 24.80
N ASP I 272 38.08 -3.33 23.76
CA ASP I 272 37.66 -2.00 23.29
C ASP I 272 36.35 -1.55 23.95
N TYR I 273 35.21 -2.04 23.49
CA TYR I 273 33.94 -1.64 24.09
C TYR I 273 32.83 -2.69 23.96
N VAL I 274 31.89 -2.65 24.89
CA VAL I 274 30.57 -3.26 24.70
C VAL I 274 29.50 -2.19 25.00
N GLY I 275 28.38 -2.28 24.30
CA GLY I 275 27.27 -1.37 24.52
C GLY I 275 25.91 -1.97 24.16
N ASN I 276 24.86 -1.39 24.73
CA ASN I 276 23.49 -1.75 24.38
C ASN I 276 22.53 -0.58 24.58
N MET I 277 21.67 -0.36 23.60
CA MET I 277 20.68 0.72 23.65
C MET I 277 19.25 0.19 23.46
N ASN I 278 19.04 -1.05 23.89
CA ASN I 278 17.73 -1.74 23.86
C ASN I 278 17.45 -2.63 22.65
N ASP I 279 18.35 -2.62 21.66
CA ASP I 279 18.26 -3.61 20.58
C ASP I 279 18.79 -4.96 21.07
N SER I 280 18.64 -6.00 20.26
CA SER I 280 19.02 -7.34 20.68
C SER I 280 20.51 -7.48 21.00
N TYR I 281 20.92 -8.69 21.37
CA TYR I 281 22.29 -8.95 21.80
C TYR I 281 23.26 -8.76 20.64
N TRP I 282 22.72 -8.82 19.43
CA TRP I 282 23.49 -8.86 18.16
C TRP I 282 24.70 -7.97 18.14
N LEU I 283 24.49 -6.70 18.47
CA LEU I 283 25.48 -5.67 18.27
C LEU I 283 26.16 -5.17 19.54
N ALA I 284 26.27 -6.03 20.55
CA ALA I 284 27.00 -5.69 21.78
C ALA I 284 28.30 -4.94 21.46
N ASN I 285 28.96 -5.35 20.38
CA ASN I 285 30.08 -4.63 19.78
C ASN I 285 29.97 -4.76 18.27
N VAL I 286 30.01 -3.62 17.59
CA VAL I 286 29.72 -3.51 16.16
C VAL I 286 30.73 -4.25 15.26
N HIS I 287 31.91 -4.56 15.81
CA HIS I 287 32.98 -5.23 15.06
C HIS I 287 32.91 -6.73 15.18
N ALA I 288 32.22 -7.22 16.20
CA ALA I 288 32.15 -8.66 16.44
C ALA I 288 30.72 -9.05 16.82
N PRO I 289 29.82 -9.10 15.83
CA PRO I 289 28.41 -9.32 16.12
C PRO I 289 28.16 -10.73 16.64
N LEU I 290 27.15 -10.87 17.49
CA LEU I 290 26.78 -12.16 18.08
C LEU I 290 25.56 -12.73 17.36
N THR I 291 25.60 -14.03 17.05
CA THR I 291 24.53 -14.68 16.29
C THR I 291 24.34 -16.12 16.76
N GLY I 292 23.23 -16.73 16.34
CA GLY I 292 23.01 -18.18 16.52
C GLY I 292 22.36 -18.58 17.83
N TYR I 293 22.03 -17.59 18.65
CA TYR I 293 21.39 -17.81 19.94
C TYR I 293 19.88 -18.03 19.75
N PRO I 294 19.18 -18.63 20.75
CA PRO I 294 17.77 -18.92 20.58
C PRO I 294 16.93 -17.72 20.10
N ALA I 295 15.94 -18.01 19.25
CA ALA I 295 15.03 -17.02 18.69
C ALA I 295 14.44 -16.05 19.72
N ILE I 296 14.17 -16.55 20.93
CA ILE I 296 13.50 -15.77 21.97
C ILE I 296 14.28 -14.53 22.46
N PHE I 297 15.57 -14.47 22.12
CA PHE I 297 16.38 -13.31 22.48
C PHE I 297 16.19 -12.15 21.50
N GLY I 298 15.59 -12.42 20.35
CA GLY I 298 15.36 -11.39 19.35
C GLY I 298 16.19 -11.60 18.09
N PRO I 299 16.00 -10.72 17.08
CA PRO I 299 16.69 -10.89 15.78
C PRO I 299 18.19 -10.69 15.91
N ALA I 300 18.96 -11.31 15.03
CA ALA I 300 20.41 -11.24 15.11
C ALA I 300 21.02 -10.95 13.76
N GLY I 301 20.62 -9.82 13.17
CA GLY I 301 21.12 -9.42 11.86
C GLY I 301 20.02 -9.35 10.84
N THR I 302 18.79 -9.51 11.28
CA THR I 302 17.65 -9.53 10.37
C THR I 302 16.72 -8.32 10.55
N SER I 303 16.94 -7.56 11.62
CA SER I 303 16.19 -6.34 11.88
C SER I 303 17.09 -5.12 11.84
N ALA I 304 16.58 -4.04 11.24
CA ALA I 304 17.23 -2.75 11.33
C ALA I 304 17.25 -2.30 12.78
N GLN I 305 18.35 -1.67 13.17
CA GLN I 305 18.50 -1.15 14.52
C GLN I 305 17.73 0.15 14.69
N THR I 306 17.38 0.49 15.93
CA THR I 306 16.71 1.76 16.20
C THR I 306 17.69 2.91 15.94
N LEU I 307 17.18 4.10 15.69
CA LEU I 307 18.02 5.28 15.56
C LEU I 307 18.91 5.47 16.80
N ARG I 308 18.34 5.28 17.99
CA ARG I 308 19.12 5.40 19.22
C ARG I 308 20.27 4.39 19.28
N THR I 309 20.06 3.18 18.76
CA THR I 309 21.13 2.18 18.76
C THR I 309 22.26 2.58 17.78
N ARG I 310 21.85 3.02 16.59
CA ARG I 310 22.78 3.53 15.59
C ARG I 310 23.52 4.76 16.13
N MET I 311 22.81 5.64 16.83
CA MET I 311 23.45 6.78 17.48
C MET I 311 24.52 6.29 18.45
N GLY I 312 24.13 5.39 19.36
CA GLY I 312 25.01 4.93 20.44
C GLY I 312 26.33 4.33 19.97
N HIS I 313 26.27 3.38 19.04
CA HIS I 313 27.48 2.75 18.53
C HIS I 313 28.32 3.71 17.74
N THR I 314 27.66 4.63 17.05
CA THR I 314 28.36 5.66 16.28
C THR I 314 29.19 6.51 17.22
N MET I 315 28.55 6.98 18.29
CA MET I 315 29.25 7.70 19.33
C MET I 315 30.51 6.96 19.79
N ALA I 316 30.39 5.65 20.03
CA ALA I 316 31.52 4.84 20.48
C ALA I 316 32.63 4.78 19.44
N LEU I 317 32.26 4.50 18.19
CA LEU I 317 33.23 4.42 17.10
C LEU I 317 33.97 5.73 16.88
N GLU I 318 33.21 6.83 16.88
CA GLU I 318 33.79 8.14 16.58
C GLU I 318 34.67 8.67 17.70
N ARG I 319 34.36 8.26 18.94
CA ARG I 319 35.24 8.49 20.08
C ARG I 319 36.60 7.81 19.88
N LEU I 320 36.56 6.48 19.71
CA LEU I 320 37.77 5.68 19.53
C LEU I 320 38.57 6.03 18.27
N ALA I 321 37.92 6.57 17.24
CA ALA I 321 38.60 7.07 16.05
C ALA I 321 39.03 8.54 16.20
N GLY I 322 38.61 9.17 17.29
CA GLY I 322 38.98 10.56 17.58
C GLY I 322 38.39 11.58 16.63
N THR I 323 37.18 11.34 16.16
CA THR I 323 36.55 12.26 15.20
C THR I 323 35.23 12.85 15.73
N ASP I 324 34.93 12.65 17.01
CA ASP I 324 33.69 13.16 17.57
C ASP I 324 33.76 14.62 18.05
N GLY I 325 34.96 15.20 18.04
CA GLY I 325 35.15 16.57 18.49
C GLY I 325 35.68 16.70 19.91
N TYR I 326 35.84 15.58 20.61
CA TYR I 326 36.42 15.60 21.96
C TYR I 326 37.93 15.34 21.93
N ALA I 327 38.56 15.40 23.11
CA ALA I 327 40.01 15.22 23.21
C ALA I 327 40.43 13.79 22.93
N GLY I 328 41.55 13.65 22.22
CA GLY I 328 42.14 12.36 21.93
C GLY I 328 41.16 11.34 21.36
N ASN I 329 41.44 10.07 21.62
CA ASN I 329 40.65 8.99 21.10
C ASN I 329 40.53 7.92 22.17
N LYS I 330 40.56 8.37 23.42
CA LYS I 330 40.39 7.48 24.55
C LYS I 330 39.05 7.73 25.23
N ALA I 331 38.41 6.66 25.68
CA ALA I 331 37.13 6.79 26.40
C ALA I 331 37.40 6.92 27.88
N THR I 332 38.07 7.99 28.26
CA THR I 332 38.37 8.30 29.66
C THR I 332 37.10 8.77 30.36
N SER I 333 37.13 8.75 31.69
CA SER I 333 36.01 9.21 32.53
C SER I 333 35.56 10.63 32.17
N ALA I 334 36.53 11.51 31.92
CA ALA I 334 36.29 12.92 31.67
C ALA I 334 35.55 13.13 30.35
N VAL I 335 36.04 12.48 29.31
CA VAL I 335 35.46 12.63 27.99
C VAL I 335 34.08 12.00 27.95
N VAL I 336 33.97 10.76 28.44
CA VAL I 336 32.70 10.04 28.51
C VAL I 336 31.62 10.85 29.23
N ARG I 337 32.01 11.57 30.28
CA ARG I 337 31.08 12.46 30.98
C ARG I 337 30.49 13.53 30.05
N GLU I 338 31.28 14.01 29.10
CA GLU I 338 30.83 15.02 28.15
C GLU I 338 30.00 14.39 27.05
N MET I 339 30.55 13.35 26.41
CA MET I 339 29.94 12.77 25.20
C MET I 339 28.51 12.28 25.42
N VAL I 340 28.24 11.69 26.58
CA VAL I 340 26.94 11.10 26.90
C VAL I 340 25.82 12.13 27.09
N LEU I 341 26.21 13.41 27.25
CA LEU I 341 25.23 14.49 27.42
C LEU I 341 25.11 15.33 26.13
N GLY I 342 25.95 15.00 25.16
CA GLY I 342 26.14 15.79 23.96
C GLY I 342 24.89 16.06 23.15
N SER I 343 23.85 15.25 23.35
CA SER I 343 22.52 15.49 22.76
C SER I 343 22.53 15.60 21.24
N ARG I 344 23.31 14.75 20.60
CA ARG I 344 23.30 14.64 19.14
C ARG I 344 22.02 13.98 18.72
N VAL I 345 21.48 14.42 17.58
CA VAL I 345 20.20 13.93 17.07
C VAL I 345 20.45 13.21 15.75
N PHE I 346 20.44 11.88 15.82
CA PHE I 346 20.78 11.03 14.66
C PHE I 346 19.92 11.31 13.44
N SER I 347 18.61 11.47 13.66
CA SER I 347 17.68 11.65 12.56
C SER I 347 18.03 12.92 11.80
N ALA I 348 18.36 13.96 12.55
CA ALA I 348 18.79 15.23 11.97
C ALA I 348 20.13 15.10 11.23
N GLU I 349 21.12 14.53 11.90
CA GLU I 349 22.49 14.45 11.35
C GLU I 349 22.52 13.74 10.02
N ARG I 350 21.70 12.72 9.89
CA ARG I 350 21.77 11.88 8.70
C ARG I 350 20.78 12.31 7.63
N PHE I 351 19.65 12.88 8.03
CA PHE I 351 18.57 13.07 7.06
C PHE I 351 18.09 14.50 6.83
N LYS I 352 18.47 15.42 7.71
CA LYS I 352 17.98 16.80 7.63
C LYS I 352 18.29 17.49 6.30
N ASP I 353 19.57 17.52 5.92
CA ASP I 353 19.96 18.20 4.67
C ASP I 353 19.27 17.60 3.44
N GLU I 354 19.13 16.29 3.41
CA GLU I 354 18.45 15.65 2.29
C GLU I 354 17.03 16.18 2.19
N VAL I 355 16.35 16.20 3.34
CA VAL I 355 15.00 16.73 3.47
C VAL I 355 14.93 18.21 3.08
N LEU I 356 15.81 19.03 3.67
CA LEU I 356 15.82 20.46 3.38
C LEU I 356 16.11 20.74 1.91
N ASP I 357 17.06 20.00 1.34
CA ASP I 357 17.38 20.08 -0.08
C ASP I 357 16.21 19.68 -0.94
N LEU I 358 15.42 18.72 -0.46
CA LEU I 358 14.30 18.18 -1.20
C LEU I 358 13.06 19.08 -1.23
N ILE I 359 12.78 19.77 -0.13
CA ILE I 359 11.50 20.50 0.00
C ILE I 359 11.57 22.03 0.10
N CYS I 360 12.77 22.59 0.31
CA CYS I 360 12.89 24.03 0.57
C CYS I 360 13.23 24.91 -0.65
N THR I 361 13.20 24.31 -1.84
CA THR I 361 13.51 25.04 -3.06
C THR I 361 12.44 24.80 -4.13
N PRO I 362 11.40 25.67 -4.14
CA PRO I 362 11.23 26.83 -3.23
C PRO I 362 10.60 26.50 -1.87
N ALA I 363 10.66 27.48 -0.97
CA ALA I 363 10.12 27.35 0.38
C ALA I 363 8.67 27.86 0.47
N GLN I 364 8.09 28.22 -0.68
CA GLN I 364 6.69 28.63 -0.76
C GLN I 364 5.85 27.50 -1.38
N TRP I 365 5.03 26.86 -0.54
CA TRP I 365 4.37 25.59 -0.90
C TRP I 365 2.90 25.69 -1.12
N THR I 366 2.38 24.64 -1.74
CA THR I 366 0.96 24.37 -1.76
C THR I 366 0.76 23.01 -1.08
N VAL I 367 0.30 23.06 0.17
CA VAL I 367 0.07 21.87 0.97
C VAL I 367 -1.44 21.69 1.13
N ASN I 368 -1.95 20.54 0.69
CA ASN I 368 -3.39 20.26 0.70
C ASN I 368 -4.22 21.39 0.10
N GLY I 369 -3.74 21.95 -1.00
CA GLY I 369 -4.43 23.05 -1.65
C GLY I 369 -4.39 24.38 -0.90
N ALA I 370 -3.49 24.48 0.08
CA ALA I 370 -3.32 25.70 0.88
C ALA I 370 -1.90 26.30 0.79
N ALA I 371 -1.83 27.62 0.74
CA ALA I 371 -0.54 28.32 0.66
C ALA I 371 0.14 28.28 2.03
N VAL I 372 1.38 27.80 2.04
CA VAL I 372 2.15 27.67 3.27
C VAL I 372 3.51 28.36 3.06
N ASP I 373 3.82 29.29 3.95
CA ASP I 373 5.10 29.97 3.90
C ASP I 373 6.09 29.29 4.87
N ALA I 374 7.03 28.53 4.31
CA ALA I 374 8.00 27.75 5.11
C ALA I 374 9.41 28.36 5.12
N ALA I 375 9.51 29.62 4.72
CA ALA I 375 10.81 30.30 4.64
C ALA I 375 11.56 30.23 5.96
N GLN I 376 10.85 30.57 7.04
CA GLN I 376 11.43 30.65 8.36
C GLN I 376 11.80 29.26 8.90
N ALA I 377 10.91 28.28 8.71
CA ALA I 377 11.16 26.91 9.11
C ALA I 377 12.41 26.36 8.42
N CYS I 378 12.50 26.56 7.09
CA CYS I 378 13.65 26.11 6.30
C CYS I 378 14.95 26.73 6.78
N ALA I 379 14.94 28.04 7.03
CA ALA I 379 16.14 28.75 7.47
C ALA I 379 16.54 28.40 8.91
N VAL I 380 15.55 28.26 9.79
CA VAL I 380 15.80 27.90 11.19
C VAL I 380 16.43 26.50 11.30
N LEU I 381 15.88 25.55 10.56
CA LEU I 381 16.43 24.19 10.53
C LEU I 381 17.80 24.15 9.85
N ALA I 382 18.00 25.01 8.87
CA ALA I 382 19.28 25.11 8.18
C ALA I 382 20.37 25.60 9.13
N ALA I 383 20.03 26.59 9.96
CA ALA I 383 20.99 27.17 10.91
C ALA I 383 21.19 26.30 12.15
N TRP I 384 20.26 25.38 12.40
CA TRP I 384 20.33 24.48 13.54
C TRP I 384 21.34 23.39 13.30
N ASP I 385 22.25 23.18 14.25
CA ASP I 385 23.33 22.20 14.05
C ASP I 385 23.08 20.75 14.52
N ASN I 386 21.82 20.33 14.56
CA ASN I 386 21.47 18.91 14.84
C ASN I 386 21.75 18.41 16.25
N ARG I 387 21.81 19.34 17.21
CA ARG I 387 21.98 18.97 18.62
C ARG I 387 20.81 19.55 19.39
N GLY I 388 20.37 18.86 20.43
CA GLY I 388 19.38 19.41 21.34
C GLY I 388 19.97 19.85 22.67
N ARG I 389 20.90 20.82 22.65
CA ARG I 389 21.43 21.42 23.88
C ARG I 389 20.53 22.54 24.36
N LYS I 390 20.71 22.96 25.61
CA LYS I 390 19.82 23.96 26.23
C LYS I 390 19.64 25.18 25.36
N ASP I 391 20.70 25.61 24.69
CA ASP I 391 20.67 26.83 23.88
C ASP I 391 20.36 26.60 22.38
N SER I 392 20.15 25.33 21.99
CA SER I 392 19.87 24.99 20.58
C SER I 392 18.58 25.62 20.06
N ARG I 393 18.65 26.21 18.88
CA ARG I 393 17.50 26.93 18.31
C ARG I 393 16.81 26.11 17.22
N GLY I 394 15.58 25.68 17.50
CA GLY I 394 14.76 24.99 16.50
C GLY I 394 14.67 23.47 16.58
N SER I 395 15.31 22.87 17.59
CA SER I 395 15.36 21.42 17.71
C SER I 395 13.98 20.83 17.92
N HIS I 396 13.13 21.60 18.60
CA HIS I 396 11.74 21.22 18.83
C HIS I 396 10.92 21.18 17.55
N LEU I 397 11.26 22.03 16.58
CA LEU I 397 10.63 21.96 15.26
C LEU I 397 10.91 20.59 14.67
N TRP I 398 12.18 20.20 14.69
CA TRP I 398 12.56 18.89 14.20
C TRP I 398 11.84 17.76 14.90
N ASP I 399 11.70 17.86 16.22
CA ASP I 399 10.94 16.88 16.98
C ASP I 399 9.50 16.75 16.48
N GLU I 400 8.86 17.88 16.20
CA GLU I 400 7.48 17.88 15.76
C GLU I 400 7.35 17.41 14.32
N PHE I 401 8.40 17.65 13.53
CA PHE I 401 8.45 17.23 12.13
C PHE I 401 8.75 15.75 11.98
N TRP I 402 9.92 15.32 12.47
CA TRP I 402 10.39 13.95 12.28
C TRP I 402 9.42 12.90 12.79
N SER I 403 8.90 13.11 14.01
CA SER I 403 7.96 12.17 14.61
C SER I 403 6.69 12.00 13.76
N ARG I 404 6.41 12.96 12.88
CA ARG I 404 5.25 12.85 12.00
C ARG I 404 5.53 12.37 10.57
N VAL I 405 6.78 12.02 10.28
CA VAL I 405 7.14 11.61 8.92
C VAL I 405 6.72 10.17 8.62
N PRO I 406 5.83 9.99 7.63
CA PRO I 406 5.39 8.62 7.35
C PRO I 406 6.59 7.76 6.97
N THR I 407 6.62 6.53 7.49
CA THR I 407 7.78 5.65 7.39
C THR I 407 7.75 4.80 6.11
N ALA I 408 6.55 4.64 5.55
CA ALA I 408 6.35 3.83 4.35
C ALA I 408 7.27 4.27 3.21
N SER I 409 8.24 3.42 2.90
CA SER I 409 9.16 3.59 1.77
C SER I 409 9.83 4.98 1.73
N LEU I 410 10.19 5.47 2.91
CA LEU I 410 10.85 6.76 3.06
C LEU I 410 12.31 6.68 2.62
N PHE I 411 12.90 5.49 2.76
CA PHE I 411 14.30 5.27 2.47
C PHE I 411 14.51 4.49 1.18
N THR I 412 15.55 4.84 0.42
CA THR I 412 15.83 4.16 -0.83
C THR I 412 16.86 3.07 -0.64
N VAL I 413 17.69 3.20 0.40
CA VAL I 413 18.67 2.18 0.70
C VAL I 413 18.19 1.38 1.90
N PRO I 414 17.71 0.14 1.67
CA PRO I 414 17.15 -0.67 2.76
C PRO I 414 18.22 -1.08 3.76
N PHE I 415 17.80 -1.46 4.96
CA PHE I 415 18.71 -1.98 5.98
C PHE I 415 19.62 -3.07 5.42
N SER I 416 20.91 -2.97 5.74
CA SER I 416 21.89 -4.00 5.41
C SER I 416 22.64 -4.43 6.66
N ALA I 417 22.71 -5.75 6.87
CA ALA I 417 23.29 -6.33 8.08
C ALA I 417 24.78 -6.08 8.17
N ALA I 418 25.42 -5.86 7.01
CA ALA I 418 26.85 -5.54 6.91
C ALA I 418 27.14 -4.04 7.09
N ASP I 419 26.09 -3.26 7.33
CA ASP I 419 26.22 -1.82 7.55
C ASP I 419 25.08 -1.36 8.46
N PRO I 420 24.95 -1.96 9.64
CA PRO I 420 23.74 -1.79 10.46
C PRO I 420 23.55 -0.37 11.01
N LEU I 421 24.62 0.41 11.01
CA LEU I 421 24.60 1.75 11.59
C LEU I 421 24.17 2.83 10.59
N ASN I 422 24.43 2.60 9.31
CA ASN I 422 24.17 3.61 8.28
C ASN I 422 23.05 3.25 7.30
N THR I 423 22.37 2.14 7.59
CA THR I 423 21.21 1.69 6.84
C THR I 423 20.11 1.41 7.84
N PRO I 424 18.83 1.65 7.45
CA PRO I 424 18.51 2.22 6.14
C PRO I 424 18.90 3.70 6.04
N ARG I 425 19.04 4.18 4.80
CA ARG I 425 19.33 5.59 4.54
C ARG I 425 18.73 5.98 3.19
N GLY I 426 18.97 7.23 2.79
CA GLY I 426 18.61 7.69 1.45
C GLY I 426 17.16 8.11 1.34
N ILE I 427 16.90 9.39 1.59
CA ILE I 427 15.54 9.91 1.56
C ILE I 427 15.00 9.78 0.16
N ASN I 428 13.75 9.32 0.05
CA ASN I 428 13.11 9.10 -1.22
C ASN I 428 12.62 10.43 -1.77
N ALA I 429 13.04 10.77 -2.99
CA ALA I 429 12.58 11.98 -3.66
C ALA I 429 11.03 12.06 -3.74
N ALA I 430 10.41 10.90 -3.90
CA ALA I 430 8.94 10.78 -3.98
C ALA I 430 8.20 11.10 -2.67
N ALA I 431 8.93 11.27 -1.57
CA ALA I 431 8.32 11.58 -0.28
C ALA I 431 8.05 13.07 -0.12
N ALA I 432 8.47 13.84 -1.13
CA ALA I 432 8.44 15.31 -1.08
C ALA I 432 7.14 15.91 -0.50
N ASP I 433 5.99 15.50 -1.04
CA ASP I 433 4.68 15.96 -0.58
C ASP I 433 4.37 15.55 0.87
N ALA I 434 4.64 14.29 1.19
CA ALA I 434 4.43 13.77 2.55
C ALA I 434 5.31 14.49 3.57
N LEU I 435 6.51 14.86 3.14
CA LEU I 435 7.45 15.60 3.96
C LEU I 435 6.99 17.04 4.17
N ARG I 436 6.45 17.65 3.12
CA ARG I 436 5.89 18.99 3.23
C ARG I 436 4.63 18.99 4.10
N GLN I 437 3.80 17.95 3.96
CA GLN I 437 2.63 17.77 4.84
C GLN I 437 3.03 17.68 6.30
N ALA I 438 4.04 16.86 6.59
CA ALA I 438 4.53 16.71 7.96
C ALA I 438 5.18 17.99 8.47
N MET I 439 5.94 18.68 7.62
CA MET I 439 6.54 19.96 8.02
C MET I 439 5.47 21.01 8.32
N ALA I 440 4.49 21.18 7.43
CA ALA I 440 3.40 22.13 7.68
C ALA I 440 2.71 21.91 9.03
N THR I 441 2.36 20.66 9.32
CA THR I 441 1.74 20.30 10.60
C THR I 441 2.66 20.62 11.79
N ALA I 442 3.96 20.38 11.63
CA ALA I 442 4.93 20.73 12.67
C ALA I 442 4.97 22.24 12.93
N ILE I 443 4.94 23.04 11.86
CA ILE I 443 4.94 24.49 11.98
C ILE I 443 3.69 24.92 12.72
N ALA I 444 2.58 24.28 12.37
CA ALA I 444 1.31 24.52 13.03
C ALA I 444 1.39 24.19 14.52
N ARG I 445 1.89 23.00 14.86
CA ARG I 445 1.99 22.56 16.27
C ARG I 445 2.80 23.51 17.14
N VAL I 446 3.99 23.86 16.68
CA VAL I 446 4.83 24.86 17.34
C VAL I 446 4.12 26.21 17.51
N GLY I 447 3.46 26.69 16.45
CA GLY I 447 2.67 27.92 16.54
C GLY I 447 1.62 27.84 17.64
N GLN I 448 0.89 26.73 17.68
CA GLN I 448 -0.15 26.51 18.68
C GLN I 448 0.39 26.50 20.12
N SER I 449 1.69 26.22 20.27
CA SER I 449 2.28 26.09 21.60
C SER I 449 2.79 27.43 22.13
N GLY I 450 2.80 28.46 21.29
CA GLY I 450 3.36 29.76 21.69
C GLY I 450 4.90 29.89 21.68
N TYR I 451 5.61 28.80 21.45
CA TYR I 451 7.06 28.88 21.30
C TYR I 451 7.38 29.34 19.88
N ALA I 452 8.45 30.11 19.72
CA ALA I 452 8.90 30.49 18.38
C ALA I 452 9.53 29.26 17.73
N LEU I 453 9.53 29.23 16.39
CA LEU I 453 10.24 28.18 15.66
C LEU I 453 11.72 28.13 16.02
N ASP I 454 12.33 29.26 16.35
CA ASP I 454 13.76 29.28 16.72
C ASP I 454 14.04 29.35 18.22
N ALA I 455 13.04 29.05 19.03
CA ALA I 455 13.20 29.06 20.48
C ALA I 455 14.35 28.13 20.94
N PRO I 456 15.09 28.55 21.98
CA PRO I 456 16.11 27.66 22.52
C PRO I 456 15.46 26.49 23.29
N ARG I 457 16.03 25.29 23.12
CA ARG I 457 15.48 24.08 23.71
C ARG I 457 15.22 24.22 25.20
N GLY I 458 16.18 24.79 25.92
CA GLY I 458 16.09 24.95 27.36
C GLY I 458 14.80 25.59 27.83
N GLU I 459 14.11 26.27 26.94
CA GLU I 459 12.86 26.94 27.28
C GLU I 459 11.64 26.09 26.94
N VAL I 460 11.85 25.07 26.12
CA VAL I 460 10.80 24.15 25.71
C VAL I 460 10.89 22.91 26.60
N LEU I 461 12.12 22.48 26.84
CA LEU I 461 12.45 21.30 27.61
C LEU I 461 13.03 21.73 28.98
N TYR I 462 12.32 21.41 30.06
CA TYR I 462 12.66 21.97 31.38
C TYR I 462 12.16 21.15 32.57
N ALA I 463 12.73 21.41 33.75
CA ALA I 463 12.18 20.83 34.98
C ALA I 463 11.95 21.93 36.02
N THR I 464 10.72 22.04 36.51
CA THR I 464 10.42 23.05 37.50
C THR I 464 10.82 22.56 38.88
N ARG I 465 11.62 23.36 39.56
CA ARG I 465 12.01 23.15 40.93
C ARG I 465 12.06 24.49 41.64
N GLY I 466 11.43 24.58 42.80
CA GLY I 466 11.44 25.81 43.58
C GLY I 466 10.93 26.98 42.77
N GLY I 467 9.98 26.70 41.88
CA GLY I 467 9.33 27.76 41.12
C GLY I 467 10.12 28.34 39.95
N THR I 468 11.36 27.91 39.75
CA THR I 468 12.11 28.31 38.55
C THR I 468 12.20 27.13 37.56
N ARG I 469 12.17 27.42 36.26
CA ARG I 469 12.19 26.40 35.22
C ARG I 469 13.60 26.07 34.77
N LEU I 470 14.14 24.97 35.27
CA LEU I 470 15.50 24.60 34.94
C LEU I 470 15.58 24.10 33.51
N PRO I 471 16.35 24.81 32.65
CA PRO I 471 16.50 24.39 31.26
C PRO I 471 17.16 23.02 31.15
N LEU I 472 16.65 22.19 30.27
CA LEU I 472 17.16 20.83 30.06
C LEU I 472 17.61 20.61 28.62
N TYR I 473 18.15 19.41 28.33
CA TYR I 473 18.72 19.11 27.01
C TYR I 473 18.45 17.64 26.67
N GLY I 474 18.76 17.25 25.43
CA GLY I 474 18.47 15.89 24.98
C GLY I 474 17.03 15.80 24.52
N GLY I 475 16.57 14.61 24.17
CA GLY I 475 15.22 14.44 23.64
C GLY I 475 14.70 13.01 23.70
N CYS I 476 13.92 12.61 22.71
CA CYS I 476 13.37 11.25 22.66
C CYS I 476 14.15 10.34 21.73
N GLY I 477 14.19 9.05 22.09
CA GLY I 477 14.82 7.99 21.29
C GLY I 477 14.26 7.89 19.88
N ALA I 478 12.97 8.16 19.72
CA ALA I 478 12.35 8.19 18.40
C ALA I 478 13.14 9.06 17.43
N MET I 479 13.65 10.21 17.90
CA MET I 479 14.37 11.11 17.01
C MET I 479 15.84 10.77 16.86
N GLY I 480 16.29 9.73 17.56
CA GLY I 480 17.67 9.31 17.47
C GLY I 480 18.57 10.02 18.46
N TYR I 481 17.99 10.52 19.55
CA TYR I 481 18.80 11.02 20.65
C TYR I 481 19.43 9.86 21.40
N PHE I 482 20.61 10.10 21.96
CA PHE I 482 21.22 9.19 22.92
C PHE I 482 20.94 9.75 24.32
N THR I 483 21.18 11.05 24.49
CA THR I 483 20.87 11.73 25.74
C THR I 483 19.34 11.85 25.82
N ILE I 484 18.73 11.07 26.70
CA ILE I 484 17.27 11.00 26.72
C ILE I 484 16.63 11.92 27.76
N THR I 485 15.86 12.89 27.27
CA THR I 485 15.00 13.71 28.11
C THR I 485 13.68 13.84 27.36
N CYS I 486 12.74 12.95 27.67
CA CYS I 486 11.64 12.67 26.76
C CYS I 486 10.29 12.80 27.45
N SER I 487 9.73 14.00 27.32
CA SER I 487 8.48 14.38 27.97
C SER I 487 7.26 13.70 27.36
N GLU I 488 6.28 13.35 28.20
CA GLU I 488 5.02 12.78 27.71
C GLU I 488 4.04 13.91 27.37
N ASN I 489 4.43 15.14 27.69
CA ASN I 489 3.57 16.28 27.54
C ASN I 489 3.63 16.79 26.11
N ASP I 490 2.47 16.97 25.47
CA ASP I 490 2.44 17.57 24.14
C ASP I 490 2.98 19.00 24.20
N ILE I 491 3.78 19.39 23.20
CA ILE I 491 4.33 20.77 23.12
C ILE I 491 3.25 21.86 23.29
N THR I 492 2.05 21.63 22.78
CA THR I 492 0.97 22.61 22.90
C THR I 492 0.44 22.76 24.33
N GLN I 493 0.91 21.91 25.23
CA GLN I 493 0.51 21.91 26.63
C GLN I 493 1.56 22.58 27.52
N GLY I 494 2.17 23.65 27.04
CA GLY I 494 3.27 24.28 27.77
C GLY I 494 4.64 23.62 27.57
N GLY I 495 4.87 23.10 26.36
CA GLY I 495 6.17 22.54 25.99
C GLY I 495 6.48 21.19 26.58
N TYR I 496 7.74 20.78 26.47
CA TYR I 496 8.19 19.47 26.94
C TYR I 496 8.55 19.52 28.43
N SER I 497 7.56 19.85 29.26
CA SER I 497 7.72 19.80 30.72
C SER I 497 8.11 18.41 31.19
N MET I 498 9.04 18.34 32.13
CA MET I 498 9.42 17.08 32.76
C MET I 498 8.78 16.92 34.13
N ASP I 499 7.76 17.73 34.42
CA ASP I 499 7.21 17.78 35.77
C ASP I 499 6.17 16.72 36.04
N GLY I 500 5.64 16.12 34.98
CA GLY I 500 4.54 15.16 35.13
C GLY I 500 5.04 13.75 35.40
N GLN I 501 4.60 12.82 34.56
CA GLN I 501 5.18 11.48 34.52
C GLN I 501 5.79 11.24 33.13
N PRO I 502 7.00 11.80 32.89
CA PRO I 502 7.69 11.68 31.58
C PRO I 502 7.90 10.24 31.15
N ASN I 503 8.16 10.04 29.85
CA ASN I 503 8.59 8.72 29.37
C ASN I 503 9.99 8.39 29.88
N ALA I 504 10.33 7.10 29.85
CA ALA I 504 11.65 6.63 30.24
C ALA I 504 12.74 7.62 29.83
N SER I 505 13.36 8.25 30.83
CA SER I 505 14.40 9.25 30.57
C SER I 505 15.63 9.05 31.43
N ASN I 506 16.71 9.80 31.15
CA ASN I 506 17.89 9.79 32.00
C ASN I 506 17.46 9.92 33.45
N SER I 507 17.94 9.02 34.30
CA SER I 507 17.56 9.02 35.70
C SER I 507 18.82 8.87 36.55
N TYR I 508 19.18 7.64 36.94
CA TYR I 508 20.49 7.41 37.50
C TYR I 508 21.52 7.24 36.39
N MET I 509 22.55 8.09 36.41
CA MET I 509 23.65 8.02 35.46
C MET I 509 24.92 7.83 36.27
N GLN I 510 25.83 7.00 35.78
CA GLN I 510 27.14 6.85 36.41
C GLN I 510 28.23 6.64 35.38
N VAL I 511 29.35 7.32 35.59
CA VAL I 511 30.57 7.04 34.89
C VAL I 511 31.51 6.59 35.97
N VAL I 512 31.89 5.31 35.93
CA VAL I 512 32.78 4.72 36.93
C VAL I 512 34.12 4.31 36.31
N SER I 513 35.20 4.48 37.07
CA SER I 513 36.53 4.03 36.65
C SER I 513 37.32 3.59 37.88
N PHE I 514 38.47 2.96 37.64
CA PHE I 514 39.29 2.43 38.73
C PHE I 514 40.74 2.87 38.61
N PRO I 515 41.02 4.15 38.93
CA PRO I 515 42.44 4.53 38.95
C PRO I 515 43.13 3.86 40.14
N ALA I 516 44.46 3.89 40.17
CA ALA I 516 45.23 3.20 41.21
C ALA I 516 44.70 3.51 42.62
N SER I 517 44.39 4.78 42.88
CA SER I 517 43.93 5.22 44.20
C SER I 517 42.57 4.69 44.66
N GLY I 518 41.79 4.11 43.74
CA GLY I 518 40.50 3.51 44.07
C GLY I 518 39.38 3.99 43.18
N VAL I 519 38.27 3.26 43.18
CA VAL I 519 37.04 3.63 42.44
C VAL I 519 36.73 5.10 42.47
N GLN I 520 36.37 5.63 41.32
CA GLN I 520 35.82 6.98 41.23
C GLN I 520 34.54 6.91 40.42
N ALA I 521 33.44 7.44 40.97
CA ALA I 521 32.18 7.52 40.25
C ALA I 521 31.65 8.95 40.15
N HIS I 522 31.17 9.30 38.96
CA HIS I 522 30.47 10.55 38.75
C HIS I 522 29.05 10.22 38.39
N THR I 523 28.09 10.86 39.05
CA THR I 523 26.68 10.46 38.96
C THR I 523 25.69 11.60 38.86
N PHE I 524 24.49 11.28 38.37
CA PHE I 524 23.30 12.12 38.45
C PHE I 524 22.16 11.29 39.00
N LEU I 525 21.29 11.92 39.78
CA LEU I 525 19.91 11.44 39.93
C LEU I 525 19.03 12.61 39.46
N THR I 526 18.64 12.55 38.20
CA THR I 526 18.08 13.70 37.49
C THR I 526 16.90 14.40 38.19
N PHE I 527 16.01 13.61 38.81
CA PHE I 527 14.80 14.14 39.44
C PHE I 527 14.99 14.42 40.93
N SER I 528 16.22 14.18 41.42
CA SER I 528 16.63 14.35 42.83
C SER I 528 16.14 13.27 43.80
N LEU I 529 16.80 13.15 44.95
CA LEU I 529 16.52 12.07 45.90
C LEU I 529 15.08 11.99 46.36
N SER I 530 14.47 13.14 46.66
CA SER I 530 13.20 13.18 47.40
C SER I 530 12.01 13.71 46.62
N ASP I 531 10.88 13.00 46.77
CA ASP I 531 9.64 13.34 46.10
C ASP I 531 8.84 14.37 46.87
N ASP I 532 9.42 14.88 47.95
CA ASP I 532 8.76 15.87 48.79
C ASP I 532 9.20 17.27 48.35
N PRO I 533 8.24 18.12 47.91
CA PRO I 533 8.57 19.48 47.48
C PRO I 533 9.17 20.34 48.60
N ALA I 534 8.94 19.95 49.84
CA ALA I 534 9.51 20.64 50.99
C ALA I 534 10.99 20.31 51.20
N SER I 535 11.45 19.19 50.66
CA SER I 535 12.80 18.70 50.95
C SER I 535 13.90 19.51 50.25
N PRO I 536 15.05 19.70 50.94
CA PRO I 536 16.22 20.30 50.31
C PRO I 536 16.80 19.37 49.23
N HIS I 537 16.29 18.15 49.13
CA HIS I 537 16.77 17.23 48.11
C HIS I 537 15.71 16.87 47.12
N HIS I 538 14.80 17.81 46.88
CA HIS I 538 13.79 17.69 45.82
C HIS I 538 14.28 18.26 44.51
N GLY I 539 15.16 19.26 44.58
CA GLY I 539 15.55 20.00 43.39
C GLY I 539 17.03 20.20 43.19
N ASP I 540 17.83 19.92 44.22
CA ASP I 540 19.27 20.17 44.17
C ASP I 540 20.02 19.37 43.09
N TYR I 541 19.72 18.07 42.97
CA TYR I 541 20.39 17.21 42.00
C TYR I 541 19.95 17.63 40.60
N THR I 542 18.66 17.89 40.47
CA THR I 542 18.08 18.36 39.22
C THR I 542 18.76 19.64 38.73
N LYS I 543 19.04 20.56 39.67
CA LYS I 543 19.77 21.77 39.34
C LYS I 543 21.16 21.46 38.76
N ALA I 544 21.85 20.47 39.33
CA ALA I 544 23.14 20.02 38.84
C ALA I 544 23.03 19.39 37.44
N TYR I 545 21.93 18.67 37.20
CA TYR I 545 21.73 18.02 35.91
C TYR I 545 21.47 19.06 34.84
N SER I 546 20.64 20.05 35.17
CA SER I 546 20.41 21.19 34.31
C SER I 546 21.74 21.88 33.93
N ALA I 547 22.63 22.03 34.91
CA ALA I 547 23.89 22.72 34.66
C ALA I 547 24.92 21.79 34.04
N GLY I 548 24.61 20.49 33.97
CA GLY I 548 25.51 19.51 33.36
C GLY I 548 26.74 19.18 34.20
N GLN I 549 26.63 19.32 35.52
CA GLN I 549 27.76 19.10 36.44
C GLN I 549 27.61 17.80 37.21
N TRP I 550 28.34 16.78 36.77
CA TRP I 550 28.32 15.48 37.41
C TRP I 550 28.76 15.61 38.83
N LEU I 551 28.07 14.92 39.73
CA LEU I 551 28.47 14.90 41.12
C LEU I 551 29.55 13.83 41.30
N ARG I 552 30.63 14.19 41.99
CA ARG I 552 31.61 13.20 42.39
C ARG I 552 31.13 12.62 43.70
N VAL I 553 30.60 11.40 43.66
CA VAL I 553 30.00 10.78 44.84
C VAL I 553 31.10 10.18 45.74
N PRO I 554 31.17 10.65 47.01
CA PRO I 554 32.19 10.15 47.93
C PRO I 554 31.96 8.68 48.17
N PHE I 555 33.04 7.90 48.23
CA PHE I 555 32.90 6.47 48.42
C PHE I 555 33.73 5.89 49.58
N THR I 556 34.95 6.38 49.76
CA THR I 556 35.79 5.92 50.89
C THR I 556 35.39 6.67 52.17
N GLU I 557 35.76 6.10 53.31
CA GLU I 557 35.48 6.73 54.59
C GLU I 557 36.08 8.14 54.67
N ALA I 558 37.32 8.29 54.23
CA ALA I 558 37.97 9.59 54.15
C ALA I 558 37.19 10.52 53.21
N GLU I 559 36.71 9.99 52.09
CA GLU I 559 35.92 10.79 51.14
C GLU I 559 34.54 11.18 51.70
N ILE I 560 33.88 10.25 52.38
CA ILE I 560 32.58 10.54 52.96
C ILE I 560 32.69 11.60 54.04
N THR I 561 33.56 11.37 55.03
CA THR I 561 33.71 12.29 56.16
C THR I 561 34.33 13.63 55.75
N GLY I 562 35.07 13.63 54.63
CA GLY I 562 35.68 14.86 54.11
C GLY I 562 34.79 15.69 53.20
N ASN I 563 33.59 15.21 52.91
CA ASN I 563 32.66 15.94 52.06
C ASN I 563 32.21 17.28 52.66
N ALA I 564 32.08 18.29 51.79
CA ALA I 564 31.64 19.64 52.17
C ALA I 564 30.33 19.67 52.94
N ASP I 565 29.41 18.77 52.60
CA ASP I 565 28.07 18.76 53.16
C ASP I 565 27.83 17.63 54.18
N TYR I 566 28.91 16.96 54.59
CA TYR I 566 28.84 15.81 55.50
C TYR I 566 28.05 16.05 56.78
N ARG I 567 27.03 15.23 56.99
CA ARG I 567 26.29 15.13 58.25
C ARG I 567 26.22 13.67 58.64
N THR I 568 26.39 13.38 59.93
CA THR I 568 26.18 12.04 60.45
C THR I 568 25.20 12.05 61.61
N ALA I 569 24.32 11.04 61.63
CA ALA I 569 23.41 10.78 62.74
C ALA I 569 23.18 9.27 62.76
N THR I 570 22.93 8.71 63.94
CA THR I 570 22.77 7.25 64.03
C THR I 570 21.39 6.83 64.57
N VAL I 571 20.84 5.77 64.00
CA VAL I 571 19.51 5.30 64.37
C VAL I 571 19.57 3.91 64.99
N LYS I 572 18.73 3.67 66.00
CA LYS I 572 18.70 2.35 66.66
C LYS I 572 17.35 2.00 67.31
N GLU I 573 17.13 0.70 67.50
CA GLU I 573 15.94 0.18 68.20
C GLU I 573 15.98 -1.35 68.38
N LEU I 574 14.92 -1.92 68.96
CA LEU I 574 14.74 -3.37 69.20
C LEU I 574 15.68 -3.84 70.32
N THR J 8 -27.85 34.48 -6.39
CA THR J 8 -26.53 34.74 -5.73
C THR J 8 -26.70 35.11 -4.23
N TYR J 9 -25.86 34.52 -3.37
CA TYR J 9 -25.84 34.85 -1.94
C TYR J 9 -25.22 36.22 -1.70
N SER J 10 -25.74 36.93 -0.71
CA SER J 10 -25.25 38.26 -0.34
C SER J 10 -25.56 38.61 1.10
N ALA J 11 -24.53 38.97 1.86
CA ALA J 11 -24.72 39.35 3.26
C ALA J 11 -23.76 40.45 3.72
N GLU J 12 -24.33 41.45 4.40
CA GLU J 12 -23.56 42.47 5.07
C GLU J 12 -23.28 41.95 6.47
N ILE J 13 -22.02 42.01 6.88
CA ILE J 13 -21.60 41.56 8.21
C ILE J 13 -21.11 42.74 9.04
N ARG J 14 -21.78 43.00 10.16
CA ARG J 14 -21.41 44.07 11.08
C ARG J 14 -20.96 43.48 12.40
N ARG J 15 -19.72 43.76 12.80
CA ARG J 15 -19.21 43.30 14.10
C ARG J 15 -19.10 44.47 15.10
N THR J 16 -19.56 44.25 16.32
CA THR J 16 -19.52 45.26 17.38
C THR J 16 -18.56 44.86 18.50
N THR J 17 -18.71 45.49 19.66
CA THR J 17 -17.81 45.25 20.80
C THR J 17 -17.71 43.75 21.08
N MET J 18 -16.47 43.27 21.25
CA MET J 18 -16.15 41.85 21.42
C MET J 18 -16.21 41.02 20.13
N GLY J 19 -16.60 41.66 19.02
CA GLY J 19 -16.59 41.02 17.70
C GLY J 19 -17.88 40.34 17.29
N VAL J 20 -18.91 40.48 18.13
CA VAL J 20 -20.22 39.90 17.88
C VAL J 20 -20.70 40.28 16.49
N PRO J 21 -20.90 39.28 15.63
CA PRO J 21 -21.36 39.59 14.28
C PRO J 21 -22.88 39.83 14.22
N HIS J 22 -23.29 40.84 13.47
CA HIS J 22 -24.70 41.11 13.20
C HIS J 22 -24.93 40.92 11.72
N ILE J 23 -25.54 39.78 11.37
CA ILE J 23 -25.81 39.47 9.97
C ILE J 23 -27.02 40.26 9.48
N LYS J 24 -26.93 40.80 8.26
CA LYS J 24 -28.07 41.43 7.58
C LYS J 24 -28.21 40.88 6.14
N ALA J 25 -29.39 40.37 5.82
CA ALA J 25 -29.60 39.66 4.56
C ALA J 25 -30.98 39.90 3.97
N GLY J 26 -31.09 39.73 2.66
CA GLY J 26 -32.38 39.88 1.95
C GLY J 26 -33.26 38.64 1.99
N ASN J 27 -32.66 37.48 2.30
CA ASN J 27 -33.41 36.23 2.46
C ASN J 27 -32.72 35.26 3.43
N TRP J 28 -33.29 34.05 3.55
CA TRP J 28 -32.77 33.04 4.47
C TRP J 28 -31.49 32.39 4.00
N GLY J 29 -31.40 32.14 2.70
CA GLY J 29 -30.18 31.60 2.09
C GLY J 29 -28.99 32.50 2.38
N SER J 30 -29.17 33.78 2.12
CA SER J 30 -28.11 34.79 2.34
C SER J 30 -27.74 34.95 3.81
N ALA J 31 -28.68 34.73 4.70
CA ALA J 31 -28.43 34.79 6.13
C ALA J 31 -27.54 33.61 6.56
N GLY J 32 -27.89 32.42 6.08
CA GLY J 32 -27.09 31.24 6.32
C GLY J 32 -25.69 31.48 5.81
N TYR J 33 -25.60 32.06 4.61
CA TYR J 33 -24.32 32.39 3.99
C TYR J 33 -23.46 33.23 4.92
N GLY J 34 -24.05 34.28 5.48
CA GLY J 34 -23.36 35.15 6.43
C GLY J 34 -23.00 34.45 7.73
N PHE J 35 -23.99 33.80 8.34
CA PHE J 35 -23.78 33.08 9.60
C PHE J 35 -22.67 32.02 9.44
N GLY J 36 -22.75 31.25 8.37
CA GLY J 36 -21.73 30.26 8.03
C GLY J 36 -20.34 30.87 7.97
N TYR J 37 -20.21 31.98 7.24
CA TYR J 37 -18.93 32.67 7.11
C TYR J 37 -18.37 33.09 8.46
N VAL J 38 -19.16 33.79 9.26
CA VAL J 38 -18.64 34.34 10.53
C VAL J 38 -18.18 33.24 11.47
N GLN J 39 -18.96 32.16 11.55
CA GLN J 39 -18.64 31.03 12.41
C GLN J 39 -17.27 30.45 12.06
N ALA J 40 -17.11 30.07 10.79
CA ALA J 40 -15.85 29.56 10.27
C ALA J 40 -14.72 30.56 10.45
N GLN J 41 -15.02 31.84 10.27
CA GLN J 41 -14.00 32.87 10.38
C GLN J 41 -13.42 32.89 11.78
N ASP J 42 -14.26 32.67 12.76
CA ASP J 42 -13.82 32.73 14.15
C ASP J 42 -13.36 31.38 14.67
N ASN J 43 -13.96 30.29 14.17
CA ASN J 43 -13.79 28.98 14.80
C ASN J 43 -13.45 27.82 13.86
N LEU J 44 -12.70 28.12 12.79
CA LEU J 44 -12.44 27.17 11.72
C LEU J 44 -11.92 25.80 12.16
N CYS J 45 -10.90 25.78 13.00
CA CYS J 45 -10.30 24.51 13.39
C CYS J 45 -11.31 23.60 14.06
N THR J 46 -11.96 24.10 15.12
CA THR J 46 -13.00 23.36 15.82
C THR J 46 -14.08 22.86 14.84
N MET J 47 -14.54 23.74 13.95
CA MET J 47 -15.57 23.36 13.00
C MET J 47 -15.13 22.31 11.97
N ALA J 48 -13.95 22.48 11.36
CA ALA J 48 -13.45 21.55 10.37
C ALA J 48 -13.31 20.16 11.00
N ASP J 49 -12.60 20.11 12.12
CA ASP J 49 -12.54 18.90 12.96
C ASP J 49 -13.95 18.29 13.12
N SER J 50 -14.91 19.10 13.56
CA SER J 50 -16.25 18.61 13.88
C SER J 50 -16.91 17.90 12.71
N PHE J 51 -16.72 18.41 11.49
CA PHE J 51 -17.30 17.79 10.30
C PHE J 51 -16.71 16.43 9.93
N LEU J 52 -15.50 16.13 10.40
CA LEU J 52 -14.98 14.77 10.31
C LEU J 52 -15.79 13.87 11.21
N THR J 53 -16.09 14.37 12.41
CA THR J 53 -16.92 13.64 13.37
C THR J 53 -18.26 13.27 12.75
N TYR J 54 -19.03 14.28 12.32
CA TYR J 54 -20.38 14.04 11.84
C TYR J 54 -20.43 13.23 10.55
N ARG J 55 -19.36 13.29 9.77
CA ARG J 55 -19.28 12.54 8.51
C ARG J 55 -18.75 11.12 8.71
N GLY J 56 -18.16 10.87 9.88
CA GLY J 56 -17.49 9.59 10.17
C GLY J 56 -16.14 9.50 9.47
N GLU J 57 -15.43 10.61 9.39
CA GLU J 57 -14.18 10.68 8.64
C GLU J 57 -12.96 11.00 9.51
N ARG J 58 -13.10 10.86 10.82
CA ARG J 58 -12.00 11.16 11.76
C ARG J 58 -10.78 10.24 11.57
N SER J 59 -11.04 8.93 11.47
CA SER J 59 -9.96 7.95 11.41
C SER J 59 -9.10 8.11 10.16
N ARG J 60 -9.75 8.45 9.05
CA ARG J 60 -9.04 8.64 7.79
C ARG J 60 -7.92 9.67 7.93
N HIS J 61 -8.15 10.71 8.72
CA HIS J 61 -7.18 11.80 8.88
C HIS J 61 -6.40 11.70 10.15
N LEU J 62 -7.03 11.23 11.23
CA LEU J 62 -6.46 11.37 12.57
C LEU J 62 -6.07 10.07 13.26
N GLY J 63 -6.41 8.94 12.64
CA GLY J 63 -6.15 7.64 13.24
C GLY J 63 -7.38 7.12 13.94
N GLY J 64 -7.59 5.80 13.83
CA GLY J 64 -8.75 5.14 14.41
C GLY J 64 -8.75 5.03 15.92
N SER J 65 -7.56 5.01 16.51
CA SER J 65 -7.46 4.71 17.94
C SER J 65 -7.32 5.97 18.80
N ALA J 66 -7.08 7.11 18.16
CA ALA J 66 -7.07 8.40 18.85
C ALA J 66 -8.49 8.70 19.32
N GLN J 67 -8.60 9.36 20.46
CA GLN J 67 -9.88 9.85 20.92
C GLN J 67 -10.22 11.14 20.22
N LEU J 68 -11.50 11.49 20.20
CA LEU J 68 -11.98 12.80 19.77
C LEU J 68 -11.17 13.89 20.46
N VAL J 69 -10.69 14.84 19.66
CA VAL J 69 -9.92 15.97 20.18
C VAL J 69 -10.70 16.72 21.28
N TYR J 70 -11.97 17.03 21.01
CA TYR J 70 -12.82 17.86 21.90
C TYR J 70 -13.93 17.11 22.61
N ASN J 71 -14.23 17.54 23.83
CA ASN J 71 -15.40 17.04 24.53
C ASN J 71 -16.66 17.67 23.94
N SER J 72 -17.78 16.95 24.03
CA SER J 72 -19.06 17.37 23.46
C SER J 72 -20.16 16.43 23.98
N THR J 73 -21.39 16.65 23.54
CA THR J 73 -22.52 15.77 23.90
C THR J 73 -22.28 14.34 23.46
N LEU J 74 -21.21 14.13 22.70
CA LEU J 74 -20.84 12.82 22.16
C LEU J 74 -19.87 12.08 23.09
N GLY J 75 -19.32 12.79 24.07
CA GLY J 75 -18.24 12.25 24.87
C GLY J 75 -16.97 12.20 24.03
N ARG J 76 -15.97 11.48 24.51
CA ARG J 76 -14.72 11.37 23.77
C ARG J 76 -14.35 9.91 23.53
N PRO J 77 -15.16 9.19 22.73
CA PRO J 77 -14.80 7.82 22.39
C PRO J 77 -13.68 7.79 21.36
N ARG J 78 -13.18 6.60 21.05
CA ARG J 78 -12.16 6.44 20.01
C ARG J 78 -12.73 6.84 18.65
N ASN J 79 -11.89 7.45 17.81
CA ASN J 79 -12.28 7.88 16.48
C ASN J 79 -12.97 6.78 15.68
N ILE J 80 -12.40 5.58 15.70
CA ILE J 80 -12.96 4.48 14.94
C ILE J 80 -14.42 4.18 15.30
N ASP J 81 -14.73 4.18 16.61
CA ASP J 81 -16.10 3.99 17.07
C ASP J 81 -17.02 5.16 16.73
N SER J 82 -16.48 6.38 16.80
CA SER J 82 -17.23 7.56 16.42
C SER J 82 -17.67 7.50 14.94
N ASP J 83 -16.74 7.12 14.07
CA ASP J 83 -17.02 7.03 12.64
C ASP J 83 -18.12 6.02 12.36
N PHE J 84 -18.04 4.85 13.01
CA PHE J 84 -19.04 3.81 12.83
C PHE J 84 -20.40 4.23 13.33
N PHE J 85 -20.42 4.88 14.50
CA PHE J 85 -21.67 5.42 15.04
C PHE J 85 -22.35 6.38 14.06
N HIS J 86 -21.61 7.41 13.63
CA HIS J 86 -22.17 8.44 12.73
C HIS J 86 -22.62 7.94 11.38
N ARG J 87 -21.89 6.99 10.80
CA ARG J 87 -22.29 6.42 9.51
C ARG J 87 -23.49 5.50 9.66
N HIS J 88 -23.59 4.84 10.80
CA HIS J 88 -24.66 3.88 11.04
C HIS J 88 -25.96 4.54 11.39
N VAL J 89 -25.87 5.60 12.20
CA VAL J 89 -27.03 6.30 12.71
C VAL J 89 -27.38 7.55 11.89
N ILE J 90 -26.38 8.36 11.58
CA ILE J 90 -26.60 9.53 10.74
C ILE J 90 -26.20 9.18 9.32
N SER J 91 -26.92 8.19 8.76
CA SER J 91 -26.67 7.69 7.42
C SER J 91 -27.43 8.54 6.40
N ASP J 92 -27.08 8.36 5.12
CA ASP J 92 -27.68 9.11 4.03
C ASP J 92 -29.20 9.07 4.04
N GLU J 93 -29.74 7.90 4.37
CA GLU J 93 -31.18 7.72 4.51
C GLU J 93 -31.77 8.64 5.60
N ALA J 94 -31.13 8.67 6.77
CA ALA J 94 -31.56 9.51 7.87
C ALA J 94 -31.51 10.99 7.47
N VAL J 95 -30.44 11.37 6.77
CA VAL J 95 -30.28 12.75 6.31
C VAL J 95 -31.40 13.14 5.35
N ASP J 96 -31.68 12.28 4.37
CA ASP J 96 -32.81 12.44 3.45
C ASP J 96 -34.10 12.74 4.18
N ARG J 97 -34.46 11.87 5.14
CA ARG J 97 -35.70 12.03 5.92
C ARG J 97 -35.72 13.34 6.71
N THR J 98 -34.59 13.68 7.32
CA THR J 98 -34.44 14.96 8.00
C THR J 98 -34.74 16.10 7.03
N MET J 99 -34.02 16.11 5.91
CA MET J 99 -34.15 17.16 4.90
C MET J 99 -35.56 17.26 4.29
N ALA J 100 -36.21 16.13 4.07
CA ALA J 100 -37.53 16.08 3.43
C ALA J 100 -38.67 16.62 4.30
N ALA J 101 -38.40 16.88 5.58
CA ALA J 101 -39.41 17.42 6.46
C ALA J 101 -39.24 18.92 6.67
N GLN J 102 -38.24 19.50 6.01
CA GLN J 102 -37.86 20.88 6.27
C GLN J 102 -38.62 21.90 5.43
N PRO J 103 -38.88 23.08 6.02
CA PRO J 103 -39.35 24.20 5.23
C PRO J 103 -38.27 24.69 4.25
N ALA J 104 -38.71 25.05 3.04
CA ALA J 104 -37.83 25.50 1.98
C ALA J 104 -36.84 26.58 2.44
N LYS J 105 -37.32 27.57 3.19
CA LYS J 105 -36.47 28.62 3.74
C LYS J 105 -35.25 28.07 4.50
N LEU J 106 -35.49 27.05 5.32
CA LEU J 106 -34.41 26.42 6.10
C LEU J 106 -33.40 25.66 5.24
N LEU J 107 -33.88 24.90 4.27
CA LEU J 107 -33.01 24.24 3.30
C LEU J 107 -32.14 25.26 2.59
N GLN J 108 -32.73 26.38 2.20
CA GLN J 108 -31.98 27.47 1.57
C GLN J 108 -30.93 28.02 2.52
N MET J 109 -31.32 28.23 3.77
CA MET J 109 -30.41 28.75 4.77
C MET J 109 -29.19 27.85 4.94
N VAL J 110 -29.44 26.55 5.11
CA VAL J 110 -28.38 25.56 5.29
C VAL J 110 -27.49 25.51 4.06
N GLU J 111 -28.09 25.54 2.89
CA GLU J 111 -27.32 25.63 1.64
C GLU J 111 -26.37 26.82 1.68
N GLY J 112 -26.88 27.97 2.10
CA GLY J 112 -26.08 29.17 2.23
C GLY J 112 -25.00 29.07 3.29
N PHE J 113 -25.36 28.48 4.44
CA PHE J 113 -24.44 28.20 5.54
C PHE J 113 -23.25 27.36 5.04
N ALA J 114 -23.54 26.26 4.37
CA ALA J 114 -22.51 25.48 3.68
C ALA J 114 -21.61 26.34 2.79
N ALA J 115 -22.22 27.10 1.88
CA ALA J 115 -21.49 27.97 0.95
C ALA J 115 -20.66 29.07 1.63
N GLY J 116 -21.20 29.65 2.70
CA GLY J 116 -20.49 30.65 3.48
C GLY J 116 -19.27 30.07 4.18
N TYR J 117 -19.49 28.93 4.85
CA TYR J 117 -18.42 28.14 5.45
C TYR J 117 -17.33 27.82 4.42
N ASN J 118 -17.76 27.28 3.28
CA ASN J 118 -16.85 26.90 2.19
C ASN J 118 -16.07 28.08 1.62
N ARG J 119 -16.68 29.26 1.66
CA ARG J 119 -16.04 30.47 1.18
C ARG J 119 -14.88 30.82 2.08
N TYR J 120 -15.12 30.80 3.39
CA TYR J 120 -14.02 31.06 4.33
C TYR J 120 -12.85 30.10 4.13
N VAL J 121 -13.14 28.81 3.94
CA VAL J 121 -12.12 27.79 3.66
C VAL J 121 -11.18 28.20 2.51
N ARG J 122 -11.75 28.61 1.37
CA ARG J 122 -10.94 29.08 0.24
C ARG J 122 -10.01 30.22 0.64
N GLU J 123 -10.52 31.11 1.51
CA GLU J 123 -9.77 32.26 2.01
C GLU J 123 -8.64 31.83 2.93
N ALA J 124 -8.93 30.95 3.88
CA ALA J 124 -7.94 30.49 4.84
C ALA J 124 -6.86 29.68 4.13
N LYS J 125 -7.28 28.93 3.10
CA LYS J 125 -6.35 28.22 2.23
C LYS J 125 -5.47 29.16 1.40
N ALA J 126 -5.97 30.36 1.12
CA ALA J 126 -5.26 31.31 0.29
C ALA J 126 -4.05 31.90 1.00
N GLY J 127 -4.15 32.01 2.33
CA GLY J 127 -3.18 32.71 3.13
C GLY J 127 -3.80 33.20 4.43
N GLY J 128 -3.15 34.17 5.05
CA GLY J 128 -3.61 34.69 6.34
C GLY J 128 -2.81 34.11 7.48
N SER J 129 -2.82 34.80 8.62
CA SER J 129 -2.21 34.29 9.84
C SER J 129 -3.31 33.73 10.75
N ALA J 130 -4.53 33.74 10.24
CA ALA J 130 -5.68 33.23 10.98
C ALA J 130 -5.70 31.71 10.94
N HIS J 131 -5.99 31.10 12.09
CA HIS J 131 -6.10 29.62 12.24
C HIS J 131 -4.83 28.90 11.88
N ALA J 132 -3.70 29.46 12.32
CA ALA J 132 -2.39 28.85 12.06
C ALA J 132 -2.31 27.38 12.52
N ALA J 133 -3.19 27.01 13.43
CA ALA J 133 -3.24 25.65 13.99
C ALA J 133 -3.69 24.55 13.02
N CYS J 134 -4.43 24.91 11.98
CA CYS J 134 -5.03 23.90 11.11
C CYS J 134 -5.22 24.28 9.64
N ARG J 135 -5.14 25.58 9.34
CA ARG J 135 -5.40 26.10 7.98
C ARG J 135 -4.78 25.31 6.82
N SER J 136 -3.73 24.54 7.09
CA SER J 136 -3.03 23.79 6.02
C SER J 136 -3.28 22.28 6.02
N GLU J 137 -4.20 21.82 6.87
CA GLU J 137 -4.46 20.40 7.02
C GLU J 137 -5.48 19.90 6.00
N ALA J 138 -5.26 18.68 5.53
CA ALA J 138 -6.18 18.01 4.60
C ALA J 138 -7.64 18.13 5.05
N TRP J 139 -7.91 17.89 6.34
CA TRP J 139 -9.28 17.94 6.87
C TRP J 139 -9.95 19.31 6.95
N VAL J 140 -9.22 20.38 6.61
CA VAL J 140 -9.83 21.69 6.37
C VAL J 140 -10.23 21.74 4.91
N GLN J 141 -11.52 21.62 4.64
CA GLN J 141 -12.02 21.38 3.29
C GLN J 141 -13.50 21.82 3.13
N PRO J 142 -13.96 21.99 1.87
CA PRO J 142 -15.38 22.31 1.63
C PRO J 142 -16.34 21.27 2.22
N ILE J 143 -17.52 21.70 2.64
CA ILE J 143 -18.57 20.79 3.09
C ILE J 143 -19.81 20.88 2.19
N THR J 144 -20.84 20.11 2.50
CA THR J 144 -22.10 20.19 1.78
C THR J 144 -23.24 20.59 2.71
N ALA J 145 -24.36 20.99 2.12
CA ALA J 145 -25.61 21.20 2.86
C ALA J 145 -25.92 19.98 3.72
N ARG J 146 -25.79 18.79 3.11
CA ARG J 146 -26.04 17.52 3.76
C ARG J 146 -25.17 17.30 4.99
N ASP J 147 -23.95 17.83 4.95
CA ASP J 147 -23.04 17.73 6.09
C ASP J 147 -23.50 18.59 7.26
N VAL J 148 -24.07 19.75 6.95
CA VAL J 148 -24.63 20.63 7.98
C VAL J 148 -25.86 19.97 8.60
N TRP J 149 -26.68 19.32 7.77
CA TRP J 149 -27.83 18.57 8.27
C TRP J 149 -27.42 17.44 9.19
N ARG J 150 -26.32 16.78 8.85
CA ARG J 150 -25.70 15.81 9.76
C ARG J 150 -25.43 16.46 11.13
N ARG J 151 -24.79 17.63 11.11
CA ARG J 151 -24.48 18.32 12.34
C ARG J 151 -25.77 18.61 13.10
N ILE J 152 -26.78 19.10 12.38
CA ILE J 152 -28.07 19.44 12.95
C ILE J 152 -28.73 18.23 13.59
N TYR J 153 -28.74 17.12 12.86
CA TYR J 153 -29.31 15.86 13.34
C TYR J 153 -28.56 15.33 14.57
N ALA J 154 -27.23 15.37 14.53
CA ALA J 154 -26.42 14.92 15.65
C ALA J 154 -26.73 15.64 16.98
N ALA J 155 -27.18 16.90 16.90
CA ALA J 155 -27.52 17.70 18.10
C ALA J 155 -28.77 17.20 18.82
N ASN J 156 -29.69 16.62 18.06
CA ASN J 156 -30.90 16.01 18.59
C ASN J 156 -30.65 14.77 19.42
N LEU J 157 -29.52 14.12 19.15
CA LEU J 157 -29.26 12.78 19.68
C LEU J 157 -28.60 12.76 21.06
N ALA J 158 -28.43 13.95 21.64
CA ALA J 158 -27.67 14.11 22.86
C ALA J 158 -28.26 13.36 24.06
N GLY J 159 -29.58 13.24 24.12
CA GLY J 159 -30.27 12.62 25.25
C GLY J 159 -30.39 11.11 25.14
N GLY J 160 -29.97 10.55 24.01
CA GLY J 160 -30.10 9.14 23.77
C GLY J 160 -28.90 8.56 23.04
N TYR J 161 -29.03 8.43 21.72
CA TYR J 161 -28.03 7.77 20.90
C TYR J 161 -26.60 8.23 21.23
N SER J 162 -26.40 9.54 21.34
CA SER J 162 -25.06 10.10 21.58
C SER J 162 -24.38 9.47 22.78
N ASN J 163 -25.12 9.31 23.86
CA ASN J 163 -24.64 8.67 25.08
C ASN J 163 -24.21 7.22 24.90
N PHE J 164 -24.66 6.58 23.82
CA PHE J 164 -24.36 5.17 23.59
C PHE J 164 -23.59 4.91 22.28
N ALA J 165 -22.90 5.95 21.81
CA ALA J 165 -22.22 5.93 20.52
C ALA J 165 -21.32 4.70 20.35
N GLU J 166 -20.44 4.48 21.32
CA GLU J 166 -19.52 3.35 21.33
C GLU J 166 -20.28 2.01 21.43
N ALA J 167 -21.27 1.95 22.31
CA ALA J 167 -22.09 0.77 22.49
C ALA J 167 -22.84 0.38 21.22
N ILE J 168 -23.25 1.38 20.43
CA ILE J 168 -23.96 1.16 19.17
C ILE J 168 -23.01 0.65 18.08
N ALA J 169 -21.85 1.29 17.99
CA ALA J 169 -20.82 0.98 17.00
C ALA J 169 -20.24 -0.42 17.22
N ASN J 170 -20.54 -1.02 18.37
CA ASN J 170 -20.02 -2.36 18.72
C ASN J 170 -21.09 -3.41 18.97
N ALA J 171 -22.32 -3.15 18.51
CA ALA J 171 -23.39 -4.14 18.61
C ALA J 171 -23.27 -5.17 17.49
N GLN J 172 -22.86 -6.38 17.89
CA GLN J 172 -22.60 -7.47 16.98
C GLN J 172 -22.94 -8.83 17.58
N PRO J 173 -23.64 -9.69 16.81
CA PRO J 173 -24.03 -11.00 17.29
C PRO J 173 -22.82 -11.96 17.41
N PRO J 174 -23.01 -13.12 18.06
CA PRO J 174 -22.00 -14.18 17.98
C PRO J 174 -22.24 -15.07 16.76
N PHE K 8 -27.67 -12.73 36.92
CA PHE K 8 -27.45 -11.25 36.95
C PHE K 8 -26.84 -10.81 38.27
N GLU K 9 -25.73 -10.08 38.21
CA GLU K 9 -25.03 -9.60 39.41
C GLU K 9 -25.00 -8.07 39.47
N PRO K 10 -25.93 -7.48 40.25
CA PRO K 10 -26.03 -6.01 40.41
C PRO K 10 -24.70 -5.36 40.73
N GLY K 11 -23.83 -6.09 41.44
CA GLY K 11 -22.47 -5.65 41.72
C GLY K 11 -21.70 -5.29 40.46
N ARG K 12 -21.93 -6.05 39.39
CA ARG K 12 -21.22 -5.86 38.12
C ARG K 12 -21.75 -4.72 37.24
N THR K 13 -22.89 -4.15 37.59
CA THR K 13 -23.52 -3.08 36.79
C THR K 13 -22.71 -1.78 36.82
N ARG K 14 -22.24 -1.35 35.66
CA ARG K 14 -21.61 -0.03 35.52
C ARG K 14 -22.60 0.97 34.94
N ALA K 15 -23.17 1.81 35.79
CA ALA K 15 -24.16 2.81 35.37
C ALA K 15 -23.52 3.82 34.41
N PRO K 16 -24.19 4.12 33.28
CA PRO K 16 -23.72 5.14 32.32
C PRO K 16 -24.15 6.56 32.68
N SER K 17 -23.47 7.56 32.13
CA SER K 17 -23.83 8.96 32.37
C SER K 17 -24.99 9.37 31.46
N LEU K 18 -26.10 9.80 32.07
CA LEU K 18 -27.30 10.18 31.31
C LEU K 18 -27.61 11.69 31.41
N GLN K 19 -26.88 12.40 32.28
CA GLN K 19 -26.97 13.84 32.35
C GLN K 19 -26.28 14.47 31.11
N VAL K 20 -27.07 15.04 30.21
CA VAL K 20 -26.51 15.76 29.05
C VAL K 20 -25.74 17.00 29.51
N GLY K 21 -24.52 17.14 29.00
CA GLY K 21 -23.61 18.22 29.40
C GLY K 21 -22.81 17.91 30.65
N GLY K 22 -23.32 16.98 31.46
CA GLY K 22 -22.72 16.62 32.74
C GLY K 22 -21.68 15.52 32.64
N GLU K 23 -21.04 15.24 33.78
CA GLU K 23 -19.93 14.29 33.89
C GLU K 23 -18.59 14.93 33.47
N SER L 1 -26.92 23.91 34.09
CA SER L 1 -27.57 25.09 33.46
C SER L 1 -28.54 25.69 34.48
N ASN L 2 -28.59 27.02 34.53
CA ASN L 2 -29.56 27.78 35.35
C ASN L 2 -30.42 28.63 34.44
N MET L 3 -31.66 28.88 34.84
CA MET L 3 -32.47 29.91 34.20
C MET L 3 -33.61 30.46 35.06
N TYR L 4 -33.79 31.78 35.00
CA TYR L 4 -34.90 32.45 35.67
C TYR L 4 -35.84 33.06 34.64
N GLY L 5 -37.13 33.00 34.97
CA GLY L 5 -38.15 33.78 34.28
C GLY L 5 -38.87 34.56 35.35
N PHE L 6 -38.66 35.87 35.35
CA PHE L 6 -39.30 36.76 36.32
C PHE L 6 -40.49 37.45 35.70
N GLY L 7 -41.62 37.41 36.41
CA GLY L 7 -42.85 38.05 35.94
C GLY L 7 -42.99 39.48 36.43
N THR L 8 -43.99 40.20 35.93
CA THR L 8 -44.17 41.62 36.27
C THR L 8 -44.36 41.89 37.75
N ALA L 9 -45.01 40.96 38.45
CA ALA L 9 -45.15 41.04 39.90
C ALA L 9 -43.79 40.95 40.64
N ALA L 10 -42.79 40.36 39.98
CA ALA L 10 -41.46 40.23 40.56
C ALA L 10 -40.54 41.40 40.23
N THR L 11 -40.85 42.12 39.16
CA THR L 11 -40.04 43.27 38.78
C THR L 11 -40.71 44.61 39.07
N GLY L 12 -42.03 44.66 38.95
CA GLY L 12 -42.80 45.89 39.14
C GLY L 12 -42.88 46.80 37.92
N GLU L 13 -42.26 46.37 36.83
CA GLU L 13 -42.19 47.13 35.57
C GLU L 13 -43.14 46.60 34.49
N GLY L 14 -43.07 47.22 33.31
CA GLY L 14 -43.89 46.85 32.14
C GLY L 14 -43.75 45.41 31.67
N SER L 15 -42.55 44.86 31.81
CA SER L 15 -42.26 43.48 31.40
C SER L 15 -41.65 42.67 32.54
N GLY L 16 -41.26 41.43 32.22
CA GLY L 16 -40.49 40.60 33.14
C GLY L 16 -39.02 40.59 32.78
N VAL L 17 -38.23 39.79 33.50
CA VAL L 17 -36.81 39.66 33.22
C VAL L 17 -36.43 38.20 32.98
N LEU L 18 -35.71 37.96 31.90
CA LEU L 18 -35.26 36.62 31.52
C LEU L 18 -33.78 36.46 31.80
N PHE L 19 -33.44 35.44 32.58
CA PHE L 19 -32.04 35.08 32.81
C PHE L 19 -31.68 33.71 32.23
N GLY L 20 -30.79 33.73 31.25
CA GLY L 20 -30.27 32.50 30.62
C GLY L 20 -28.84 32.21 31.05
N ASN L 21 -28.61 30.98 31.52
CA ASN L 21 -27.30 30.58 32.01
C ASN L 21 -26.99 29.10 31.74
N PRO L 22 -26.89 28.73 30.46
CA PRO L 22 -26.51 27.37 30.11
C PRO L 22 -25.11 27.06 30.62
N HIS L 23 -24.94 25.95 31.34
CA HIS L 23 -23.61 25.52 31.77
C HIS L 23 -23.16 24.54 30.72
N TRP L 24 -22.20 24.96 29.90
CA TRP L 24 -21.91 24.22 28.70
C TRP L 24 -20.42 24.13 28.46
N TYR L 25 -20.06 23.65 27.28
CA TYR L 25 -18.67 23.44 26.92
C TYR L 25 -17.94 24.76 26.64
N TRP L 26 -16.63 24.74 26.81
CA TRP L 26 -15.83 25.93 26.60
C TRP L 26 -15.01 25.78 25.37
N LYS L 27 -14.87 24.53 24.93
CA LYS L 27 -14.23 24.23 23.66
C LYS L 27 -15.08 23.19 22.94
N GLY L 28 -14.84 23.03 21.64
CA GLY L 28 -15.51 21.98 20.87
C GLY L 28 -16.71 22.49 20.08
N PRO L 29 -17.20 21.66 19.14
CA PRO L 29 -18.27 22.07 18.21
C PRO L 29 -19.60 22.40 18.88
N ASP L 30 -19.87 21.83 20.05
CA ASP L 30 -21.13 22.14 20.74
C ASP L 30 -21.04 23.47 21.50
N ARG L 31 -19.87 24.12 21.48
CA ARG L 31 -19.68 25.40 22.18
C ARG L 31 -20.58 26.49 21.57
N PHE L 32 -20.99 27.45 22.38
CA PHE L 32 -21.87 28.51 21.89
C PHE L 32 -21.16 29.55 21.04
N TYR L 33 -21.92 30.16 20.14
CA TYR L 33 -21.42 31.23 19.29
C TYR L 33 -22.48 32.32 19.20
N GLN L 34 -22.13 33.50 19.71
CA GLN L 34 -23.06 34.64 19.79
C GLN L 34 -23.11 35.41 18.48
N ALA L 35 -24.34 35.70 18.03
CA ALA L 35 -24.56 36.44 16.80
C ALA L 35 -25.99 36.97 16.73
N GLN L 36 -26.24 37.84 15.75
CA GLN L 36 -27.57 38.38 15.49
C GLN L 36 -27.95 38.21 14.02
N LEU L 37 -29.18 37.76 13.78
CA LEU L 37 -29.70 37.58 12.42
C LEU L 37 -30.86 38.54 12.17
N THR L 38 -30.66 39.43 11.20
CA THR L 38 -31.65 40.38 10.76
C THR L 38 -31.99 40.03 9.34
N ILE L 39 -33.14 39.40 9.15
CA ILE L 39 -33.57 39.00 7.83
C ILE L 39 -34.77 39.84 7.42
N ASP L 40 -34.50 40.82 6.56
CA ASP L 40 -35.49 41.75 6.00
C ASP L 40 -36.91 41.16 5.94
N GLY L 41 -37.77 41.66 6.83
CA GLY L 41 -39.18 41.26 6.89
C GLY L 41 -39.49 39.82 7.26
N GLU L 42 -38.52 39.13 7.85
CA GLU L 42 -38.65 37.72 8.21
C GLU L 42 -38.33 37.46 9.68
N ALA L 43 -37.15 37.93 10.12
CA ALA L 43 -36.70 37.70 11.49
C ALA L 43 -35.69 38.75 11.96
N ASN L 44 -35.80 39.16 13.22
CA ASN L 44 -34.72 39.89 13.87
C ASN L 44 -34.41 39.30 15.24
N VAL L 45 -33.44 38.39 15.25
CA VAL L 45 -33.15 37.56 16.42
C VAL L 45 -31.68 37.60 16.81
N SER L 46 -31.43 37.70 18.12
CA SER L 46 -30.08 37.69 18.62
C SER L 46 -29.93 36.62 19.71
N GLY L 47 -28.77 36.00 19.73
CA GLY L 47 -28.50 35.00 20.75
C GLY L 47 -27.31 34.12 20.39
N VAL L 48 -27.51 32.81 20.53
CA VAL L 48 -26.40 31.88 20.47
C VAL L 48 -26.78 30.57 19.76
N SER L 49 -25.80 29.97 19.08
CA SER L 49 -25.96 28.66 18.41
C SER L 49 -24.77 27.78 18.76
N PHE L 50 -24.92 26.45 18.67
CA PHE L 50 -23.75 25.58 18.69
C PHE L 50 -22.96 25.93 17.43
N LEU L 51 -21.65 25.67 17.42
CA LEU L 51 -20.92 25.83 16.16
C LEU L 51 -21.51 24.86 15.13
N GLY L 52 -21.74 25.36 13.92
CA GLY L 52 -22.36 24.56 12.88
C GLY L 52 -23.88 24.68 12.73
N LEU L 53 -24.53 25.30 13.72
CA LEU L 53 -25.98 25.49 13.67
C LEU L 53 -26.39 26.87 13.14
N PRO L 54 -27.36 26.91 12.20
CA PRO L 54 -27.69 28.13 11.46
C PRO L 54 -28.77 29.03 12.08
N VAL L 55 -29.50 28.56 13.09
CA VAL L 55 -30.49 29.40 13.79
C VAL L 55 -30.17 29.57 15.28
N ILE L 56 -30.78 30.56 15.92
CA ILE L 56 -30.51 30.84 17.34
C ILE L 56 -31.27 29.87 18.27
N GLN L 57 -30.55 29.23 19.18
CA GLN L 57 -31.11 28.24 20.11
C GLN L 57 -31.50 28.82 21.46
N ILE L 58 -30.69 29.75 21.93
CA ILE L 58 -30.99 30.49 23.15
C ILE L 58 -30.75 31.97 22.85
N GLY L 59 -31.79 32.78 22.99
CA GLY L 59 -31.66 34.21 22.76
C GLY L 59 -32.92 35.01 23.02
N PHE L 60 -33.18 35.93 22.09
CA PHE L 60 -34.25 36.90 22.21
C PHE L 60 -34.51 37.57 20.86
N ASN L 61 -35.73 38.07 20.68
CA ASN L 61 -36.05 38.96 19.56
C ASN L 61 -36.83 40.16 20.10
N ASP L 62 -37.41 40.97 19.22
CA ASP L 62 -38.05 42.22 19.64
C ASP L 62 -39.22 41.99 20.62
N SER L 63 -39.69 40.74 20.68
CA SER L 63 -40.87 40.39 21.45
C SER L 63 -40.63 39.33 22.54
N VAL L 64 -39.78 38.34 22.27
CA VAL L 64 -39.57 37.22 23.21
C VAL L 64 -38.12 37.06 23.62
N ALA L 65 -37.94 36.51 24.82
CA ALA L 65 -36.64 36.08 25.30
C ALA L 65 -36.80 34.72 25.97
N TRP L 66 -35.82 33.83 25.79
CA TRP L 66 -35.91 32.47 26.32
C TRP L 66 -34.56 31.80 26.49
N SER L 67 -34.54 30.74 27.29
CA SER L 67 -33.35 29.94 27.51
C SER L 67 -33.71 28.47 27.73
N HIS L 68 -32.67 27.65 27.93
CA HIS L 68 -32.85 26.22 28.13
C HIS L 68 -31.97 25.68 29.23
N THR L 69 -32.39 24.55 29.79
CA THR L 69 -31.60 23.76 30.75
C THR L 69 -31.90 22.29 30.44
N VAL L 70 -30.89 21.43 30.56
CA VAL L 70 -31.10 20.01 30.35
C VAL L 70 -32.19 19.47 31.30
N SER L 71 -33.18 18.83 30.69
CA SER L 71 -34.33 18.28 31.41
C SER L 71 -34.01 16.91 31.97
N THR L 72 -34.66 16.56 33.07
CA THR L 72 -34.47 15.25 33.71
C THR L 72 -35.27 14.17 32.97
N ALA L 73 -36.09 14.61 32.02
CA ALA L 73 -36.92 13.71 31.23
C ALA L 73 -36.06 12.83 30.32
N ARG L 74 -36.23 11.51 30.44
CA ARG L 74 -35.48 10.58 29.60
C ARG L 74 -36.03 10.63 28.19
N ARG L 75 -35.12 10.70 27.22
CA ARG L 75 -35.51 10.85 25.82
C ARG L 75 -35.32 9.54 25.05
N PHE L 76 -35.01 8.48 25.77
CA PHE L 76 -34.74 7.18 25.16
C PHE L 76 -35.25 6.04 26.04
N GLY L 77 -35.19 4.83 25.47
CA GLY L 77 -35.60 3.63 26.16
C GLY L 77 -35.03 2.43 25.44
N PHE L 78 -34.88 1.33 26.16
CA PHE L 78 -34.39 0.11 25.57
C PHE L 78 -35.52 -0.85 25.16
N PHE L 79 -35.22 -1.71 24.20
CA PHE L 79 -36.12 -2.76 23.76
C PHE L 79 -35.38 -4.10 23.69
N GLN L 80 -35.73 -5.00 24.61
CA GLN L 80 -35.12 -6.31 24.67
C GLN L 80 -35.75 -7.20 23.62
N LEU L 81 -34.90 -7.73 22.74
CA LEU L 81 -35.35 -8.55 21.64
C LEU L 81 -35.15 -10.02 21.96
N SER L 82 -36.17 -10.83 21.65
CA SER L 82 -36.04 -12.28 21.75
C SER L 82 -35.63 -12.82 20.41
N LEU L 83 -34.50 -13.51 20.38
CA LEU L 83 -33.89 -13.99 19.14
C LEU L 83 -34.39 -15.37 18.70
N VAL L 84 -34.64 -15.51 17.39
CA VAL L 84 -35.02 -16.80 16.81
C VAL L 84 -33.75 -17.65 16.74
N GLN L 85 -33.68 -18.71 17.54
CA GLN L 85 -32.46 -19.54 17.59
C GLN L 85 -32.08 -20.13 16.23
N GLY L 86 -30.78 -20.27 15.99
CA GLY L 86 -30.23 -20.58 14.68
C GLY L 86 -29.95 -19.30 13.90
N GLU L 87 -30.46 -18.18 14.43
CA GLU L 87 -30.40 -16.88 13.75
C GLU L 87 -30.36 -15.70 14.74
N PRO L 88 -29.16 -15.31 15.20
CA PRO L 88 -29.07 -14.22 16.17
C PRO L 88 -29.21 -12.80 15.58
N THR L 89 -29.49 -12.71 14.28
CA THR L 89 -29.76 -11.42 13.63
C THR L 89 -31.25 -11.27 13.32
N SER L 90 -32.06 -12.17 13.86
CA SER L 90 -33.51 -12.06 13.78
C SER L 90 -34.12 -12.15 15.17
N TYR L 91 -35.24 -11.46 15.36
CA TYR L 91 -35.95 -11.49 16.65
C TYR L 91 -37.44 -11.74 16.43
N LEU L 92 -38.10 -12.28 17.45
CA LEU L 92 -39.53 -12.59 17.39
C LEU L 92 -40.36 -11.35 17.70
N ARG L 93 -41.46 -11.19 16.96
CA ARG L 93 -42.42 -10.12 17.20
C ARG L 93 -43.84 -10.69 17.11
N ASP L 94 -44.45 -10.92 18.28
CA ASP L 94 -45.71 -11.64 18.42
C ASP L 94 -45.62 -13.00 17.74
N GLY L 95 -44.47 -13.66 17.93
CA GLY L 95 -44.23 -14.98 17.37
C GLY L 95 -43.78 -15.05 15.92
N VAL L 96 -43.86 -13.94 15.19
CA VAL L 96 -43.38 -13.92 13.79
C VAL L 96 -41.94 -13.38 13.74
N PRO L 97 -41.02 -14.12 13.10
CA PRO L 97 -39.62 -13.67 13.00
C PRO L 97 -39.46 -12.42 12.13
N VAL L 98 -38.67 -11.45 12.61
CA VAL L 98 -38.33 -10.24 11.85
C VAL L 98 -36.80 -10.15 11.70
N LYS L 99 -36.34 -10.03 10.46
CA LYS L 99 -34.92 -9.85 10.17
C LYS L 99 -34.50 -8.43 10.51
N MET L 100 -33.39 -8.28 11.24
CA MET L 100 -32.76 -6.98 11.47
C MET L 100 -32.28 -6.41 10.14
N LYS L 101 -32.38 -5.09 9.96
CA LYS L 101 -31.85 -4.46 8.77
C LYS L 101 -30.32 -4.35 8.90
N PRO L 102 -29.58 -4.98 7.97
CA PRO L 102 -28.12 -4.94 8.06
C PRO L 102 -27.53 -3.72 7.40
N ALA L 103 -26.33 -3.37 7.80
CA ALA L 103 -25.52 -2.40 7.09
C ALA L 103 -24.06 -2.77 7.28
N THR L 104 -23.35 -2.85 6.16
CA THR L 104 -21.95 -3.19 6.18
C THR L 104 -21.23 -1.89 5.87
N ILE L 105 -20.51 -1.41 6.87
CA ILE L 105 -19.89 -0.10 6.79
C ILE L 105 -18.38 -0.25 6.71
N THR L 106 -17.79 0.54 5.83
CA THR L 106 -16.36 0.55 5.66
C THR L 106 -15.82 1.93 6.04
N VAL L 107 -14.95 1.96 7.04
CA VAL L 107 -14.31 3.18 7.48
C VAL L 107 -12.81 3.12 7.20
N PRO L 108 -12.31 4.04 6.36
CA PRO L 108 -10.87 4.14 6.18
C PRO L 108 -10.25 4.69 7.47
N SER L 109 -9.19 4.06 7.92
CA SER L 109 -8.47 4.47 9.13
C SER L 109 -6.97 4.51 8.85
N ARG L 110 -6.32 5.57 9.29
CA ARG L 110 -4.89 5.75 9.05
C ARG L 110 -4.04 5.07 10.13
N ASN L 111 -2.98 4.40 9.68
CA ASN L 111 -2.08 3.67 10.58
C ASN L 111 -0.92 4.56 11.04
N ALA L 112 -0.19 4.08 12.05
CA ALA L 112 0.94 4.81 12.64
C ALA L 112 2.06 5.09 11.64
N ASP L 113 2.10 4.30 10.58
CA ASP L 113 3.10 4.45 9.52
C ASP L 113 2.62 5.35 8.37
N GLY L 114 1.40 5.87 8.51
CA GLY L 114 0.86 6.87 7.60
C GLY L 114 0.02 6.39 6.44
N SER L 115 -0.15 5.08 6.28
CA SER L 115 -1.06 4.58 5.23
C SER L 115 -2.53 4.51 5.70
N VAL L 116 -3.43 4.43 4.73
CA VAL L 116 -4.87 4.43 5.00
C VAL L 116 -5.47 3.14 4.45
N SER L 117 -6.06 2.35 5.36
CA SER L 117 -6.68 1.07 4.99
C SER L 117 -8.06 0.90 5.61
N ASP L 118 -8.81 -0.07 5.09
CA ASP L 118 -10.22 -0.25 5.45
C ASP L 118 -10.47 -1.18 6.63
N VAL L 119 -11.17 -0.68 7.63
CA VAL L 119 -11.75 -1.52 8.68
C VAL L 119 -13.27 -1.57 8.49
N THR L 120 -13.80 -2.79 8.45
CA THR L 120 -15.21 -3.03 8.18
C THR L 120 -15.92 -3.69 9.37
N ARG L 121 -17.16 -3.27 9.60
CA ARG L 121 -18.04 -3.93 10.57
C ARG L 121 -19.44 -3.98 9.99
N THR L 122 -20.20 -5.03 10.32
CA THR L 122 -21.60 -5.09 9.94
C THR L 122 -22.48 -4.81 11.17
N LEU L 123 -23.03 -3.60 11.25
CA LEU L 123 -23.90 -3.21 12.34
C LEU L 123 -25.37 -3.37 11.95
N TYR L 124 -26.26 -3.31 12.94
CA TYR L 124 -27.66 -3.67 12.71
C TYR L 124 -28.67 -2.65 13.24
N HIS L 125 -29.84 -2.61 12.62
CA HIS L 125 -30.99 -1.84 13.10
C HIS L 125 -32.15 -2.74 13.36
N SER L 126 -32.84 -2.51 14.48
CA SER L 126 -34.14 -3.12 14.73
C SER L 126 -35.19 -2.12 14.29
N GLU L 127 -36.46 -2.51 14.36
CA GLU L 127 -37.56 -1.60 14.01
C GLU L 127 -37.67 -0.45 15.02
N PHE L 128 -37.00 -0.59 16.16
CA PHE L 128 -37.00 0.40 17.20
C PHE L 128 -35.88 1.42 17.02
N GLY L 129 -34.73 0.92 16.56
CA GLY L 129 -33.55 1.74 16.33
C GLY L 129 -32.32 0.86 16.29
N PRO L 130 -31.13 1.47 16.47
CA PRO L 130 -29.93 0.67 16.31
C PRO L 130 -29.78 -0.36 17.42
N LEU L 131 -29.16 -1.49 17.09
CA LEU L 131 -28.78 -2.48 18.08
C LEU L 131 -27.73 -1.86 18.96
N VAL L 132 -27.80 -2.13 20.26
CA VAL L 132 -26.87 -1.52 21.23
C VAL L 132 -26.24 -2.58 22.12
N ASN L 133 -24.94 -2.46 22.35
CA ASN L 133 -24.18 -3.42 23.16
C ASN L 133 -24.24 -3.00 24.62
N LEU L 134 -24.95 -3.79 25.43
CA LEU L 134 -25.13 -3.45 26.83
C LEU L 134 -24.21 -4.21 27.77
N ALA L 135 -23.26 -4.98 27.25
CA ALA L 135 -22.31 -5.72 28.10
C ALA L 135 -21.52 -4.82 29.07
N GLY L 136 -21.23 -3.59 28.65
CA GLY L 136 -20.57 -2.60 29.50
C GLY L 136 -21.44 -2.17 30.67
N LEU L 137 -22.75 -2.09 30.45
CA LEU L 137 -23.70 -1.78 31.51
C LEU L 137 -23.72 -2.93 32.53
N ASN L 138 -23.87 -4.15 32.03
CA ASN L 138 -23.71 -5.36 32.81
C ASN L 138 -23.40 -6.50 31.86
N PRO L 139 -22.31 -7.27 32.14
CA PRO L 139 -21.86 -8.33 31.21
C PRO L 139 -22.93 -9.36 30.85
N ALA L 140 -23.92 -9.54 31.73
CA ALA L 140 -25.01 -10.52 31.48
C ALA L 140 -25.96 -10.05 30.38
N LEU L 141 -25.75 -8.81 29.92
CA LEU L 141 -26.55 -8.23 28.86
C LEU L 141 -25.84 -8.27 27.50
N ALA L 142 -25.01 -9.29 27.28
CA ALA L 142 -24.33 -9.46 25.99
C ALA L 142 -25.35 -9.77 24.91
N TRP L 143 -24.91 -9.70 23.66
CA TRP L 143 -25.72 -10.18 22.55
C TRP L 143 -25.51 -11.67 22.44
N SER L 144 -26.44 -12.43 23.02
CA SER L 144 -26.29 -13.89 23.11
C SER L 144 -27.05 -14.65 22.01
N GLN L 145 -27.23 -15.95 22.25
CA GLN L 145 -27.99 -16.81 21.36
C GLN L 145 -29.48 -16.46 21.41
N GLY L 146 -29.95 -16.11 22.60
CA GLY L 146 -31.38 -15.91 22.84
C GLY L 146 -31.83 -14.47 22.85
N THR L 147 -30.94 -13.56 23.22
CA THR L 147 -31.35 -12.16 23.43
C THR L 147 -30.36 -11.12 22.91
N ALA L 148 -30.94 -10.01 22.47
CA ALA L 148 -30.19 -8.79 22.09
C ALA L 148 -30.97 -7.54 22.54
N PHE L 149 -30.33 -6.37 22.45
CA PHE L 149 -30.96 -5.13 22.90
C PHE L 149 -30.86 -4.01 21.86
N ALA L 150 -31.94 -3.23 21.74
CA ALA L 150 -31.95 -2.07 20.84
C ALA L 150 -32.21 -0.82 21.66
N ILE L 151 -31.84 0.32 21.10
CA ILE L 151 -32.09 1.59 21.76
C ILE L 151 -32.98 2.44 20.86
N ARG L 152 -33.97 3.09 21.45
CA ARG L 152 -34.82 4.02 20.72
C ARG L 152 -34.75 5.39 21.36
N ASP L 153 -34.53 6.41 20.53
CA ASP L 153 -34.45 7.80 20.94
C ASP L 153 -35.49 8.50 20.09
N ILE L 154 -36.51 9.08 20.74
CA ILE L 154 -37.61 9.76 20.02
C ILE L 154 -37.11 10.86 19.10
N ASN L 155 -35.95 11.40 19.42
CA ASN L 155 -35.37 12.50 18.66
C ASN L 155 -34.75 11.99 17.37
N GLY L 156 -34.56 10.66 17.30
CA GLY L 156 -34.14 9.98 16.08
C GLY L 156 -35.18 10.10 14.97
N GLU L 157 -36.45 10.20 15.35
CA GLU L 157 -37.53 10.44 14.40
C GLU L 157 -38.11 11.86 14.46
N ASN L 158 -37.48 12.71 15.27
CA ASN L 158 -37.90 14.11 15.42
C ASN L 158 -37.18 15.05 14.45
N PHE L 159 -37.87 15.44 13.37
CA PHE L 159 -37.24 16.29 12.36
C PHE L 159 -37.66 17.75 12.50
N ARG L 160 -38.20 18.09 13.66
CA ARG L 160 -38.91 19.35 13.84
C ARG L 160 -38.17 20.42 14.67
N THR L 161 -37.01 20.08 15.22
CA THR L 161 -36.31 21.01 16.12
C THR L 161 -35.86 22.33 15.47
N LEU L 162 -35.20 22.23 14.32
CA LEU L 162 -34.59 23.39 13.68
C LEU L 162 -35.66 24.42 13.30
N ARG L 163 -36.77 23.95 12.74
CA ARG L 163 -37.88 24.85 12.42
C ARG L 163 -38.57 25.42 13.66
N THR L 164 -38.59 24.64 14.75
CA THR L 164 -39.14 25.11 16.02
C THR L 164 -38.40 26.34 16.52
N TRP L 165 -37.07 26.27 16.48
CA TRP L 165 -36.25 27.41 16.85
C TRP L 165 -36.41 28.53 15.85
N MET L 166 -36.32 28.22 14.56
CA MET L 166 -36.53 29.23 13.52
C MET L 166 -37.83 30.00 13.74
N ARG L 167 -38.89 29.29 14.12
CA ARG L 167 -40.16 29.93 14.40
C ARG L 167 -40.13 30.78 15.67
N TRP L 168 -39.48 30.29 16.72
CA TRP L 168 -39.25 31.09 17.92
C TRP L 168 -38.47 32.32 17.62
N ASN L 169 -37.49 32.19 16.73
CA ASN L 169 -36.68 33.32 16.27
C ASN L 169 -37.54 34.42 15.65
N GLN L 170 -38.68 34.03 15.09
CA GLN L 170 -39.54 34.95 14.35
C GLN L 170 -40.71 35.45 15.18
N ALA L 171 -40.90 34.86 16.37
CA ALA L 171 -42.12 35.04 17.16
C ALA L 171 -42.42 36.49 17.58
N LYS L 172 -43.70 36.85 17.56
CA LYS L 172 -44.14 38.22 17.89
C LYS L 172 -44.82 38.38 19.25
N SER L 173 -44.76 37.33 20.08
CA SER L 173 -45.24 37.38 21.47
C SER L 173 -44.94 36.07 22.19
N LEU L 174 -45.10 36.08 23.52
CA LEU L 174 -44.99 34.87 24.33
C LEU L 174 -46.10 33.85 24.01
N ASP L 175 -47.30 34.34 23.71
CA ASP L 175 -48.42 33.46 23.31
C ASP L 175 -48.10 32.69 22.04
N GLU L 176 -47.45 33.36 21.08
CA GLU L 176 -46.99 32.70 19.88
C GLU L 176 -45.91 31.67 20.24
N PHE L 177 -44.94 32.11 21.04
CA PHE L 177 -43.90 31.24 21.56
C PHE L 177 -44.50 29.95 22.12
N ILE L 178 -45.33 30.09 23.15
CA ILE L 178 -46.04 28.98 23.77
C ILE L 178 -46.76 28.13 22.72
N ALA L 179 -47.55 28.78 21.87
CA ALA L 179 -48.28 28.09 20.81
C ALA L 179 -47.35 27.26 19.91
N ILE L 180 -46.17 27.81 19.61
CA ILE L 180 -45.18 27.10 18.78
C ILE L 180 -44.65 25.87 19.49
N GLN L 181 -44.28 26.03 20.77
CA GLN L 181 -43.74 24.91 21.53
C GLN L 181 -44.73 23.76 21.61
N LYS L 182 -46.01 24.10 21.70
CA LYS L 182 -47.10 23.11 21.78
C LYS L 182 -47.40 22.47 20.42
N GLU L 183 -47.38 23.28 19.36
CA GLU L 183 -47.63 22.81 17.99
C GLU L 183 -46.59 21.81 17.52
N GLU L 184 -45.35 22.05 17.92
CA GLU L 184 -44.22 21.26 17.43
C GLU L 184 -43.86 20.08 18.35
N ALA L 185 -43.99 20.29 19.66
CA ALA L 185 -43.60 19.28 20.67
C ALA L 185 -42.29 18.61 20.28
N SER L 186 -41.28 19.44 20.03
CA SER L 186 -40.09 19.00 19.30
C SER L 186 -38.82 19.17 20.12
N ILE L 187 -38.90 19.95 21.19
CA ILE L 187 -37.73 20.28 21.99
C ILE L 187 -37.09 19.01 22.50
N PRO L 188 -35.84 18.74 22.07
CA PRO L 188 -35.31 17.38 22.17
C PRO L 188 -34.91 16.88 23.56
N TRP L 189 -34.31 17.72 24.40
CA TRP L 189 -33.82 17.31 25.74
C TRP L 189 -33.62 18.47 26.70
N VAL L 190 -34.35 19.57 26.49
CA VAL L 190 -34.20 20.73 27.37
C VAL L 190 -35.51 21.26 27.92
N ASN L 191 -35.43 21.85 29.11
CA ASN L 191 -36.49 22.70 29.65
C ASN L 191 -36.48 24.03 28.93
N THR L 192 -37.60 24.74 28.95
CA THR L 192 -37.70 26.03 28.32
C THR L 192 -38.32 27.02 29.28
N VAL L 193 -37.67 28.17 29.43
CA VAL L 193 -38.25 29.30 30.16
C VAL L 193 -38.20 30.53 29.28
N ALA L 194 -39.31 31.27 29.23
CA ALA L 194 -39.42 32.44 28.38
C ALA L 194 -40.17 33.60 29.01
N VAL L 195 -39.73 34.82 28.65
CA VAL L 195 -40.36 36.06 29.05
C VAL L 195 -40.78 36.81 27.79
N GLY L 196 -41.99 37.33 27.79
CA GLY L 196 -42.52 38.02 26.62
C GLY L 196 -42.76 39.49 26.89
N ARG L 197 -42.57 40.30 25.85
CA ARG L 197 -42.84 41.73 25.90
C ARG L 197 -44.31 41.92 26.28
N GLY L 198 -44.56 42.85 27.21
CA GLY L 198 -45.91 43.15 27.67
C GLY L 198 -46.70 41.95 28.20
N SER L 199 -45.98 40.92 28.62
CA SER L 199 -46.63 39.72 29.16
C SER L 199 -46.41 39.72 30.66
N ALA L 200 -47.50 39.64 31.40
CA ALA L 200 -47.46 39.69 32.87
C ALA L 200 -46.80 38.45 33.47
N LYS L 201 -46.82 37.37 32.69
CA LYS L 201 -46.39 36.06 33.16
C LYS L 201 -45.06 35.63 32.53
N ALA L 202 -44.34 34.81 33.27
CA ALA L 202 -43.17 34.13 32.75
C ALA L 202 -43.58 32.69 32.43
N TRP L 203 -42.88 32.09 31.49
CA TRP L 203 -43.25 30.78 30.98
C TRP L 203 -42.22 29.74 31.31
N TYR L 204 -42.66 28.66 31.93
CA TYR L 204 -41.84 27.45 32.04
C TYR L 204 -42.55 26.28 31.40
N ALA L 205 -41.78 25.43 30.72
CA ALA L 205 -42.29 24.17 30.21
C ALA L 205 -41.19 23.15 30.00
N ASP L 206 -41.53 21.88 30.24
CA ASP L 206 -40.80 20.76 29.71
C ASP L 206 -41.68 20.08 28.64
N ILE L 207 -42.00 20.85 27.61
CA ILE L 207 -42.80 20.38 26.48
C ILE L 207 -41.87 20.16 25.29
N GLY L 208 -41.79 18.91 24.85
CA GLY L 208 -40.92 18.53 23.73
C GLY L 208 -41.12 17.08 23.38
N ALA L 209 -40.14 16.48 22.69
CA ALA L 209 -40.25 15.08 22.27
C ALA L 209 -39.84 14.16 23.41
N VAL L 210 -40.79 13.34 23.86
CA VAL L 210 -40.64 12.52 25.05
C VAL L 210 -41.31 11.15 24.85
N PRO L 211 -40.58 10.05 25.11
CA PRO L 211 -41.10 8.68 24.97
C PRO L 211 -42.38 8.46 25.78
N ASN L 212 -43.38 7.83 25.17
CA ASN L 212 -44.71 7.69 25.74
C ASN L 212 -45.03 6.25 26.13
N VAL L 213 -44.94 5.99 27.43
CA VAL L 213 -45.32 4.70 28.00
C VAL L 213 -46.30 4.93 29.15
N SER L 214 -47.22 3.99 29.35
CA SER L 214 -48.22 4.12 30.40
C SER L 214 -47.71 3.43 31.67
N PRO L 215 -48.27 3.81 32.84
CA PRO L 215 -47.90 3.11 34.07
C PRO L 215 -48.29 1.62 33.99
N ALA L 216 -49.48 1.34 33.43
CA ALA L 216 -49.91 -0.03 33.17
C ALA L 216 -48.92 -0.75 32.24
N GLN L 217 -48.37 -0.02 31.28
CA GLN L 217 -47.41 -0.56 30.33
C GLN L 217 -46.09 -0.98 30.99
N THR L 218 -45.45 -0.06 31.70
CA THR L 218 -44.17 -0.40 32.34
C THR L 218 -44.32 -1.60 33.29
N ALA L 219 -45.40 -1.63 34.06
CA ALA L 219 -45.70 -2.77 34.91
C ALA L 219 -45.77 -4.08 34.13
N ALA L 220 -46.46 -4.06 32.99
CA ALA L 220 -46.65 -5.27 32.19
C ALA L 220 -45.42 -5.63 31.34
N CYS L 221 -44.67 -4.62 30.91
CA CYS L 221 -43.65 -4.79 29.87
C CYS L 221 -42.20 -4.90 30.30
N THR L 222 -41.87 -4.44 31.51
CA THR L 222 -40.47 -4.48 31.93
C THR L 222 -40.00 -5.93 32.10
N THR L 223 -38.90 -6.27 31.43
CA THR L 223 -38.34 -7.62 31.43
C THR L 223 -37.56 -7.85 32.72
N PRO L 224 -37.41 -9.13 33.14
CA PRO L 224 -36.56 -9.50 34.27
C PRO L 224 -35.22 -8.73 34.32
N PHE L 225 -34.59 -8.58 33.16
CA PHE L 225 -33.36 -7.78 33.05
C PHE L 225 -33.62 -6.31 33.38
N GLY L 226 -34.70 -5.75 32.80
CA GLY L 226 -35.08 -4.36 33.02
C GLY L 226 -35.41 -4.05 34.47
N MET L 227 -36.05 -5.01 35.15
CA MET L 227 -36.27 -4.93 36.59
C MET L 227 -34.93 -4.85 37.31
N ALA L 228 -34.03 -5.77 36.94
CA ALA L 228 -32.71 -5.92 37.60
C ALA L 228 -31.81 -4.69 37.44
N VAL L 229 -32.00 -3.96 36.34
CA VAL L 229 -31.13 -2.83 36.02
C VAL L 229 -31.88 -1.49 36.14
N GLY L 230 -33.16 -1.57 36.52
CA GLY L 230 -34.01 -0.40 36.66
C GLY L 230 -33.34 0.74 37.39
N GLN L 231 -32.77 0.43 38.55
CA GLN L 231 -32.19 1.46 39.43
C GLN L 231 -30.94 2.14 38.86
N ALA L 232 -30.23 1.46 37.96
CA ALA L 232 -29.09 2.07 37.26
C ALA L 232 -29.55 2.97 36.12
N LEU L 233 -30.81 2.86 35.74
CA LEU L 233 -31.38 3.63 34.63
C LEU L 233 -32.76 4.18 34.96
N PRO L 234 -32.89 4.97 36.05
CA PRO L 234 -34.22 5.28 36.58
C PRO L 234 -35.11 5.98 35.55
N ASN L 235 -36.30 5.43 35.37
CA ASN L 235 -37.33 5.94 34.45
C ASN L 235 -37.09 5.71 32.95
N VAL L 236 -36.00 5.03 32.60
CA VAL L 236 -35.80 4.58 31.23
C VAL L 236 -36.65 3.34 30.99
N PRO L 237 -37.59 3.39 30.02
CA PRO L 237 -38.39 2.20 29.77
C PRO L 237 -37.57 1.09 29.11
N PHE L 238 -37.45 -0.02 29.82
CA PHE L 238 -36.69 -1.19 29.38
C PHE L 238 -37.69 -2.32 29.12
N PHE L 239 -38.15 -2.41 27.88
CA PHE L 239 -39.33 -3.19 27.56
C PHE L 239 -39.07 -4.49 26.79
N ASP L 240 -40.17 -5.23 26.56
CA ASP L 240 -40.16 -6.52 25.87
C ASP L 240 -40.50 -6.30 24.40
N GLY L 241 -39.48 -6.30 23.55
CA GLY L 241 -39.65 -6.03 22.11
C GLY L 241 -40.41 -7.11 21.35
N SER L 242 -40.72 -8.20 22.04
CA SER L 242 -41.47 -9.32 21.45
C SER L 242 -42.93 -8.97 21.27
N ARG L 243 -43.45 -8.06 22.09
CA ARG L 243 -44.87 -7.77 22.10
C ARG L 243 -45.16 -6.38 21.56
N SER L 244 -46.09 -6.31 20.59
CA SER L 244 -46.54 -5.04 20.02
C SER L 244 -47.29 -4.18 21.04
N GLU L 245 -47.90 -4.84 22.02
CA GLU L 245 -48.55 -4.18 23.15
C GLU L 245 -47.56 -3.30 23.93
N CYS L 246 -46.27 -3.57 23.77
CA CYS L 246 -45.21 -2.87 24.50
C CYS L 246 -44.54 -1.76 23.72
N ASP L 247 -45.01 -1.47 22.52
CA ASP L 247 -44.49 -0.34 21.76
C ASP L 247 -44.91 0.95 22.46
N TRP L 248 -44.13 2.00 22.27
CA TRP L 248 -44.49 3.30 22.82
C TRP L 248 -45.80 3.78 22.25
N LEU L 249 -46.67 4.28 23.11
CA LEU L 249 -48.02 4.65 22.72
C LEU L 249 -48.10 6.01 22.05
N THR L 250 -49.18 6.22 21.29
CA THR L 250 -49.50 7.55 20.78
C THR L 250 -50.78 8.05 21.41
N ASP L 251 -50.76 9.29 21.88
CA ASP L 251 -51.95 9.92 22.47
C ASP L 251 -52.71 10.67 21.39
N ALA L 252 -53.97 10.98 21.66
CA ALA L 252 -54.80 11.73 20.72
C ALA L 252 -54.18 13.06 20.31
N ASP L 253 -53.41 13.67 21.22
CA ASP L 253 -52.77 14.97 20.94
C ASP L 253 -51.23 14.92 20.90
N SER L 254 -50.69 13.72 20.65
CA SER L 254 -49.27 13.56 20.37
C SER L 254 -48.94 14.10 18.99
N VAL L 255 -47.90 14.94 18.88
CA VAL L 255 -47.45 15.46 17.57
C VAL L 255 -46.63 14.40 16.80
N GLN L 256 -46.08 13.43 17.52
CA GLN L 256 -45.23 12.39 16.94
C GLN L 256 -45.57 11.01 17.51
N LYS L 257 -45.63 10.00 16.65
CA LYS L 257 -45.83 8.60 17.07
C LYS L 257 -44.85 8.20 18.18
N GLY L 258 -45.37 7.61 19.24
CA GLY L 258 -44.54 7.09 20.32
C GLY L 258 -44.13 8.15 21.33
N ALA L 259 -44.50 9.40 21.06
CA ALA L 259 -44.20 10.51 21.97
C ALA L 259 -45.42 10.91 22.82
N VAL L 260 -45.16 11.56 23.95
CA VAL L 260 -46.21 12.01 24.88
C VAL L 260 -47.05 13.14 24.25
N GLY L 261 -48.36 13.09 24.50
CA GLY L 261 -49.29 14.14 24.09
C GLY L 261 -49.01 15.48 24.74
N VAL L 262 -49.34 16.55 24.02
CA VAL L 262 -48.98 17.92 24.41
C VAL L 262 -49.52 18.34 25.79
N SER L 263 -50.75 17.94 26.11
CA SER L 263 -51.38 18.37 27.34
C SER L 263 -51.06 17.50 28.56
N ARG L 264 -50.16 16.53 28.39
CA ARG L 264 -49.68 15.71 29.51
C ARG L 264 -48.18 15.94 29.76
N MET L 265 -47.71 17.12 29.35
CA MET L 265 -46.34 17.54 29.59
C MET L 265 -46.31 18.77 30.50
N PRO L 266 -45.38 18.79 31.48
CA PRO L 266 -45.38 19.79 32.55
C PRO L 266 -45.03 21.21 32.07
N SER L 267 -45.89 22.15 32.43
CA SER L 267 -45.71 23.56 32.12
C SER L 267 -46.44 24.40 33.16
N LEU L 268 -46.00 25.63 33.34
CA LEU L 268 -46.54 26.51 34.37
C LEU L 268 -46.23 27.96 34.02
N GLN L 269 -47.20 28.84 34.24
CA GLN L 269 -47.02 30.27 34.10
C GLN L 269 -47.09 30.96 35.45
N ARG L 270 -46.22 31.94 35.65
CA ARG L 270 -46.19 32.66 36.92
C ARG L 270 -45.91 34.16 36.75
N ASP L 271 -46.49 34.94 37.65
CA ASP L 271 -46.35 36.39 37.66
C ASP L 271 -45.15 36.85 38.50
N ASP L 272 -44.60 35.94 39.29
CA ASP L 272 -43.41 36.21 40.11
C ASP L 272 -42.15 35.60 39.48
N TYR L 273 -41.91 34.31 39.68
CA TYR L 273 -40.79 33.65 39.01
C TYR L 273 -41.11 32.22 38.55
N VAL L 274 -40.40 31.79 37.52
CA VAL L 274 -40.15 30.37 37.29
C VAL L 274 -38.64 30.20 37.15
N GLY L 275 -38.13 29.04 37.59
CA GLY L 275 -36.71 28.72 37.47
C GLY L 275 -36.45 27.23 37.40
N ASN L 276 -35.26 26.88 36.89
CA ASN L 276 -34.79 25.50 36.89
C ASN L 276 -33.28 25.42 36.93
N MET L 277 -32.78 24.46 37.70
CA MET L 277 -31.35 24.22 37.87
C MET L 277 -30.97 22.77 37.59
N ASN L 278 -31.71 22.14 36.67
CA ASN L 278 -31.52 20.73 36.22
C ASN L 278 -32.19 19.61 37.03
N ASP L 279 -32.89 19.97 38.12
CA ASP L 279 -33.79 19.04 38.80
C ASP L 279 -35.09 18.94 37.99
N SER L 280 -36.01 18.10 38.41
CA SER L 280 -37.26 17.91 37.66
C SER L 280 -38.13 19.17 37.53
N TYR L 281 -39.16 19.06 36.72
CA TYR L 281 -40.18 20.10 36.53
C TYR L 281 -40.85 20.58 37.83
N TRP L 282 -40.89 19.70 38.82
CA TRP L 282 -41.67 19.87 40.06
C TRP L 282 -41.60 21.21 40.69
N LEU L 283 -40.40 21.79 40.70
CA LEU L 283 -40.14 22.98 41.47
C LEU L 283 -39.89 24.23 40.62
N ALA L 284 -40.55 24.30 39.47
CA ALA L 284 -40.51 25.50 38.61
C ALA L 284 -40.72 26.79 39.42
N ASN L 285 -41.71 26.75 40.31
CA ASN L 285 -41.93 27.80 41.30
C ASN L 285 -42.23 27.14 42.63
N VAL L 286 -41.34 27.33 43.60
CA VAL L 286 -41.42 26.68 44.91
C VAL L 286 -42.82 26.82 45.56
N HIS L 287 -43.45 27.97 45.39
CA HIS L 287 -44.77 28.22 45.97
C HIS L 287 -45.84 27.33 45.40
N ALA L 288 -45.82 27.12 44.09
CA ALA L 288 -46.80 26.24 43.41
C ALA L 288 -46.13 25.07 42.67
N PRO L 289 -45.92 23.94 43.37
CA PRO L 289 -45.28 22.72 42.85
C PRO L 289 -46.11 22.01 41.78
N LEU L 290 -45.46 21.16 40.99
CA LEU L 290 -46.14 20.35 39.95
C LEU L 290 -46.02 18.85 40.23
N THR L 291 -47.15 18.14 40.13
CA THR L 291 -47.20 16.72 40.49
C THR L 291 -48.01 15.87 39.51
N GLY L 292 -47.69 14.58 39.47
CA GLY L 292 -48.49 13.61 38.75
C GLY L 292 -48.37 13.64 37.24
N TYR L 293 -47.19 14.04 36.76
CA TYR L 293 -46.87 13.91 35.34
C TYR L 293 -46.17 12.56 35.11
N PRO L 294 -45.99 12.14 33.84
CA PRO L 294 -45.41 10.81 33.63
C PRO L 294 -44.06 10.61 34.32
N ALA L 295 -43.92 9.43 34.94
CA ALA L 295 -42.74 9.07 35.73
C ALA L 295 -41.43 9.36 35.00
N ILE L 296 -41.48 9.22 33.67
CA ILE L 296 -40.33 9.46 32.79
C ILE L 296 -39.79 10.89 32.87
N PHE L 297 -40.61 11.82 33.34
CA PHE L 297 -40.18 13.20 33.44
C PHE L 297 -39.24 13.46 34.62
N GLY L 298 -39.18 12.50 35.54
CA GLY L 298 -38.30 12.58 36.71
C GLY L 298 -39.03 12.62 38.04
N PRO L 299 -38.34 12.25 39.14
CA PRO L 299 -38.90 12.32 40.50
C PRO L 299 -39.44 13.72 40.80
N ALA L 300 -40.68 13.80 41.26
CA ALA L 300 -41.32 15.08 41.53
C ALA L 300 -41.65 15.25 43.02
N GLY L 301 -40.61 15.40 43.83
CA GLY L 301 -40.77 15.58 45.27
C GLY L 301 -40.53 14.30 46.04
N THR L 302 -39.97 13.30 45.36
CA THR L 302 -39.72 11.99 45.97
C THR L 302 -38.26 11.77 46.38
N SER L 303 -37.39 12.74 46.06
CA SER L 303 -35.97 12.72 46.47
C SER L 303 -35.34 14.13 46.58
N ALA L 304 -34.30 14.23 47.40
CA ALA L 304 -33.61 15.51 47.64
C ALA L 304 -33.24 16.28 46.36
N GLN L 305 -33.42 17.60 46.39
CA GLN L 305 -32.97 18.48 45.32
C GLN L 305 -31.47 18.71 45.47
N THR L 306 -30.79 18.96 44.36
CA THR L 306 -29.35 19.23 44.41
C THR L 306 -29.10 20.58 45.08
N LEU L 307 -27.89 20.75 45.60
CA LEU L 307 -27.51 21.98 46.27
C LEU L 307 -27.71 23.21 45.38
N ARG L 308 -27.42 23.07 44.08
CA ARG L 308 -27.58 24.17 43.13
C ARG L 308 -29.04 24.61 42.99
N THR L 309 -29.96 23.65 42.93
CA THR L 309 -31.39 23.97 42.87
C THR L 309 -31.82 24.73 44.13
N ARG L 310 -31.42 24.19 45.27
CA ARG L 310 -31.71 24.81 46.55
C ARG L 310 -31.14 26.22 46.62
N MET L 311 -29.92 26.41 46.13
CA MET L 311 -29.32 27.74 46.01
C MET L 311 -30.12 28.60 45.02
N GLY L 312 -30.38 28.03 43.84
CA GLY L 312 -31.09 28.74 42.78
C GLY L 312 -32.40 29.32 43.24
N HIS L 313 -33.22 28.50 43.88
CA HIS L 313 -34.52 28.95 44.39
C HIS L 313 -34.43 29.86 45.59
N THR L 314 -33.49 29.57 46.49
CA THR L 314 -33.22 30.44 47.64
C THR L 314 -32.91 31.85 47.17
N MET L 315 -32.04 31.97 46.18
CA MET L 315 -31.75 33.27 45.56
C MET L 315 -33.00 33.96 45.02
N ALA L 316 -33.98 33.19 44.56
CA ALA L 316 -35.20 33.75 44.01
C ALA L 316 -36.07 34.36 45.11
N LEU L 317 -36.36 33.56 46.14
CA LEU L 317 -37.20 34.00 47.24
C LEU L 317 -36.58 35.19 47.97
N GLU L 318 -35.26 35.11 48.20
CA GLU L 318 -34.54 36.13 48.95
C GLU L 318 -34.45 37.45 48.19
N ARG L 319 -34.43 37.38 46.87
CA ARG L 319 -34.52 38.58 46.04
C ARG L 319 -35.93 39.18 46.13
N LEU L 320 -36.94 38.32 46.10
CA LEU L 320 -38.35 38.75 46.20
C LEU L 320 -38.77 39.23 47.59
N ALA L 321 -38.21 38.61 48.64
CA ALA L 321 -38.47 39.02 50.02
C ALA L 321 -37.55 40.16 50.45
N GLY L 322 -36.73 40.64 49.51
CA GLY L 322 -35.75 41.70 49.75
C GLY L 322 -34.84 41.43 50.93
N THR L 323 -34.21 40.25 50.95
CA THR L 323 -33.39 39.80 52.10
C THR L 323 -31.99 39.34 51.70
N ASP L 324 -31.40 39.96 50.69
CA ASP L 324 -30.18 39.43 50.07
C ASP L 324 -29.04 40.43 49.87
N GLY L 325 -29.18 41.63 50.41
CA GLY L 325 -28.12 42.64 50.34
C GLY L 325 -28.06 43.49 49.08
N TYR L 326 -28.93 43.20 48.11
CA TYR L 326 -28.97 43.98 46.86
C TYR L 326 -30.01 45.11 46.93
N ALA L 327 -29.96 46.01 45.94
CA ALA L 327 -30.89 47.15 45.85
C ALA L 327 -32.33 46.72 45.58
N GLY L 328 -33.26 47.24 46.38
CA GLY L 328 -34.69 46.95 46.25
C GLY L 328 -35.12 45.56 46.68
N ASN L 329 -36.34 45.19 46.31
CA ASN L 329 -36.86 43.82 46.50
C ASN L 329 -37.47 43.30 45.21
N LYS L 330 -37.12 43.97 44.10
CA LYS L 330 -37.64 43.65 42.77
C LYS L 330 -36.53 43.19 41.81
N ALA L 331 -36.80 42.09 41.11
CA ALA L 331 -35.81 41.46 40.24
C ALA L 331 -35.65 42.18 38.89
N THR L 332 -35.16 43.41 38.94
CA THR L 332 -34.95 44.20 37.72
C THR L 332 -33.71 43.75 36.97
N SER L 333 -33.55 44.22 35.74
CA SER L 333 -32.39 43.88 34.91
C SER L 333 -31.08 44.04 35.67
N ALA L 334 -30.87 45.21 36.26
CA ALA L 334 -29.60 45.59 36.91
C ALA L 334 -29.22 44.71 38.11
N VAL L 335 -30.20 44.43 38.97
CA VAL L 335 -29.98 43.60 40.17
C VAL L 335 -29.74 42.13 39.80
N VAL L 336 -30.56 41.59 38.89
CA VAL L 336 -30.39 40.22 38.42
C VAL L 336 -28.95 40.02 37.94
N ARG L 337 -28.49 40.96 37.11
CA ARG L 337 -27.11 40.97 36.59
C ARG L 337 -26.03 40.78 37.64
N GLU L 338 -26.23 41.37 38.82
CA GLU L 338 -25.29 41.23 39.92
C GLU L 338 -25.51 39.89 40.62
N MET L 339 -26.75 39.59 40.97
CA MET L 339 -27.07 38.44 41.82
C MET L 339 -26.55 37.11 41.24
N VAL L 340 -26.61 36.98 39.92
CA VAL L 340 -26.26 35.73 39.24
C VAL L 340 -24.75 35.46 39.26
N LEU L 341 -23.97 36.51 39.53
CA LEU L 341 -22.53 36.38 39.67
C LEU L 341 -22.15 36.31 41.15
N GLY L 342 -23.14 36.53 42.03
CA GLY L 342 -22.94 36.52 43.49
C GLY L 342 -21.96 35.50 44.03
N SER L 343 -21.95 34.31 43.43
CA SER L 343 -21.01 33.23 43.75
C SER L 343 -21.11 32.76 45.20
N ARG L 344 -22.33 32.81 45.73
CA ARG L 344 -22.63 32.25 47.04
C ARG L 344 -22.44 30.74 47.02
N VAL L 345 -21.89 30.19 48.09
CA VAL L 345 -21.63 28.75 48.15
C VAL L 345 -22.61 28.14 49.15
N PHE L 346 -23.59 27.40 48.63
CA PHE L 346 -24.70 26.89 49.44
C PHE L 346 -24.24 25.97 50.58
N SER L 347 -23.40 24.99 50.25
CA SER L 347 -22.84 24.06 51.24
C SER L 347 -22.17 24.79 52.39
N ALA L 348 -21.39 25.83 52.07
CA ALA L 348 -20.75 26.65 53.08
C ALA L 348 -21.80 27.42 53.90
N GLU L 349 -22.61 28.23 53.23
CA GLU L 349 -23.66 29.00 53.89
C GLU L 349 -24.50 28.21 54.90
N ARG L 350 -24.78 26.94 54.60
CA ARG L 350 -25.59 26.12 55.49
C ARG L 350 -24.80 25.24 56.46
N PHE L 351 -23.65 24.73 56.04
CA PHE L 351 -22.98 23.70 56.85
C PHE L 351 -21.61 24.05 57.45
N LYS L 352 -20.97 25.12 56.97
CA LYS L 352 -19.65 25.46 57.48
C LYS L 352 -19.63 25.69 59.00
N ASP L 353 -20.57 26.50 59.50
CA ASP L 353 -20.60 26.86 60.93
C ASP L 353 -20.72 25.60 61.78
N GLU L 354 -21.59 24.71 61.34
CA GLU L 354 -21.85 23.44 62.03
C GLU L 354 -20.60 22.58 62.06
N VAL L 355 -19.95 22.46 60.90
CA VAL L 355 -18.72 21.67 60.74
C VAL L 355 -17.62 22.24 61.63
N LEU L 356 -17.32 23.53 61.46
CA LEU L 356 -16.28 24.17 62.26
C LEU L 356 -16.49 23.98 63.77
N ASP L 357 -17.72 24.17 64.24
CA ASP L 357 -18.07 24.00 65.66
C ASP L 357 -17.75 22.60 66.16
N LEU L 358 -18.01 21.59 65.34
CA LEU L 358 -17.77 20.19 65.70
C LEU L 358 -16.29 19.81 65.77
N ILE L 359 -15.54 20.19 64.74
CA ILE L 359 -14.15 19.73 64.59
C ILE L 359 -13.04 20.68 65.08
N CYS L 360 -13.30 21.98 65.12
CA CYS L 360 -12.24 22.98 65.45
C CYS L 360 -11.98 23.27 66.93
N THR L 361 -12.71 22.61 67.84
CA THR L 361 -12.46 22.81 69.28
C THR L 361 -12.11 21.50 70.02
N PRO L 362 -10.80 21.23 70.18
CA PRO L 362 -9.64 22.07 69.85
C PRO L 362 -9.22 21.92 68.38
N ALA L 363 -8.15 22.63 67.99
CA ALA L 363 -7.68 22.66 66.59
C ALA L 363 -6.45 21.80 66.29
N GLN L 364 -5.90 21.18 67.33
CA GLN L 364 -4.83 20.18 67.19
C GLN L 364 -5.49 18.81 67.31
N TRP L 365 -5.21 17.93 66.35
CA TRP L 365 -5.93 16.65 66.22
C TRP L 365 -5.03 15.44 66.18
N THR L 366 -5.64 14.28 66.39
CA THR L 366 -5.04 13.01 66.00
C THR L 366 -5.89 12.39 64.89
N VAL L 367 -5.35 12.34 63.69
CA VAL L 367 -6.04 11.83 62.52
C VAL L 367 -5.20 10.67 61.99
N ASN L 368 -5.80 9.48 61.99
CA ASN L 368 -5.11 8.24 61.62
C ASN L 368 -3.79 8.06 62.36
N GLY L 369 -3.79 8.36 63.66
CA GLY L 369 -2.62 8.24 64.51
C GLY L 369 -1.57 9.32 64.31
N ALA L 370 -1.88 10.34 63.51
CA ALA L 370 -0.93 11.40 63.19
C ALA L 370 -1.36 12.75 63.75
N ALA L 371 -0.40 13.53 64.25
CA ALA L 371 -0.67 14.89 64.74
C ALA L 371 -0.94 15.84 63.58
N VAL L 372 -2.09 16.51 63.64
CA VAL L 372 -2.54 17.44 62.60
C VAL L 372 -2.82 18.79 63.25
N ASP L 373 -2.13 19.82 62.78
CA ASP L 373 -2.34 21.18 63.26
C ASP L 373 -3.30 21.90 62.30
N ALA L 374 -4.56 22.02 62.71
CA ALA L 374 -5.59 22.60 61.85
C ALA L 374 -6.00 24.01 62.28
N ALA L 375 -5.20 24.62 63.15
CA ALA L 375 -5.46 25.98 63.62
C ALA L 375 -5.69 26.92 62.44
N GLN L 376 -4.71 26.99 61.53
CA GLN L 376 -4.78 27.91 60.41
C GLN L 376 -5.98 27.59 59.49
N ALA L 377 -6.19 26.31 59.20
CA ALA L 377 -7.34 25.90 58.40
C ALA L 377 -8.68 26.37 59.01
N CYS L 378 -8.83 26.15 60.31
CA CYS L 378 -10.04 26.56 61.04
C CYS L 378 -10.24 28.08 61.10
N ALA L 379 -9.16 28.84 61.24
CA ALA L 379 -9.26 30.29 61.25
C ALA L 379 -9.62 30.81 59.87
N VAL L 380 -8.92 30.31 58.86
CA VAL L 380 -9.13 30.76 57.49
C VAL L 380 -10.59 30.60 57.09
N LEU L 381 -11.17 29.43 57.39
CA LEU L 381 -12.57 29.18 57.03
C LEU L 381 -13.56 29.98 57.87
N ALA L 382 -13.25 30.17 59.15
CA ALA L 382 -14.01 31.05 60.03
C ALA L 382 -14.07 32.48 59.46
N ALA L 383 -12.92 33.00 59.02
CA ALA L 383 -12.85 34.33 58.42
C ALA L 383 -13.50 34.42 57.02
N TRP L 384 -13.67 33.29 56.36
CA TRP L 384 -14.24 33.24 55.01
C TRP L 384 -15.73 33.43 55.01
N ASP L 385 -16.22 34.26 54.08
CA ASP L 385 -17.64 34.65 54.10
C ASP L 385 -18.57 33.83 53.20
N ASN L 386 -18.13 32.62 52.85
CA ASN L 386 -18.96 31.63 52.13
C ASN L 386 -19.29 31.96 50.69
N ARG L 387 -18.42 32.75 50.07
CA ARG L 387 -18.61 33.19 48.68
C ARG L 387 -17.38 32.92 47.87
N GLY L 388 -17.58 32.54 46.61
CA GLY L 388 -16.48 32.26 45.69
C GLY L 388 -16.16 33.43 44.78
N ARG L 389 -15.79 34.56 45.41
CA ARG L 389 -15.38 35.77 44.69
C ARG L 389 -13.86 35.77 44.49
N LYS L 390 -13.37 36.67 43.64
CA LYS L 390 -11.94 36.80 43.36
C LYS L 390 -11.04 36.99 44.58
N ASP L 391 -11.47 37.83 45.52
CA ASP L 391 -10.67 38.15 46.72
C ASP L 391 -10.92 37.19 47.90
N SER L 392 -11.85 36.26 47.71
CA SER L 392 -12.23 35.31 48.76
C SER L 392 -11.05 34.42 49.15
N ARG L 393 -10.72 34.45 50.43
CA ARG L 393 -9.57 33.72 50.93
C ARG L 393 -10.05 32.42 51.56
N GLY L 394 -9.55 31.29 51.05
CA GLY L 394 -9.86 29.97 51.59
C GLY L 394 -10.96 29.15 50.92
N SER L 395 -11.59 29.71 49.89
CA SER L 395 -12.72 29.04 49.24
C SER L 395 -12.32 27.70 48.60
N HIS L 396 -11.09 27.62 48.10
CA HIS L 396 -10.54 26.38 47.52
C HIS L 396 -10.36 25.32 48.57
N LEU L 397 -10.06 25.73 49.81
CA LEU L 397 -10.00 24.79 50.93
C LEU L 397 -11.35 24.10 51.11
N TRP L 398 -12.42 24.89 51.07
CA TRP L 398 -13.77 24.36 51.18
C TRP L 398 -14.10 23.41 50.07
N ASP L 399 -13.81 23.81 48.84
CA ASP L 399 -13.99 22.94 47.67
C ASP L 399 -13.29 21.59 47.87
N GLU L 400 -12.04 21.63 48.35
CA GLU L 400 -11.25 20.42 48.55
C GLU L 400 -11.75 19.57 49.72
N PHE L 401 -12.47 20.19 50.64
CA PHE L 401 -12.99 19.51 51.82
C PHE L 401 -14.36 18.89 51.57
N TRP L 402 -15.34 19.72 51.19
CA TRP L 402 -16.72 19.29 51.01
C TRP L 402 -16.86 18.17 50.02
N SER L 403 -16.15 18.29 48.90
CA SER L 403 -16.19 17.29 47.82
C SER L 403 -15.66 15.93 48.29
N ARG L 404 -15.01 15.90 49.47
CA ARG L 404 -14.44 14.68 50.04
C ARG L 404 -15.16 14.17 51.30
N VAL L 405 -16.18 14.88 51.75
CA VAL L 405 -16.97 14.45 52.90
C VAL L 405 -17.82 13.21 52.56
N PRO L 406 -17.66 12.11 53.33
CA PRO L 406 -18.51 10.94 53.14
C PRO L 406 -19.98 11.30 53.39
N THR L 407 -20.86 10.87 52.48
CA THR L 407 -22.24 11.34 52.44
C THR L 407 -23.20 10.47 53.25
N ALA L 408 -22.80 9.22 53.49
CA ALA L 408 -23.59 8.28 54.28
C ALA L 408 -23.81 8.79 55.70
N SER L 409 -25.09 8.89 56.09
CA SER L 409 -25.50 9.35 57.42
C SER L 409 -25.00 10.75 57.81
N LEU L 410 -24.60 11.54 56.81
CA LEU L 410 -24.08 12.89 57.04
C LEU L 410 -25.11 13.84 57.67
N PHE L 411 -26.34 13.77 57.18
CA PHE L 411 -27.42 14.62 57.66
C PHE L 411 -28.31 13.89 58.68
N THR L 412 -28.85 14.64 59.65
CA THR L 412 -29.79 14.07 60.63
C THR L 412 -31.23 14.45 60.29
N VAL L 413 -31.39 15.57 59.57
CA VAL L 413 -32.71 15.99 59.12
C VAL L 413 -32.89 15.58 57.67
N PRO L 414 -33.68 14.52 57.41
CA PRO L 414 -33.82 13.94 56.06
C PRO L 414 -34.71 14.81 55.16
N PHE L 415 -34.59 14.61 53.84
CA PHE L 415 -35.31 15.43 52.88
C PHE L 415 -36.82 15.41 53.13
N SER L 416 -37.39 16.60 53.22
CA SER L 416 -38.83 16.74 53.32
C SER L 416 -39.35 17.51 52.12
N ALA L 417 -40.35 16.93 51.44
CA ALA L 417 -40.97 17.54 50.27
C ALA L 417 -41.68 18.85 50.63
N ALA L 418 -42.14 18.95 51.87
CA ALA L 418 -42.75 20.18 52.37
C ALA L 418 -41.70 21.26 52.62
N ASP L 419 -40.43 20.86 52.73
CA ASP L 419 -39.33 21.81 52.93
C ASP L 419 -38.12 21.50 52.04
N PRO L 420 -38.28 21.67 50.71
CA PRO L 420 -37.31 21.14 49.73
C PRO L 420 -36.00 21.93 49.65
N LEU L 421 -36.05 23.21 50.02
CA LEU L 421 -34.89 24.08 49.99
C LEU L 421 -34.00 23.91 51.22
N ASN L 422 -34.63 23.71 52.37
CA ASN L 422 -33.92 23.60 53.65
C ASN L 422 -33.69 22.18 54.15
N THR L 423 -34.09 21.19 53.36
CA THR L 423 -33.76 19.78 53.65
C THR L 423 -33.09 19.11 52.44
N PRO L 424 -32.26 18.07 52.69
CA PRO L 424 -31.82 17.62 54.01
C PRO L 424 -30.84 18.61 54.67
N ARG L 425 -30.66 18.48 55.99
CA ARG L 425 -29.70 19.31 56.72
C ARG L 425 -29.31 18.68 58.07
N GLY L 426 -28.59 19.45 58.88
CA GLY L 426 -28.19 19.03 60.22
C GLY L 426 -27.04 18.06 60.15
N ILE L 427 -25.83 18.56 60.39
CA ILE L 427 -24.60 17.76 60.30
C ILE L 427 -24.53 16.81 61.49
N ASN L 428 -24.40 15.51 61.19
CA ASN L 428 -24.31 14.47 62.21
C ASN L 428 -23.04 14.61 63.05
N ALA L 429 -23.22 14.79 64.35
CA ALA L 429 -22.09 14.90 65.29
C ALA L 429 -21.17 13.68 65.22
N ALA L 430 -21.77 12.50 65.00
CA ALA L 430 -21.02 11.26 64.81
C ALA L 430 -20.04 11.28 63.63
N ALA L 431 -20.24 12.21 62.69
CA ALA L 431 -19.37 12.32 61.51
C ALA L 431 -18.10 13.14 61.76
N ALA L 432 -17.89 13.57 63.01
CA ALA L 432 -16.74 14.42 63.38
C ALA L 432 -15.36 13.88 62.96
N ASP L 433 -15.10 12.61 63.21
CA ASP L 433 -13.82 12.01 62.84
C ASP L 433 -13.66 11.95 61.32
N ALA L 434 -14.72 11.58 60.61
CA ALA L 434 -14.73 11.57 59.14
C ALA L 434 -14.47 12.97 58.56
N LEU L 435 -15.01 13.99 59.21
CA LEU L 435 -14.87 15.37 58.79
C LEU L 435 -13.42 15.82 59.00
N ARG L 436 -12.84 15.42 60.13
CA ARG L 436 -11.43 15.69 60.41
C ARG L 436 -10.50 15.01 59.40
N GLN L 437 -10.88 13.81 58.94
CA GLN L 437 -10.12 13.12 57.89
C GLN L 437 -10.23 13.84 56.55
N ALA L 438 -11.46 14.19 56.16
CA ALA L 438 -11.70 15.01 54.98
C ALA L 438 -10.90 16.32 55.03
N MET L 439 -10.96 17.00 56.18
CA MET L 439 -10.27 18.26 56.36
C MET L 439 -8.75 18.09 56.28
N ALA L 440 -8.23 17.06 56.94
CA ALA L 440 -6.81 16.73 56.88
C ALA L 440 -6.34 16.54 55.43
N THR L 441 -7.12 15.77 54.67
CA THR L 441 -6.82 15.52 53.26
C THR L 441 -6.84 16.81 52.44
N ALA L 442 -7.85 17.65 52.67
CA ALA L 442 -7.96 18.93 51.97
C ALA L 442 -6.76 19.83 52.23
N ILE L 443 -6.28 19.86 53.46
CA ILE L 443 -5.10 20.66 53.83
C ILE L 443 -3.90 20.11 53.11
N ALA L 444 -3.79 18.78 53.07
CA ALA L 444 -2.69 18.12 52.37
C ALA L 444 -2.71 18.46 50.88
N ARG L 445 -3.89 18.36 50.26
CA ARG L 445 -4.05 18.66 48.85
C ARG L 445 -3.71 20.13 48.50
N VAL L 446 -4.19 21.09 49.29
CA VAL L 446 -3.81 22.49 49.06
C VAL L 446 -2.29 22.66 49.21
N GLY L 447 -1.71 21.95 50.18
CA GLY L 447 -0.26 21.89 50.37
C GLY L 447 0.50 21.51 49.11
N GLN L 448 0.15 20.37 48.49
CA GLN L 448 0.79 19.94 47.24
C GLN L 448 0.62 20.97 46.12
N SER L 449 -0.54 21.65 46.09
CA SER L 449 -0.84 22.60 45.03
C SER L 449 0.03 23.84 45.12
N GLY L 450 0.71 24.03 46.26
CA GLY L 450 1.58 25.17 46.46
C GLY L 450 0.85 26.50 46.59
N TYR L 451 -0.45 26.43 46.88
CA TYR L 451 -1.23 27.60 47.27
C TYR L 451 -1.28 27.65 48.80
N ALA L 452 -1.27 28.86 49.36
CA ALA L 452 -1.55 29.03 50.78
C ALA L 452 -3.00 28.62 51.02
N LEU L 453 -3.31 28.15 52.22
CA LEU L 453 -4.70 27.87 52.57
C LEU L 453 -5.56 29.13 52.41
N ASP L 454 -4.98 30.29 52.72
CA ASP L 454 -5.71 31.55 52.67
C ASP L 454 -5.56 32.31 51.36
N ALA L 455 -5.18 31.61 50.29
CA ALA L 455 -5.08 32.22 48.97
C ALA L 455 -6.44 32.75 48.47
N PRO L 456 -6.45 33.91 47.79
CA PRO L 456 -7.66 34.45 47.16
C PRO L 456 -8.06 33.60 45.96
N ARG L 457 -9.37 33.39 45.79
CA ARG L 457 -9.87 32.48 44.75
C ARG L 457 -9.35 32.82 43.35
N GLY L 458 -9.18 34.11 43.10
CA GLY L 458 -8.72 34.60 41.79
C GLY L 458 -7.36 34.07 41.34
N GLU L 459 -6.54 33.65 42.28
CA GLU L 459 -5.23 33.10 41.95
C GLU L 459 -5.27 31.59 41.71
N VAL L 460 -6.33 30.96 42.22
CA VAL L 460 -6.54 29.52 42.08
C VAL L 460 -7.42 29.24 40.86
N LEU L 461 -8.42 30.10 40.64
CA LEU L 461 -9.45 29.93 39.62
C LEU L 461 -9.23 30.99 38.55
N TYR L 462 -8.90 30.57 37.33
CA TYR L 462 -8.43 31.52 36.31
C TYR L 462 -8.53 31.04 34.87
N ALA L 463 -8.63 32.01 33.96
CA ALA L 463 -8.49 31.80 32.53
C ALA L 463 -7.25 32.54 32.02
N THR L 464 -6.41 31.85 31.24
CA THR L 464 -5.19 32.45 30.73
C THR L 464 -5.51 33.02 29.37
N ARG L 465 -5.20 34.29 29.14
CA ARG L 465 -5.43 34.94 27.84
C ARG L 465 -4.31 35.91 27.50
N GLY L 466 -3.70 35.70 26.34
CA GLY L 466 -2.52 36.47 25.91
C GLY L 466 -1.37 36.41 26.90
N GLY L 467 -1.20 35.26 27.56
CA GLY L 467 -0.11 35.07 28.50
C GLY L 467 -0.38 35.45 29.94
N THR L 468 -1.50 36.11 30.22
CA THR L 468 -1.80 36.50 31.62
C THR L 468 -3.01 35.75 32.22
N ARG L 469 -2.95 35.49 33.53
CA ARG L 469 -4.00 34.78 34.25
C ARG L 469 -5.12 35.69 34.72
N LEU L 470 -6.23 35.69 33.97
CA LEU L 470 -7.42 36.43 34.35
C LEU L 470 -8.11 35.75 35.55
N PRO L 471 -8.24 36.49 36.67
CA PRO L 471 -8.89 35.93 37.86
C PRO L 471 -10.40 35.71 37.67
N LEU L 472 -10.89 34.55 38.09
CA LEU L 472 -12.30 34.22 37.96
C LEU L 472 -12.98 33.98 39.30
N TYR L 473 -14.30 33.83 39.25
CA TYR L 473 -15.14 33.69 40.43
C TYR L 473 -16.15 32.59 40.16
N GLY L 474 -16.81 32.08 41.21
CA GLY L 474 -17.75 30.97 41.03
C GLY L 474 -17.09 29.63 41.27
N GLY L 475 -17.82 28.55 41.01
CA GLY L 475 -17.34 27.22 41.34
C GLY L 475 -18.20 26.10 40.78
N CYS L 476 -18.12 24.94 41.42
CA CYS L 476 -18.83 23.75 40.97
C CYS L 476 -20.13 23.55 41.72
N GLY L 477 -21.14 23.05 40.99
CA GLY L 477 -22.47 22.79 41.54
C GLY L 477 -22.51 21.81 42.71
N ALA L 478 -21.56 20.88 42.76
CA ALA L 478 -21.43 19.95 43.88
C ALA L 478 -21.36 20.67 45.23
N MET L 479 -20.69 21.84 45.24
CA MET L 479 -20.52 22.67 46.43
C MET L 479 -21.68 23.63 46.69
N GLY L 480 -22.61 23.72 45.76
CA GLY L 480 -23.77 24.58 45.93
C GLY L 480 -23.66 26.00 45.39
N TYR L 481 -22.69 26.21 44.49
CA TYR L 481 -22.63 27.45 43.74
C TYR L 481 -23.82 27.52 42.80
N PHE L 482 -24.24 28.74 42.49
CA PHE L 482 -25.13 29.03 41.39
C PHE L 482 -24.27 29.47 40.22
N THR L 483 -23.29 30.34 40.50
CA THR L 483 -22.32 30.81 39.52
C THR L 483 -21.32 29.70 39.21
N ILE L 484 -21.41 29.16 38.01
CA ILE L 484 -20.64 27.97 37.69
C ILE L 484 -19.36 28.27 36.92
N THR L 485 -18.24 28.00 37.59
CA THR L 485 -16.93 28.05 36.99
C THR L 485 -16.22 26.83 37.56
N CYS L 486 -16.27 25.75 36.80
CA CYS L 486 -16.01 24.42 37.32
C CYS L 486 -14.90 23.72 36.54
N SER L 487 -13.67 23.88 37.02
CA SER L 487 -12.51 23.29 36.38
C SER L 487 -12.56 21.77 36.48
N GLU L 488 -12.01 21.11 35.47
CA GLU L 488 -11.83 19.66 35.50
C GLU L 488 -10.44 19.37 36.07
N ASN L 489 -9.60 20.41 36.09
CA ASN L 489 -8.22 20.31 36.51
C ASN L 489 -8.07 20.16 38.00
N ASP L 490 -7.43 19.07 38.45
CA ASP L 490 -7.13 18.86 39.86
C ASP L 490 -6.28 20.03 40.39
N ILE L 491 -6.59 20.48 41.61
CA ILE L 491 -5.87 21.60 42.22
C ILE L 491 -4.35 21.44 42.26
N THR L 492 -3.85 20.21 42.37
CA THR L 492 -2.40 20.00 42.47
C THR L 492 -1.71 20.19 41.12
N GLN L 493 -2.50 20.44 40.08
CA GLN L 493 -1.98 20.59 38.72
C GLN L 493 -1.99 22.04 38.24
N GLY L 494 -1.62 22.95 39.13
CA GLY L 494 -1.60 24.38 38.79
C GLY L 494 -2.96 25.04 39.01
N GLY L 495 -3.74 24.48 39.93
CA GLY L 495 -4.99 25.08 40.36
C GLY L 495 -6.19 24.82 39.46
N TYR L 496 -7.29 25.50 39.76
CA TYR L 496 -8.50 25.37 38.98
C TYR L 496 -8.42 26.18 37.68
N SER L 497 -7.54 25.76 36.78
CA SER L 497 -7.41 26.42 35.49
C SER L 497 -8.58 26.11 34.57
N MET L 498 -9.06 27.14 33.87
CA MET L 498 -10.18 27.01 32.93
C MET L 498 -9.74 26.93 31.45
N ASP L 499 -8.46 26.59 31.24
CA ASP L 499 -7.87 26.63 29.89
C ASP L 499 -7.98 25.34 29.12
N GLY L 500 -8.32 24.25 29.79
CA GLY L 500 -8.36 22.96 29.14
C GLY L 500 -9.74 22.71 28.59
N GLN L 501 -10.38 21.65 29.07
CA GLN L 501 -11.75 21.39 28.70
C GLN L 501 -12.60 21.28 29.96
N PRO L 502 -12.86 22.43 30.63
CA PRO L 502 -13.56 22.44 31.91
C PRO L 502 -14.90 21.70 31.87
N ASN L 503 -15.44 21.40 33.05
CA ASN L 503 -16.79 20.88 33.15
C ASN L 503 -17.79 21.97 32.76
N ALA L 504 -19.03 21.56 32.50
CA ALA L 504 -20.10 22.49 32.16
C ALA L 504 -20.07 23.75 33.05
N SER L 505 -19.78 24.89 32.42
CA SER L 505 -19.67 26.16 33.13
C SER L 505 -20.42 27.28 32.41
N ASN L 506 -20.52 28.42 33.08
CA ASN L 506 -21.04 29.65 32.49
C ASN L 506 -20.44 29.83 31.09
N SER L 507 -21.29 30.03 30.09
CA SER L 507 -20.82 30.12 28.72
C SER L 507 -21.48 31.31 28.05
N TYR L 508 -22.67 31.11 27.50
CA TYR L 508 -23.52 32.23 27.13
C TYR L 508 -24.29 32.60 28.37
N MET L 509 -24.35 33.89 28.65
CA MET L 509 -25.18 34.38 29.73
C MET L 509 -26.01 35.55 29.20
N GLN L 510 -27.29 35.59 29.56
CA GLN L 510 -28.13 36.71 29.15
C GLN L 510 -29.13 37.17 30.20
N VAL L 511 -29.14 38.48 30.39
CA VAL L 511 -30.18 39.13 31.16
C VAL L 511 -30.97 39.97 30.16
N VAL L 512 -32.24 39.58 29.96
CA VAL L 512 -33.12 40.23 28.98
C VAL L 512 -34.39 40.78 29.63
N SER L 513 -34.73 42.01 29.24
CA SER L 513 -35.95 42.68 29.70
C SER L 513 -36.56 43.47 28.54
N PHE L 514 -37.77 44.00 28.75
CA PHE L 514 -38.45 44.76 27.70
C PHE L 514 -38.95 46.11 28.20
N PRO L 515 -38.02 47.09 28.35
CA PRO L 515 -38.45 48.43 28.76
C PRO L 515 -39.05 49.21 27.59
N ALA L 516 -39.33 50.50 27.80
CA ALA L 516 -39.91 51.34 26.76
C ALA L 516 -39.02 51.47 25.52
N SER L 517 -37.71 51.49 25.74
CA SER L 517 -36.73 51.60 24.65
C SER L 517 -36.77 50.44 23.64
N GLY L 518 -37.13 49.26 24.12
CA GLY L 518 -37.10 48.04 23.30
C GLY L 518 -36.39 46.90 24.02
N VAL L 519 -35.79 46.00 23.26
CA VAL L 519 -35.15 44.83 23.87
C VAL L 519 -33.85 45.22 24.57
N GLN L 520 -33.74 44.84 25.83
CA GLN L 520 -32.54 45.10 26.61
C GLN L 520 -31.83 43.79 26.81
N ALA L 521 -30.63 43.67 26.25
CA ALA L 521 -29.83 42.47 26.49
C ALA L 521 -28.42 42.76 27.00
N HIS L 522 -28.09 42.10 28.11
CA HIS L 522 -26.74 42.10 28.65
C HIS L 522 -26.20 40.70 28.61
N THR L 523 -25.01 40.54 28.04
CA THR L 523 -24.48 39.21 27.72
C THR L 523 -23.03 38.96 28.07
N PHE L 524 -22.72 37.68 28.29
CA PHE L 524 -21.35 37.16 28.35
C PHE L 524 -21.22 35.99 27.36
N LEU L 525 -20.05 35.88 26.74
CA LEU L 525 -19.59 34.62 26.14
C LEU L 525 -18.24 34.33 26.77
N THR L 526 -18.26 33.60 27.88
CA THR L 526 -17.14 33.57 28.82
C THR L 526 -15.79 33.21 28.20
N PHE L 527 -15.77 32.20 27.33
CA PHE L 527 -14.53 31.77 26.71
C PHE L 527 -14.08 32.65 25.54
N SER L 528 -14.94 33.60 25.15
CA SER L 528 -14.77 34.48 23.99
C SER L 528 -15.22 33.83 22.67
N LEU L 529 -15.34 34.65 21.63
CA LEU L 529 -15.90 34.22 20.35
C LEU L 529 -15.06 33.21 19.58
N SER L 530 -13.75 33.40 19.61
CA SER L 530 -12.85 32.71 18.67
C SER L 530 -11.89 31.75 19.35
N ASP L 531 -11.85 30.52 18.83
CA ASP L 531 -10.94 29.49 19.34
C ASP L 531 -9.49 29.69 18.87
N ASP L 532 -9.26 30.76 18.11
CA ASP L 532 -7.94 31.04 17.52
C ASP L 532 -7.12 31.99 18.41
N PRO L 533 -5.96 31.51 18.91
CA PRO L 533 -5.14 32.34 19.80
C PRO L 533 -4.71 33.67 19.17
N ALA L 534 -4.55 33.71 17.85
CA ALA L 534 -4.17 34.93 17.13
C ALA L 534 -5.32 35.94 17.01
N SER L 535 -6.53 35.54 17.39
CA SER L 535 -7.69 36.39 17.13
C SER L 535 -7.93 37.46 18.18
N PRO L 536 -8.26 38.68 17.75
CA PRO L 536 -8.58 39.77 18.68
C PRO L 536 -9.84 39.45 19.48
N HIS L 537 -10.56 38.41 19.07
CA HIS L 537 -11.70 37.96 19.83
C HIS L 537 -11.51 36.60 20.46
N HIS L 538 -10.26 36.28 20.84
CA HIS L 538 -9.95 35.05 21.60
C HIS L 538 -10.01 35.26 23.10
N GLY L 539 -9.72 36.48 23.56
CA GLY L 539 -9.70 36.76 25.00
C GLY L 539 -10.36 38.04 25.48
N ASP L 540 -10.94 38.81 24.57
CA ASP L 540 -11.57 40.08 24.92
C ASP L 540 -12.80 39.90 25.82
N TYR L 541 -13.69 39.00 25.40
CA TYR L 541 -14.92 38.73 26.14
C TYR L 541 -14.60 38.10 27.50
N THR L 542 -13.60 37.22 27.51
CA THR L 542 -13.12 36.59 28.74
C THR L 542 -12.61 37.63 29.74
N LYS L 543 -11.79 38.56 29.25
CA LYS L 543 -11.27 39.69 30.02
C LYS L 543 -12.38 40.47 30.72
N ALA L 544 -13.49 40.68 30.03
CA ALA L 544 -14.63 41.41 30.56
C ALA L 544 -15.46 40.57 31.52
N TYR L 545 -15.51 39.25 31.26
CA TYR L 545 -16.12 38.33 32.22
C TYR L 545 -15.34 38.32 33.55
N SER L 546 -14.00 38.33 33.45
CA SER L 546 -13.11 38.41 34.60
C SER L 546 -13.43 39.63 35.47
N ALA L 547 -13.54 40.79 34.80
CA ALA L 547 -13.92 42.04 35.48
C ALA L 547 -15.41 42.08 35.83
N GLY L 548 -16.16 41.07 35.39
CA GLY L 548 -17.60 40.99 35.67
C GLY L 548 -18.38 42.15 35.08
N GLN L 549 -17.89 42.69 33.96
CA GLN L 549 -18.56 43.79 33.28
C GLN L 549 -19.36 43.31 32.07
N TRP L 550 -20.65 43.12 32.31
CA TRP L 550 -21.64 42.71 31.30
C TRP L 550 -21.59 43.56 30.06
N LEU L 551 -21.49 42.90 28.90
CA LEU L 551 -21.55 43.60 27.64
C LEU L 551 -23.00 44.00 27.34
N ARG L 552 -23.20 45.28 27.03
CA ARG L 552 -24.45 45.75 26.47
C ARG L 552 -24.44 45.44 24.97
N VAL L 553 -25.22 44.46 24.57
CA VAL L 553 -25.17 44.01 23.19
C VAL L 553 -26.05 44.89 22.31
N PRO L 554 -25.49 45.43 21.21
CA PRO L 554 -26.31 46.18 20.26
C PRO L 554 -27.40 45.27 19.66
N PHE L 555 -28.56 45.85 19.35
CA PHE L 555 -29.67 45.11 18.76
C PHE L 555 -30.43 45.90 17.69
N THR L 556 -30.83 47.13 17.99
CA THR L 556 -31.48 47.95 16.96
C THR L 556 -30.41 48.40 15.96
N GLU L 557 -30.85 48.73 14.76
CA GLU L 557 -29.96 49.19 13.70
C GLU L 557 -29.12 50.39 14.12
N ALA L 558 -29.72 51.30 14.90
CA ALA L 558 -29.03 52.49 15.38
C ALA L 558 -28.01 52.13 16.47
N GLU L 559 -28.38 51.16 17.31
CA GLU L 559 -27.49 50.66 18.36
C GLU L 559 -26.26 49.99 17.74
N ILE L 560 -26.47 49.21 16.68
CA ILE L 560 -25.37 48.55 15.97
C ILE L 560 -24.42 49.58 15.34
N THR L 561 -24.96 50.38 14.43
CA THR L 561 -24.18 51.35 13.65
C THR L 561 -23.51 52.42 14.52
N GLY L 562 -24.11 52.70 15.67
CA GLY L 562 -23.57 53.67 16.62
C GLY L 562 -22.81 53.08 17.79
N ASN L 563 -22.24 51.90 17.59
CA ASN L 563 -21.41 51.24 18.59
C ASN L 563 -19.94 51.63 18.45
N ALA L 564 -19.27 51.75 19.60
CA ALA L 564 -17.86 52.16 19.67
C ALA L 564 -16.96 51.43 18.68
N ASP L 565 -17.30 50.18 18.38
CA ASP L 565 -16.42 49.28 17.64
C ASP L 565 -17.01 48.84 16.30
N TYR L 566 -18.17 49.39 15.96
CA TYR L 566 -18.85 49.08 14.71
C TYR L 566 -17.93 49.08 13.49
N ARG L 567 -18.07 48.05 12.66
CA ARG L 567 -17.48 48.00 11.32
C ARG L 567 -18.30 47.08 10.43
N THR L 568 -18.25 47.32 9.12
CA THR L 568 -19.03 46.54 8.17
C THR L 568 -18.16 45.97 7.07
N ALA L 569 -18.58 44.82 6.57
CA ALA L 569 -18.07 44.23 5.35
C ALA L 569 -19.25 43.51 4.69
N THR L 570 -19.10 43.16 3.42
CA THR L 570 -20.17 42.50 2.71
C THR L 570 -19.61 41.40 1.78
N VAL L 571 -19.98 40.15 2.09
CA VAL L 571 -19.55 39.00 1.28
C VAL L 571 -20.65 38.55 0.34
N LYS L 572 -20.27 38.27 -0.91
CA LYS L 572 -21.22 37.80 -1.92
C LYS L 572 -20.59 36.85 -2.93
N GLU L 573 -21.41 35.95 -3.49
CA GLU L 573 -21.01 35.07 -4.59
C GLU L 573 -22.23 34.50 -5.33
N LEU L 574 -21.98 33.91 -6.50
CA LEU L 574 -23.01 33.21 -7.28
C LEU L 574 -23.50 31.91 -6.61
N GLU L 575 -24.40 31.18 -7.26
CA GLU L 575 -24.87 29.88 -6.75
C GLU L 575 -24.70 28.76 -7.76
#